data_7UIE
#
_entry.id   7UIE
#
_cell.length_a   88.737
_cell.length_b   174.626
_cell.length_c   214.439
_cell.angle_alpha   90.00
_cell.angle_beta   90.00
_cell.angle_gamma   90.00
#
_symmetry.space_group_name_H-M   'P 2 21 21'
#
loop_
_entity.id
_entity.type
_entity.pdbx_description
1 polymer JLE-G6
2 polymer 'Botulinum neurotoxin E heavy chain'
#
loop_
_entity_poly.entity_id
_entity_poly.type
_entity_poly.pdbx_seq_one_letter_code
_entity_poly.pdbx_strand_id
1 'polypeptide(L)'
;SQLQLVETGGGLVKPGGSLRLSCVVSGFTFDDYRMAWVRQAPGKELEWVSSIDSWSINTYYEDSVKGRFTISTDNAKNTL
YLQMSSLKPEDTAVYYCAAEDRLGVPTINAHPSKYDYNYWGQGTQVTVSSEPKTPKPQ
;
B,C,E,I,G
2 'polypeptide(L)'
;HHHHHHGSLEVLFQGPRIKSSSVLNMRYKNDKYVDTSGYDSNININGDVYKYPTNKNQFGIYNDKLSEVNISQNDYIIYD
NKYKNFSISFWVRIPNYDNKIVNVNNEYTIINCMRDNNSGWKVSLNHNEIIWTLQDNAGINQKLAFNYGNANGISDYINK
WIFVTITNDRLGDSKLYINGNLIDQKSILNLGNIHVSDNILFKIVNCSYTRYIGIRYFNIFDKELDETEIQTLYSNEPNT
NILKDFWGNYLLYDKEYYLLNVLKPNNFIDRRKDSTLSINNIRSTILLANRLYSGIKVKIQRVNNSSTNDNLVRKNDQVY
INFVASKTHLFPLYADTATTNKEKTIKISSSGNRFNQVVVMNSVGNNCTMNFKNNNGNNIGLLGFKADTVVASTWYYTHM
RDHTNSNGCFWNFISEEHGWQEK
;
A,D,F,H,J
#
# COMPACT_ATOMS: atom_id res chain seq x y z
N GLN A 4 33.21 46.94 7.90
CA GLN A 4 33.54 48.33 7.60
C GLN A 4 33.19 48.67 6.15
N LEU A 5 31.95 49.10 5.93
CA LEU A 5 31.48 49.48 4.61
C LEU A 5 31.70 50.97 4.41
N VAL A 6 32.52 51.34 3.43
CA VAL A 6 32.82 52.74 3.17
C VAL A 6 32.59 53.03 1.69
N GLU A 7 31.91 54.13 1.40
CA GLU A 7 31.64 54.53 0.03
C GLU A 7 32.42 55.80 -0.31
N THR A 8 32.75 55.95 -1.58
CA THR A 8 33.47 57.13 -2.05
C THR A 8 33.21 57.30 -3.54
N GLY A 9 33.40 58.54 -4.01
CA GLY A 9 33.26 58.86 -5.42
C GLY A 9 32.14 59.83 -5.74
N GLY A 10 31.40 60.34 -4.76
CA GLY A 10 30.32 61.25 -5.04
C GLY A 10 30.77 62.71 -5.07
N GLY A 11 30.00 63.53 -5.76
CA GLY A 11 30.33 64.93 -5.86
C GLY A 11 29.33 65.68 -6.71
N LEU A 12 29.73 66.86 -7.17
CA LEU A 12 28.88 67.72 -7.96
C LEU A 12 29.17 67.49 -9.45
N VAL A 13 28.10 67.29 -10.23
CA VAL A 13 28.19 67.12 -11.67
C VAL A 13 27.07 67.89 -12.35
N LYS A 14 27.29 68.23 -13.61
CA LYS A 14 26.29 68.88 -14.45
C LYS A 14 25.41 67.84 -15.12
N PRO A 15 24.19 68.20 -15.52
CA PRO A 15 23.32 67.25 -16.24
C PRO A 15 24.00 66.65 -17.45
N GLY A 16 24.18 65.33 -17.45
CA GLY A 16 24.89 64.63 -18.49
C GLY A 16 26.25 64.11 -18.10
N GLY A 17 26.75 64.45 -16.90
CA GLY A 17 28.05 64.02 -16.47
C GLY A 17 28.15 62.55 -16.13
N SER A 18 29.20 62.16 -15.40
CA SER A 18 29.44 60.77 -15.07
C SER A 18 30.11 60.67 -13.71
N LEU A 19 29.90 59.56 -13.03
CA LEU A 19 30.50 59.27 -11.74
C LEU A 19 30.73 57.79 -11.61
N ARG A 20 31.66 57.42 -10.73
CA ARG A 20 31.96 56.02 -10.43
C ARG A 20 32.02 55.87 -8.91
N LEU A 21 30.94 55.38 -8.32
CA LEU A 21 30.91 55.14 -6.88
C LEU A 21 31.57 53.80 -6.56
N SER A 22 32.38 53.79 -5.51
CA SER A 22 33.01 52.57 -5.05
C SER A 22 32.71 52.37 -3.57
N CYS A 23 32.71 51.11 -3.16
CA CYS A 23 32.30 50.71 -1.81
C CYS A 23 33.25 49.62 -1.35
N VAL A 24 34.11 49.95 -0.41
CA VAL A 24 35.08 49.00 0.15
C VAL A 24 34.43 48.30 1.34
N VAL A 25 34.64 46.99 1.40
CA VAL A 25 33.98 46.11 2.36
C VAL A 25 35.04 45.39 3.17
N SER A 26 34.85 45.33 4.48
CA SER A 26 35.72 44.59 5.38
C SER A 26 34.88 43.74 6.31
N GLY A 27 35.20 42.44 6.38
CA GLY A 27 34.55 41.51 7.27
C GLY A 27 33.76 40.41 6.58
N PHE A 28 33.37 40.61 5.32
CA PHE A 28 32.66 39.57 4.59
C PHE A 28 32.97 39.68 3.10
N THR A 29 32.79 38.57 2.39
CA THR A 29 32.96 38.51 0.96
C THR A 29 31.60 38.53 0.28
N PHE A 30 31.60 38.87 -1.01
CA PHE A 30 30.36 38.96 -1.76
C PHE A 30 29.79 37.59 -2.14
N ASP A 31 30.47 36.49 -1.78
CA ASP A 31 29.93 35.17 -2.06
C ASP A 31 28.77 34.83 -1.12
N ASP A 32 28.78 35.37 0.10
CA ASP A 32 27.74 35.11 1.08
C ASP A 32 26.76 36.27 1.22
N TYR A 33 26.94 37.35 0.45
CA TYR A 33 26.08 38.51 0.57
C TYR A 33 25.78 39.11 -0.79
N ARG A 34 24.55 39.58 -0.94
CA ARG A 34 24.11 40.32 -2.13
C ARG A 34 24.26 41.80 -1.86
N MET A 35 24.86 42.52 -2.80
CA MET A 35 25.15 43.93 -2.60
C MET A 35 24.10 44.81 -3.27
N ALA A 36 23.94 46.03 -2.75
CA ALA A 36 22.90 46.91 -3.25
C ALA A 36 23.31 48.36 -3.05
N TRP A 37 22.73 49.22 -3.89
CA TRP A 37 22.85 50.66 -3.79
C TRP A 37 21.45 51.23 -3.58
N VAL A 38 21.30 52.08 -2.56
CA VAL A 38 20.02 52.68 -2.20
C VAL A 38 20.19 54.20 -2.10
N ARG A 39 19.23 54.95 -2.64
CA ARG A 39 19.34 56.40 -2.65
C ARG A 39 18.35 57.03 -1.67
N GLN A 40 18.70 58.22 -1.19
CA GLN A 40 17.88 58.96 -0.24
C GLN A 40 17.87 60.43 -0.65
N ALA A 41 16.72 60.89 -1.14
CA ALA A 41 16.47 62.30 -1.42
C ALA A 41 16.17 63.05 -0.12
N PRO A 42 16.54 64.34 -0.04
CA PRO A 42 16.36 65.07 1.23
C PRO A 42 14.93 65.09 1.76
N GLY A 43 13.93 65.29 0.89
CA GLY A 43 12.56 65.30 1.35
C GLY A 43 11.77 64.07 0.94
N LYS A 44 12.45 62.95 0.83
CA LYS A 44 11.84 61.69 0.41
C LYS A 44 12.39 60.56 1.26
N GLU A 45 11.78 59.40 1.12
CA GLU A 45 12.23 58.22 1.85
C GLU A 45 13.26 57.44 1.02
N LEU A 46 13.78 56.37 1.61
CA LEU A 46 14.83 55.59 0.96
C LEU A 46 14.31 54.90 -0.29
N GLU A 47 15.06 54.99 -1.37
CA GLU A 47 14.69 54.44 -2.67
C GLU A 47 15.81 53.51 -3.16
N TRP A 48 15.47 52.24 -3.38
CA TRP A 48 16.45 51.27 -3.83
C TRP A 48 16.86 51.55 -5.27
N VAL A 49 18.16 51.51 -5.54
CA VAL A 49 18.68 51.83 -6.87
C VAL A 49 19.04 50.55 -7.61
N SER A 50 19.94 49.75 -7.04
CA SER A 50 20.45 48.59 -7.77
C SER A 50 20.86 47.49 -6.81
N SER A 51 21.04 46.28 -7.38
CA SER A 51 21.47 45.13 -6.60
C SER A 51 22.23 44.16 -7.50
N ILE A 52 23.20 43.47 -6.91
CA ILE A 52 24.05 42.52 -7.63
C ILE A 52 24.29 41.29 -6.76
N ASP A 53 24.28 40.12 -7.41
CA ASP A 53 24.71 38.85 -6.84
C ASP A 53 26.03 38.46 -7.47
N SER A 54 26.99 38.03 -6.65
CA SER A 54 28.31 37.67 -7.16
C SER A 54 28.42 36.21 -7.56
N TRP A 55 27.64 35.33 -6.93
CA TRP A 55 27.67 33.91 -7.31
C TRP A 55 27.10 33.72 -8.70
N SER A 56 25.95 34.34 -8.97
CA SER A 56 25.36 34.39 -10.30
C SER A 56 25.25 35.86 -10.70
N ILE A 57 25.81 36.20 -11.85
CA ILE A 57 26.04 37.60 -12.23
C ILE A 57 24.72 38.27 -12.62
N ASN A 58 23.60 37.66 -12.28
CA ASN A 58 22.30 38.29 -12.46
C ASN A 58 22.23 39.58 -11.65
N THR A 59 21.96 40.70 -12.32
CA THR A 59 21.85 41.99 -11.68
C THR A 59 20.40 42.48 -11.74
N TYR A 60 20.08 43.42 -10.85
CA TYR A 60 18.73 43.95 -10.72
C TYR A 60 18.80 45.47 -10.66
N TYR A 61 17.96 46.14 -11.44
CA TYR A 61 17.94 47.60 -11.53
C TYR A 61 16.52 48.10 -11.36
N GLU A 62 16.40 49.38 -11.03
CA GLU A 62 15.10 50.03 -10.94
C GLU A 62 14.73 50.62 -12.29
N ASP A 63 13.43 50.75 -12.52
CA ASP A 63 12.92 51.14 -13.84
C ASP A 63 13.41 52.53 -14.24
N SER A 64 13.29 53.49 -13.32
CA SER A 64 13.67 54.87 -13.61
C SER A 64 15.18 55.07 -13.73
N VAL A 65 15.98 54.02 -13.53
CA VAL A 65 17.42 54.16 -13.54
C VAL A 65 18.12 53.22 -14.51
N LYS A 66 17.47 52.14 -14.96
CA LYS A 66 18.12 51.16 -15.82
C LYS A 66 18.62 51.80 -17.11
N GLY A 67 19.75 51.28 -17.60
CA GLY A 67 20.38 51.78 -18.81
C GLY A 67 21.46 52.81 -18.52
N ARG A 68 21.23 53.67 -17.53
CA ARG A 68 22.20 54.70 -17.17
C ARG A 68 23.16 54.25 -16.08
N PHE A 69 22.75 53.32 -15.23
CA PHE A 69 23.58 52.85 -14.12
C PHE A 69 24.04 51.41 -14.40
N THR A 70 25.25 51.09 -13.95
CA THR A 70 25.79 49.75 -14.11
C THR A 70 26.46 49.34 -12.80
N ILE A 71 25.98 48.27 -12.19
CA ILE A 71 26.55 47.78 -10.94
C ILE A 71 27.57 46.71 -11.25
N SER A 72 28.65 46.66 -10.45
CA SER A 72 29.78 45.80 -10.76
C SER A 72 30.44 45.32 -9.48
N THR A 73 31.25 44.27 -9.62
CA THR A 73 31.92 43.62 -8.50
C THR A 73 33.30 43.18 -8.96
N ASP A 74 34.31 43.41 -8.11
CA ASP A 74 35.66 43.04 -8.48
C ASP A 74 35.90 41.54 -8.30
N ASN A 75 36.93 41.06 -8.99
CA ASN A 75 37.24 39.62 -8.97
C ASN A 75 37.55 39.14 -7.56
N ALA A 76 38.09 40.01 -6.70
CA ALA A 76 38.37 39.65 -5.32
C ALA A 76 37.13 39.70 -4.44
N LYS A 77 36.04 40.30 -4.92
CA LYS A 77 34.75 40.32 -4.24
C LYS A 77 34.75 41.19 -2.99
N ASN A 78 35.73 42.08 -2.85
CA ASN A 78 35.77 42.99 -1.71
C ASN A 78 35.27 44.39 -2.01
N THR A 79 35.25 44.82 -3.28
CA THR A 79 34.83 46.17 -3.63
C THR A 79 33.64 46.13 -4.58
N LEU A 80 32.60 46.91 -4.25
CA LEU A 80 31.42 47.04 -5.09
C LEU A 80 31.48 48.37 -5.85
N TYR A 81 31.10 48.35 -7.13
CA TYR A 81 31.15 49.54 -7.96
C TYR A 81 29.76 49.86 -8.52
N LEU A 82 29.53 51.16 -8.74
CA LEU A 82 28.32 51.63 -9.42
C LEU A 82 28.75 52.74 -10.38
N GLN A 83 28.78 52.42 -11.67
CA GLN A 83 29.11 53.39 -12.70
C GLN A 83 27.83 54.09 -13.11
N MET A 84 27.74 55.39 -12.80
CA MET A 84 26.58 56.21 -13.13
C MET A 84 26.93 57.10 -14.31
N SER A 85 26.11 57.05 -15.35
CA SER A 85 26.34 57.86 -16.55
C SER A 85 25.04 58.51 -16.98
N SER A 86 25.18 59.62 -17.71
CA SER A 86 24.05 60.42 -18.18
C SER A 86 23.14 60.82 -17.01
N LEU A 87 23.76 61.45 -16.02
CA LEU A 87 23.05 61.76 -14.78
C LEU A 87 22.01 62.84 -14.99
N LYS A 88 20.84 62.64 -14.40
CA LYS A 88 19.74 63.58 -14.41
C LYS A 88 19.63 64.28 -13.06
N PRO A 89 19.00 65.46 -13.02
CA PRO A 89 18.86 66.16 -11.73
C PRO A 89 18.06 65.41 -10.69
N GLU A 90 17.28 64.39 -11.08
CA GLU A 90 16.55 63.59 -10.11
C GLU A 90 17.45 62.66 -9.30
N ASP A 91 18.68 62.43 -9.77
CA ASP A 91 19.60 61.53 -9.08
C ASP A 91 20.36 62.18 -7.95
N THR A 92 20.14 63.47 -7.70
CA THR A 92 20.81 64.18 -6.60
C THR A 92 20.30 63.63 -5.28
N ALA A 93 21.12 62.82 -4.61
CA ALA A 93 20.71 62.13 -3.40
C ALA A 93 21.95 61.64 -2.67
N VAL A 94 21.73 61.12 -1.46
CA VAL A 94 22.76 60.39 -0.73
C VAL A 94 22.65 58.92 -1.10
N TYR A 95 23.75 58.32 -1.53
CA TYR A 95 23.78 56.94 -1.99
C TYR A 95 24.47 56.08 -0.94
N TYR A 96 23.81 55.00 -0.55
CA TYR A 96 24.26 54.10 0.51
C TYR A 96 24.55 52.72 -0.05
N CYS A 97 25.64 52.14 0.42
CA CYS A 97 26.00 50.75 0.16
C CYS A 97 25.26 49.87 1.15
N ALA A 98 24.74 48.73 0.66
CA ALA A 98 23.97 47.84 1.51
C ALA A 98 24.34 46.39 1.18
N ALA A 99 24.25 45.54 2.20
CA ALA A 99 24.60 44.14 2.09
C ALA A 99 23.49 43.30 2.72
N GLU A 100 22.96 42.35 1.95
CA GLU A 100 21.89 41.46 2.40
C GLU A 100 22.40 40.04 2.46
N ASP A 101 22.03 39.32 3.51
CA ASP A 101 22.34 37.89 3.57
C ASP A 101 21.65 37.18 2.41
N ARG A 102 22.43 36.46 1.61
CA ARG A 102 21.87 35.81 0.42
C ARG A 102 20.88 34.72 0.80
N LEU A 103 21.03 34.13 1.98
CA LEU A 103 20.18 33.03 2.41
C LEU A 103 18.79 33.48 2.85
N GLY A 104 18.56 34.78 3.00
CA GLY A 104 17.26 35.28 3.37
C GLY A 104 16.29 35.29 2.21
N VAL A 105 15.10 35.82 2.47
CA VAL A 105 14.06 35.95 1.46
C VAL A 105 14.52 36.94 0.41
N PRO A 106 14.62 36.55 -0.86
CA PRO A 106 15.26 37.42 -1.87
C PRO A 106 14.33 38.48 -2.45
N THR A 107 13.26 38.82 -1.76
CA THR A 107 12.39 39.89 -2.23
C THR A 107 13.11 41.22 -2.15
N ILE A 108 12.75 42.12 -3.05
CA ILE A 108 13.32 43.46 -3.10
C ILE A 108 12.18 44.46 -2.90
N ASN A 109 12.33 45.34 -1.91
CA ASN A 109 11.36 46.37 -1.63
C ASN A 109 11.85 47.69 -2.20
N ALA A 110 10.95 48.41 -2.89
CA ALA A 110 11.33 49.68 -3.49
C ALA A 110 11.57 50.77 -2.46
N HIS A 111 10.90 50.69 -1.31
CA HIS A 111 11.04 51.64 -0.21
C HIS A 111 11.49 50.86 1.02
N PRO A 112 12.77 50.52 1.12
CA PRO A 112 13.22 49.64 2.20
C PRO A 112 13.43 50.38 3.51
N SER A 113 13.27 49.63 4.60
CA SER A 113 13.58 50.09 5.95
C SER A 113 15.00 49.66 6.31
N LYS A 114 15.37 49.85 7.57
CA LYS A 114 16.73 49.50 8.00
C LYS A 114 16.93 48.00 8.13
N TYR A 115 15.85 47.24 8.31
CA TYR A 115 15.94 45.79 8.48
C TYR A 115 15.97 45.02 7.17
N ASP A 116 15.91 45.71 6.03
CA ASP A 116 15.94 45.02 4.74
C ASP A 116 17.35 44.64 4.30
N TYR A 117 18.37 45.10 5.01
CA TYR A 117 19.75 44.74 4.69
C TYR A 117 20.52 44.57 6.00
N ASN A 118 21.56 43.74 5.95
CA ASN A 118 22.33 43.45 7.15
C ASN A 118 23.18 44.65 7.56
N TYR A 119 23.98 45.17 6.64
CA TYR A 119 24.89 46.28 6.92
C TYR A 119 24.62 47.43 5.97
N TRP A 120 24.56 48.64 6.51
CA TRP A 120 24.48 49.85 5.71
C TRP A 120 25.80 50.61 5.81
N GLY A 121 26.10 51.36 4.75
CA GLY A 121 27.32 52.15 4.71
C GLY A 121 27.17 53.52 5.35
N GLN A 122 28.14 54.37 5.09
CA GLN A 122 28.13 55.74 5.59
C GLN A 122 27.45 56.71 4.64
N GLY A 123 27.35 56.37 3.37
CA GLY A 123 26.68 57.21 2.39
C GLY A 123 27.57 58.24 1.75
N THR A 124 27.49 58.37 0.43
CA THR A 124 28.22 59.38 -0.32
C THR A 124 27.23 60.28 -1.04
N GLN A 125 27.52 61.58 -1.06
CA GLN A 125 26.59 62.56 -1.61
C GLN A 125 26.84 62.72 -3.11
N VAL A 126 25.77 62.64 -3.91
CA VAL A 126 25.84 62.90 -5.33
C VAL A 126 24.88 64.03 -5.66
N THR A 127 25.41 65.08 -6.30
CA THR A 127 24.64 66.28 -6.59
C THR A 127 24.72 66.57 -8.08
N VAL A 128 23.56 66.73 -8.73
CA VAL A 128 23.51 67.09 -10.14
C VAL A 128 22.95 68.50 -10.19
N SER A 129 23.83 69.49 -10.35
CA SER A 129 23.45 70.88 -10.37
C SER A 129 24.35 71.63 -11.34
N SER A 130 23.87 72.78 -11.82
CA SER A 130 24.67 73.64 -12.69
C SER A 130 25.49 74.60 -11.83
N GLU A 131 24.84 75.57 -11.21
CA GLU A 131 25.49 76.50 -10.29
C GLU A 131 24.45 77.19 -9.42
N ILE B 18 8.85 -6.48 3.72
CA ILE B 18 8.26 -5.58 4.71
C ILE B 18 7.38 -6.36 5.69
N LYS B 19 6.10 -5.99 5.78
CA LYS B 19 5.20 -6.68 6.71
C LYS B 19 5.06 -8.16 6.39
N SER B 20 5.18 -8.53 5.10
CA SER B 20 5.14 -9.94 4.74
C SER B 20 6.34 -10.68 5.29
N SER B 21 7.52 -10.10 5.15
CA SER B 21 8.74 -10.73 5.65
C SER B 21 8.94 -10.57 7.15
N SER B 22 8.08 -9.81 7.82
CA SER B 22 8.24 -9.60 9.25
C SER B 22 7.99 -10.90 10.01
N VAL B 23 8.89 -11.21 10.94
CA VAL B 23 8.67 -12.30 11.89
C VAL B 23 8.71 -11.81 13.33
N LEU B 24 9.07 -10.56 13.58
CA LEU B 24 8.94 -10.03 14.94
C LEU B 24 8.72 -8.53 14.87
N ASN B 25 7.62 -8.06 15.45
CA ASN B 25 7.27 -6.64 15.50
C ASN B 25 6.86 -6.28 16.92
N MET B 26 7.73 -5.55 17.62
CA MET B 26 7.49 -5.17 19.01
C MET B 26 6.66 -3.89 19.05
N ARG B 27 5.42 -4.00 19.52
CA ARG B 27 4.52 -2.85 19.62
C ARG B 27 3.86 -2.81 20.98
N TYR B 28 3.41 -1.61 21.36
CA TYR B 28 2.81 -1.38 22.67
C TYR B 28 1.32 -1.70 22.65
N LYS B 29 0.85 -2.36 23.71
CA LYS B 29 -0.57 -2.64 23.90
C LYS B 29 -0.83 -2.91 25.37
N ASN B 30 -1.85 -2.24 25.92
CA ASN B 30 -2.39 -2.51 27.25
C ASN B 30 -1.29 -2.70 28.30
N ASP B 31 -0.49 -1.64 28.47
CA ASP B 31 0.53 -1.54 29.51
C ASP B 31 1.68 -2.53 29.34
N LYS B 32 1.78 -3.19 28.18
CA LYS B 32 2.87 -4.12 27.95
C LYS B 32 3.28 -4.05 26.48
N TYR B 33 4.30 -4.82 26.13
CA TYR B 33 4.79 -4.93 24.76
C TYR B 33 4.47 -6.32 24.22
N VAL B 34 3.97 -6.36 22.98
CA VAL B 34 3.53 -7.60 22.35
C VAL B 34 4.12 -7.68 20.94
N ASP B 35 4.04 -8.88 20.37
CA ASP B 35 4.50 -9.16 19.02
C ASP B 35 3.30 -9.13 18.08
N THR B 36 3.32 -8.22 17.11
CA THR B 36 2.23 -8.06 16.17
C THR B 36 2.54 -8.66 14.79
N SER B 37 3.56 -9.52 14.71
CA SER B 37 3.90 -10.13 13.43
C SER B 37 3.02 -11.33 13.10
N GLY B 38 2.39 -11.95 14.10
CA GLY B 38 1.57 -13.12 13.90
C GLY B 38 2.19 -14.39 14.42
N TYR B 39 3.48 -14.39 14.74
CA TYR B 39 4.16 -15.56 15.26
C TYR B 39 4.03 -15.69 16.77
N ASP B 40 3.50 -14.65 17.43
CA ASP B 40 3.18 -14.68 18.86
C ASP B 40 4.43 -14.98 19.71
N SER B 41 5.36 -14.03 19.67
CA SER B 41 6.51 -14.03 20.56
C SER B 41 6.16 -13.27 21.83
N ASN B 42 6.73 -13.71 22.95
CA ASN B 42 6.32 -13.21 24.26
C ASN B 42 7.34 -12.18 24.76
N ILE B 43 6.89 -10.95 24.98
CA ILE B 43 7.76 -9.86 25.42
C ILE B 43 7.46 -9.57 26.88
N ASN B 44 8.52 -9.41 27.67
CA ASN B 44 8.40 -9.20 29.11
C ASN B 44 9.29 -8.04 29.55
N ILE B 45 8.83 -7.33 30.58
CA ILE B 45 9.55 -6.20 31.16
C ILE B 45 10.03 -6.61 32.55
N ASN B 46 11.31 -6.42 32.82
CA ASN B 46 11.90 -6.76 34.12
C ASN B 46 12.51 -5.50 34.72
N GLY B 47 11.93 -5.04 35.82
CA GLY B 47 12.43 -3.87 36.51
C GLY B 47 11.72 -2.60 36.12
N ASP B 48 12.46 -1.49 36.09
CA ASP B 48 11.91 -0.17 35.80
C ASP B 48 12.28 0.20 34.37
N VAL B 49 11.35 0.00 33.44
CA VAL B 49 11.53 0.38 32.05
C VAL B 49 10.66 1.59 31.76
N TYR B 50 11.30 2.70 31.41
CA TYR B 50 10.57 3.92 31.13
C TYR B 50 9.77 3.78 29.84
N LYS B 51 8.54 4.28 29.86
CA LYS B 51 7.68 4.31 28.68
C LYS B 51 7.36 5.76 28.37
N TYR B 52 7.65 6.17 27.15
CA TYR B 52 7.37 7.55 26.76
C TYR B 52 5.87 7.77 26.75
N PRO B 53 5.33 8.74 27.48
CA PRO B 53 3.87 8.90 27.54
C PRO B 53 3.28 9.35 26.23
N THR B 54 4.03 10.09 25.41
CA THR B 54 3.50 10.54 24.13
C THR B 54 3.59 9.48 23.05
N ASN B 55 4.46 8.48 23.23
CA ASN B 55 4.59 7.38 22.28
C ASN B 55 5.10 6.17 23.07
N LYS B 56 4.17 5.32 23.49
CA LYS B 56 4.54 4.21 24.36
C LYS B 56 5.26 3.09 23.62
N ASN B 57 5.39 3.16 22.30
CA ASN B 57 6.16 2.16 21.56
C ASN B 57 7.66 2.29 21.81
N GLN B 58 8.13 3.48 22.19
CA GLN B 58 9.52 3.70 22.51
C GLN B 58 9.72 3.62 24.01
N PHE B 59 10.78 2.93 24.43
CA PHE B 59 11.04 2.70 25.84
C PHE B 59 12.50 3.02 26.16
N GLY B 60 12.74 3.27 27.44
CA GLY B 60 14.08 3.56 27.92
C GLY B 60 14.53 2.53 28.94
N ILE B 61 15.79 2.11 28.84
CA ILE B 61 16.38 1.15 29.76
C ILE B 61 17.55 1.82 30.48
N TYR B 62 17.70 1.52 31.76
CA TYR B 62 18.74 2.06 32.61
C TYR B 62 19.77 1.00 32.95
N ASN B 63 20.85 1.42 33.61
CA ASN B 63 21.88 0.52 34.07
C ASN B 63 22.24 0.70 35.55
N ASP B 64 21.68 1.71 36.22
CA ASP B 64 21.87 1.88 37.65
C ASP B 64 20.88 1.09 38.49
N LYS B 65 19.88 0.47 37.85
CA LYS B 65 18.88 -0.35 38.52
C LYS B 65 18.51 -1.50 37.59
N LEU B 66 17.65 -2.38 38.07
CA LEU B 66 17.14 -3.47 37.24
C LEU B 66 16.23 -2.89 36.17
N SER B 67 16.65 -3.00 34.89
CA SER B 67 15.88 -2.44 33.79
C SER B 67 16.23 -3.21 32.53
N GLU B 68 15.33 -4.09 32.09
CA GLU B 68 15.57 -4.87 30.89
C GLU B 68 14.25 -5.26 30.25
N VAL B 69 14.31 -5.54 28.95
CA VAL B 69 13.16 -6.03 28.19
C VAL B 69 13.58 -7.30 27.46
N ASN B 70 12.93 -8.41 27.78
CA ASN B 70 13.33 -9.71 27.25
C ASN B 70 12.25 -10.22 26.30
N ILE B 71 12.65 -10.54 25.07
CA ILE B 71 11.75 -11.11 24.07
C ILE B 71 12.06 -12.60 23.95
N SER B 72 11.12 -13.44 24.38
CA SER B 72 11.18 -14.87 24.13
C SER B 72 10.61 -15.11 22.74
N GLN B 73 11.48 -15.43 21.80
CA GLN B 73 11.11 -15.60 20.41
C GLN B 73 10.29 -16.88 20.23
N ASN B 74 9.55 -16.92 19.12
CA ASN B 74 8.87 -18.15 18.74
C ASN B 74 9.89 -19.14 18.18
N ASP B 75 9.64 -20.42 18.45
CA ASP B 75 10.57 -21.46 18.02
C ASP B 75 10.71 -21.51 16.50
N TYR B 76 9.72 -20.98 15.77
CA TYR B 76 9.82 -20.91 14.32
C TYR B 76 10.91 -19.95 13.88
N ILE B 77 11.01 -18.79 14.54
CA ILE B 77 11.85 -17.70 14.06
C ILE B 77 13.24 -17.69 14.66
N ILE B 78 13.55 -18.57 15.61
CA ILE B 78 14.90 -18.67 16.15
C ILE B 78 15.84 -19.08 15.03
N TYR B 79 16.74 -18.16 14.65
CA TYR B 79 17.60 -18.38 13.49
C TYR B 79 18.56 -19.53 13.76
N ASP B 80 18.53 -20.54 12.89
CA ASP B 80 19.42 -21.69 12.99
C ASP B 80 19.72 -22.22 11.59
N ASN B 81 20.11 -21.33 10.68
CA ASN B 81 20.40 -21.68 9.31
C ASN B 81 21.79 -21.24 8.91
N LYS B 82 22.20 -21.62 7.69
CA LYS B 82 23.45 -21.17 7.10
C LYS B 82 23.25 -20.36 5.83
N TYR B 83 22.07 -20.39 5.21
CA TYR B 83 21.84 -19.74 3.93
C TYR B 83 20.69 -18.74 3.93
N LYS B 84 19.87 -18.71 4.98
CA LYS B 84 18.69 -17.84 4.99
C LYS B 84 19.09 -16.41 5.29
N ASN B 85 18.71 -15.48 4.41
CA ASN B 85 18.97 -14.07 4.64
C ASN B 85 18.01 -13.52 5.69
N PHE B 86 18.43 -12.45 6.36
CA PHE B 86 17.57 -11.88 7.39
C PHE B 86 17.97 -10.45 7.70
N SER B 87 17.04 -9.69 8.26
CA SER B 87 17.29 -8.30 8.56
C SER B 87 16.74 -7.94 9.94
N ILE B 88 17.36 -6.93 10.55
CA ILE B 88 17.00 -6.44 11.87
C ILE B 88 16.87 -4.92 11.79
N SER B 89 15.79 -4.38 12.33
CA SER B 89 15.52 -2.95 12.26
C SER B 89 15.11 -2.42 13.62
N PHE B 90 15.53 -1.21 13.94
CA PHE B 90 15.07 -0.55 15.17
C PHE B 90 15.51 0.91 15.12
N TRP B 91 15.11 1.67 16.14
CA TRP B 91 15.61 3.03 16.36
C TRP B 91 16.19 3.11 17.75
N VAL B 92 17.32 3.80 17.87
CA VAL B 92 18.06 3.92 19.12
C VAL B 92 18.29 5.39 19.43
N ARG B 93 18.24 5.74 20.71
CA ARG B 93 18.47 7.09 21.18
C ARG B 93 19.53 7.03 22.27
N ILE B 94 20.68 7.65 22.01
CA ILE B 94 21.86 7.56 22.85
C ILE B 94 22.24 8.96 23.30
N PRO B 95 21.91 9.34 24.53
CA PRO B 95 22.29 10.67 25.02
C PRO B 95 23.75 10.75 25.40
N ASN B 96 24.31 11.95 25.21
CA ASN B 96 25.69 12.27 25.55
C ASN B 96 25.68 13.42 26.55
N TYR B 97 25.21 13.13 27.77
CA TYR B 97 24.92 14.11 28.80
C TYR B 97 25.94 15.24 28.88
N ASP B 98 27.17 14.91 29.27
CA ASP B 98 28.20 15.93 29.43
C ASP B 98 29.06 16.09 28.19
N ASN B 99 29.03 15.11 27.28
CA ASN B 99 30.03 14.96 26.21
C ASN B 99 31.43 14.80 26.78
N LYS B 100 31.52 14.47 28.06
CA LYS B 100 32.75 14.19 28.80
C LYS B 100 32.65 12.92 29.62
N ILE B 101 31.50 12.67 30.26
CA ILE B 101 31.32 11.42 31.00
C ILE B 101 31.28 10.23 30.06
N VAL B 102 30.86 10.44 28.80
CA VAL B 102 30.78 9.36 27.83
C VAL B 102 32.08 9.18 27.04
N ASN B 103 33.10 9.98 27.33
CA ASN B 103 34.37 9.91 26.59
C ASN B 103 35.26 8.82 27.19
N VAL B 104 34.82 7.58 27.02
CA VAL B 104 35.51 6.40 27.53
C VAL B 104 35.51 5.34 26.45
N ASN B 105 36.69 4.85 26.08
CA ASN B 105 36.82 3.78 25.08
C ASN B 105 36.48 2.47 25.76
N ASN B 106 35.21 2.09 25.69
CA ASN B 106 34.73 0.85 26.31
C ASN B 106 33.46 0.40 25.60
N GLU B 107 33.50 -0.77 24.98
CA GLU B 107 32.35 -1.31 24.29
C GLU B 107 31.38 -1.94 25.29
N TYR B 108 30.13 -1.51 25.25
CA TYR B 108 29.08 -2.05 26.11
C TYR B 108 27.88 -2.47 25.27
N THR B 109 27.29 -3.61 25.64
CA THR B 109 26.22 -4.22 24.87
C THR B 109 24.85 -3.69 25.30
N ILE B 110 24.00 -3.42 24.33
CA ILE B 110 22.63 -2.99 24.60
C ILE B 110 21.61 -4.03 24.16
N ILE B 111 21.85 -4.72 23.05
CA ILE B 111 20.96 -5.78 22.57
C ILE B 111 21.78 -7.04 22.38
N ASN B 112 21.32 -8.15 22.95
CA ASN B 112 22.11 -9.39 23.00
C ASN B 112 21.24 -10.57 22.57
N CYS B 113 21.36 -11.00 21.31
CA CYS B 113 20.78 -12.26 20.90
C CYS B 113 21.91 -13.24 20.61
N MET B 114 22.70 -13.56 21.64
CA MET B 114 23.81 -14.47 21.49
C MET B 114 23.67 -15.59 22.52
N ARG B 115 24.18 -16.77 22.16
CA ARG B 115 24.04 -17.95 23.00
C ARG B 115 25.16 -17.96 24.05
N ASP B 116 25.28 -19.09 24.76
CA ASP B 116 26.34 -19.22 25.74
C ASP B 116 27.72 -19.26 25.09
N ASN B 117 27.84 -19.94 23.96
CA ASN B 117 29.07 -19.97 23.19
C ASN B 117 29.28 -18.70 22.35
N ASN B 118 28.54 -17.64 22.65
CA ASN B 118 28.65 -16.36 21.96
C ASN B 118 28.44 -16.52 20.46
N SER B 119 27.46 -17.33 20.09
CA SER B 119 27.01 -17.47 18.71
C SER B 119 25.68 -16.77 18.56
N GLY B 120 25.54 -16.00 17.48
CA GLY B 120 24.33 -15.21 17.26
C GLY B 120 24.64 -13.80 16.82
N TRP B 121 23.94 -12.81 17.37
CA TRP B 121 24.19 -11.42 17.00
C TRP B 121 24.07 -10.52 18.22
N LYS B 122 24.68 -9.35 18.09
CA LYS B 122 24.80 -8.44 19.23
C LYS B 122 24.91 -7.00 18.73
N VAL B 123 24.17 -6.10 19.36
CA VAL B 123 24.26 -4.67 19.10
C VAL B 123 24.83 -4.02 20.35
N SER B 124 25.99 -3.39 20.20
CA SER B 124 26.70 -2.78 21.32
C SER B 124 27.01 -1.32 20.97
N LEU B 125 27.46 -0.59 21.98
CA LEU B 125 27.75 0.84 21.81
C LEU B 125 29.12 1.18 22.39
N ASN B 126 29.76 2.16 21.77
CA ASN B 126 30.96 2.79 22.28
C ASN B 126 30.78 4.30 22.20
N HIS B 127 31.82 5.04 22.58
CA HIS B 127 31.75 6.50 22.57
C HIS B 127 31.41 7.01 21.17
N ASN B 128 30.17 7.47 20.98
CA ASN B 128 29.69 7.92 19.68
C ASN B 128 29.81 6.83 18.62
N GLU B 129 29.52 5.59 19.01
CA GLU B 129 29.71 4.48 18.09
C GLU B 129 28.63 3.42 18.30
N ILE B 130 28.13 2.88 17.20
CA ILE B 130 27.17 1.78 17.21
C ILE B 130 27.80 0.60 16.49
N ILE B 131 27.84 -0.56 17.16
CA ILE B 131 28.55 -1.73 16.67
C ILE B 131 27.56 -2.88 16.50
N TRP B 132 27.61 -3.54 15.35
CA TRP B 132 26.87 -4.75 15.06
C TRP B 132 27.86 -5.91 14.95
N THR B 133 27.54 -7.03 15.60
CA THR B 133 28.42 -8.19 15.63
C THR B 133 27.62 -9.44 15.30
N LEU B 134 28.17 -10.28 14.43
CA LEU B 134 27.52 -11.52 14.00
C LEU B 134 28.52 -12.65 14.08
N GLN B 135 28.15 -13.75 14.75
CA GLN B 135 29.06 -14.85 15.01
C GLN B 135 28.34 -16.18 14.78
N ASP B 136 29.06 -17.14 14.21
CA ASP B 136 28.50 -18.45 13.94
C ASP B 136 28.80 -19.40 15.10
N ASN B 137 28.38 -20.67 14.94
CA ASN B 137 28.60 -21.65 15.99
C ASN B 137 30.08 -21.98 16.16
N ALA B 138 30.86 -21.87 15.09
CA ALA B 138 32.29 -22.18 15.18
C ALA B 138 33.05 -21.10 15.94
N GLY B 139 32.66 -19.84 15.76
CA GLY B 139 33.37 -18.72 16.37
C GLY B 139 33.84 -17.67 15.40
N ILE B 140 33.67 -17.86 14.09
CA ILE B 140 34.05 -16.85 13.12
C ILE B 140 33.07 -15.69 13.20
N ASN B 141 33.60 -14.48 13.40
CA ASN B 141 32.77 -13.31 13.63
C ASN B 141 32.99 -12.27 12.53
N GLN B 142 32.03 -11.33 12.47
CA GLN B 142 32.10 -10.21 11.56
C GLN B 142 31.42 -9.01 12.21
N LYS B 143 32.04 -7.85 12.07
CA LYS B 143 31.58 -6.64 12.76
C LYS B 143 31.39 -5.50 11.77
N LEU B 144 30.31 -4.75 11.99
CA LEU B 144 30.04 -3.50 11.30
C LEU B 144 29.96 -2.38 12.33
N ALA B 145 30.27 -1.16 11.91
CA ALA B 145 30.36 -0.07 12.87
C ALA B 145 29.88 1.23 12.24
N PHE B 146 29.44 2.15 13.10
CA PHE B 146 29.08 3.51 12.70
C PHE B 146 29.56 4.45 13.79
N ASN B 147 30.54 5.28 13.48
CA ASN B 147 31.05 6.30 14.39
C ASN B 147 30.62 7.66 13.86
N TYR B 148 29.67 8.30 14.54
CA TYR B 148 29.20 9.61 14.13
C TYR B 148 30.01 10.75 14.73
N GLY B 149 30.90 10.46 15.68
CA GLY B 149 31.82 11.46 16.18
C GLY B 149 31.16 12.55 16.99
N ASN B 150 31.99 13.47 17.48
CA ASN B 150 31.49 14.58 18.28
C ASN B 150 30.76 15.58 17.39
N ALA B 151 29.99 16.46 18.03
CA ALA B 151 29.18 17.43 17.30
C ALA B 151 30.06 18.54 16.74
N ASN B 152 29.94 18.76 15.44
CA ASN B 152 30.59 19.89 14.75
C ASN B 152 29.47 20.83 14.30
N GLY B 153 29.05 21.70 15.21
CA GLY B 153 27.89 22.54 14.97
C GLY B 153 26.63 21.92 15.53
N ILE B 154 25.81 21.33 14.66
CA ILE B 154 24.60 20.61 15.06
C ILE B 154 24.78 19.15 14.66
N SER B 155 24.61 18.26 15.63
CA SER B 155 24.73 16.82 15.39
C SER B 155 23.37 16.22 15.09
N ASP B 156 23.29 15.43 14.03
CA ASP B 156 22.05 14.75 13.66
C ASP B 156 21.89 13.40 14.35
N TYR B 157 22.79 13.04 15.26
CA TYR B 157 22.77 11.69 15.82
C TYR B 157 22.76 11.69 17.34
N ILE B 158 23.44 12.64 17.97
CA ILE B 158 23.56 12.63 19.43
C ILE B 158 22.22 12.98 20.06
N ASN B 159 21.76 12.13 20.98
CA ASN B 159 20.50 12.29 21.71
C ASN B 159 19.29 12.35 20.78
N LYS B 160 19.44 11.91 19.53
CA LYS B 160 18.33 11.84 18.59
C LYS B 160 18.02 10.38 18.26
N TRP B 161 16.81 10.16 17.76
CA TRP B 161 16.44 8.83 17.29
C TRP B 161 17.18 8.52 16.00
N ILE B 162 17.96 7.44 16.00
CA ILE B 162 18.74 7.00 14.87
C ILE B 162 18.16 5.68 14.38
N PHE B 163 17.81 5.63 13.10
CA PHE B 163 17.28 4.41 12.49
C PHE B 163 18.43 3.48 12.14
N VAL B 164 18.44 2.29 12.72
CA VAL B 164 19.46 1.28 12.47
C VAL B 164 18.80 0.11 11.75
N THR B 165 19.41 -0.29 10.63
CA THR B 165 18.96 -1.44 9.87
C THR B 165 20.17 -2.28 9.52
N ILE B 166 20.05 -3.60 9.67
CA ILE B 166 21.13 -4.52 9.32
C ILE B 166 20.55 -5.61 8.44
N THR B 167 21.06 -5.72 7.22
CA THR B 167 20.66 -6.77 6.29
C THR B 167 21.79 -7.79 6.19
N ASN B 168 21.42 -9.07 6.06
CA ASN B 168 22.38 -10.17 6.04
C ASN B 168 22.02 -11.09 4.89
N ASP B 169 22.86 -11.07 3.84
CA ASP B 169 22.83 -12.02 2.74
C ASP B 169 23.91 -13.06 3.02
N ARG B 170 23.49 -14.29 3.30
CA ARG B 170 24.45 -15.33 3.66
C ARG B 170 25.37 -15.68 2.50
N LEU B 171 24.89 -15.57 1.27
CA LEU B 171 25.70 -15.81 0.09
C LEU B 171 26.36 -14.52 -0.42
N GLY B 172 26.42 -13.49 0.41
CA GLY B 172 26.97 -12.22 -0.01
C GLY B 172 27.48 -11.38 1.16
N ASP B 173 27.11 -10.10 1.17
CA ASP B 173 27.57 -9.16 2.18
C ASP B 173 26.51 -8.91 3.24
N SER B 174 26.98 -8.57 4.44
CA SER B 174 26.14 -8.02 5.49
C SER B 174 26.34 -6.51 5.52
N LYS B 175 25.22 -5.78 5.47
CA LYS B 175 25.21 -4.33 5.30
C LYS B 175 24.54 -3.66 6.49
N LEU B 176 25.06 -2.50 6.87
CA LEU B 176 24.52 -1.69 7.96
C LEU B 176 24.05 -0.35 7.38
N TYR B 177 22.83 0.04 7.73
CA TYR B 177 22.20 1.25 7.24
C TYR B 177 21.85 2.13 8.43
N ILE B 178 22.18 3.42 8.32
CA ILE B 178 21.84 4.42 9.33
C ILE B 178 20.98 5.48 8.65
N ASN B 179 19.74 5.62 9.14
CA ASN B 179 18.77 6.57 8.57
C ASN B 179 18.54 6.31 7.09
N GLY B 180 18.57 5.04 6.70
CA GLY B 180 18.29 4.65 5.33
C GLY B 180 19.46 4.73 4.37
N ASN B 181 20.64 5.14 4.83
CA ASN B 181 21.82 5.27 3.98
C ASN B 181 22.81 4.17 4.33
N LEU B 182 23.30 3.47 3.30
CA LEU B 182 24.29 2.42 3.50
C LEU B 182 25.62 3.05 3.90
N ILE B 183 26.25 2.48 4.94
CA ILE B 183 27.48 3.05 5.49
C ILE B 183 28.58 2.03 5.67
N ASP B 184 28.29 0.75 5.81
CA ASP B 184 29.34 -0.24 6.04
C ASP B 184 28.85 -1.61 5.63
N GLN B 185 29.61 -2.29 4.77
CA GLN B 185 29.27 -3.61 4.29
C GLN B 185 30.50 -4.51 4.34
N LYS B 186 30.34 -5.70 4.89
CA LYS B 186 31.43 -6.67 4.93
C LYS B 186 30.89 -8.04 4.55
N SER B 187 31.71 -8.83 3.85
CA SER B 187 31.28 -10.14 3.42
C SER B 187 31.17 -11.09 4.60
N ILE B 188 30.13 -11.92 4.58
CA ILE B 188 29.94 -12.94 5.61
C ILE B 188 29.97 -14.34 4.98
N LEU B 189 30.62 -14.47 3.82
CA LEU B 189 30.72 -15.76 3.15
C LEU B 189 31.55 -16.76 3.94
N ASN B 190 32.37 -16.28 4.89
CA ASN B 190 33.22 -17.15 5.69
C ASN B 190 32.55 -17.62 6.97
N LEU B 191 31.24 -17.41 7.11
CA LEU B 191 30.50 -17.82 8.29
C LEU B 191 29.57 -18.98 7.94
N GLY B 192 29.51 -19.96 8.83
CA GLY B 192 28.71 -21.15 8.59
C GLY B 192 27.35 -21.13 9.26
N ASN B 193 27.11 -22.12 10.11
CA ASN B 193 25.83 -22.23 10.81
C ASN B 193 25.80 -21.26 11.99
N ILE B 194 24.75 -20.45 12.06
CA ILE B 194 24.57 -19.47 13.13
C ILE B 194 23.31 -19.84 13.90
N HIS B 195 23.47 -20.16 15.17
CA HIS B 195 22.33 -20.47 16.05
C HIS B 195 22.25 -19.35 17.10
N VAL B 196 21.30 -18.45 16.90
CA VAL B 196 21.16 -17.27 17.76
C VAL B 196 20.48 -17.69 19.07
N SER B 197 20.46 -16.79 20.04
CA SER B 197 19.86 -17.09 21.34
C SER B 197 18.33 -17.17 21.21
N ASP B 198 17.73 -17.96 22.09
CA ASP B 198 16.28 -18.02 22.15
C ASP B 198 15.68 -16.71 22.64
N ASN B 199 16.45 -15.91 23.37
CA ASN B 199 15.98 -14.65 23.93
C ASN B 199 16.68 -13.48 23.27
N ILE B 200 15.96 -12.37 23.16
CA ILE B 200 16.52 -11.10 22.72
C ILE B 200 16.44 -10.17 23.94
N LEU B 201 17.59 -9.84 24.51
CA LEU B 201 17.66 -9.10 25.76
C LEU B 201 18.06 -7.66 25.48
N PHE B 202 17.17 -6.73 25.84
CA PHE B 202 17.43 -5.29 25.77
C PHE B 202 17.86 -4.87 27.16
N LYS B 203 19.17 -4.66 27.33
CA LYS B 203 19.76 -4.34 28.62
C LYS B 203 21.15 -3.75 28.39
N ILE B 204 21.49 -2.73 29.16
CA ILE B 204 22.82 -2.12 29.14
C ILE B 204 23.72 -2.87 30.10
N VAL B 205 24.76 -3.52 29.56
CA VAL B 205 25.69 -4.31 30.38
C VAL B 205 27.11 -3.82 30.14
N ASN B 206 27.91 -3.88 31.21
CA ASN B 206 29.34 -3.54 31.15
C ASN B 206 29.56 -2.11 30.65
N CYS B 207 28.77 -1.17 31.15
CA CYS B 207 28.92 0.23 30.80
C CYS B 207 29.72 0.94 31.90
N SER B 208 30.70 1.75 31.49
CA SER B 208 31.58 2.39 32.46
C SER B 208 30.87 3.43 33.31
N TYR B 209 29.74 3.96 32.84
CA TYR B 209 29.05 5.04 33.53
C TYR B 209 27.56 4.73 33.62
N THR B 210 26.86 5.50 34.46
CA THR B 210 25.42 5.37 34.59
C THR B 210 24.74 6.12 33.45
N ARG B 211 23.83 5.44 32.76
CA ARG B 211 23.21 6.01 31.57
C ARG B 211 21.90 5.29 31.30
N TYR B 212 21.16 5.81 30.32
CA TYR B 212 19.98 5.14 29.80
C TYR B 212 20.01 5.18 28.28
N ILE B 213 19.23 4.28 27.68
CA ILE B 213 19.19 4.12 26.23
C ILE B 213 17.74 3.97 25.78
N GLY B 214 17.37 4.66 24.71
CA GLY B 214 16.02 4.55 24.16
C GLY B 214 15.99 3.63 22.96
N ILE B 215 14.95 2.79 22.91
CA ILE B 215 14.77 1.82 21.84
C ILE B 215 13.32 1.86 21.37
N ARG B 216 13.10 1.76 20.06
CA ARG B 216 11.75 1.68 19.55
C ARG B 216 11.70 0.92 18.23
N TYR B 217 10.52 0.31 17.97
CA TYR B 217 10.17 -0.26 16.67
C TYR B 217 11.14 -1.37 16.26
N PHE B 218 11.39 -2.29 17.18
CA PHE B 218 12.26 -3.42 16.88
C PHE B 218 11.54 -4.42 16.00
N ASN B 219 12.13 -4.73 14.85
CA ASN B 219 11.54 -5.63 13.87
C ASN B 219 12.59 -6.61 13.38
N ILE B 220 12.16 -7.85 13.17
CA ILE B 220 12.99 -8.90 12.58
C ILE B 220 12.28 -9.42 11.35
N PHE B 221 13.00 -9.44 10.22
CA PHE B 221 12.53 -9.90 8.93
C PHE B 221 13.35 -11.10 8.49
N ASP B 222 12.70 -12.02 7.76
CA ASP B 222 13.33 -13.25 7.29
C ASP B 222 13.87 -13.14 5.86
N LYS B 223 14.30 -11.94 5.46
CA LYS B 223 14.89 -11.74 4.14
C LYS B 223 15.83 -10.54 4.21
N GLU B 224 16.64 -10.40 3.17
CA GLU B 224 17.51 -9.23 3.06
C GLU B 224 16.69 -8.06 2.53
N LEU B 225 16.61 -7.00 3.34
CA LEU B 225 15.75 -5.87 2.98
C LEU B 225 16.32 -5.07 1.82
N ASP B 226 15.44 -4.64 0.92
CA ASP B 226 15.81 -3.76 -0.18
C ASP B 226 16.05 -2.35 0.34
N GLU B 227 16.81 -1.57 -0.44
CA GLU B 227 17.08 -0.18 -0.06
C GLU B 227 15.80 0.63 -0.04
N THR B 228 14.92 0.43 -1.03
CA THR B 228 13.64 1.12 -1.02
C THR B 228 12.76 0.66 0.14
N GLU B 229 12.87 -0.61 0.52
CA GLU B 229 12.14 -1.09 1.69
C GLU B 229 12.66 -0.43 2.96
N ILE B 230 13.98 -0.26 3.08
CA ILE B 230 14.55 0.43 4.23
C ILE B 230 14.11 1.88 4.25
N GLN B 231 13.99 2.51 3.08
CA GLN B 231 13.55 3.90 3.04
C GLN B 231 12.09 4.03 3.43
N THR B 232 11.23 3.11 2.98
CA THR B 232 9.84 3.14 3.39
C THR B 232 9.71 2.92 4.90
N LEU B 233 10.52 2.02 5.47
CA LEU B 233 10.52 1.84 6.91
C LEU B 233 10.99 3.08 7.64
N TYR B 234 11.99 3.77 7.07
CA TYR B 234 12.53 4.97 7.69
C TYR B 234 11.52 6.12 7.64
N SER B 235 10.68 6.16 6.61
CA SER B 235 9.75 7.27 6.43
C SER B 235 8.38 7.02 7.08
N ASN B 236 7.97 5.77 7.26
CA ASN B 236 6.61 5.49 7.72
C ASN B 236 6.52 4.93 9.13
N GLU B 237 7.62 4.46 9.71
CA GLU B 237 7.52 3.90 11.06
C GLU B 237 7.16 4.96 12.09
N PRO B 238 7.77 6.16 12.11
CA PRO B 238 7.17 7.26 12.87
C PRO B 238 5.95 7.80 12.15
N ASN B 239 5.02 8.33 12.93
CA ASN B 239 3.78 8.83 12.36
C ASN B 239 4.06 10.05 11.49
N THR B 240 3.78 9.93 10.19
CA THR B 240 4.02 11.02 9.25
C THR B 240 3.04 12.17 9.40
N ASN B 241 1.95 11.98 10.14
CA ASN B 241 0.98 13.06 10.33
C ASN B 241 1.33 13.99 11.47
N ILE B 242 2.06 13.51 12.47
CA ILE B 242 2.43 14.30 13.63
C ILE B 242 3.79 14.93 13.38
N LEU B 243 3.95 16.17 13.84
CA LEU B 243 5.22 16.87 13.69
C LEU B 243 6.24 16.33 14.70
N LYS B 244 7.51 16.49 14.36
CA LYS B 244 8.62 16.02 15.18
C LYS B 244 9.35 17.21 15.80
N ASP B 245 9.96 16.98 16.95
CA ASP B 245 10.76 18.01 17.61
C ASP B 245 12.21 17.87 17.16
N PHE B 246 13.15 18.46 17.92
CA PHE B 246 14.55 18.39 17.54
C PHE B 246 15.11 16.98 17.71
N TRP B 247 14.71 16.29 18.78
CA TRP B 247 15.23 14.97 19.07
C TRP B 247 14.53 13.86 18.30
N GLY B 248 13.41 14.15 17.62
CA GLY B 248 12.66 13.15 16.91
C GLY B 248 11.41 12.67 17.60
N ASN B 249 11.11 13.19 18.79
CA ASN B 249 9.87 12.87 19.48
C ASN B 249 8.71 13.68 18.89
N TYR B 250 7.51 13.44 19.39
CA TYR B 250 6.34 14.15 18.89
C TYR B 250 6.35 15.59 19.40
N LEU B 251 6.02 16.51 18.50
CA LEU B 251 5.89 17.92 18.88
C LEU B 251 4.64 18.10 19.74
N LEU B 252 4.81 18.85 20.84
CA LEU B 252 3.79 18.92 21.88
C LEU B 252 3.22 20.33 22.00
N TYR B 253 1.95 20.40 22.37
CA TYR B 253 1.32 21.67 22.73
C TYR B 253 1.66 22.03 24.17
N ASP B 254 1.68 23.34 24.45
CA ASP B 254 1.94 23.87 25.79
C ASP B 254 3.28 23.36 26.34
N LYS B 255 4.30 23.38 25.48
CA LYS B 255 5.64 22.91 25.85
C LYS B 255 6.64 23.94 25.36
N GLU B 256 7.53 24.37 26.25
CA GLU B 256 8.52 25.38 25.90
C GLU B 256 9.58 24.80 24.96
N TYR B 257 9.88 25.54 23.89
CA TYR B 257 10.87 25.13 22.91
C TYR B 257 11.76 26.29 22.52
N TYR B 258 13.05 26.01 22.39
CA TYR B 258 13.97 26.90 21.69
C TYR B 258 13.81 26.70 20.18
N LEU B 259 14.20 27.71 19.42
CA LEU B 259 14.04 27.68 17.97
C LEU B 259 15.38 27.45 17.28
N LEU B 260 15.37 26.70 16.19
CA LEU B 260 16.57 26.48 15.38
C LEU B 260 16.20 26.55 13.90
N ASN B 261 16.79 27.48 13.17
CA ASN B 261 16.61 27.56 11.73
C ASN B 261 17.62 26.64 11.04
N VAL B 262 17.12 25.73 10.20
CA VAL B 262 17.99 24.71 9.61
C VAL B 262 18.92 25.30 8.57
N LEU B 263 18.63 26.49 8.04
CA LEU B 263 19.53 27.10 7.07
C LEU B 263 20.68 27.83 7.75
N LYS B 264 20.44 28.41 8.93
CA LYS B 264 21.47 29.04 9.75
C LYS B 264 21.52 28.30 11.08
N PRO B 265 22.14 27.12 11.12
CA PRO B 265 22.15 26.34 12.36
C PRO B 265 23.08 26.90 13.42
N ASN B 266 24.00 27.79 13.06
CA ASN B 266 24.90 28.41 14.02
C ASN B 266 24.33 29.70 14.61
N ASN B 267 23.09 30.03 14.29
CA ASN B 267 22.45 31.25 14.78
C ASN B 267 21.23 30.90 15.64
N PHE B 268 20.90 31.80 16.56
CA PHE B 268 19.70 31.67 17.37
C PHE B 268 18.92 32.98 17.35
N ILE B 269 17.67 32.90 17.81
CA ILE B 269 16.73 34.02 17.75
C ILE B 269 16.72 34.71 19.10
N ASP B 270 16.87 36.03 19.09
CA ASP B 270 16.78 36.84 20.31
C ASP B 270 15.69 37.88 20.15
N ARG B 271 15.29 38.45 21.29
CA ARG B 271 14.22 39.44 21.34
C ARG B 271 14.80 40.84 21.33
N ARG B 272 14.21 41.71 20.52
CA ARG B 272 14.62 43.11 20.45
C ARG B 272 13.69 43.96 21.32
N LYS B 273 14.11 45.21 21.51
CA LYS B 273 13.35 46.12 22.35
C LYS B 273 12.10 46.65 21.66
N ASP B 274 12.11 46.73 20.33
CA ASP B 274 10.95 47.15 19.55
C ASP B 274 10.05 45.97 19.16
N SER B 275 10.07 44.90 19.96
CA SER B 275 9.25 43.70 19.83
C SER B 275 9.59 42.85 18.62
N THR B 276 10.62 43.19 17.85
CA THR B 276 11.01 42.36 16.72
C THR B 276 11.96 41.26 17.16
N LEU B 277 12.24 40.34 16.24
CA LEU B 277 13.10 39.18 16.51
C LEU B 277 14.31 39.22 15.60
N SER B 278 15.50 39.10 16.20
CA SER B 278 16.76 39.16 15.46
C SER B 278 17.32 37.76 15.25
N ILE B 279 18.15 37.63 14.22
CA ILE B 279 18.80 36.37 13.89
C ILE B 279 20.32 36.50 13.79
N ASN B 280 20.87 37.69 13.97
CA ASN B 280 22.31 37.91 13.83
C ASN B 280 23.07 37.50 15.09
N ASN B 281 22.51 36.54 15.84
CA ASN B 281 23.10 36.09 17.10
C ASN B 281 23.77 34.74 16.86
N ILE B 282 25.10 34.72 16.92
CA ILE B 282 25.86 33.50 16.69
C ILE B 282 25.85 32.64 17.95
N ARG B 283 25.61 31.34 17.76
CA ARG B 283 25.58 30.41 18.87
C ARG B 283 26.98 30.20 19.45
N SER B 284 27.06 30.20 20.79
CA SER B 284 28.31 29.87 21.45
C SER B 284 28.61 28.38 21.29
N THR B 285 29.88 28.03 21.47
CA THR B 285 30.34 26.67 21.25
C THR B 285 30.96 26.10 22.52
N ILE B 286 30.65 24.83 22.77
CA ILE B 286 31.33 24.03 23.79
C ILE B 286 32.15 22.99 23.02
N LEU B 287 33.47 23.19 23.02
CA LEU B 287 34.36 22.51 22.08
C LEU B 287 33.97 22.86 20.65
N LEU B 288 33.39 21.90 19.93
CA LEU B 288 32.92 22.14 18.57
C LEU B 288 31.40 22.05 18.44
N ALA B 289 30.69 21.85 19.54
CA ALA B 289 29.24 21.70 19.51
C ALA B 289 28.57 23.05 19.76
N ASN B 290 27.62 23.40 18.91
CA ASN B 290 26.85 24.63 19.12
C ASN B 290 25.96 24.48 20.35
N ARG B 291 25.80 25.58 21.07
CA ARG B 291 24.91 25.61 22.22
C ARG B 291 23.47 25.58 21.75
N LEU B 292 22.71 24.60 22.24
CA LEU B 292 21.33 24.43 21.80
C LEU B 292 20.33 25.25 22.61
N TYR B 293 20.59 25.46 23.90
CA TYR B 293 19.65 26.15 24.78
C TYR B 293 19.88 27.65 24.80
N SER B 294 19.96 28.26 23.62
CA SER B 294 20.18 29.70 23.49
C SER B 294 19.03 30.33 22.74
N GLY B 295 18.65 31.53 23.17
CA GLY B 295 17.66 32.32 22.48
C GLY B 295 16.30 32.33 23.15
N ILE B 296 15.32 32.81 22.40
CA ILE B 296 13.97 32.95 22.91
C ILE B 296 13.31 31.57 23.04
N LYS B 297 12.26 31.51 23.83
CA LYS B 297 11.47 30.30 24.03
C LYS B 297 10.05 30.52 23.56
N VAL B 298 9.45 29.50 22.95
CA VAL B 298 8.11 29.60 22.40
C VAL B 298 7.26 28.44 22.89
N LYS B 299 5.95 28.62 22.78
CA LYS B 299 4.97 27.60 23.11
C LYS B 299 3.88 27.58 22.05
N ILE B 300 3.42 26.38 21.72
CA ILE B 300 2.37 26.18 20.73
C ILE B 300 1.06 25.92 21.45
N GLN B 301 0.00 26.63 21.05
CA GLN B 301 -1.28 26.56 21.73
C GLN B 301 -2.39 26.30 20.73
N ARG B 302 -3.30 25.39 21.05
CA ARG B 302 -4.39 25.07 20.14
C ARG B 302 -5.36 26.25 20.04
N VAL B 303 -5.75 26.58 18.81
CA VAL B 303 -6.74 27.63 18.60
C VAL B 303 -8.14 27.14 18.99
N ASN B 304 -8.58 26.04 18.38
CA ASN B 304 -9.86 25.41 18.71
C ASN B 304 -9.53 24.19 19.55
N ASN B 305 -9.55 24.37 20.87
CA ASN B 305 -9.24 23.28 21.79
C ASN B 305 -10.35 22.24 21.83
N SER B 306 -11.41 22.52 22.58
CA SER B 306 -12.55 21.62 22.75
C SER B 306 -12.09 20.20 23.14
N SER B 307 -11.03 20.14 23.93
CA SER B 307 -10.41 18.89 24.37
C SER B 307 -10.28 17.90 23.22
N THR B 308 -9.47 18.29 22.22
CA THR B 308 -9.23 17.45 21.04
C THR B 308 -8.11 16.45 21.37
N ASN B 309 -8.51 15.39 22.07
CA ASN B 309 -7.65 14.25 22.35
C ASN B 309 -6.35 14.63 23.04
N ASP B 310 -5.23 14.46 22.36
CA ASP B 310 -3.90 14.57 22.93
C ASP B 310 -3.32 15.97 22.68
N ASN B 311 -2.05 16.15 23.06
CA ASN B 311 -1.34 17.40 22.89
C ASN B 311 -0.36 17.37 21.73
N LEU B 312 -0.57 16.48 20.76
CA LEU B 312 0.35 16.32 19.65
C LEU B 312 0.00 17.31 18.54
N VAL B 313 1.02 17.97 18.01
CA VAL B 313 0.85 18.92 16.92
C VAL B 313 0.90 18.15 15.60
N ARG B 314 -0.20 18.18 14.87
CA ARG B 314 -0.33 17.45 13.62
C ARG B 314 -0.23 18.40 12.43
N LYS B 315 -0.10 17.82 11.24
CA LYS B 315 -0.07 18.62 10.03
C LYS B 315 -1.40 19.36 9.86
N ASN B 316 -1.32 20.54 9.24
CA ASN B 316 -2.49 21.34 8.89
C ASN B 316 -3.28 21.79 10.13
N ASP B 317 -2.61 21.89 11.27
CA ASP B 317 -3.26 22.29 12.52
C ASP B 317 -3.28 23.81 12.64
N GLN B 318 -4.34 24.32 13.27
CA GLN B 318 -4.52 25.75 13.50
C GLN B 318 -4.04 26.06 14.92
N VAL B 319 -2.91 26.78 15.03
CA VAL B 319 -2.27 26.99 16.32
C VAL B 319 -1.92 28.47 16.50
N TYR B 320 -1.55 28.81 17.72
CA TYR B 320 -0.96 30.08 18.09
C TYR B 320 0.46 29.84 18.57
N ILE B 321 1.37 30.74 18.18
CA ILE B 321 2.76 30.68 18.60
C ILE B 321 2.96 31.81 19.62
N ASN B 322 3.21 31.43 20.88
CA ASN B 322 3.39 32.40 21.94
C ASN B 322 4.86 32.46 22.35
N PHE B 323 5.32 33.65 22.69
CA PHE B 323 6.67 33.86 23.20
C PHE B 323 6.64 33.85 24.72
N VAL B 324 7.60 33.16 25.32
CA VAL B 324 7.67 32.99 26.76
C VAL B 324 8.58 34.06 27.33
N ALA B 325 8.00 35.02 28.05
CA ALA B 325 8.78 36.05 28.75
C ALA B 325 9.20 35.57 30.13
N SER B 326 8.24 35.14 30.95
CA SER B 326 8.49 34.54 32.25
C SER B 326 7.80 33.18 32.30
N LYS B 327 7.89 32.52 33.45
CA LYS B 327 7.23 31.23 33.62
C LYS B 327 5.72 31.37 33.53
N THR B 328 5.18 32.52 33.92
CA THR B 328 3.73 32.74 33.94
C THR B 328 3.23 33.63 32.80
N HIS B 329 4.07 34.51 32.26
CA HIS B 329 3.66 35.49 31.27
C HIS B 329 4.00 35.01 29.86
N LEU B 330 3.00 34.95 29.00
CA LEU B 330 3.15 34.55 27.60
C LEU B 330 2.53 35.62 26.72
N PHE B 331 3.19 35.92 25.60
CA PHE B 331 2.73 36.97 24.70
C PHE B 331 2.67 36.46 23.27
N PRO B 332 1.55 36.61 22.58
CA PRO B 332 1.44 36.02 21.24
C PRO B 332 2.41 36.65 20.25
N LEU B 333 2.86 35.82 19.30
CA LEU B 333 3.68 36.27 18.19
C LEU B 333 2.80 36.52 16.99
N TYR B 334 3.03 37.64 16.30
CA TYR B 334 2.20 38.00 15.17
C TYR B 334 3.07 38.56 14.05
N ALA B 335 2.49 38.67 12.86
CA ALA B 335 3.16 39.24 11.71
C ALA B 335 2.67 40.66 11.49
N ASP B 336 3.57 41.63 11.61
CA ASP B 336 3.21 43.04 11.47
C ASP B 336 2.92 43.32 10.00
N THR B 337 1.64 43.39 9.65
CA THR B 337 1.21 43.72 8.30
C THR B 337 1.11 45.22 8.07
N ALA B 338 1.48 46.03 9.05
CA ALA B 338 1.40 47.48 8.93
C ALA B 338 2.71 48.05 8.38
N THR B 339 3.08 47.54 7.21
CA THR B 339 4.30 47.98 6.54
C THR B 339 4.17 47.78 5.04
N THR B 340 4.94 48.54 4.29
CA THR B 340 4.92 48.49 2.84
C THR B 340 5.77 47.35 2.27
N ASN B 341 6.61 46.72 3.09
CA ASN B 341 7.44 45.62 2.63
C ASN B 341 6.59 44.42 2.24
N LYS B 342 7.16 43.56 1.39
CA LYS B 342 6.47 42.33 1.01
C LYS B 342 6.49 41.33 2.15
N GLU B 343 7.64 41.17 2.81
CA GLU B 343 7.77 40.29 3.95
C GLU B 343 7.36 41.02 5.23
N LYS B 344 6.64 40.32 6.10
CA LYS B 344 6.11 40.91 7.32
C LYS B 344 6.97 40.46 8.50
N THR B 345 7.55 41.42 9.22
CA THR B 345 8.39 41.11 10.36
C THR B 345 7.57 40.53 11.50
N ILE B 346 8.16 39.59 12.22
CA ILE B 346 7.49 38.94 13.35
C ILE B 346 7.71 39.79 14.59
N LYS B 347 6.61 40.16 15.25
CA LYS B 347 6.63 40.99 16.44
C LYS B 347 5.93 40.28 17.60
N ILE B 348 6.22 40.79 18.80
CA ILE B 348 5.63 40.28 20.03
C ILE B 348 4.54 41.24 20.48
N SER B 349 3.34 40.70 20.72
CA SER B 349 2.20 41.50 21.16
C SER B 349 2.21 41.57 22.68
N SER B 350 2.69 42.70 23.21
CA SER B 350 2.73 42.89 24.66
C SER B 350 1.34 43.02 25.27
N SER B 351 0.34 43.44 24.48
CA SER B 351 -1.02 43.58 25.00
C SER B 351 -1.75 42.25 25.11
N GLY B 352 -1.31 41.24 24.35
CA GLY B 352 -2.03 39.98 24.26
C GLY B 352 -2.92 39.87 23.05
N ASN B 353 -2.98 40.90 22.21
CA ASN B 353 -3.82 40.86 21.03
C ASN B 353 -3.19 39.96 19.98
N ARG B 354 -3.97 38.99 19.49
CA ARG B 354 -3.50 38.10 18.44
C ARG B 354 -3.46 38.77 17.07
N PHE B 355 -3.99 39.98 16.96
CA PHE B 355 -4.05 40.72 15.69
C PHE B 355 -4.82 39.93 14.63
N ASN B 356 -5.75 39.10 15.08
CA ASN B 356 -6.66 38.36 14.22
C ASN B 356 -5.91 37.46 13.24
N GLN B 357 -4.89 36.77 13.74
CA GLN B 357 -4.06 35.90 12.94
C GLN B 357 -3.99 34.51 13.58
N VAL B 358 -3.65 33.52 12.75
CA VAL B 358 -3.42 32.14 13.19
C VAL B 358 -2.17 31.62 12.51
N VAL B 359 -1.71 30.46 12.97
CA VAL B 359 -0.52 29.81 12.43
C VAL B 359 -0.90 28.38 12.08
N VAL B 360 -0.55 27.95 10.86
CA VAL B 360 -0.79 26.60 10.39
C VAL B 360 0.52 25.83 10.43
N MET B 361 0.52 24.69 11.12
CA MET B 361 1.70 23.84 11.22
C MET B 361 1.76 22.86 10.05
N ASN B 362 2.97 22.60 9.57
CA ASN B 362 3.19 21.57 8.56
C ASN B 362 4.62 21.06 8.71
N SER B 363 4.97 20.05 7.91
CA SER B 363 6.31 19.49 8.06
C SER B 363 6.75 18.81 6.78
N VAL B 364 8.06 18.85 6.55
CA VAL B 364 8.74 18.02 5.58
C VAL B 364 9.75 17.17 6.35
N GLY B 365 9.46 15.88 6.49
CA GLY B 365 10.32 15.00 7.25
C GLY B 365 10.35 15.42 8.70
N ASN B 366 11.55 15.73 9.20
CA ASN B 366 11.72 16.21 10.57
C ASN B 366 11.64 17.73 10.68
N ASN B 367 11.64 18.44 9.55
CA ASN B 367 11.62 19.90 9.57
C ASN B 367 10.19 20.42 9.58
N CYS B 368 9.97 21.49 10.34
CA CYS B 368 8.63 22.04 10.53
C CYS B 368 8.51 23.41 9.87
N THR B 369 7.31 23.70 9.37
CA THR B 369 6.97 24.98 8.78
C THR B 369 5.76 25.58 9.47
N MET B 370 5.76 26.91 9.56
CA MET B 370 4.74 27.67 10.29
C MET B 370 4.21 28.75 9.36
N ASN B 371 2.98 28.57 8.87
CA ASN B 371 2.38 29.53 7.95
C ASN B 371 1.52 30.51 8.74
N PHE B 372 1.98 31.75 8.86
CA PHE B 372 1.17 32.82 9.41
C PHE B 372 0.07 33.19 8.42
N LYS B 373 -1.17 33.21 8.89
CA LYS B 373 -2.33 33.46 8.04
C LYS B 373 -3.29 34.39 8.77
N ASN B 374 -4.02 35.20 8.00
CA ASN B 374 -5.08 36.01 8.56
C ASN B 374 -6.32 35.15 8.83
N ASN B 375 -7.17 35.62 9.74
CA ASN B 375 -8.37 34.87 10.11
C ASN B 375 -9.37 34.79 8.96
N ASN B 376 -9.29 35.69 7.99
CA ASN B 376 -10.18 35.68 6.84
C ASN B 376 -9.77 34.65 5.79
N GLY B 377 -8.69 33.91 6.02
CA GLY B 377 -8.21 32.91 5.09
C GLY B 377 -7.08 33.35 4.20
N ASN B 378 -6.71 34.63 4.24
CA ASN B 378 -5.65 35.13 3.38
C ASN B 378 -4.28 34.77 3.96
N ASN B 379 -3.33 34.53 3.07
CA ASN B 379 -2.00 34.11 3.48
C ASN B 379 -1.12 35.32 3.81
N ILE B 380 -0.37 35.20 4.90
CA ILE B 380 0.65 36.18 5.25
C ILE B 380 2.05 35.66 4.92
N GLY B 381 2.33 34.40 5.23
CA GLY B 381 3.54 33.78 4.74
C GLY B 381 4.13 32.78 5.71
N LEU B 382 5.05 31.96 5.19
CA LEU B 382 5.81 31.04 6.01
C LEU B 382 6.82 31.79 6.87
N LEU B 383 7.14 31.21 8.02
CA LEU B 383 8.13 31.79 8.93
C LEU B 383 9.53 31.54 8.40
N GLY B 384 10.24 32.62 8.10
CA GLY B 384 11.62 32.54 7.66
C GLY B 384 12.35 33.73 8.20
N PHE B 385 13.40 34.16 7.49
CA PHE B 385 14.19 35.29 7.93
C PHE B 385 14.65 36.10 6.72
N LYS B 386 14.85 37.40 6.95
CA LYS B 386 15.41 38.29 5.95
C LYS B 386 16.48 39.15 6.62
N ALA B 387 17.70 39.09 6.10
CA ALA B 387 18.83 39.84 6.63
C ALA B 387 19.03 39.59 8.11
N ASP B 388 18.51 40.49 8.95
CA ASP B 388 18.71 40.42 10.39
C ASP B 388 17.47 39.99 11.16
N THR B 389 16.30 39.92 10.52
CA THR B 389 15.05 39.83 11.25
C THR B 389 14.24 38.63 10.79
N VAL B 390 13.66 37.91 11.77
CA VAL B 390 12.71 36.85 11.47
C VAL B 390 11.44 37.46 10.91
N VAL B 391 11.00 36.99 9.74
CA VAL B 391 9.88 37.55 9.02
C VAL B 391 8.93 36.44 8.61
N ALA B 392 7.78 36.84 8.07
CA ALA B 392 6.83 35.94 7.42
C ALA B 392 6.73 36.33 5.95
N SER B 393 6.98 35.38 5.05
CA SER B 393 7.08 35.67 3.62
C SER B 393 6.37 34.59 2.82
N THR B 394 5.69 35.01 1.75
CA THR B 394 5.01 34.08 0.86
C THR B 394 5.92 33.53 -0.23
N TRP B 395 7.13 34.06 -0.37
CA TRP B 395 8.05 33.58 -1.40
C TRP B 395 8.32 32.10 -1.23
N TYR B 396 8.44 31.64 0.02
CA TYR B 396 8.71 30.24 0.29
C TYR B 396 7.65 29.32 -0.30
N TYR B 397 6.48 29.86 -0.65
CA TYR B 397 5.44 29.03 -1.25
C TYR B 397 5.90 28.43 -2.57
N THR B 398 6.64 29.21 -3.37
CA THR B 398 7.02 28.76 -4.71
C THR B 398 8.48 28.34 -4.80
N HIS B 399 9.20 28.32 -3.68
CA HIS B 399 10.61 27.94 -3.68
C HIS B 399 10.89 27.04 -2.48
N MET B 400 10.06 26.01 -2.31
CA MET B 400 10.29 25.03 -1.26
C MET B 400 11.52 24.17 -1.53
N ARG B 401 12.00 24.14 -2.77
CA ARG B 401 13.18 23.37 -3.13
C ARG B 401 13.93 24.09 -4.25
N ASP B 402 15.11 23.56 -4.56
CA ASP B 402 15.91 24.00 -5.71
C ASP B 402 16.32 25.46 -5.60
N HIS B 403 16.55 25.94 -4.37
CA HIS B 403 17.08 27.27 -4.15
C HIS B 403 17.92 27.24 -2.88
N THR B 404 19.00 28.04 -2.88
CA THR B 404 19.88 28.09 -1.72
C THR B 404 19.18 28.61 -0.48
N ASN B 405 18.07 29.33 -0.65
CA ASN B 405 17.33 29.92 0.46
C ASN B 405 16.05 29.14 0.79
N SER B 406 15.90 27.93 0.25
CA SER B 406 14.65 27.20 0.44
C SER B 406 14.48 26.75 1.88
N ASN B 407 15.58 26.39 2.55
CA ASN B 407 15.50 25.86 3.91
C ASN B 407 15.33 26.95 4.96
N GLY B 408 15.18 28.22 4.56
CA GLY B 408 14.97 29.28 5.54
C GLY B 408 13.65 29.20 6.27
N CYS B 409 12.68 28.49 5.71
CA CYS B 409 11.37 28.35 6.32
C CYS B 409 11.23 27.08 7.15
N PHE B 410 12.29 26.28 7.27
CA PHE B 410 12.27 25.04 8.04
C PHE B 410 12.84 25.31 9.43
N TRP B 411 12.12 24.85 10.46
CA TRP B 411 12.49 25.11 11.84
C TRP B 411 12.46 23.83 12.65
N ASN B 412 13.32 23.78 13.67
CA ASN B 412 13.36 22.70 14.65
C ASN B 412 13.12 23.26 16.04
N PHE B 413 12.39 22.49 16.85
CA PHE B 413 12.00 22.88 18.20
C PHE B 413 12.85 22.08 19.18
N ILE B 414 13.71 22.77 19.92
CA ILE B 414 14.63 22.14 20.86
C ILE B 414 14.02 22.19 22.26
N SER B 415 13.81 21.03 22.86
CA SER B 415 13.30 20.95 24.22
C SER B 415 14.46 20.72 25.18
N GLU B 416 14.48 21.48 26.27
CA GLU B 416 15.53 21.35 27.28
C GLU B 416 15.30 20.07 28.07
N GLU B 417 16.20 19.10 27.91
CA GLU B 417 16.06 17.78 28.49
C GLU B 417 17.32 17.41 29.26
N HIS B 418 17.22 16.33 30.03
CA HIS B 418 18.34 15.88 30.85
C HIS B 418 19.41 15.20 30.01
N GLY B 419 19.05 14.62 28.87
CA GLY B 419 20.01 13.90 28.06
C GLY B 419 21.04 14.79 27.39
N TRP B 420 20.76 16.09 27.26
CA TRP B 420 21.68 17.05 26.68
C TRP B 420 21.92 18.16 27.69
N GLN B 421 23.10 18.17 28.30
CA GLN B 421 23.45 19.14 29.32
C GLN B 421 24.53 20.07 28.80
N GLU B 422 24.28 21.38 28.90
CA GLU B 422 25.29 22.39 28.57
C GLU B 422 25.24 23.48 29.63
N LYS B 423 26.38 23.73 30.27
CA LYS B 423 26.46 24.75 31.31
C LYS B 423 27.62 25.70 31.04
N GLN C 4 8.75 -58.33 -3.27
CA GLN C 4 7.79 -57.69 -4.17
C GLN C 4 8.51 -56.96 -5.31
N LEU C 5 9.71 -56.48 -5.01
CA LEU C 5 10.55 -55.75 -5.95
C LEU C 5 11.65 -56.66 -6.44
N VAL C 6 11.73 -56.88 -7.74
CA VAL C 6 12.69 -57.80 -8.34
C VAL C 6 13.48 -57.05 -9.42
N GLU C 7 14.80 -57.27 -9.42
CA GLU C 7 15.73 -56.63 -10.33
C GLU C 7 16.26 -57.63 -11.34
N THR C 8 16.69 -57.11 -12.49
CA THR C 8 17.24 -57.97 -13.54
C THR C 8 18.23 -57.17 -14.37
N GLY C 9 19.20 -57.86 -14.97
CA GLY C 9 20.14 -57.24 -15.88
C GLY C 9 21.58 -57.21 -15.42
N GLY C 10 21.90 -57.74 -14.23
CA GLY C 10 23.25 -57.71 -13.74
C GLY C 10 24.07 -58.91 -14.19
N GLY C 11 25.39 -58.71 -14.24
CA GLY C 11 26.27 -59.79 -14.63
C GLY C 11 27.70 -59.34 -14.71
N LEU C 12 28.51 -60.14 -15.40
CA LEU C 12 29.93 -59.87 -15.56
C LEU C 12 30.18 -59.14 -16.89
N VAL C 13 30.95 -58.06 -16.82
CA VAL C 13 31.36 -57.30 -17.99
C VAL C 13 32.82 -56.91 -17.82
N LYS C 14 33.48 -56.65 -18.94
CA LYS C 14 34.86 -56.20 -18.89
C LYS C 14 34.92 -54.70 -18.73
N PRO C 15 36.05 -54.16 -18.20
CA PRO C 15 36.18 -52.71 -18.04
C PRO C 15 35.91 -51.94 -19.32
N GLY C 16 34.87 -51.10 -19.30
CA GLY C 16 34.42 -50.36 -20.45
C GLY C 16 33.12 -50.87 -21.04
N GLY C 17 32.61 -52.00 -20.57
CA GLY C 17 31.40 -52.58 -21.10
C GLY C 17 30.13 -51.83 -20.75
N SER C 18 28.98 -52.48 -20.89
CA SER C 18 27.71 -51.83 -20.66
C SER C 18 26.71 -52.83 -20.08
N LEU C 19 25.75 -52.29 -19.32
CA LEU C 19 24.68 -53.08 -18.72
C LEU C 19 23.43 -52.23 -18.65
N ARG C 20 22.28 -52.90 -18.56
CA ARG C 20 20.99 -52.22 -18.42
C ARG C 20 20.19 -52.91 -17.32
N LEU C 21 20.17 -52.31 -16.13
CA LEU C 21 19.39 -52.86 -15.04
C LEU C 21 17.93 -52.42 -15.17
N SER C 22 17.02 -53.36 -14.94
CA SER C 22 15.60 -53.08 -14.96
C SER C 22 14.96 -53.57 -13.67
N CYS C 23 13.88 -52.90 -13.29
CA CYS C 23 13.18 -53.14 -12.03
C CYS C 23 11.70 -52.96 -12.29
N VAL C 24 10.95 -54.05 -12.34
CA VAL C 24 9.53 -54.00 -12.62
C VAL C 24 8.77 -53.84 -11.30
N VAL C 25 7.76 -52.98 -11.29
CA VAL C 25 7.07 -52.59 -10.07
C VAL C 25 5.61 -52.99 -10.20
N SER C 26 5.07 -53.60 -9.14
CA SER C 26 3.66 -53.97 -9.06
C SER C 26 3.12 -53.51 -7.72
N GLY C 27 1.99 -52.81 -7.75
CA GLY C 27 1.30 -52.35 -6.56
C GLY C 27 1.25 -50.86 -6.38
N PHE C 28 2.17 -50.11 -7.00
CA PHE C 28 2.15 -48.66 -6.93
C PHE C 28 2.73 -48.09 -8.22
N THR C 29 2.36 -46.84 -8.50
CA THR C 29 2.87 -46.11 -9.65
C THR C 29 3.97 -45.15 -9.21
N PHE C 30 4.78 -44.74 -10.18
CA PHE C 30 5.89 -43.84 -9.90
C PHE C 30 5.46 -42.40 -9.69
N ASP C 31 4.16 -42.11 -9.77
CA ASP C 31 3.69 -40.75 -9.48
C ASP C 31 3.72 -40.45 -7.99
N ASP C 32 3.55 -41.47 -7.15
CA ASP C 32 3.54 -41.30 -5.70
C ASP C 32 4.83 -41.73 -5.02
N TYR C 33 5.82 -42.19 -5.79
CA TYR C 33 7.06 -42.66 -5.21
C TYR C 33 8.26 -42.22 -6.06
N ARG C 34 9.34 -41.89 -5.38
CA ARG C 34 10.62 -41.58 -5.99
C ARG C 34 11.47 -42.84 -6.02
N MET C 35 12.06 -43.15 -7.18
CA MET C 35 12.80 -44.39 -7.32
C MET C 35 14.29 -44.14 -7.16
N ALA C 36 15.01 -45.19 -6.77
CA ALA C 36 16.43 -45.05 -6.48
C ALA C 36 17.15 -46.36 -6.70
N TRP C 37 18.44 -46.25 -7.00
CA TRP C 37 19.36 -47.38 -7.11
C TRP C 37 20.44 -47.21 -6.07
N VAL C 38 20.68 -48.26 -5.27
CA VAL C 38 21.66 -48.24 -4.19
C VAL C 38 22.60 -49.43 -4.35
N ARG C 39 23.89 -49.20 -4.15
CA ARG C 39 24.88 -50.26 -4.34
C ARG C 39 25.46 -50.71 -3.00
N GLN C 40 25.91 -51.97 -2.98
CA GLN C 40 26.50 -52.59 -1.79
C GLN C 40 27.73 -53.37 -2.21
N ALA C 41 28.90 -52.87 -1.84
CA ALA C 41 30.17 -53.57 -2.00
C ALA C 41 30.32 -54.63 -0.90
N PRO C 42 31.01 -55.74 -1.18
CA PRO C 42 31.09 -56.82 -0.18
C PRO C 42 31.64 -56.41 1.18
N GLY C 43 32.69 -55.59 1.21
CA GLY C 43 33.24 -55.16 2.49
C GLY C 43 32.97 -53.70 2.79
N LYS C 44 31.83 -53.19 2.31
CA LYS C 44 31.48 -51.80 2.50
C LYS C 44 29.99 -51.73 2.82
N GLU C 45 29.55 -50.54 3.22
CA GLU C 45 28.15 -50.29 3.54
C GLU C 45 27.40 -49.82 2.30
N LEU C 46 26.10 -49.61 2.45
CA LEU C 46 25.24 -49.22 1.34
C LEU C 46 25.60 -47.83 0.83
N GLU C 47 25.73 -47.70 -0.49
CA GLU C 47 26.10 -46.46 -1.14
C GLU C 47 25.04 -46.12 -2.18
N TRP C 48 24.41 -44.96 -2.03
CA TRP C 48 23.35 -44.55 -2.94
C TRP C 48 23.94 -44.22 -4.32
N VAL C 49 23.31 -44.73 -5.37
CA VAL C 49 23.81 -44.55 -6.72
C VAL C 49 23.01 -43.46 -7.43
N SER C 50 21.71 -43.64 -7.54
CA SER C 50 20.92 -42.71 -8.35
C SER C 50 19.50 -42.62 -7.82
N SER C 51 18.79 -41.58 -8.28
CA SER C 51 17.40 -41.36 -7.89
C SER C 51 16.67 -40.60 -8.99
N ILE C 52 15.39 -40.89 -9.14
CA ILE C 52 14.55 -40.27 -10.17
C ILE C 52 13.17 -39.95 -9.59
N ASP C 53 12.65 -38.79 -9.98
CA ASP C 53 11.27 -38.39 -9.75
C ASP C 53 10.53 -38.43 -11.07
N SER C 54 9.33 -39.02 -11.07
CA SER C 54 8.56 -39.14 -12.30
C SER C 54 7.64 -37.96 -12.56
N TRP C 55 7.17 -37.29 -11.50
CA TRP C 55 6.33 -36.12 -11.69
C TRP C 55 7.12 -34.98 -12.33
N SER C 56 8.32 -34.72 -11.81
CA SER C 56 9.26 -33.79 -12.41
C SER C 56 10.52 -34.57 -12.76
N ILE C 57 10.93 -34.49 -14.03
CA ILE C 57 11.93 -35.40 -14.58
C ILE C 57 13.32 -35.07 -14.05
N ASN C 58 13.39 -34.27 -12.99
CA ASN C 58 14.66 -34.02 -12.32
C ASN C 58 15.24 -35.32 -11.78
N THR C 59 16.45 -35.66 -12.21
CA THR C 59 17.16 -36.85 -11.75
C THR C 59 18.36 -36.45 -10.91
N TYR C 60 18.84 -37.39 -10.10
CA TYR C 60 19.94 -37.15 -9.18
C TYR C 60 20.94 -38.29 -9.28
N TYR C 61 22.22 -37.95 -9.38
CA TYR C 61 23.30 -38.91 -9.52
C TYR C 61 24.39 -38.60 -8.50
N GLU C 62 25.21 -39.61 -8.22
CA GLU C 62 26.35 -39.47 -7.34
C GLU C 62 27.60 -39.11 -8.17
N ASP C 63 28.57 -38.47 -7.51
CA ASP C 63 29.70 -37.90 -8.24
C ASP C 63 30.51 -38.98 -8.95
N SER C 64 30.81 -40.08 -8.26
CA SER C 64 31.60 -41.15 -8.88
C SER C 64 30.81 -41.91 -9.93
N VAL C 65 29.56 -41.51 -10.17
CA VAL C 65 28.67 -42.23 -11.07
C VAL C 65 28.12 -41.36 -12.18
N LYS C 66 28.07 -40.04 -12.01
CA LYS C 66 27.48 -39.16 -13.01
C LYS C 66 28.22 -39.24 -14.34
N GLY C 67 27.48 -39.12 -15.44
CA GLY C 67 28.02 -39.17 -16.78
C GLY C 67 28.03 -40.56 -17.40
N ARG C 68 28.34 -41.57 -16.59
CA ARG C 68 28.39 -42.95 -17.06
C ARG C 68 27.06 -43.69 -16.87
N PHE C 69 26.28 -43.31 -15.87
CA PHE C 69 25.02 -43.97 -15.56
C PHE C 69 23.87 -43.03 -15.90
N THR C 70 22.76 -43.62 -16.33
CA THR C 70 21.56 -42.84 -16.67
C THR C 70 20.34 -43.56 -16.11
N ILE C 71 19.61 -42.89 -15.24
CA ILE C 71 18.41 -43.46 -14.64
C ILE C 71 17.21 -43.05 -15.48
N SER C 72 16.23 -43.96 -15.62
CA SER C 72 15.13 -43.74 -16.55
C SER C 72 13.88 -44.41 -16.02
N THR C 73 12.74 -44.00 -16.58
CA THR C 73 11.44 -44.48 -16.13
C THR C 73 10.51 -44.60 -17.32
N ASP C 74 9.81 -45.73 -17.41
CA ASP C 74 8.85 -45.95 -18.50
C ASP C 74 7.51 -45.28 -18.21
N ASN C 75 7.04 -45.38 -16.97
CA ASN C 75 5.75 -44.86 -16.53
C ASN C 75 4.57 -45.53 -17.25
N ALA C 76 4.76 -45.90 -18.51
CA ALA C 76 3.74 -46.62 -19.25
C ALA C 76 3.77 -48.12 -18.99
N LYS C 77 4.87 -48.65 -18.45
CA LYS C 77 4.94 -50.05 -18.05
C LYS C 77 5.42 -50.22 -16.62
N ASN C 78 5.50 -49.15 -15.84
CA ASN C 78 5.84 -49.20 -14.42
C ASN C 78 7.19 -49.86 -14.15
N THR C 79 8.16 -49.70 -15.05
CA THR C 79 9.48 -50.30 -14.91
C THR C 79 10.54 -49.21 -14.86
N LEU C 80 11.46 -49.33 -13.91
CA LEU C 80 12.58 -48.42 -13.72
C LEU C 80 13.83 -48.99 -14.36
N TYR C 81 14.60 -48.12 -15.03
CA TYR C 81 15.81 -48.54 -15.72
C TYR C 81 17.02 -47.78 -15.20
N LEU C 82 18.18 -48.44 -15.27
CA LEU C 82 19.48 -47.82 -14.98
C LEU C 82 20.44 -48.32 -16.06
N GLN C 83 20.75 -47.46 -17.01
CA GLN C 83 21.69 -47.76 -18.09
C GLN C 83 23.09 -47.42 -17.62
N MET C 84 23.92 -48.44 -17.43
CA MET C 84 25.29 -48.28 -16.98
C MET C 84 26.23 -48.47 -18.16
N SER C 85 27.10 -47.48 -18.39
CA SER C 85 28.06 -47.54 -19.48
C SER C 85 29.43 -47.11 -18.97
N SER C 86 30.46 -47.57 -19.67
CA SER C 86 31.85 -47.29 -19.29
C SER C 86 32.12 -47.73 -17.85
N LEU C 87 31.82 -48.99 -17.57
CA LEU C 87 31.88 -49.50 -16.21
C LEU C 87 33.31 -49.63 -15.74
N LYS C 88 33.54 -49.21 -14.49
CA LYS C 88 34.83 -49.33 -13.82
C LYS C 88 34.79 -50.49 -12.84
N PRO C 89 35.95 -51.04 -12.47
CA PRO C 89 35.95 -52.14 -11.49
C PRO C 89 35.41 -51.74 -10.12
N GLU C 90 35.31 -50.44 -9.84
CA GLU C 90 34.71 -49.99 -8.58
C GLU C 90 33.21 -50.19 -8.53
N ASP C 91 32.57 -50.44 -9.68
CA ASP C 91 31.13 -50.63 -9.75
C ASP C 91 30.70 -52.06 -9.42
N THR C 92 31.64 -52.96 -9.17
CA THR C 92 31.32 -54.34 -8.84
C THR C 92 30.65 -54.37 -7.48
N ALA C 93 29.33 -54.58 -7.48
CA ALA C 93 28.54 -54.51 -6.25
C ALA C 93 27.18 -55.15 -6.52
N VAL C 94 26.41 -55.33 -5.45
CA VAL C 94 25.01 -55.70 -5.57
C VAL C 94 24.19 -54.43 -5.66
N TYR C 95 23.35 -54.32 -6.69
CA TYR C 95 22.55 -53.14 -6.93
C TYR C 95 21.10 -53.43 -6.57
N TYR C 96 20.51 -52.56 -5.76
CA TYR C 96 19.18 -52.72 -5.22
C TYR C 96 18.27 -51.61 -5.71
N CYS C 97 17.04 -52.00 -6.05
CA CYS C 97 15.96 -51.09 -6.37
C CYS C 97 15.30 -50.60 -5.08
N ALA C 98 15.00 -49.31 -5.02
CA ALA C 98 14.41 -48.73 -3.82
C ALA C 98 13.34 -47.72 -4.20
N ALA C 99 12.33 -47.59 -3.33
CA ALA C 99 11.22 -46.67 -3.55
C ALA C 99 10.97 -45.89 -2.27
N GLU C 100 10.96 -44.56 -2.38
CA GLU C 100 10.71 -43.68 -1.24
C GLU C 100 9.41 -42.92 -1.47
N ASP C 101 8.60 -42.81 -0.41
CA ASP C 101 7.40 -41.99 -0.49
C ASP C 101 7.79 -40.54 -0.76
N ARG C 102 7.24 -39.97 -1.84
CA ARG C 102 7.62 -38.62 -2.24
C ARG C 102 7.21 -37.56 -1.23
N LEU C 103 6.18 -37.84 -0.42
CA LEU C 103 5.69 -36.85 0.54
C LEU C 103 6.57 -36.74 1.77
N GLY C 104 7.54 -37.62 1.95
CA GLY C 104 8.46 -37.53 3.07
C GLY C 104 9.51 -36.46 2.86
N VAL C 105 10.44 -36.39 3.81
CA VAL C 105 11.54 -35.44 3.73
C VAL C 105 12.43 -35.82 2.56
N PRO C 106 12.63 -34.93 1.58
CA PRO C 106 13.30 -35.32 0.33
C PRO C 106 14.82 -35.32 0.42
N THR C 107 15.36 -35.42 1.64
CA THR C 107 16.81 -35.53 1.78
C THR C 107 17.29 -36.88 1.25
N ILE C 108 18.54 -36.88 0.75
CA ILE C 108 19.17 -38.09 0.24
C ILE C 108 20.42 -38.34 1.07
N ASN C 109 20.53 -39.56 1.62
CA ASN C 109 21.68 -39.95 2.41
C ASN C 109 22.63 -40.79 1.56
N ALA C 110 23.91 -40.47 1.63
CA ALA C 110 24.89 -41.22 0.85
C ALA C 110 25.08 -42.63 1.39
N HIS C 111 24.89 -42.82 2.70
CA HIS C 111 24.99 -44.12 3.35
C HIS C 111 23.65 -44.39 4.03
N PRO C 112 22.63 -44.79 3.28
CA PRO C 112 21.29 -44.93 3.86
C PRO C 112 21.11 -46.23 4.62
N SER C 113 20.20 -46.19 5.59
CA SER C 113 19.79 -47.38 6.32
C SER C 113 18.53 -47.95 5.66
N LYS C 114 17.91 -48.96 6.28
CA LYS C 114 16.74 -49.59 5.70
C LYS C 114 15.49 -48.73 5.80
N TYR C 115 15.44 -47.79 6.74
CA TYR C 115 14.27 -46.94 6.93
C TYR C 115 14.28 -45.72 6.03
N ASP C 116 15.30 -45.55 5.18
CA ASP C 116 15.36 -44.41 4.28
C ASP C 116 14.54 -44.60 3.01
N TYR C 117 14.02 -45.81 2.78
CA TYR C 117 13.17 -46.09 1.62
C TYR C 117 12.04 -47.02 2.05
N ASN C 118 10.92 -46.93 1.33
CA ASN C 118 9.75 -47.73 1.68
C ASN C 118 9.96 -49.19 1.34
N TYR C 119 10.32 -49.49 0.09
CA TYR C 119 10.49 -50.87 -0.38
C TYR C 119 11.89 -51.03 -0.95
N TRP C 120 12.55 -52.12 -0.55
CA TRP C 120 13.83 -52.52 -1.13
C TRP C 120 13.62 -53.75 -2.00
N GLY C 121 14.46 -53.90 -3.02
CA GLY C 121 14.39 -55.03 -3.91
C GLY C 121 15.18 -56.22 -3.41
N GLN C 122 15.37 -57.19 -4.31
CA GLN C 122 16.16 -58.38 -3.99
C GLN C 122 17.63 -58.21 -4.33
N GLY C 123 17.97 -57.28 -5.23
CA GLY C 123 19.34 -57.03 -5.58
C GLY C 123 19.86 -57.90 -6.71
N THR C 124 20.53 -57.29 -7.68
CA THR C 124 21.18 -57.99 -8.76
C THR C 124 22.68 -57.69 -8.73
N GLN C 125 23.49 -58.72 -8.99
CA GLN C 125 24.94 -58.60 -8.86
C GLN C 125 25.55 -58.12 -10.17
N VAL C 126 26.41 -57.10 -10.08
CA VAL C 126 27.17 -56.62 -11.23
C VAL C 126 28.65 -56.74 -10.90
N THR C 127 29.39 -57.42 -11.76
CA THR C 127 30.80 -57.70 -11.54
C THR C 127 31.62 -57.21 -12.73
N VAL C 128 32.63 -56.38 -12.46
CA VAL C 128 33.54 -55.87 -13.47
C VAL C 128 34.91 -56.46 -13.18
N SER C 129 35.35 -57.38 -14.02
CA SER C 129 36.63 -58.06 -13.82
C SER C 129 37.34 -58.20 -15.17
N SER C 130 38.65 -58.34 -15.11
CA SER C 130 39.47 -58.49 -16.32
C SER C 130 39.57 -59.96 -16.74
N LYS D 19 -14.91 -4.11 16.07
CA LYS D 19 -15.03 -3.81 17.48
C LYS D 19 -16.08 -2.72 17.72
N SER D 20 -15.85 -1.55 17.12
CA SER D 20 -16.79 -0.45 17.28
C SER D 20 -18.14 -0.76 16.65
N SER D 21 -18.16 -1.63 15.63
CA SER D 21 -19.41 -1.99 14.98
C SER D 21 -20.21 -3.03 15.75
N SER D 22 -19.67 -3.59 16.83
CA SER D 22 -20.38 -4.59 17.60
C SER D 22 -21.55 -3.97 18.34
N VAL D 23 -22.70 -4.63 18.27
CA VAL D 23 -23.85 -4.27 19.10
C VAL D 23 -24.32 -5.42 19.98
N LEU D 24 -23.76 -6.62 19.81
CA LEU D 24 -24.07 -7.72 20.73
C LEU D 24 -22.90 -8.68 20.77
N ASN D 25 -22.35 -8.91 21.96
CA ASN D 25 -21.24 -9.84 22.15
C ASN D 25 -21.53 -10.74 23.35
N MET D 26 -21.85 -12.00 23.09
CA MET D 26 -22.16 -12.96 24.14
C MET D 26 -20.86 -13.57 24.65
N ARG D 27 -20.46 -13.25 25.87
CA ARG D 27 -19.24 -13.79 26.45
C ARG D 27 -19.51 -14.28 27.87
N TYR D 28 -18.69 -15.23 28.31
CA TYR D 28 -18.81 -15.78 29.66
C TYR D 28 -18.02 -14.89 30.60
N LYS D 29 -18.61 -14.56 31.74
CA LYS D 29 -17.96 -13.75 32.76
C LYS D 29 -18.68 -13.97 34.08
N ASN D 30 -17.89 -14.13 35.14
CA ASN D 30 -18.38 -14.17 36.52
C ASN D 30 -19.61 -15.06 36.64
N ASP D 31 -19.40 -16.33 36.32
CA ASP D 31 -20.35 -17.43 36.47
C ASP D 31 -21.58 -17.36 35.58
N LYS D 32 -21.65 -16.44 34.61
CA LYS D 32 -22.81 -16.45 33.73
C LYS D 32 -22.40 -15.92 32.36
N TYR D 33 -23.37 -15.80 31.47
CA TYR D 33 -23.16 -15.26 30.14
C TYR D 33 -23.73 -13.85 30.10
N VAL D 34 -22.95 -12.91 29.58
CA VAL D 34 -23.30 -11.50 29.57
C VAL D 34 -23.02 -10.92 28.19
N ASP D 35 -23.55 -9.71 27.97
CA ASP D 35 -23.31 -8.94 26.77
C ASP D 35 -22.22 -7.92 27.08
N THR D 36 -21.09 -8.02 26.38
CA THR D 36 -19.95 -7.15 26.60
C THR D 36 -19.84 -6.05 25.56
N SER D 37 -20.91 -5.80 24.81
CA SER D 37 -20.89 -4.73 23.81
C SER D 37 -21.17 -3.37 24.41
N GLY D 38 -21.83 -3.32 25.57
CA GLY D 38 -22.19 -2.06 26.21
C GLY D 38 -23.66 -1.71 26.14
N TYR D 39 -24.43 -2.40 25.29
CA TYR D 39 -25.86 -2.12 25.15
C TYR D 39 -26.73 -2.83 26.18
N ASP D 40 -26.15 -3.73 26.97
CA ASP D 40 -26.82 -4.40 28.09
C ASP D 40 -28.04 -5.20 27.62
N SER D 41 -27.75 -6.24 26.85
CA SER D 41 -28.74 -7.25 26.51
C SER D 41 -28.67 -8.36 27.55
N ASN D 42 -29.84 -8.81 28.02
CA ASN D 42 -29.91 -9.75 29.13
CA ASN D 42 -29.90 -9.74 29.13
C ASN D 42 -29.92 -11.18 28.60
N ILE D 43 -28.96 -11.99 29.03
CA ILE D 43 -28.85 -13.37 28.62
C ILE D 43 -29.29 -14.26 29.77
N ASN D 44 -30.12 -15.26 29.47
CA ASN D 44 -30.66 -16.15 30.48
C ASN D 44 -30.52 -17.59 30.01
N ILE D 45 -30.29 -18.49 30.98
CA ILE D 45 -30.13 -19.91 30.73
C ILE D 45 -31.33 -20.63 31.33
N ASN D 46 -31.99 -21.48 30.52
CA ASN D 46 -33.15 -22.23 30.97
C ASN D 46 -32.84 -23.71 30.84
N GLY D 47 -32.76 -24.39 31.98
CA GLY D 47 -32.51 -25.82 32.03
C GLY D 47 -31.05 -26.16 32.26
N ASP D 48 -30.59 -27.26 31.67
CA ASP D 48 -29.22 -27.74 31.83
C ASP D 48 -28.47 -27.43 30.54
N VAL D 49 -27.69 -26.36 30.56
CA VAL D 49 -26.87 -25.96 29.42
C VAL D 49 -25.41 -26.28 29.75
N TYR D 50 -24.82 -27.15 28.95
CA TYR D 50 -23.45 -27.58 29.20
C TYR D 50 -22.48 -26.43 28.94
N LYS D 51 -21.48 -26.31 29.80
CA LYS D 51 -20.42 -25.32 29.67
C LYS D 51 -19.10 -26.06 29.56
N TYR D 52 -18.36 -25.81 28.50
CA TYR D 52 -17.07 -26.47 28.29
C TYR D 52 -16.10 -26.00 29.37
N PRO D 53 -15.49 -26.92 30.13
CA PRO D 53 -14.60 -26.47 31.22
C PRO D 53 -13.32 -25.80 30.73
N THR D 54 -12.84 -26.17 29.56
CA THR D 54 -11.62 -25.57 29.03
C THR D 54 -11.87 -24.23 28.36
N ASN D 55 -13.11 -23.95 27.95
CA ASN D 55 -13.47 -22.67 27.34
C ASN D 55 -14.95 -22.44 27.65
N LYS D 56 -15.23 -21.68 28.70
CA LYS D 56 -16.61 -21.51 29.14
C LYS D 56 -17.42 -20.60 28.24
N ASN D 57 -16.81 -19.96 27.24
CA ASN D 57 -17.57 -19.16 26.29
C ASN D 57 -18.41 -20.00 25.33
N GLN D 58 -18.03 -21.26 25.12
CA GLN D 58 -18.77 -22.17 24.26
C GLN D 58 -19.69 -23.04 25.10
N PHE D 59 -20.94 -23.19 24.64
CA PHE D 59 -21.96 -23.91 25.39
C PHE D 59 -22.66 -24.90 24.47
N GLY D 60 -23.29 -25.90 25.09
CA GLY D 60 -24.02 -26.93 24.37
C GLY D 60 -25.48 -26.93 24.78
N ILE D 61 -26.37 -27.09 23.81
CA ILE D 61 -27.80 -27.16 24.04
C ILE D 61 -28.31 -28.50 23.56
N TYR D 62 -29.24 -29.08 24.32
CA TYR D 62 -29.83 -30.38 24.04
C TYR D 62 -31.27 -30.22 23.59
N ASN D 63 -31.87 -31.34 23.18
CA ASN D 63 -33.28 -31.39 22.82
C ASN D 63 -34.04 -32.49 23.54
N ASP D 64 -33.36 -33.35 24.30
CA ASP D 64 -34.03 -34.36 25.10
C ASP D 64 -34.47 -33.84 26.46
N LYS D 65 -34.08 -32.62 26.82
CA LYS D 65 -34.48 -31.98 28.07
C LYS D 65 -34.66 -30.50 27.79
N LEU D 66 -35.12 -29.76 28.80
CA LEU D 66 -35.21 -28.31 28.67
C LEU D 66 -33.80 -27.74 28.69
N SER D 67 -33.38 -27.15 27.58
CA SER D 67 -32.03 -26.60 27.46
C SER D 67 -32.08 -25.51 26.40
N GLU D 68 -32.05 -24.26 26.85
CA GLU D 68 -32.13 -23.14 25.92
C GLU D 68 -31.42 -21.93 26.52
N VAL D 69 -31.01 -21.02 25.62
CA VAL D 69 -30.36 -19.77 26.00
C VAL D 69 -31.12 -18.63 25.32
N ASN D 70 -31.70 -17.74 26.12
CA ASN D 70 -32.55 -16.68 25.61
C ASN D 70 -31.85 -15.34 25.82
N ILE D 71 -31.65 -14.60 24.73
CA ILE D 71 -31.07 -13.26 24.78
C ILE D 71 -32.19 -12.26 24.54
N SER D 72 -32.54 -11.49 25.58
CA SER D 72 -33.43 -10.35 25.45
C SER D 72 -32.60 -9.15 25.01
N GLN D 73 -32.77 -8.75 23.76
CA GLN D 73 -31.99 -7.65 23.20
C GLN D 73 -32.42 -6.33 23.80
N ASN D 74 -31.53 -5.34 23.69
CA ASN D 74 -31.87 -3.98 24.05
C ASN D 74 -32.73 -3.35 22.96
N ASP D 75 -33.63 -2.46 23.37
CA ASP D 75 -34.52 -1.81 22.41
C ASP D 75 -33.76 -1.00 21.38
N TYR D 76 -32.52 -0.60 21.68
CA TYR D 76 -31.70 0.11 20.71
C TYR D 76 -31.34 -0.78 19.53
N ILE D 77 -30.96 -2.03 19.80
CA ILE D 77 -30.38 -2.90 18.77
C ILE D 77 -31.41 -3.79 18.08
N ILE D 78 -32.67 -3.79 18.55
CA ILE D 78 -33.71 -4.55 17.89
C ILE D 78 -33.90 -4.01 16.47
N TYR D 79 -33.55 -4.82 15.47
CA TYR D 79 -33.55 -4.37 14.09
C TYR D 79 -34.98 -4.09 13.62
N ASP D 80 -35.22 -2.86 13.17
CA ASP D 80 -36.53 -2.47 12.66
C ASP D 80 -36.34 -1.43 11.54
N ASN D 81 -35.48 -1.75 10.58
CA ASN D 81 -35.17 -0.85 9.48
C ASN D 81 -35.40 -1.54 8.15
N LYS D 82 -35.25 -0.75 7.07
CA LYS D 82 -35.31 -1.25 5.71
C LYS D 82 -34.01 -1.06 4.94
N TYR D 83 -33.09 -0.23 5.43
CA TYR D 83 -31.86 0.08 4.72
C TYR D 83 -30.58 -0.17 5.51
N LYS D 84 -30.66 -0.44 6.81
CA LYS D 84 -29.47 -0.57 7.64
C LYS D 84 -28.82 -1.94 7.44
N ASN D 85 -27.53 -1.94 7.09
CA ASN D 85 -26.79 -3.18 6.92
C ASN D 85 -26.48 -3.81 8.27
N PHE D 86 -26.26 -5.13 8.28
CA PHE D 86 -25.96 -5.78 9.55
C PHE D 86 -25.31 -7.14 9.33
N SER D 87 -24.60 -7.61 10.35
CA SER D 87 -23.88 -8.87 10.26
C SER D 87 -24.07 -9.68 11.53
N ILE D 88 -23.98 -11.01 11.38
CA ILE D 88 -24.12 -11.96 12.47
C ILE D 88 -22.97 -12.96 12.38
N SER D 89 -22.31 -13.22 13.51
CA SER D 89 -21.15 -14.09 13.56
C SER D 89 -21.27 -15.06 14.71
N PHE D 90 -20.82 -16.30 14.51
CA PHE D 90 -20.78 -17.27 15.60
C PHE D 90 -19.97 -18.49 15.15
N TRP D 91 -19.78 -19.43 16.07
CA TRP D 91 -19.23 -20.74 15.75
C TRP D 91 -20.19 -21.81 16.23
N VAL D 92 -20.38 -22.84 15.42
CA VAL D 92 -21.33 -23.92 15.69
C VAL D 92 -20.60 -25.25 15.61
N ARG D 93 -20.99 -26.19 16.46
CA ARG D 93 -20.43 -27.53 16.48
C ARG D 93 -21.58 -28.53 16.38
N ILE D 94 -21.60 -29.30 15.31
CA ILE D 94 -22.70 -30.18 14.96
C ILE D 94 -22.17 -31.60 14.87
N PRO D 95 -22.37 -32.42 15.89
CA PRO D 95 -21.91 -33.80 15.83
C PRO D 95 -22.80 -34.69 14.98
N ASN D 96 -22.16 -35.67 14.33
CA ASN D 96 -22.84 -36.66 13.51
C ASN D 96 -22.52 -38.04 14.08
N TYR D 97 -23.08 -38.33 15.26
CA TYR D 97 -22.75 -39.49 16.08
C TYR D 97 -22.53 -40.77 15.27
N ASP D 98 -23.58 -41.27 14.64
CA ASP D 98 -23.50 -42.52 13.90
C ASP D 98 -23.21 -42.34 12.42
N ASN D 99 -23.39 -41.12 11.88
CA ASN D 99 -23.46 -40.87 10.44
C ASN D 99 -24.59 -41.65 9.79
N LYS D 100 -25.53 -42.14 10.60
CA LYS D 100 -26.74 -42.82 10.18
C LYS D 100 -27.98 -42.30 10.89
N ILE D 101 -27.88 -41.99 12.18
CA ILE D 101 -29.01 -41.40 12.90
C ILE D 101 -29.29 -39.99 12.40
N VAL D 102 -28.26 -39.29 11.90
CA VAL D 102 -28.44 -37.93 11.39
C VAL D 102 -28.79 -37.90 9.91
N ASN D 103 -28.93 -39.06 9.27
CA ASN D 103 -29.24 -39.13 7.84
C ASN D 103 -30.76 -39.05 7.64
N VAL D 104 -31.30 -37.87 7.95
CA VAL D 104 -32.73 -37.60 7.85
C VAL D 104 -32.92 -36.21 7.24
N ASN D 105 -33.68 -36.15 6.15
CA ASN D 105 -34.00 -34.88 5.50
C ASN D 105 -35.08 -34.19 6.30
N ASN D 106 -34.66 -33.34 7.24
CA ASN D 106 -35.60 -32.61 8.09
C ASN D 106 -34.90 -31.37 8.61
N GLU D 107 -35.41 -30.19 8.24
CA GLU D 107 -34.85 -28.94 8.70
C GLU D 107 -35.31 -28.63 10.11
N TYR D 108 -34.36 -28.39 11.01
CA TYR D 108 -34.65 -28.05 12.40
C TYR D 108 -33.91 -26.78 12.78
N THR D 109 -34.59 -25.93 13.56
CA THR D 109 -34.07 -24.61 13.90
C THR D 109 -33.24 -24.69 15.18
N ILE D 110 -32.11 -24.00 15.18
CA ILE D 110 -31.26 -23.89 16.36
C ILE D 110 -31.24 -22.47 16.92
N ILE D 111 -31.27 -21.45 16.06
CA ILE D 111 -31.32 -20.06 16.49
C ILE D 111 -32.50 -19.38 15.84
N ASN D 112 -33.34 -18.73 16.63
CA ASN D 112 -34.62 -18.19 16.15
C ASN D 112 -34.79 -16.75 16.64
N CYS D 113 -34.49 -15.77 15.78
CA CYS D 113 -34.85 -14.39 16.07
C CYS D 113 -35.95 -13.98 15.12
N MET D 114 -37.12 -14.62 15.23
CA MET D 114 -38.27 -14.31 14.40
C MET D 114 -39.47 -14.04 15.31
N ARG D 115 -40.35 -13.16 14.85
CA ARG D 115 -41.51 -12.77 15.65
C ARG D 115 -42.64 -13.76 15.40
N ASP D 116 -43.85 -13.42 15.87
CA ASP D 116 -45.00 -14.31 15.68
C ASP D 116 -45.35 -14.47 14.20
N ASN D 117 -45.28 -13.37 13.43
CA ASN D 117 -45.49 -13.44 12.00
C ASN D 117 -44.28 -13.98 11.25
N ASN D 118 -43.33 -14.60 11.96
CA ASN D 118 -42.13 -15.18 11.37
C ASN D 118 -41.35 -14.17 10.54
N SER D 119 -41.23 -12.95 11.07
CA SER D 119 -40.39 -11.92 10.49
C SER D 119 -39.12 -11.76 11.31
N GLY D 120 -37.98 -11.68 10.63
CA GLY D 120 -36.70 -11.62 11.31
C GLY D 120 -35.67 -12.52 10.66
N TRP D 121 -34.91 -13.26 11.47
CA TRP D 121 -33.91 -14.15 10.92
C TRP D 121 -33.86 -15.46 11.72
N LYS D 122 -33.28 -16.48 11.09
CA LYS D 122 -33.30 -17.82 11.65
C LYS D 122 -32.11 -18.61 11.13
N VAL D 123 -31.44 -19.32 12.02
CA VAL D 123 -30.37 -20.25 11.69
C VAL D 123 -30.86 -21.65 12.00
N SER D 124 -30.94 -22.50 10.98
CA SER D 124 -31.44 -23.85 11.12
C SER D 124 -30.42 -24.82 10.55
N LEU D 125 -30.65 -26.11 10.80
CA LEU D 125 -29.73 -27.16 10.38
C LEU D 125 -30.48 -28.28 9.70
N ASN D 126 -29.81 -28.91 8.74
CA ASN D 126 -30.25 -30.13 8.11
C ASN D 126 -29.08 -31.11 8.08
N HIS D 127 -29.29 -32.28 7.49
CA HIS D 127 -28.25 -33.30 7.46
C HIS D 127 -27.01 -32.76 6.75
N ASN D 128 -25.96 -32.49 7.53
CA ASN D 128 -24.73 -31.89 7.02
C ASN D 128 -25.00 -30.58 6.28
N GLU D 129 -25.90 -29.78 6.84
CA GLU D 129 -26.33 -28.54 6.18
C GLU D 129 -26.59 -27.45 7.21
N ILE D 130 -26.16 -26.24 6.89
CA ILE D 130 -26.41 -25.05 7.69
C ILE D 130 -27.21 -24.08 6.85
N ILE D 131 -28.36 -23.63 7.36
CA ILE D 131 -29.30 -22.80 6.61
C ILE D 131 -29.46 -21.48 7.34
N TRP D 132 -29.36 -20.38 6.59
CA TRP D 132 -29.64 -19.04 7.06
C TRP D 132 -30.89 -18.54 6.35
N THR D 133 -31.83 -17.97 7.11
CA THR D 133 -33.10 -17.50 6.57
C THR D 133 -33.38 -16.09 7.07
N LEU D 134 -33.80 -15.22 6.15
CA LEU D 134 -34.11 -13.83 6.46
C LEU D 134 -35.45 -13.48 5.85
N GLN D 135 -36.35 -12.92 6.65
CA GLN D 135 -37.71 -12.64 6.23
C GLN D 135 -38.13 -11.26 6.72
N ASP D 136 -38.87 -10.53 5.89
CA ASP D 136 -39.33 -9.20 6.26
C ASP D 136 -40.74 -9.29 6.84
N ASN D 137 -41.31 -8.12 7.16
CA ASN D 137 -42.64 -8.08 7.75
C ASN D 137 -43.72 -8.49 6.76
N ALA D 138 -43.48 -8.26 5.46
CA ALA D 138 -44.47 -8.61 4.45
C ALA D 138 -44.54 -10.13 4.25
N GLY D 139 -43.41 -10.81 4.34
CA GLY D 139 -43.34 -12.25 4.11
C GLY D 139 -42.34 -12.67 3.05
N ILE D 140 -41.69 -11.74 2.36
CA ILE D 140 -40.68 -12.08 1.37
C ILE D 140 -39.45 -12.58 2.10
N ASN D 141 -39.00 -13.79 1.74
CA ASN D 141 -37.90 -14.45 2.43
C ASN D 141 -36.74 -14.71 1.47
N GLN D 142 -35.58 -14.98 2.06
CA GLN D 142 -34.38 -15.35 1.32
C GLN D 142 -33.54 -16.30 2.17
N LYS D 143 -32.99 -17.32 1.52
CA LYS D 143 -32.26 -18.39 2.21
C LYS D 143 -30.88 -18.55 1.60
N LEU D 144 -29.90 -18.75 2.46
CA LEU D 144 -28.55 -19.16 2.08
C LEU D 144 -28.24 -20.49 2.75
N ALA D 145 -27.37 -21.27 2.13
CA ALA D 145 -27.14 -22.62 2.62
C ALA D 145 -25.69 -23.03 2.44
N PHE D 146 -25.27 -23.99 3.27
CA PHE D 146 -23.95 -24.62 3.14
C PHE D 146 -24.10 -26.10 3.46
N ASN D 147 -23.89 -26.95 2.47
CA ASN D 147 -23.90 -28.39 2.65
C ASN D 147 -22.48 -28.90 2.53
N TYR D 148 -21.88 -29.31 3.65
CA TYR D 148 -20.52 -29.81 3.65
C TYR D 148 -20.46 -31.31 3.36
N GLY D 149 -21.59 -32.00 3.35
CA GLY D 149 -21.64 -33.38 2.90
C GLY D 149 -20.96 -34.35 3.86
N ASN D 150 -21.01 -35.62 3.49
CA ASN D 150 -20.39 -36.66 4.29
C ASN D 150 -18.87 -36.59 4.16
N ALA D 151 -18.19 -37.28 5.08
CA ALA D 151 -16.73 -37.27 5.10
C ALA D 151 -16.18 -38.13 3.97
N ASN D 152 -15.32 -37.54 3.14
CA ASN D 152 -14.59 -38.25 2.10
C ASN D 152 -13.12 -38.23 2.53
N GLY D 153 -12.74 -39.20 3.36
CA GLY D 153 -11.44 -39.18 3.98
C GLY D 153 -11.51 -38.52 5.35
N ILE D 154 -11.08 -37.27 5.43
CA ILE D 154 -11.16 -36.48 6.64
C ILE D 154 -12.07 -35.28 6.39
N SER D 155 -13.08 -35.10 7.23
CA SER D 155 -14.00 -33.99 7.11
C SER D 155 -13.54 -32.83 7.98
N ASP D 156 -13.52 -31.64 7.39
CA ASP D 156 -13.13 -30.43 8.09
C ASP D 156 -14.29 -29.76 8.82
N TYR D 157 -15.48 -30.35 8.80
CA TYR D 157 -16.67 -29.67 9.31
C TYR D 157 -17.45 -30.50 10.32
N ILE D 158 -17.46 -31.82 10.15
CA ILE D 158 -18.29 -32.67 11.00
C ILE D 158 -17.69 -32.73 12.40
N ASN D 159 -18.52 -32.43 13.40
CA ASN D 159 -18.16 -32.41 14.81
C ASN D 159 -17.02 -31.44 15.12
N LYS D 160 -16.76 -30.50 14.23
CA LYS D 160 -15.76 -29.47 14.45
C LYS D 160 -16.44 -28.11 14.59
N TRP D 161 -15.72 -27.18 15.19
CA TRP D 161 -16.19 -25.80 15.27
C TRP D 161 -16.14 -25.17 13.89
N ILE D 162 -17.30 -24.71 13.41
CA ILE D 162 -17.43 -24.09 12.11
C ILE D 162 -17.76 -22.62 12.33
N PHE D 163 -16.95 -21.74 11.75
CA PHE D 163 -17.18 -20.31 11.84
C PHE D 163 -18.22 -19.91 10.80
N VAL D 164 -19.34 -19.36 11.27
CA VAL D 164 -20.43 -18.92 10.40
C VAL D 164 -20.54 -17.40 10.50
N THR D 165 -20.55 -16.74 9.34
CA THR D 165 -20.71 -15.30 9.25
C THR D 165 -21.76 -14.98 8.20
N ILE D 166 -22.65 -14.04 8.49
CA ILE D 166 -23.67 -13.61 7.56
C ILE D 166 -23.65 -12.09 7.50
N THR D 167 -23.37 -11.54 6.32
CA THR D 167 -23.41 -10.11 6.10
C THR D 167 -24.64 -9.76 5.27
N ASN D 168 -25.25 -8.61 5.56
CA ASN D 168 -26.47 -8.18 4.90
C ASN D 168 -26.33 -6.72 4.48
N ASP D 169 -26.21 -6.52 3.17
CA ASP D 169 -26.28 -5.22 2.51
C ASP D 169 -27.69 -5.04 1.96
N ARG D 170 -28.44 -4.11 2.55
CA ARG D 170 -29.84 -3.94 2.15
C ARG D 170 -29.96 -3.42 0.72
N LEU D 171 -28.99 -2.64 0.27
CA LEU D 171 -28.95 -2.17 -1.11
C LEU D 171 -28.15 -3.09 -2.02
N GLY D 172 -27.90 -4.33 -1.59
CA GLY D 172 -27.11 -5.26 -2.36
C GLY D 172 -27.40 -6.71 -2.02
N ASP D 173 -26.33 -7.49 -1.84
CA ASP D 173 -26.44 -8.92 -1.60
C ASP D 173 -26.26 -9.26 -0.13
N SER D 174 -26.87 -10.37 0.28
CA SER D 174 -26.60 -11.01 1.56
C SER D 174 -25.66 -12.18 1.31
N LYS D 175 -24.58 -12.23 2.09
CA LYS D 175 -23.48 -13.16 1.87
C LYS D 175 -23.29 -14.05 3.10
N LEU D 176 -22.96 -15.32 2.85
CA LEU D 176 -22.68 -16.29 3.90
C LEU D 176 -21.24 -16.75 3.77
N TYR D 177 -20.51 -16.73 4.89
CA TYR D 177 -19.11 -17.09 4.96
C TYR D 177 -18.94 -18.25 5.92
N ILE D 178 -18.17 -19.26 5.51
CA ILE D 178 -17.85 -20.40 6.35
C ILE D 178 -16.33 -20.46 6.47
N ASN D 179 -15.83 -20.34 7.70
CA ASN D 179 -14.39 -20.32 7.98
C ASN D 179 -13.69 -19.20 7.21
N GLY D 180 -14.38 -18.07 7.01
CA GLY D 180 -13.80 -16.94 6.33
C GLY D 180 -13.89 -16.98 4.82
N ASN D 181 -14.50 -18.02 4.25
CA ASN D 181 -14.60 -18.18 2.81
C ASN D 181 -16.03 -17.93 2.37
N LEU D 182 -16.21 -17.06 1.38
CA LEU D 182 -17.54 -16.79 0.85
C LEU D 182 -18.03 -17.99 0.05
N ILE D 183 -19.28 -18.39 0.29
CA ILE D 183 -19.82 -19.59 -0.32
C ILE D 183 -21.18 -19.39 -0.98
N ASP D 184 -21.98 -18.42 -0.55
CA ASP D 184 -23.32 -18.25 -1.11
C ASP D 184 -23.78 -16.82 -0.88
N GLN D 185 -24.18 -16.14 -1.96
CA GLN D 185 -24.67 -14.78 -1.88
C GLN D 185 -25.93 -14.65 -2.72
N LYS D 186 -26.96 -14.03 -2.15
CA LYS D 186 -28.21 -13.79 -2.87
C LYS D 186 -28.66 -12.36 -2.62
N SER D 187 -29.27 -11.76 -3.64
CA SER D 187 -29.72 -10.37 -3.51
C SER D 187 -30.90 -10.28 -2.55
N ILE D 188 -30.89 -9.24 -1.72
CA ILE D 188 -31.98 -8.97 -0.79
C ILE D 188 -32.63 -7.63 -1.11
N LEU D 189 -32.49 -7.15 -2.35
CA LEU D 189 -33.12 -5.90 -2.75
C LEU D 189 -34.64 -6.01 -2.76
N ASN D 190 -35.17 -7.24 -2.75
CA ASN D 190 -36.60 -7.49 -2.80
C ASN D 190 -37.23 -7.58 -1.42
N LEU D 191 -36.52 -7.18 -0.38
CA LEU D 191 -37.02 -7.21 0.99
C LEU D 191 -37.20 -5.79 1.52
N GLY D 192 -38.29 -5.58 2.24
CA GLY D 192 -38.60 -4.26 2.77
C GLY D 192 -38.21 -4.07 4.22
N ASN D 193 -39.19 -3.74 5.06
CA ASN D 193 -38.94 -3.51 6.48
C ASN D 193 -38.85 -4.84 7.21
N ILE D 194 -37.77 -5.02 7.97
CA ILE D 194 -37.54 -6.23 8.75
C ILE D 194 -37.54 -5.85 10.22
N HIS D 195 -38.50 -6.39 10.98
CA HIS D 195 -38.61 -6.16 12.41
C HIS D 195 -38.35 -7.51 13.10
N VAL D 196 -37.16 -7.66 13.65
CA VAL D 196 -36.76 -8.93 14.27
C VAL D 196 -37.41 -9.08 15.63
N SER D 197 -37.34 -10.28 16.19
CA SER D 197 -37.92 -10.53 17.50
C SER D 197 -37.12 -9.86 18.60
N ASP D 198 -37.79 -9.54 19.71
CA ASP D 198 -37.09 -9.02 20.87
C ASP D 198 -36.17 -10.06 21.50
N ASN D 199 -36.44 -11.34 21.28
CA ASN D 199 -35.66 -12.42 21.86
C ASN D 199 -34.90 -13.18 20.79
N ILE D 200 -33.72 -13.65 21.16
CA ILE D 200 -32.92 -14.57 20.35
C ILE D 200 -32.84 -15.87 21.12
N LEU D 201 -33.47 -16.91 20.58
CA LEU D 201 -33.62 -18.19 21.27
C LEU D 201 -32.64 -19.20 20.70
N PHE D 202 -31.73 -19.69 21.53
CA PHE D 202 -30.81 -20.76 21.18
C PHE D 202 -31.43 -22.04 21.75
N LYS D 203 -32.04 -22.84 20.88
CA LYS D 203 -32.77 -24.03 21.26
C LYS D 203 -32.96 -24.90 20.02
N ILE D 204 -32.82 -26.21 20.20
CA ILE D 204 -33.05 -27.17 19.13
C ILE D 204 -34.53 -27.52 19.14
N VAL D 205 -35.24 -27.16 18.08
CA VAL D 205 -36.67 -27.41 17.96
C VAL D 205 -36.94 -28.19 16.69
N ASN D 206 -37.95 -29.07 16.76
CA ASN D 206 -38.41 -29.85 15.62
C ASN D 206 -37.30 -30.69 15.00
N CYS D 207 -36.50 -31.34 15.85
CA CYS D 207 -35.45 -32.23 15.40
C CYS D 207 -35.95 -33.67 15.50
N SER D 208 -35.71 -34.45 14.44
CA SER D 208 -36.22 -35.82 14.38
C SER D 208 -35.56 -36.75 15.38
N TYR D 209 -34.37 -36.39 15.87
CA TYR D 209 -33.59 -37.26 16.74
C TYR D 209 -33.06 -36.48 17.94
N THR D 210 -32.59 -37.22 18.93
CA THR D 210 -31.97 -36.62 20.11
C THR D 210 -30.53 -36.26 19.81
N ARG D 211 -30.17 -35.01 20.09
CA ARG D 211 -28.85 -34.51 19.74
C ARG D 211 -28.55 -33.28 20.60
N TYR D 212 -27.31 -32.79 20.47
CA TYR D 212 -26.92 -31.53 21.06
C TYR D 212 -26.13 -30.72 20.04
N ILE D 213 -26.07 -29.42 20.27
CA ILE D 213 -25.42 -28.48 19.36
C ILE D 213 -24.60 -27.50 20.17
N GLY D 214 -23.38 -27.22 19.72
CA GLY D 214 -22.49 -26.29 20.38
C GLY D 214 -22.49 -24.93 19.70
N ILE D 215 -22.48 -23.88 20.52
CA ILE D 215 -22.49 -22.50 20.04
C ILE D 215 -21.46 -21.71 20.83
N ARG D 216 -20.72 -20.82 20.14
CA ARG D 216 -19.80 -19.95 20.84
C ARG D 216 -19.61 -18.64 20.08
N TYR D 217 -19.28 -17.59 20.84
CA TYR D 217 -18.82 -16.31 20.30
C TYR D 217 -19.87 -15.67 19.39
N PHE D 218 -21.10 -15.62 19.89
CA PHE D 218 -22.19 -15.02 19.12
C PHE D 218 -22.04 -13.50 19.14
N ASN D 219 -22.00 -12.89 17.97
CA ASN D 219 -21.84 -11.45 17.82
C ASN D 219 -22.81 -10.92 16.78
N ILE D 220 -23.34 -9.73 17.05
CA ILE D 220 -24.18 -8.99 16.12
C ILE D 220 -23.54 -7.64 15.91
N PHE D 221 -23.35 -7.28 14.63
CA PHE D 221 -22.76 -6.02 14.20
C PHE D 221 -23.78 -5.23 13.39
N ASP D 222 -23.70 -3.91 13.48
CA ASP D 222 -24.63 -3.02 12.79
C ASP D 222 -24.09 -2.52 11.45
N LYS D 223 -23.26 -3.32 10.78
CA LYS D 223 -22.75 -2.97 9.46
C LYS D 223 -22.40 -4.24 8.71
N GLU D 224 -22.16 -4.09 7.41
CA GLU D 224 -21.73 -5.21 6.59
C GLU D 224 -20.23 -5.44 6.79
N LEU D 225 -19.87 -6.61 7.29
CA LEU D 225 -18.48 -6.89 7.63
C LEU D 225 -17.64 -7.05 6.37
N ASP D 226 -16.42 -6.52 6.41
CA ASP D 226 -15.48 -6.71 5.33
C ASP D 226 -14.94 -8.14 5.34
N GLU D 227 -14.43 -8.58 4.19
CA GLU D 227 -13.88 -9.93 4.10
C GLU D 227 -12.65 -10.07 5.00
N THR D 228 -11.79 -9.05 5.02
CA THR D 228 -10.65 -9.07 5.91
C THR D 228 -11.08 -9.00 7.37
N GLU D 229 -12.18 -8.29 7.65
CA GLU D 229 -12.72 -8.28 9.01
C GLU D 229 -13.18 -9.66 9.43
N ILE D 230 -13.85 -10.38 8.52
CA ILE D 230 -14.26 -11.75 8.81
C ILE D 230 -13.05 -12.63 9.02
N GLN D 231 -11.97 -12.39 8.26
CA GLN D 231 -10.76 -13.19 8.44
C GLN D 231 -10.10 -12.93 9.79
N THR D 232 -10.05 -11.67 10.21
CA THR D 232 -9.50 -11.35 11.52
C THR D 232 -10.35 -11.97 12.64
N LEU D 233 -11.67 -11.93 12.48
CA LEU D 233 -12.54 -12.57 13.47
C LEU D 233 -12.31 -14.08 13.50
N TYR D 234 -12.10 -14.68 12.32
CA TYR D 234 -11.87 -16.12 12.23
C TYR D 234 -10.53 -16.51 12.84
N SER D 235 -9.54 -15.61 12.78
CA SER D 235 -8.20 -15.93 13.26
C SER D 235 -7.98 -15.59 14.73
N ASN D 236 -8.72 -14.62 15.27
CA ASN D 236 -8.44 -14.14 16.62
C ASN D 236 -9.51 -14.46 17.65
N GLU D 237 -10.71 -14.88 17.24
CA GLU D 237 -11.74 -15.19 18.23
C GLU D 237 -11.35 -16.40 19.07
N PRO D 238 -10.85 -17.51 18.50
CA PRO D 238 -10.15 -18.48 19.33
C PRO D 238 -8.78 -17.94 19.68
N ASN D 239 -8.28 -18.36 20.85
CA ASN D 239 -7.00 -17.85 21.31
C ASN D 239 -5.89 -18.32 20.38
N THR D 240 -5.22 -17.39 19.71
CA THR D 240 -4.15 -17.73 18.79
C THR D 240 -2.90 -18.21 19.50
N ASN D 241 -2.80 -18.04 20.83
CA ASN D 241 -1.65 -18.50 21.59
C ASN D 241 -1.78 -19.95 22.02
N ILE D 242 -3.00 -20.45 22.17
CA ILE D 242 -3.25 -21.82 22.63
C ILE D 242 -3.37 -22.73 21.43
N LEU D 243 -2.83 -23.94 21.55
CA LEU D 243 -2.93 -24.92 20.48
C LEU D 243 -4.33 -25.53 20.45
N LYS D 244 -4.72 -26.00 19.27
CA LYS D 244 -6.03 -26.60 19.06
C LYS D 244 -5.89 -28.09 18.81
N ASP D 245 -6.96 -28.82 19.15
CA ASP D 245 -7.01 -30.26 18.90
C ASP D 245 -7.66 -30.51 17.53
N PHE D 246 -8.13 -31.72 17.29
CA PHE D 246 -8.73 -32.04 15.99
C PHE D 246 -10.08 -31.34 15.82
N TRP D 247 -10.88 -31.28 16.88
CA TRP D 247 -12.22 -30.69 16.77
C TRP D 247 -12.21 -29.17 16.86
N GLY D 248 -11.07 -28.56 17.22
CA GLY D 248 -11.00 -27.12 17.38
C GLY D 248 -10.99 -26.65 18.81
N ASN D 249 -11.08 -27.55 19.78
CA ASN D 249 -10.99 -27.18 21.19
C ASN D 249 -9.53 -26.96 21.57
N TYR D 250 -9.30 -26.55 22.81
CA TYR D 250 -7.94 -26.30 23.28
C TYR D 250 -7.22 -27.62 23.50
N LEU D 251 -5.95 -27.66 23.07
CA LEU D 251 -5.13 -28.84 23.31
C LEU D 251 -4.78 -28.92 24.79
N LEU D 252 -4.91 -30.12 25.36
CA LEU D 252 -4.84 -30.32 26.80
C LEU D 252 -3.63 -31.17 27.17
N TYR D 253 -3.07 -30.90 28.34
CA TYR D 253 -2.06 -31.74 28.94
C TYR D 253 -2.70 -32.95 29.62
N ASP D 254 -1.93 -34.04 29.68
CA ASP D 254 -2.37 -35.27 30.35
C ASP D 254 -3.70 -35.78 29.78
N LYS D 255 -3.81 -35.76 28.45
CA LYS D 255 -5.02 -36.18 27.75
C LYS D 255 -4.62 -37.09 26.60
N GLU D 256 -5.25 -38.25 26.51
CA GLU D 256 -4.90 -39.21 25.46
C GLU D 256 -5.38 -38.70 24.10
N TYR D 257 -4.50 -38.75 23.11
CA TYR D 257 -4.80 -38.29 21.77
C TYR D 257 -4.28 -39.30 20.75
N TYR D 258 -5.07 -39.56 19.73
CA TYR D 258 -4.60 -40.20 18.52
C TYR D 258 -3.91 -39.17 17.64
N LEU D 259 -3.05 -39.64 16.75
CA LEU D 259 -2.27 -38.76 15.90
C LEU D 259 -2.81 -38.79 14.47
N LEU D 260 -2.76 -37.64 13.80
CA LEU D 260 -3.14 -37.55 12.41
C LEU D 260 -2.18 -36.62 11.69
N ASN D 261 -1.46 -37.16 10.69
CA ASN D 261 -0.59 -36.34 9.87
C ASN D 261 -1.40 -35.71 8.75
N VAL D 262 -1.34 -34.38 8.65
CA VAL D 262 -2.21 -33.69 7.70
C VAL D 262 -1.75 -33.90 6.27
N LEU D 263 -0.50 -34.33 6.07
CA LEU D 263 -0.02 -34.61 4.72
C LEU D 263 -0.44 -36.00 4.26
N LYS D 264 -0.52 -36.95 5.19
CA LYS D 264 -1.02 -38.31 4.93
C LYS D 264 -2.25 -38.52 5.80
N PRO D 265 -3.40 -37.95 5.41
CA PRO D 265 -4.60 -38.08 6.26
C PRO D 265 -5.23 -39.46 6.23
N ASN D 266 -4.90 -40.29 5.25
CA ASN D 266 -5.42 -41.64 5.16
C ASN D 266 -4.57 -42.67 5.89
N ASN D 267 -3.52 -42.24 6.59
CA ASN D 267 -2.63 -43.13 7.30
C ASN D 267 -2.67 -42.82 8.79
N PHE D 268 -2.34 -43.82 9.60
CA PHE D 268 -2.21 -43.66 11.05
C PHE D 268 -0.88 -44.23 11.49
N ILE D 269 -0.49 -43.88 12.72
CA ILE D 269 0.81 -44.25 13.28
C ILE D 269 0.65 -45.48 14.16
N ASP D 270 1.48 -46.49 13.92
CA ASP D 270 1.47 -47.70 14.72
C ASP D 270 2.85 -47.94 15.32
N ARG D 271 2.89 -48.82 16.31
CA ARG D 271 4.11 -49.14 17.04
C ARG D 271 4.76 -50.39 16.46
N ARG D 272 6.08 -50.35 16.30
CA ARG D 272 6.84 -51.48 15.83
C ARG D 272 7.46 -52.22 17.02
N LYS D 273 8.03 -53.39 16.72
CA LYS D 273 8.62 -54.21 17.78
C LYS D 273 9.97 -53.65 18.23
N ASP D 274 10.68 -52.96 17.35
CA ASP D 274 11.96 -52.34 17.68
C ASP D 274 11.80 -50.91 18.21
N SER D 275 10.65 -50.60 18.80
CA SER D 275 10.33 -49.32 19.44
C SER D 275 10.19 -48.17 18.46
N THR D 276 10.28 -48.41 17.16
CA THR D 276 10.09 -47.35 16.19
C THR D 276 8.60 -47.19 15.86
N LEU D 277 8.30 -46.14 15.11
CA LEU D 277 6.92 -45.79 14.76
C LEU D 277 6.76 -45.83 13.24
N SER D 278 5.75 -46.55 12.78
CA SER D 278 5.48 -46.72 11.37
C SER D 278 4.34 -45.82 10.91
N ILE D 279 4.33 -45.53 9.60
CA ILE D 279 3.30 -44.70 8.99
C ILE D 279 2.64 -45.38 7.80
N ASN D 280 3.08 -46.58 7.42
CA ASN D 280 2.53 -47.26 6.25
C ASN D 280 1.24 -48.00 6.58
N ASN D 281 0.49 -47.52 7.57
CA ASN D 281 -0.75 -48.15 8.02
C ASN D 281 -1.93 -47.36 7.46
N ILE D 282 -2.66 -47.96 6.54
CA ILE D 282 -3.79 -47.29 5.89
C ILE D 282 -5.01 -47.36 6.81
N ARG D 283 -5.69 -46.22 6.96
CA ARG D 283 -6.89 -46.16 7.79
C ARG D 283 -8.04 -46.90 7.12
N SER D 284 -8.76 -47.69 7.91
CA SER D 284 -9.98 -48.32 7.43
C SER D 284 -11.08 -47.27 7.22
N THR D 285 -12.06 -47.62 6.41
CA THR D 285 -13.11 -46.70 6.03
C THR D 285 -14.48 -47.23 6.45
N ILE D 286 -15.31 -46.34 6.96
CA ILE D 286 -16.73 -46.60 7.20
C ILE D 286 -17.48 -45.75 6.18
N LEU D 287 -18.04 -46.42 5.17
CA LEU D 287 -18.50 -45.75 3.95
C LEU D 287 -17.34 -45.02 3.29
N LEU D 288 -17.34 -43.70 3.36
CA LEU D 288 -16.25 -42.89 2.82
C LEU D 288 -15.45 -42.16 3.89
N ALA D 289 -15.75 -42.37 5.16
CA ALA D 289 -15.08 -41.66 6.24
C ALA D 289 -13.92 -42.48 6.79
N ASN D 290 -12.76 -41.85 6.92
CA ASN D 290 -11.62 -42.52 7.52
C ASN D 290 -11.84 -42.75 9.01
N ARG D 291 -11.35 -43.88 9.51
CA ARG D 291 -11.42 -44.17 10.93
C ARG D 291 -10.44 -43.28 11.69
N LEU D 292 -10.96 -42.55 12.68
CA LEU D 292 -10.14 -41.61 13.43
C LEU D 292 -9.46 -42.24 14.64
N TYR D 293 -10.11 -43.21 15.28
CA TYR D 293 -9.59 -43.80 16.52
C TYR D 293 -8.69 -45.00 16.23
N SER D 294 -7.73 -44.81 15.32
CA SER D 294 -6.80 -45.87 14.94
C SER D 294 -5.38 -45.41 15.22
N GLY D 295 -4.55 -46.35 15.68
CA GLY D 295 -3.15 -46.09 15.87
C GLY D 295 -2.77 -45.88 17.33
N ILE D 296 -1.55 -45.41 17.52
CA ILE D 296 -1.02 -45.21 18.87
C ILE D 296 -1.70 -44.02 19.53
N LYS D 297 -1.61 -43.98 20.86
CA LYS D 297 -2.12 -42.88 21.65
C LYS D 297 -0.96 -42.23 22.40
N VAL D 298 -1.02 -40.90 22.53
CA VAL D 298 0.06 -40.15 23.15
C VAL D 298 -0.52 -39.20 24.20
N LYS D 299 0.35 -38.73 25.08
CA LYS D 299 0.02 -37.77 26.11
C LYS D 299 1.10 -36.71 26.19
N ILE D 300 0.68 -35.46 26.38
CA ILE D 300 1.60 -34.34 26.49
C ILE D 300 1.73 -33.98 27.96
N GLN D 301 2.97 -33.82 28.42
CA GLN D 301 3.25 -33.60 29.84
C GLN D 301 4.16 -32.40 30.01
N ARG D 302 3.84 -31.53 30.97
CA ARG D 302 4.66 -30.35 31.21
C ARG D 302 6.01 -30.75 31.77
N VAL D 303 7.07 -30.14 31.24
CA VAL D 303 8.42 -30.37 31.75
C VAL D 303 8.60 -29.68 33.09
N ASN D 304 8.39 -28.36 33.13
CA ASN D 304 8.46 -27.58 34.35
C ASN D 304 7.02 -27.30 34.78
N ASN D 305 6.50 -28.16 35.65
CA ASN D 305 5.12 -28.04 36.11
C ASN D 305 4.95 -26.84 37.03
N SER D 306 5.30 -27.01 38.31
CA SER D 306 5.17 -25.96 39.33
C SER D 306 3.78 -25.36 39.35
N SER D 307 2.77 -26.20 39.09
CA SER D 307 1.36 -25.80 39.02
C SER D 307 1.18 -24.49 38.25
N THR D 308 1.52 -24.55 36.95
CA THR D 308 1.40 -23.39 36.07
C THR D 308 -0.03 -23.31 35.53
N ASN D 309 -0.92 -22.79 36.38
CA ASN D 309 -2.30 -22.47 36.02
C ASN D 309 -3.07 -23.67 35.45
N ASP D 310 -3.44 -23.60 34.18
CA ASP D 310 -4.36 -24.53 33.57
C ASP D 310 -3.59 -25.65 32.84
N ASN D 311 -4.35 -26.49 32.13
CA ASN D 311 -3.79 -27.60 31.37
C ASN D 311 -3.75 -27.32 29.87
N LEU D 312 -3.74 -26.04 29.48
CA LEU D 312 -3.77 -25.67 28.08
C LEU D 312 -2.36 -25.65 27.51
N VAL D 313 -2.20 -26.27 26.34
CA VAL D 313 -0.91 -26.30 25.66
C VAL D 313 -0.78 -25.05 24.81
N ARG D 314 0.19 -24.21 25.12
CA ARG D 314 0.41 -22.95 24.42
C ARG D 314 1.62 -23.07 23.50
N LYS D 315 1.78 -22.08 22.64
CA LYS D 315 2.94 -22.04 21.76
C LYS D 315 4.23 -21.91 22.57
N ASN D 316 5.30 -22.47 22.01
CA ASN D 316 6.65 -22.34 22.58
C ASN D 316 6.76 -23.00 23.96
N ASP D 317 5.92 -23.99 24.24
CA ASP D 317 5.94 -24.69 25.51
C ASP D 317 6.95 -25.85 25.47
N GLN D 318 7.57 -26.10 26.62
CA GLN D 318 8.53 -27.19 26.77
C GLN D 318 7.78 -28.40 27.36
N VAL D 319 7.61 -29.45 26.55
CA VAL D 319 6.77 -30.58 26.91
C VAL D 319 7.51 -31.88 26.64
N TYR D 320 6.95 -32.96 27.18
CA TYR D 320 7.33 -34.33 26.87
C TYR D 320 6.17 -35.02 26.19
N ILE D 321 6.46 -35.81 25.16
CA ILE D 321 5.46 -36.59 24.44
C ILE D 321 5.64 -38.04 24.85
N ASN D 322 4.66 -38.59 25.55
CA ASN D 322 4.70 -39.96 26.04
C ASN D 322 3.76 -40.84 25.23
N PHE D 323 4.18 -42.08 25.03
CA PHE D 323 3.38 -43.10 24.37
C PHE D 323 2.63 -43.91 25.43
N VAL D 324 1.35 -44.16 25.14
CA VAL D 324 0.46 -44.85 26.07
C VAL D 324 0.45 -46.33 25.73
N ALA D 325 1.04 -47.14 26.61
CA ALA D 325 0.97 -48.59 26.47
C ALA D 325 -0.28 -49.13 27.15
N SER D 326 -0.45 -48.84 28.43
CA SER D 326 -1.64 -49.17 29.19
C SER D 326 -2.15 -47.91 29.89
N LYS D 327 -3.22 -48.07 30.67
CA LYS D 327 -3.76 -46.95 31.43
C LYS D 327 -2.76 -46.46 32.47
N THR D 328 -1.91 -47.36 32.99
CA THR D 328 -0.94 -47.02 34.02
C THR D 328 0.48 -46.88 33.50
N HIS D 329 0.81 -47.52 32.38
CA HIS D 329 2.18 -47.56 31.86
C HIS D 329 2.35 -46.51 30.77
N LEU D 330 3.31 -45.61 30.96
CA LEU D 330 3.62 -44.56 30.00
C LEU D 330 5.11 -44.61 29.67
N PHE D 331 5.46 -44.43 28.40
CA PHE D 331 6.85 -44.52 28.00
C PHE D 331 7.24 -43.33 27.12
N PRO D 332 8.31 -42.61 27.46
CA PRO D 332 8.65 -41.40 26.70
C PRO D 332 9.06 -41.71 25.26
N LEU D 333 8.72 -40.78 24.37
CA LEU D 333 9.16 -40.82 22.98
C LEU D 333 10.40 -39.94 22.83
N TYR D 334 11.40 -40.45 22.12
CA TYR D 334 12.65 -39.73 21.95
C TYR D 334 13.14 -39.86 20.52
N ALA D 335 14.11 -39.01 20.16
CA ALA D 335 14.71 -39.01 18.83
C ALA D 335 16.09 -39.65 18.90
N ASP D 336 16.26 -40.75 18.17
CA ASP D 336 17.53 -41.49 18.16
C ASP D 336 18.57 -40.69 17.37
N THR D 337 19.45 -40.02 18.08
CA THR D 337 20.54 -39.25 17.48
C THR D 337 21.77 -40.11 17.20
N ALA D 338 21.69 -41.42 17.41
CA ALA D 338 22.83 -42.32 17.20
C ALA D 338 22.85 -42.85 15.78
N THR D 339 22.88 -41.92 14.83
CA THR D 339 22.94 -42.27 13.41
C THR D 339 23.64 -41.14 12.66
N THR D 340 24.22 -41.49 11.51
CA THR D 340 24.92 -40.49 10.72
C THR D 340 23.97 -39.67 9.86
N ASN D 341 22.75 -40.15 9.65
CA ASN D 341 21.76 -39.39 8.88
C ASN D 341 21.30 -38.19 9.69
N LYS D 342 20.82 -37.17 8.97
CA LYS D 342 20.22 -36.02 9.63
C LYS D 342 18.84 -36.34 10.19
N GLU D 343 18.06 -37.17 9.51
CA GLU D 343 16.75 -37.52 10.02
C GLU D 343 16.90 -38.57 11.12
N LYS D 344 16.27 -38.32 12.26
CA LYS D 344 16.38 -39.18 13.43
C LYS D 344 15.06 -39.91 13.64
N THR D 345 15.11 -41.24 13.64
CA THR D 345 13.90 -42.02 13.83
C THR D 345 13.40 -41.85 15.27
N ILE D 346 12.08 -41.78 15.43
CA ILE D 346 11.46 -41.63 16.74
C ILE D 346 11.28 -43.01 17.35
N LYS D 347 11.79 -43.18 18.56
CA LYS D 347 11.72 -44.45 19.27
C LYS D 347 11.02 -44.26 20.60
N ILE D 348 10.59 -45.39 21.17
CA ILE D 348 9.95 -45.42 22.47
C ILE D 348 10.98 -45.94 23.48
N SER D 349 11.19 -45.19 24.54
CA SER D 349 12.17 -45.54 25.57
C SER D 349 11.48 -46.45 26.58
N SER D 350 11.75 -47.76 26.47
CA SER D 350 11.17 -48.72 27.40
C SER D 350 11.70 -48.55 28.82
N SER D 351 12.88 -47.95 28.97
CA SER D 351 13.45 -47.71 30.29
C SER D 351 12.84 -46.50 30.99
N GLY D 352 12.26 -45.57 30.24
CA GLY D 352 11.79 -44.32 30.80
C GLY D 352 12.75 -43.16 30.65
N ASN D 353 13.90 -43.38 30.03
CA ASN D 353 14.90 -42.33 29.85
C ASN D 353 14.46 -41.35 28.77
N ARG D 354 14.46 -40.06 29.11
CA ARG D 354 14.16 -39.03 28.14
C ARG D 354 15.33 -38.75 27.19
N PHE D 355 16.50 -39.32 27.46
CA PHE D 355 17.69 -39.15 26.62
C PHE D 355 18.08 -37.68 26.49
N ASN D 356 17.82 -36.90 27.53
CA ASN D 356 18.23 -35.49 27.58
C ASN D 356 17.59 -34.69 26.45
N GLN D 357 16.32 -34.95 26.19
CA GLN D 357 15.60 -34.29 25.10
C GLN D 357 14.30 -33.69 25.62
N VAL D 358 13.82 -32.68 24.90
CA VAL D 358 12.53 -32.05 25.16
C VAL D 358 11.84 -31.82 23.82
N VAL D 359 10.55 -31.46 23.90
CA VAL D 359 9.75 -31.16 22.72
C VAL D 359 9.12 -29.79 22.91
N VAL D 360 9.25 -28.93 21.91
CA VAL D 360 8.66 -27.61 21.90
C VAL D 360 7.44 -27.62 21.01
N MET D 361 6.29 -27.19 21.55
CA MET D 361 5.05 -27.15 20.79
C MET D 361 4.94 -25.83 20.04
N ASN D 362 4.37 -25.89 18.84
CA ASN D 362 4.06 -24.69 18.08
C ASN D 362 2.88 -25.00 17.18
N SER D 363 2.39 -23.99 16.47
CA SER D 363 1.22 -24.22 15.63
C SER D 363 1.14 -23.19 14.52
N VAL D 364 0.57 -23.64 13.39
CA VAL D 364 0.11 -22.79 12.31
C VAL D 364 -1.39 -23.03 12.20
N GLY D 365 -2.18 -22.05 12.62
CA GLY D 365 -3.63 -22.20 12.60
C GLY D 365 -4.06 -23.32 13.52
N ASN D 366 -4.74 -24.31 12.96
CA ASN D 366 -5.17 -25.48 13.72
C ASN D 366 -4.15 -26.61 13.71
N ASN D 367 -3.12 -26.52 12.88
CA ASN D 367 -2.12 -27.58 12.77
C ASN D 367 -0.99 -27.35 13.77
N CYS D 368 -0.51 -28.42 14.37
CA CYS D 368 0.50 -28.36 15.42
C CYS D 368 1.81 -28.99 14.96
N THR D 369 2.91 -28.44 15.47
CA THR D 369 4.25 -28.93 15.21
C THR D 369 4.97 -29.21 16.53
N MET D 370 5.84 -30.22 16.49
CA MET D 370 6.54 -30.73 17.66
C MET D 370 8.04 -30.73 17.34
N ASN D 371 8.77 -29.80 17.94
CA ASN D 371 10.21 -29.67 17.69
C ASN D 371 10.98 -30.44 18.76
N PHE D 372 11.55 -31.57 18.38
CA PHE D 372 12.45 -32.29 19.26
C PHE D 372 13.77 -31.54 19.35
N LYS D 373 14.22 -31.29 20.58
CA LYS D 373 15.42 -30.50 20.85
C LYS D 373 16.23 -31.17 21.95
N ASN D 374 17.54 -31.00 21.88
CA ASN D 374 18.41 -31.44 22.96
C ASN D 374 18.32 -30.47 24.14
N ASN D 375 18.64 -30.97 25.33
CA ASN D 375 18.54 -30.14 26.52
C ASN D 375 19.56 -29.01 26.56
N ASN D 376 20.65 -29.13 25.80
CA ASN D 376 21.66 -28.07 25.74
C ASN D 376 21.25 -26.93 24.81
N GLY D 377 20.06 -27.00 24.20
CA GLY D 377 19.59 -25.99 23.28
C GLY D 377 19.75 -26.33 21.81
N ASN D 378 20.39 -27.44 21.49
CA ASN D 378 20.61 -27.81 20.10
C ASN D 378 19.34 -28.43 19.51
N ASN D 379 19.12 -28.15 18.22
CA ASN D 379 17.92 -28.61 17.53
C ASN D 379 18.11 -30.02 17.00
N ILE D 380 17.09 -30.85 17.17
CA ILE D 380 17.05 -32.17 16.55
C ILE D 380 16.12 -32.20 15.34
N GLY D 381 14.95 -31.59 15.45
CA GLY D 381 14.13 -31.38 14.28
C GLY D 381 12.64 -31.47 14.57
N LEU D 382 11.84 -30.99 13.62
CA LEU D 382 10.39 -31.13 13.70
C LEU D 382 9.97 -32.58 13.46
N LEU D 383 8.84 -32.94 14.06
CA LEU D 383 8.29 -34.28 13.91
C LEU D 383 7.61 -34.41 12.54
N GLY D 384 8.14 -35.29 11.70
CA GLY D 384 7.56 -35.57 10.40
C GLY D 384 7.75 -37.03 10.10
N PHE D 385 7.84 -37.36 8.82
CA PHE D 385 8.02 -38.75 8.44
C PHE D 385 8.95 -38.83 7.24
N LYS D 386 9.65 -39.96 7.14
CA LYS D 386 10.51 -40.27 5.99
C LYS D 386 10.23 -41.70 5.58
N ALA D 387 9.82 -41.90 4.33
CA ALA D 387 9.53 -43.21 3.78
C ALA D 387 8.50 -43.97 4.62
N ASP D 388 8.97 -44.84 5.51
CA ASP D 388 8.10 -45.70 6.30
C ASP D 388 8.03 -45.29 7.77
N THR D 389 8.88 -44.37 8.23
CA THR D 389 9.09 -44.18 9.66
C THR D 389 8.87 -42.72 10.06
N VAL D 390 8.20 -42.54 11.19
CA VAL D 390 8.10 -41.22 11.80
C VAL D 390 9.47 -40.82 12.30
N VAL D 391 9.94 -39.65 11.88
CA VAL D 391 11.28 -39.18 12.16
C VAL D 391 11.23 -37.74 12.69
N ALA D 392 12.38 -37.25 13.13
CA ALA D 392 12.59 -35.86 13.45
C ALA D 392 13.62 -35.29 12.49
N SER D 393 13.26 -34.21 11.81
CA SER D 393 14.09 -33.67 10.73
C SER D 393 14.16 -32.16 10.81
N THR D 394 15.34 -31.61 10.54
CA THR D 394 15.53 -30.17 10.50
C THR D 394 15.18 -29.55 9.15
N TRP D 395 14.94 -30.38 8.14
CA TRP D 395 14.60 -29.88 6.81
C TRP D 395 13.35 -29.01 6.86
N TYR D 396 12.38 -29.38 7.70
CA TYR D 396 11.15 -28.61 7.82
C TYR D 396 11.42 -27.18 8.29
N TYR D 397 12.59 -26.92 8.86
CA TYR D 397 12.92 -25.56 9.27
C TYR D 397 12.94 -24.62 8.06
N THR D 398 13.43 -25.09 6.92
CA THR D 398 13.60 -24.23 5.76
C THR D 398 12.56 -24.47 4.68
N HIS D 399 11.60 -25.34 4.91
CA HIS D 399 10.56 -25.63 3.92
C HIS D 399 9.20 -25.76 4.60
N MET D 400 8.86 -24.79 5.45
CA MET D 400 7.54 -24.77 6.07
C MET D 400 6.43 -24.51 5.06
N ARG D 401 6.76 -23.98 3.88
CA ARG D 401 5.79 -23.70 2.84
C ARG D 401 6.44 -23.89 1.49
N ASP D 402 5.62 -23.82 0.44
CA ASP D 402 6.08 -23.82 -0.95
C ASP D 402 6.81 -25.11 -1.31
N HIS D 403 6.38 -26.23 -0.72
CA HIS D 403 6.89 -27.53 -1.07
C HIS D 403 5.77 -28.55 -0.89
N THR D 404 5.76 -29.57 -1.75
CA THR D 404 4.71 -30.58 -1.67
C THR D 404 4.76 -31.37 -0.36
N ASN D 405 5.90 -31.39 0.30
CA ASN D 405 6.10 -32.13 1.54
C ASN D 405 6.13 -31.24 2.77
N SER D 406 5.70 -29.98 2.65
CA SER D 406 5.81 -29.06 3.78
C SER D 406 4.89 -29.45 4.93
N ASN D 407 3.70 -29.97 4.62
CA ASN D 407 2.73 -30.31 5.65
C ASN D 407 3.04 -31.60 6.39
N GLY D 408 4.17 -32.25 6.09
CA GLY D 408 4.53 -33.47 6.79
C GLY D 408 4.83 -33.27 8.26
N CYS D 409 5.14 -32.04 8.67
CA CYS D 409 5.44 -31.73 10.06
C CYS D 409 4.22 -31.23 10.83
N PHE D 410 3.05 -31.16 10.19
CA PHE D 410 1.84 -30.68 10.82
C PHE D 410 1.03 -31.88 11.30
N TRP D 411 0.57 -31.82 12.56
CA TRP D 411 -0.14 -32.92 13.18
C TRP D 411 -1.41 -32.44 13.85
N ASN D 412 -2.41 -33.32 13.89
CA ASN D 412 -3.66 -33.08 14.61
C ASN D 412 -3.82 -34.13 15.68
N PHE D 413 -4.36 -33.70 16.83
CA PHE D 413 -4.54 -34.55 18.01
C PHE D 413 -6.03 -34.86 18.10
N ILE D 414 -6.39 -36.14 17.91
CA ILE D 414 -7.77 -36.57 17.90
C ILE D 414 -8.13 -37.13 19.27
N SER D 415 -9.12 -36.52 19.92
CA SER D 415 -9.60 -37.00 21.21
C SER D 415 -10.84 -37.85 21.01
N GLU D 416 -10.88 -39.00 21.68
CA GLU D 416 -12.02 -39.90 21.58
C GLU D 416 -13.19 -39.32 22.36
N GLU D 417 -14.23 -38.91 21.65
CA GLU D 417 -15.37 -38.22 22.24
C GLU D 417 -16.66 -38.90 21.83
N HIS D 418 -17.75 -38.49 22.49
CA HIS D 418 -19.06 -39.08 22.22
C HIS D 418 -19.66 -38.58 20.91
N GLY D 419 -19.28 -37.38 20.46
CA GLY D 419 -19.85 -36.81 19.25
C GLY D 419 -19.46 -37.52 17.98
N TRP D 420 -18.35 -38.28 18.00
CA TRP D 420 -17.90 -39.04 16.84
C TRP D 420 -17.77 -40.50 17.26
N GLN D 421 -18.70 -41.33 16.81
CA GLN D 421 -18.74 -42.74 17.17
C GLN D 421 -18.43 -43.59 15.94
N GLU D 422 -17.46 -44.50 16.09
CA GLU D 422 -17.14 -45.45 15.04
C GLU D 422 -16.93 -46.82 15.67
N LYS D 423 -17.63 -47.82 15.15
CA LYS D 423 -17.49 -49.18 15.62
C LYS D 423 -17.26 -50.14 14.45
N GLN E 2 63.77 -13.40 -27.98
CA GLN E 2 64.04 -12.22 -27.17
C GLN E 2 64.05 -10.96 -28.03
N LEU E 3 63.70 -9.83 -27.40
CA LEU E 3 63.70 -8.54 -28.07
C LEU E 3 65.08 -7.90 -27.95
N GLN E 4 65.67 -7.53 -29.08
CA GLN E 4 67.04 -7.05 -29.15
C GLN E 4 67.14 -5.97 -30.23
N LEU E 5 67.88 -4.91 -29.89
CA LEU E 5 68.05 -3.74 -30.75
C LEU E 5 69.52 -3.35 -30.70
N VAL E 6 70.23 -3.44 -31.83
CA VAL E 6 71.66 -3.14 -31.84
C VAL E 6 72.00 -2.21 -32.99
N GLU E 7 72.88 -1.24 -32.72
CA GLU E 7 73.35 -0.30 -33.73
C GLU E 7 74.81 -0.55 -34.06
N THR E 8 75.18 -0.24 -35.31
CA THR E 8 76.57 -0.38 -35.75
C THR E 8 76.78 0.54 -36.95
N GLY E 9 78.03 0.88 -37.20
CA GLY E 9 78.40 1.68 -38.37
C GLY E 9 78.97 3.04 -38.06
N GLY E 10 79.12 3.42 -36.79
CA GLY E 10 79.62 4.75 -36.47
C GLY E 10 81.14 4.83 -36.41
N GLY E 11 81.64 6.04 -36.59
CA GLY E 11 83.07 6.26 -36.55
C GLY E 11 83.40 7.71 -36.76
N LEU E 12 84.67 7.97 -37.08
CA LEU E 12 85.18 9.33 -37.27
C LEU E 12 85.17 9.68 -38.76
N VAL E 13 84.61 10.86 -39.07
CA VAL E 13 84.60 11.39 -40.43
C VAL E 13 84.88 12.89 -40.36
N LYS E 14 85.38 13.43 -41.45
CA LYS E 14 85.60 14.86 -41.57
C LYS E 14 84.35 15.56 -42.07
N PRO E 15 84.19 16.86 -41.81
CA PRO E 15 83.01 17.59 -42.29
C PRO E 15 82.79 17.44 -43.80
N GLY E 16 81.64 16.87 -44.17
CA GLY E 16 81.31 16.58 -45.55
C GLY E 16 81.34 15.10 -45.89
N GLY E 17 81.81 14.25 -44.99
CA GLY E 17 81.91 12.83 -45.25
C GLY E 17 80.56 12.13 -45.27
N SER E 18 80.57 10.81 -45.14
CA SER E 18 79.34 10.03 -45.20
C SER E 18 79.45 8.83 -44.28
N LEU E 19 78.30 8.37 -43.80
CA LEU E 19 78.20 7.20 -42.94
C LEU E 19 76.88 6.50 -43.22
N ARG E 20 76.83 5.22 -42.86
CA ARG E 20 75.61 4.41 -43.00
C ARG E 20 75.41 3.64 -41.70
N LEU E 21 74.54 4.13 -40.84
CA LEU E 21 74.23 3.44 -39.59
C LEU E 21 73.20 2.35 -39.85
N SER E 22 73.41 1.19 -39.24
CA SER E 22 72.46 0.10 -39.35
C SER E 22 72.07 -0.37 -37.95
N CYS E 23 70.88 -0.93 -37.86
CA CYS E 23 70.27 -1.31 -36.58
C CYS E 23 69.54 -2.63 -36.79
N VAL E 24 70.09 -3.70 -36.23
CA VAL E 24 69.53 -5.03 -36.36
C VAL E 24 68.55 -5.29 -35.22
N VAL E 25 67.44 -5.92 -35.58
CA VAL E 25 66.28 -6.11 -34.72
C VAL E 25 65.99 -7.61 -34.59
N SER E 26 65.72 -8.05 -33.36
CA SER E 26 65.30 -9.43 -33.11
C SER E 26 64.12 -9.43 -32.15
N GLY E 27 63.05 -10.15 -32.51
CA GLY E 27 61.92 -10.32 -31.63
C GLY E 27 60.64 -9.68 -32.10
N PHE E 28 60.72 -8.68 -32.99
CA PHE E 28 59.54 -8.02 -33.49
C PHE E 28 59.78 -7.62 -34.94
N THR E 29 58.68 -7.45 -35.68
CA THR E 29 58.74 -6.99 -37.06
C THR E 29 58.40 -5.51 -37.12
N PHE E 30 58.81 -4.89 -38.22
CA PHE E 30 58.59 -3.47 -38.41
C PHE E 30 57.15 -3.15 -38.80
N ASP E 31 56.30 -4.17 -38.96
CA ASP E 31 54.89 -3.92 -39.25
C ASP E 31 54.13 -3.48 -38.02
N ASP E 32 54.56 -3.92 -36.83
CA ASP E 32 53.90 -3.58 -35.57
C ASP E 32 54.65 -2.51 -34.79
N TYR E 33 55.76 -2.00 -35.30
CA TYR E 33 56.55 -1.01 -34.58
C TYR E 33 57.07 0.05 -35.54
N ARG E 34 57.10 1.28 -35.05
CA ARG E 34 57.68 2.42 -35.76
C ARG E 34 59.11 2.61 -35.27
N MET E 35 60.05 2.75 -36.20
CA MET E 35 61.45 2.84 -35.84
C MET E 35 61.90 4.29 -35.82
N ALA E 36 62.95 4.55 -35.03
CA ALA E 36 63.41 5.92 -34.86
C ALA E 36 64.89 5.96 -34.54
N TRP E 37 65.51 7.07 -34.87
CA TRP E 37 66.88 7.38 -34.53
C TRP E 37 66.88 8.63 -33.67
N VAL E 38 67.57 8.57 -32.53
CA VAL E 38 67.64 9.67 -31.57
C VAL E 38 69.10 9.95 -31.26
N ARG E 39 69.48 11.22 -31.21
CA ARG E 39 70.87 11.58 -30.98
C ARG E 39 71.05 12.18 -29.58
N GLN E 40 72.26 12.04 -29.06
CA GLN E 40 72.59 12.54 -27.72
C GLN E 40 73.98 13.18 -27.79
N ALA E 41 74.00 14.51 -27.67
CA ALA E 41 75.23 15.30 -27.54
C ALA E 41 75.75 15.20 -26.10
N PRO E 42 77.08 15.25 -25.90
CA PRO E 42 77.62 15.06 -24.55
C PRO E 42 77.08 16.02 -23.50
N GLY E 43 76.93 17.31 -23.82
CA GLY E 43 76.39 18.25 -22.85
C GLY E 43 74.99 18.72 -23.15
N LYS E 44 74.20 17.84 -23.78
CA LYS E 44 72.83 18.17 -24.16
C LYS E 44 71.94 16.97 -23.86
N GLU E 45 70.64 17.19 -23.97
CA GLU E 45 69.67 16.13 -23.74
C GLU E 45 69.36 15.40 -25.04
N LEU E 46 68.52 14.37 -24.94
CA LEU E 46 68.20 13.53 -26.08
C LEU E 46 67.41 14.31 -27.13
N GLU E 47 67.83 14.18 -28.38
CA GLU E 47 67.24 14.90 -29.51
C GLU E 47 66.80 13.89 -30.57
N TRP E 48 65.51 13.88 -30.89
CA TRP E 48 64.99 12.94 -31.88
C TRP E 48 65.47 13.34 -33.27
N VAL E 49 65.95 12.36 -34.03
CA VAL E 49 66.51 12.62 -35.36
C VAL E 49 65.51 12.25 -36.43
N SER E 50 65.10 10.99 -36.47
CA SER E 50 64.24 10.54 -37.58
C SER E 50 63.33 9.41 -37.13
N SER E 51 62.30 9.13 -37.89
CA SER E 51 61.34 8.07 -37.61
C SER E 51 60.77 7.53 -38.90
N ILE E 52 60.45 6.23 -38.92
CA ILE E 52 59.92 5.57 -40.09
C ILE E 52 58.82 4.58 -39.67
N ASP E 53 57.77 4.54 -40.48
CA ASP E 53 56.71 3.53 -40.40
C ASP E 53 56.86 2.60 -41.60
N SER E 54 56.78 1.29 -41.35
CA SER E 54 56.96 0.31 -42.42
C SER E 54 55.65 -0.05 -43.11
N TRP E 55 54.53 0.03 -42.40
CA TRP E 55 53.24 -0.26 -43.03
C TRP E 55 52.90 0.79 -44.08
N SER E 56 53.08 2.07 -43.72
CA SER E 56 52.97 3.17 -44.66
C SER E 56 54.31 3.89 -44.69
N ILE E 57 54.88 4.04 -45.89
CA ILE E 57 56.28 4.43 -46.05
C ILE E 57 56.47 5.90 -45.71
N ASN E 58 55.48 6.50 -45.06
CA ASN E 58 55.64 7.87 -44.56
C ASN E 58 56.78 7.93 -43.55
N THR E 59 57.76 8.79 -43.83
CA THR E 59 58.90 9.00 -42.95
C THR E 59 58.84 10.40 -42.35
N TYR E 60 59.56 10.58 -41.24
CA TYR E 60 59.56 11.83 -40.50
C TYR E 60 60.99 12.22 -40.16
N TYR E 61 61.36 13.48 -40.41
CA TYR E 61 62.76 13.92 -40.18
C TYR E 61 62.82 15.21 -39.35
N GLU E 62 63.98 15.51 -38.78
CA GLU E 62 64.17 16.76 -37.99
C GLU E 62 64.60 17.89 -38.94
N ASP E 63 64.32 19.16 -38.61
CA ASP E 63 64.63 20.25 -39.53
C ASP E 63 66.13 20.34 -39.82
N SER E 64 66.97 20.27 -38.78
CA SER E 64 68.41 20.39 -38.98
C SER E 64 69.01 19.16 -39.65
N VAL E 65 68.19 18.19 -40.02
CA VAL E 65 68.66 16.93 -40.57
C VAL E 65 68.08 16.62 -41.94
N LYS E 66 66.93 17.19 -42.31
CA LYS E 66 66.28 16.84 -43.57
C LYS E 66 67.18 17.18 -44.75
N GLY E 67 67.11 16.33 -45.79
CA GLY E 67 67.90 16.49 -46.99
C GLY E 67 69.23 15.75 -46.96
N ARG E 68 69.88 15.74 -45.79
CA ARG E 68 71.17 15.08 -45.64
C ARG E 68 71.06 13.64 -45.15
N PHE E 69 70.02 13.31 -44.38
CA PHE E 69 69.85 11.98 -43.82
C PHE E 69 68.66 11.30 -44.50
N THR E 70 68.76 9.98 -44.66
CA THR E 70 67.69 9.19 -45.25
C THR E 70 67.52 7.90 -44.46
N ILE E 71 66.32 7.70 -43.91
CA ILE E 71 66.02 6.49 -43.14
C ILE E 71 65.39 5.47 -44.07
N SER E 72 65.70 4.19 -43.85
CA SER E 72 65.30 3.14 -44.77
C SER E 72 65.08 1.83 -44.00
N THR E 73 64.39 0.90 -44.65
CA THR E 73 64.02 -0.37 -44.01
C THR E 73 64.07 -1.50 -45.03
N ASP E 74 64.72 -2.59 -44.64
CA ASP E 74 64.79 -3.79 -45.49
C ASP E 74 63.56 -4.68 -45.28
N ASN E 75 63.19 -4.91 -44.02
CA ASN E 75 62.09 -5.78 -43.61
C ASN E 75 62.40 -7.25 -43.88
N ALA E 76 63.12 -7.54 -44.97
CA ALA E 76 63.52 -8.91 -45.28
C ALA E 76 64.78 -9.34 -44.54
N LYS E 77 65.54 -8.39 -43.99
CA LYS E 77 66.73 -8.71 -43.21
C LYS E 77 66.69 -8.12 -41.81
N ASN E 78 65.52 -7.64 -41.35
CA ASN E 78 65.34 -7.15 -39.97
C ASN E 78 66.25 -5.97 -39.64
N THR E 79 66.78 -5.27 -40.64
CA THR E 79 67.74 -4.20 -40.41
C THR E 79 67.18 -2.86 -40.84
N LEU E 80 67.30 -1.87 -39.96
CA LEU E 80 66.92 -0.49 -40.20
C LEU E 80 68.17 0.30 -40.56
N TYR E 81 68.06 1.19 -41.54
CA TYR E 81 69.21 1.94 -42.00
C TYR E 81 69.00 3.45 -41.86
N LEU E 82 70.10 4.17 -41.65
CA LEU E 82 70.12 5.63 -41.65
C LEU E 82 71.37 6.04 -42.42
N GLN E 83 71.17 6.50 -43.65
CA GLN E 83 72.25 6.99 -44.50
C GLN E 83 72.47 8.47 -44.20
N MET E 84 73.62 8.80 -43.62
CA MET E 84 73.98 10.16 -43.29
C MET E 84 75.00 10.66 -44.29
N SER E 85 74.72 11.81 -44.92
CA SER E 85 75.62 12.39 -45.90
C SER E 85 75.75 13.88 -45.62
N SER E 86 76.86 14.45 -46.11
CA SER E 86 77.16 15.87 -45.88
C SER E 86 77.17 16.19 -44.39
N LEU E 87 77.96 15.43 -43.64
CA LEU E 87 77.93 15.53 -42.19
C LEU E 87 78.56 16.84 -41.72
N LYS E 88 77.91 17.47 -40.76
CA LYS E 88 78.36 18.69 -40.10
C LYS E 88 78.94 18.37 -38.74
N PRO E 89 79.79 19.23 -38.19
CA PRO E 89 80.34 18.98 -36.84
C PRO E 89 79.29 18.94 -35.75
N GLU E 90 78.07 19.45 -36.01
CA GLU E 90 77.01 19.37 -35.03
C GLU E 90 76.44 17.96 -34.90
N ASP E 91 76.73 17.06 -35.84
CA ASP E 91 76.21 15.71 -35.81
C ASP E 91 77.04 14.78 -34.94
N THR E 92 78.13 15.28 -34.34
CA THR E 92 78.97 14.47 -33.46
C THR E 92 78.18 14.14 -32.20
N ALA E 93 77.70 12.89 -32.10
CA ALA E 93 76.83 12.50 -31.00
C ALA E 93 76.77 10.98 -30.92
N VAL E 94 76.14 10.49 -29.87
CA VAL E 94 75.79 9.08 -29.77
C VAL E 94 74.40 8.88 -30.37
N TYR E 95 74.28 7.95 -31.31
CA TYR E 95 73.03 7.70 -32.01
C TYR E 95 72.41 6.41 -31.49
N TYR E 96 71.13 6.48 -31.11
CA TYR E 96 70.40 5.38 -30.51
C TYR E 96 69.25 4.96 -31.42
N CYS E 97 69.08 3.65 -31.54
CA CYS E 97 67.94 3.05 -32.21
C CYS E 97 66.78 2.95 -31.22
N ALA E 98 65.57 3.24 -31.69
CA ALA E 98 64.40 3.22 -30.82
C ALA E 98 63.22 2.61 -31.57
N ALA E 99 62.33 1.97 -30.81
CA ALA E 99 61.16 1.31 -31.35
C ALA E 99 59.93 1.71 -30.54
N GLU E 100 58.90 2.21 -31.22
CA GLU E 100 57.65 2.62 -30.60
C GLU E 100 56.51 1.72 -31.07
N ASP E 101 55.66 1.33 -30.14
CA ASP E 101 54.44 0.60 -30.50
C ASP E 101 53.57 1.49 -31.37
N ARG E 102 53.23 1.00 -32.57
CA ARG E 102 52.46 1.82 -33.50
C ARG E 102 51.07 2.13 -32.99
N LEU E 103 50.54 1.28 -32.11
CA LEU E 103 49.18 1.46 -31.59
C LEU E 103 49.10 2.56 -30.54
N GLY E 104 50.24 3.08 -30.08
CA GLY E 104 50.22 4.16 -29.11
C GLY E 104 49.91 5.50 -29.75
N VAL E 105 49.98 6.54 -28.93
CA VAL E 105 49.73 7.91 -29.39
C VAL E 105 50.84 8.30 -30.35
N PRO E 106 50.52 8.68 -31.59
CA PRO E 106 51.57 8.88 -32.61
C PRO E 106 52.24 10.25 -32.55
N THR E 107 52.15 10.93 -31.41
CA THR E 107 52.86 12.18 -31.25
C THR E 107 54.36 11.95 -31.18
N ILE E 108 55.13 12.92 -31.65
CA ILE E 108 56.59 12.88 -31.63
C ILE E 108 57.10 14.04 -30.79
N ASN E 109 57.92 13.72 -29.79
CA ASN E 109 58.53 14.73 -28.93
C ASN E 109 59.97 14.97 -29.39
N ALA E 110 60.35 16.24 -29.51
CA ALA E 110 61.70 16.57 -29.95
C ALA E 110 62.74 16.22 -28.89
N HIS E 111 62.36 16.26 -27.62
CA HIS E 111 63.26 15.93 -26.51
C HIS E 111 62.64 14.77 -25.73
N PRO E 112 62.78 13.55 -26.21
CA PRO E 112 62.09 12.42 -25.59
C PRO E 112 62.80 11.89 -24.37
N SER E 113 62.00 11.30 -23.47
CA SER E 113 62.50 10.58 -22.31
C SER E 113 62.59 9.09 -22.65
N LYS E 114 62.86 8.26 -21.65
CA LYS E 114 63.00 6.83 -21.89
C LYS E 114 61.67 6.14 -22.14
N TYR E 115 60.56 6.72 -21.69
CA TYR E 115 59.25 6.13 -21.85
C TYR E 115 58.59 6.48 -23.17
N ASP E 116 59.25 7.25 -24.04
CA ASP E 116 58.67 7.60 -25.33
C ASP E 116 58.85 6.51 -26.37
N TYR E 117 59.63 5.47 -26.08
CA TYR E 117 59.80 4.34 -26.97
C TYR E 117 59.85 3.07 -26.14
N ASN E 118 59.46 1.96 -26.76
CA ASN E 118 59.41 0.68 -26.05
C ASN E 118 60.81 0.16 -25.77
N TYR E 119 61.63 0.03 -26.81
CA TYR E 119 62.96 -0.53 -26.70
C TYR E 119 63.98 0.46 -27.24
N TRP E 120 65.06 0.66 -26.50
CA TRP E 120 66.20 1.46 -26.94
C TRP E 120 67.38 0.57 -27.24
N GLY E 121 68.24 1.04 -28.14
CA GLY E 121 69.45 0.31 -28.50
C GLY E 121 70.60 0.63 -27.57
N GLN E 122 71.79 0.21 -27.98
CA GLN E 122 73.00 0.47 -27.21
C GLN E 122 73.69 1.77 -27.59
N GLY E 123 73.44 2.27 -28.80
CA GLY E 123 74.03 3.52 -29.24
C GLY E 123 75.39 3.35 -29.88
N THR E 124 75.59 4.00 -31.03
CA THR E 124 76.87 4.01 -31.72
C THR E 124 77.37 5.44 -31.83
N GLN E 125 78.67 5.63 -31.66
CA GLN E 125 79.26 6.96 -31.61
C GLN E 125 79.63 7.44 -33.01
N VAL E 126 79.21 8.65 -33.35
CA VAL E 126 79.59 9.30 -34.61
C VAL E 126 80.30 10.59 -34.27
N THR E 127 81.50 10.76 -34.83
CA THR E 127 82.35 11.91 -34.51
C THR E 127 82.71 12.63 -35.81
N VAL E 128 82.43 13.92 -35.86
CA VAL E 128 82.74 14.77 -37.01
C VAL E 128 83.78 15.79 -36.54
N SER E 129 85.02 15.63 -37.00
CA SER E 129 86.10 16.51 -36.59
C SER E 129 86.98 16.82 -37.81
N SER E 130 87.69 17.94 -37.72
CA SER E 130 88.58 18.37 -38.79
C SER E 130 89.96 17.73 -38.64
N LYS F 19 1.11 1.25 -30.93
CA LYS F 19 1.70 1.15 -32.26
C LYS F 19 2.80 0.09 -32.32
N SER F 20 3.37 -0.21 -31.16
CA SER F 20 4.48 -1.16 -31.10
C SER F 20 4.01 -2.57 -31.40
N SER F 21 4.92 -3.35 -31.99
CA SER F 21 4.64 -4.74 -32.34
C SER F 21 4.72 -5.67 -31.13
N SER F 22 5.09 -5.14 -29.97
CA SER F 22 5.23 -5.96 -28.77
C SER F 22 3.88 -6.51 -28.32
N VAL F 23 3.87 -7.80 -27.98
CA VAL F 23 2.73 -8.42 -27.34
C VAL F 23 3.08 -9.02 -25.99
N LEU F 24 4.36 -9.05 -25.62
CA LEU F 24 4.74 -9.46 -24.27
C LEU F 24 6.05 -8.79 -23.91
N ASN F 25 6.06 -8.03 -22.80
CA ASN F 25 7.24 -7.34 -22.31
C ASN F 25 7.40 -7.61 -20.83
N MET F 26 8.39 -8.42 -20.47
CA MET F 26 8.64 -8.78 -19.08
C MET F 26 9.53 -7.71 -18.44
N ARG F 27 8.96 -6.94 -17.51
CA ARG F 27 9.69 -5.88 -16.85
C ARG F 27 9.47 -5.94 -15.34
N TYR F 28 10.41 -5.37 -14.59
CA TYR F 28 10.37 -5.41 -13.14
C TYR F 28 9.47 -4.30 -12.58
N LYS F 29 8.67 -4.66 -11.58
CA LYS F 29 7.84 -3.71 -10.86
C LYS F 29 7.48 -4.30 -9.50
N ASN F 30 7.64 -3.49 -8.46
CA ASN F 30 7.17 -3.79 -7.11
C ASN F 30 7.48 -5.23 -6.69
N ASP F 31 8.78 -5.55 -6.66
CA ASP F 31 9.33 -6.81 -6.17
C ASP F 31 8.91 -8.01 -6.99
N LYS F 32 8.34 -7.81 -8.18
CA LYS F 32 7.95 -8.93 -9.03
C LYS F 32 8.15 -8.54 -10.49
N TYR F 33 7.85 -9.47 -11.38
CA TYR F 33 7.92 -9.24 -12.81
C TYR F 33 6.51 -9.19 -13.40
N VAL F 34 6.27 -8.21 -14.26
CA VAL F 34 4.94 -7.96 -14.82
C VAL F 34 5.07 -7.77 -16.32
N ASP F 35 3.93 -7.80 -16.99
CA ASP F 35 3.83 -7.58 -18.43
C ASP F 35 3.42 -6.13 -18.68
N THR F 36 4.27 -5.38 -19.35
CA THR F 36 4.02 -3.97 -19.64
C THR F 36 3.57 -3.74 -21.07
N SER F 37 3.17 -4.80 -21.77
CA SER F 37 2.69 -4.66 -23.14
C SER F 37 1.24 -4.22 -23.22
N GLY F 38 0.46 -4.46 -22.16
CA GLY F 38 -0.95 -4.13 -22.13
C GLY F 38 -1.86 -5.33 -22.23
N TYR F 39 -1.34 -6.51 -22.61
CA TYR F 39 -2.14 -7.71 -22.73
C TYR F 39 -2.30 -8.45 -21.41
N ASP F 40 -1.58 -8.04 -20.37
CA ASP F 40 -1.72 -8.58 -19.03
C ASP F 40 -1.47 -10.09 -19.01
N SER F 41 -0.24 -10.46 -19.33
CA SER F 41 0.24 -11.83 -19.17
C SER F 41 0.86 -11.95 -17.78
N ASN F 42 0.35 -12.87 -16.98
CA ASN F 42 0.80 -12.96 -15.59
C ASN F 42 2.19 -13.60 -15.53
N ILE F 43 2.95 -13.20 -14.52
CA ILE F 43 4.30 -13.73 -14.31
C ILE F 43 4.42 -14.13 -12.85
N ASN F 44 4.97 -15.32 -12.60
CA ASN F 44 5.10 -15.84 -11.25
C ASN F 44 6.52 -16.35 -11.05
N ILE F 45 7.01 -16.21 -9.82
CA ILE F 45 8.33 -16.66 -9.43
C ILE F 45 8.16 -17.83 -8.48
N ASN F 46 8.83 -18.94 -8.77
CA ASN F 46 8.74 -20.14 -7.94
C ASN F 46 10.14 -20.49 -7.46
N GLY F 47 10.35 -20.36 -6.15
CA GLY F 47 11.62 -20.70 -5.54
C GLY F 47 12.54 -19.51 -5.34
N ASP F 48 13.84 -19.74 -5.49
CA ASP F 48 14.85 -18.71 -5.25
C ASP F 48 15.35 -18.21 -6.61
N VAL F 49 14.83 -17.07 -7.05
CA VAL F 49 15.24 -16.43 -8.29
C VAL F 49 16.03 -15.18 -7.94
N TYR F 50 17.31 -15.17 -8.31
CA TYR F 50 18.17 -14.03 -8.02
C TYR F 50 17.77 -12.81 -8.84
N LYS F 51 17.80 -11.65 -8.19
CA LYS F 51 17.53 -10.38 -8.85
C LYS F 51 18.76 -9.48 -8.71
N TYR F 52 19.28 -8.99 -9.82
CA TYR F 52 20.46 -8.13 -9.78
C TYR F 52 20.09 -6.82 -9.09
N PRO F 53 20.82 -6.42 -8.04
CA PRO F 53 20.44 -5.21 -7.31
C PRO F 53 20.58 -3.93 -8.10
N THR F 54 21.52 -3.88 -9.05
CA THR F 54 21.72 -2.68 -9.86
C THR F 54 20.73 -2.59 -11.01
N ASN F 55 20.13 -3.70 -11.41
CA ASN F 55 19.15 -3.71 -12.49
C ASN F 55 18.22 -4.90 -12.24
N LYS F 56 17.07 -4.63 -11.62
CA LYS F 56 16.17 -5.70 -11.23
C LYS F 56 15.41 -6.32 -12.41
N ASN F 57 15.56 -5.76 -13.60
CA ASN F 57 14.93 -6.37 -14.78
C ASN F 57 15.62 -7.66 -15.21
N GLN F 58 16.88 -7.84 -14.86
CA GLN F 58 17.61 -9.07 -15.16
C GLN F 58 17.61 -9.98 -13.94
N PHE F 59 17.36 -11.26 -14.17
CA PHE F 59 17.23 -12.23 -13.09
C PHE F 59 18.07 -13.47 -13.39
N GLY F 60 18.38 -14.20 -12.33
CA GLY F 60 19.15 -15.44 -12.44
C GLY F 60 18.35 -16.61 -11.91
N ILE F 61 18.42 -17.73 -12.62
CA ILE F 61 17.74 -18.96 -12.23
C ILE F 61 18.78 -20.06 -12.02
N TYR F 62 18.56 -20.88 -11.01
CA TYR F 62 19.45 -21.98 -10.64
C TYR F 62 18.80 -23.31 -10.99
N ASN F 63 19.58 -24.39 -10.84
CA ASN F 63 19.08 -25.74 -11.05
C ASN F 63 19.37 -26.70 -9.91
N ASP F 64 20.14 -26.29 -8.90
CA ASP F 64 20.37 -27.11 -7.72
C ASP F 64 19.28 -26.95 -6.67
N LYS F 65 18.36 -26.01 -6.87
CA LYS F 65 17.24 -25.78 -5.99
C LYS F 65 16.04 -25.39 -6.85
N LEU F 66 14.89 -25.20 -6.21
CA LEU F 66 13.70 -24.74 -6.93
C LEU F 66 13.91 -23.29 -7.35
N SER F 67 13.99 -23.05 -8.66
CA SER F 67 14.23 -21.70 -9.17
C SER F 67 13.68 -21.65 -10.60
N GLU F 68 12.52 -21.01 -10.75
CA GLU F 68 11.89 -20.93 -12.06
C GLU F 68 11.01 -19.69 -12.14
N VAL F 69 10.79 -19.23 -13.37
CA VAL F 69 9.92 -18.09 -13.64
C VAL F 69 8.90 -18.52 -14.70
N ASN F 70 7.62 -18.49 -14.34
CA ASN F 70 6.56 -18.97 -15.23
C ASN F 70 5.72 -17.80 -15.70
N ILE F 71 5.60 -17.66 -17.02
CA ILE F 71 4.77 -16.62 -17.62
C ILE F 71 3.50 -17.31 -18.13
N SER F 72 2.38 -17.00 -17.52
CA SER F 72 1.07 -17.42 -18.04
C SER F 72 0.65 -16.39 -19.07
N GLN F 73 0.71 -16.78 -20.34
CA GLN F 73 0.42 -15.88 -21.44
C GLN F 73 -1.07 -15.56 -21.50
N ASN F 74 -1.37 -14.43 -22.14
CA ASN F 74 -2.75 -14.09 -22.44
C ASN F 74 -3.25 -14.91 -23.62
N ASP F 75 -4.54 -15.24 -23.60
CA ASP F 75 -5.13 -16.02 -24.68
C ASP F 75 -5.04 -15.29 -26.01
N TYR F 76 -4.88 -13.97 -25.98
CA TYR F 76 -4.72 -13.21 -27.21
C TYR F 76 -3.43 -13.57 -27.92
N ILE F 77 -2.33 -13.70 -27.17
CA ILE F 77 -1.01 -13.84 -27.75
C ILE F 77 -0.56 -15.30 -27.87
N ILE F 78 -1.33 -16.25 -27.36
CA ILE F 78 -1.00 -17.67 -27.52
C ILE F 78 -1.00 -18.01 -29.00
N TYR F 79 0.18 -18.31 -29.54
CA TYR F 79 0.34 -18.52 -30.98
C TYR F 79 -0.39 -19.80 -31.39
N ASP F 80 -1.31 -19.66 -32.34
CA ASP F 80 -2.06 -20.81 -32.86
C ASP F 80 -2.42 -20.56 -34.32
N ASN F 81 -1.42 -20.17 -35.12
CA ASN F 81 -1.62 -19.86 -36.52
C ASN F 81 -0.68 -20.70 -37.38
N LYS F 82 -0.86 -20.56 -38.70
CA LYS F 82 0.03 -21.16 -39.68
C LYS F 82 0.75 -20.14 -40.54
N TYR F 83 0.31 -18.88 -40.55
CA TYR F 83 0.86 -17.86 -41.43
C TYR F 83 1.36 -16.62 -40.71
N LYS F 84 1.06 -16.45 -39.42
CA LYS F 84 1.41 -15.22 -38.72
C LYS F 84 2.89 -15.21 -38.33
N ASN F 85 3.60 -14.16 -38.74
CA ASN F 85 5.00 -14.00 -38.38
C ASN F 85 5.13 -13.59 -36.91
N PHE F 86 6.28 -13.88 -36.31
CA PHE F 86 6.47 -13.52 -34.91
C PHE F 86 7.95 -13.49 -34.56
N SER F 87 8.28 -12.75 -33.51
CA SER F 87 9.67 -12.61 -33.09
C SER F 87 9.80 -12.71 -31.58
N ILE F 88 10.97 -13.15 -31.14
CA ILE F 88 11.30 -13.31 -29.73
C ILE F 88 12.65 -12.65 -29.46
N SER F 89 12.74 -11.88 -28.39
CA SER F 89 13.95 -11.14 -28.06
C SER F 89 14.26 -11.30 -26.58
N PHE F 90 15.54 -11.41 -26.25
CA PHE F 90 15.95 -11.44 -24.83
C PHE F 90 17.47 -11.30 -24.77
N TRP F 91 17.99 -11.23 -23.55
CA TRP F 91 19.42 -11.32 -23.31
C TRP F 91 19.68 -12.44 -22.32
N VAL F 92 20.74 -13.21 -22.58
CA VAL F 92 21.09 -14.39 -21.78
C VAL F 92 22.52 -14.26 -21.31
N ARG F 93 22.78 -14.73 -20.10
CA ARG F 93 24.12 -14.72 -19.51
C ARG F 93 24.45 -16.14 -19.05
N ILE F 94 25.48 -16.71 -19.66
CA ILE F 94 25.85 -18.11 -19.46
C ILE F 94 27.28 -18.15 -18.95
N PRO F 95 27.49 -18.34 -17.65
CA PRO F 95 28.86 -18.41 -17.13
C PRO F 95 29.52 -19.75 -17.42
N ASN F 96 30.83 -19.70 -17.62
CA ASN F 96 31.66 -20.88 -17.86
C ASN F 96 32.71 -20.95 -16.75
N TYR F 97 32.24 -21.23 -15.53
CA TYR F 97 33.04 -21.16 -14.31
C TYR F 97 34.46 -21.69 -14.49
N ASP F 98 34.59 -22.99 -14.75
CA ASP F 98 35.89 -23.62 -14.86
C ASP F 98 36.41 -23.68 -16.29
N ASN F 99 35.55 -23.52 -17.28
CA ASN F 99 35.84 -23.87 -18.67
C ASN F 99 36.20 -25.34 -18.82
N LYS F 100 35.87 -26.14 -17.82
CA LYS F 100 36.05 -27.59 -17.76
C LYS F 100 34.81 -28.31 -17.27
N ILE F 101 34.12 -27.76 -16.27
CA ILE F 101 32.88 -28.36 -15.79
C ILE F 101 31.78 -28.24 -16.84
N VAL F 102 31.85 -27.24 -17.71
CA VAL F 102 30.86 -27.06 -18.77
C VAL F 102 31.23 -27.80 -20.04
N ASN F 103 32.35 -28.53 -20.05
CA ASN F 103 32.80 -29.24 -21.25
C ASN F 103 32.11 -30.61 -21.33
N VAL F 104 30.79 -30.55 -21.54
CA VAL F 104 29.96 -31.75 -21.64
C VAL F 104 29.00 -31.55 -22.79
N ASN F 105 28.98 -32.49 -23.73
CA ASN F 105 28.05 -32.44 -24.86
C ASN F 105 26.69 -32.91 -24.38
N ASN F 106 25.86 -31.95 -23.95
CA ASN F 106 24.52 -32.26 -23.46
C ASN F 106 23.65 -31.02 -23.60
N GLU F 107 22.59 -31.13 -24.40
CA GLU F 107 21.67 -30.03 -24.61
C GLU F 107 20.68 -29.96 -23.44
N TYR F 108 20.59 -28.79 -22.82
CA TYR F 108 19.67 -28.56 -21.71
C TYR F 108 18.83 -27.32 -22.00
N THR F 109 17.55 -27.40 -21.63
CA THR F 109 16.57 -26.37 -21.95
C THR F 109 16.51 -25.31 -20.87
N ILE F 110 16.46 -24.05 -21.29
CA ILE F 110 16.31 -22.92 -20.37
C ILE F 110 14.96 -22.24 -20.52
N ILE F 111 14.43 -22.14 -21.74
CA ILE F 111 13.11 -21.55 -21.99
C ILE F 111 12.28 -22.55 -22.76
N ASN F 112 11.07 -22.82 -22.28
CA ASN F 112 10.24 -23.90 -22.81
C ASN F 112 8.82 -23.39 -23.05
N CYS F 113 8.48 -23.03 -24.29
CA CYS F 113 7.09 -22.77 -24.63
C CYS F 113 6.61 -23.88 -25.54
N MET F 114 6.59 -25.11 -25.03
CA MET F 114 6.13 -26.27 -25.76
C MET F 114 5.08 -27.01 -24.95
N ARG F 115 4.14 -27.65 -25.64
CA ARG F 115 3.03 -28.33 -24.98
C ARG F 115 3.45 -29.76 -24.62
N ASP F 116 2.46 -30.57 -24.24
CA ASP F 116 2.74 -31.97 -23.91
C ASP F 116 3.22 -32.74 -25.11
N ASN F 117 2.65 -32.49 -26.28
CA ASN F 117 3.11 -33.10 -27.52
C ASN F 117 4.34 -32.43 -28.09
N ASN F 118 5.03 -31.61 -27.29
CA ASN F 118 6.27 -30.93 -27.69
C ASN F 118 6.08 -30.11 -28.97
N SER F 119 4.95 -29.40 -29.04
CA SER F 119 4.69 -28.45 -30.11
C SER F 119 4.84 -27.04 -29.59
N GLY F 120 5.52 -26.20 -30.35
CA GLY F 120 5.80 -24.84 -29.92
C GLY F 120 7.23 -24.43 -30.19
N TRP F 121 7.87 -23.78 -29.21
CA TRP F 121 9.25 -23.36 -29.38
C TRP F 121 10.03 -23.55 -28.09
N LYS F 122 11.36 -23.59 -28.24
CA LYS F 122 12.23 -23.92 -27.12
C LYS F 122 13.60 -23.30 -27.33
N VAL F 123 14.12 -22.70 -26.27
CA VAL F 123 15.47 -22.15 -26.24
C VAL F 123 16.29 -23.00 -25.27
N SER F 124 17.33 -23.65 -25.79
CA SER F 124 18.17 -24.55 -25.03
C SER F 124 19.63 -24.15 -25.17
N LEU F 125 20.48 -24.76 -24.35
CA LEU F 125 21.90 -24.45 -24.34
C LEU F 125 22.72 -25.73 -24.38
N ASN F 126 23.89 -25.64 -25.01
CA ASN F 126 24.92 -26.66 -24.99
C ASN F 126 26.25 -26.00 -24.66
N HIS F 127 27.32 -26.80 -24.64
CA HIS F 127 28.63 -26.28 -24.31
C HIS F 127 29.03 -25.17 -25.28
N ASN F 128 28.99 -23.92 -24.81
CA ASN F 128 29.25 -22.75 -25.63
C ASN F 128 28.33 -22.70 -26.85
N GLU F 129 27.05 -23.04 -26.64
CA GLU F 129 26.11 -23.11 -27.74
C GLU F 129 24.72 -22.67 -27.30
N ILE F 130 24.04 -21.91 -28.17
CA ILE F 130 22.66 -21.48 -27.96
C ILE F 130 21.82 -22.05 -29.08
N ILE F 131 20.75 -22.77 -28.73
CA ILE F 131 19.92 -23.51 -29.68
C ILE F 131 18.49 -22.98 -29.62
N TRP F 132 17.92 -22.68 -30.78
CA TRP F 132 16.52 -22.33 -30.95
C TRP F 132 15.83 -23.45 -31.71
N THR F 133 14.66 -23.88 -31.23
CA THR F 133 13.93 -24.98 -31.84
C THR F 133 12.47 -24.60 -32.01
N LEU F 134 11.91 -24.88 -33.18
CA LEU F 134 10.52 -24.58 -33.50
C LEU F 134 9.86 -25.80 -34.12
N GLN F 135 8.72 -26.20 -33.56
CA GLN F 135 8.04 -27.42 -34.00
C GLN F 135 6.54 -27.17 -34.07
N ASP F 136 5.90 -27.73 -35.10
CA ASP F 136 4.47 -27.56 -35.30
C ASP F 136 3.70 -28.72 -34.65
N ASN F 137 2.38 -28.73 -34.84
CA ASN F 137 1.54 -29.75 -34.24
C ASN F 137 1.79 -31.13 -34.83
N ALA F 138 2.21 -31.19 -36.10
CA ALA F 138 2.44 -32.48 -36.74
C ALA F 138 3.71 -33.14 -36.22
N GLY F 139 4.73 -32.35 -35.94
CA GLY F 139 6.02 -32.87 -35.51
C GLY F 139 7.20 -32.41 -36.36
N ILE F 140 6.97 -31.65 -37.43
CA ILE F 140 8.05 -31.13 -38.23
C ILE F 140 8.77 -30.04 -37.44
N ASN F 141 10.08 -30.19 -37.28
CA ASN F 141 10.86 -29.28 -36.46
C ASN F 141 11.93 -28.59 -37.29
N GLN F 142 12.46 -27.49 -36.75
CA GLN F 142 13.55 -26.75 -37.35
C GLN F 142 14.38 -26.12 -36.25
N LYS F 143 15.70 -26.16 -36.40
CA LYS F 143 16.63 -25.71 -35.39
C LYS F 143 17.62 -24.71 -35.94
N LEU F 144 17.90 -23.68 -35.16
CA LEU F 144 18.99 -22.75 -35.42
C LEU F 144 19.96 -22.80 -34.24
N ALA F 145 21.23 -22.50 -34.50
CA ALA F 145 22.24 -22.67 -33.48
C ALA F 145 23.29 -21.57 -33.60
N PHE F 146 23.96 -21.30 -32.47
CA PHE F 146 25.09 -20.39 -32.43
C PHE F 146 26.13 -20.97 -31.47
N ASN F 147 27.28 -21.35 -32.00
CA ASN F 147 28.40 -21.84 -31.21
C ASN F 147 29.49 -20.77 -31.21
N TYR F 148 29.67 -20.11 -30.08
CA TYR F 148 30.69 -19.08 -29.97
C TYR F 148 32.06 -19.62 -29.56
N GLY F 149 32.13 -20.89 -29.17
CA GLY F 149 33.41 -21.55 -28.93
C GLY F 149 34.11 -21.05 -27.68
N ASN F 150 35.27 -21.66 -27.43
CA ASN F 150 36.08 -21.29 -26.28
C ASN F 150 36.74 -19.94 -26.50
N ALA F 151 37.25 -19.37 -25.41
CA ALA F 151 37.89 -18.05 -25.48
C ALA F 151 39.26 -18.16 -26.13
N ASN F 152 39.47 -17.40 -27.20
CA ASN F 152 40.77 -17.27 -27.85
C ASN F 152 41.23 -15.84 -27.61
N GLY F 153 41.85 -15.61 -26.45
CA GLY F 153 42.17 -14.26 -26.04
C GLY F 153 41.08 -13.69 -25.14
N ILE F 154 40.22 -12.85 -25.71
CA ILE F 154 39.08 -12.29 -25.01
C ILE F 154 37.82 -12.76 -25.70
N SER F 155 36.91 -13.35 -24.93
CA SER F 155 35.64 -13.84 -25.46
C SER F 155 34.56 -12.77 -25.28
N ASP F 156 33.82 -12.50 -26.35
CA ASP F 156 32.72 -11.55 -26.32
C ASP F 156 31.41 -12.16 -25.87
N TYR F 157 31.40 -13.44 -25.49
CA TYR F 157 30.13 -14.13 -25.24
C TYR F 157 30.10 -14.83 -23.89
N ILE F 158 31.25 -15.35 -23.45
CA ILE F 158 31.29 -16.14 -22.22
C ILE F 158 31.10 -15.24 -21.00
N ASN F 159 30.12 -15.59 -20.16
CA ASN F 159 29.78 -14.86 -18.94
C ASN F 159 29.38 -13.41 -19.22
N LYS F 160 29.03 -13.08 -20.46
CA LYS F 160 28.54 -11.76 -20.83
C LYS F 160 27.08 -11.85 -21.24
N TRP F 161 26.41 -10.69 -21.19
CA TRP F 161 25.05 -10.61 -21.70
C TRP F 161 25.07 -10.70 -23.22
N ILE F 162 24.38 -11.70 -23.77
CA ILE F 162 24.29 -11.92 -25.20
C ILE F 162 22.86 -11.64 -25.63
N PHE F 163 22.71 -10.76 -26.61
CA PHE F 163 21.39 -10.42 -27.16
C PHE F 163 20.99 -11.49 -28.16
N VAL F 164 19.87 -12.16 -27.89
CA VAL F 164 19.32 -13.20 -28.76
C VAL F 164 18.01 -12.70 -29.34
N THR F 165 17.89 -12.78 -30.67
CA THR F 165 16.68 -12.40 -31.37
C THR F 165 16.34 -13.50 -32.38
N ILE F 166 15.07 -13.85 -32.46
CA ILE F 166 14.61 -14.85 -33.42
C ILE F 166 13.41 -14.28 -34.15
N THR F 167 13.53 -14.15 -35.47
CA THR F 167 12.42 -13.71 -36.31
C THR F 167 11.89 -14.90 -37.10
N ASN F 168 10.57 -14.94 -37.29
CA ASN F 168 9.92 -16.07 -37.95
C ASN F 168 8.93 -15.52 -38.98
N ASP F 169 9.28 -15.68 -40.26
CA ASP F 169 8.40 -15.43 -41.39
C ASP F 169 7.85 -16.77 -41.84
N ARG F 170 6.54 -16.98 -41.64
CA ARG F 170 5.94 -18.28 -41.94
C ARG F 170 5.98 -18.59 -43.42
N LEU F 171 5.93 -17.58 -44.28
CA LEU F 171 6.05 -17.76 -45.72
C LEU F 171 7.50 -17.63 -46.20
N GLY F 172 8.46 -17.74 -45.28
CA GLY F 172 9.85 -17.58 -45.64
C GLY F 172 10.80 -18.26 -44.68
N ASP F 173 11.84 -17.54 -44.26
CA ASP F 173 12.89 -18.10 -43.41
C ASP F 173 12.70 -17.66 -41.96
N SER F 174 13.18 -18.50 -41.05
CA SER F 174 13.36 -18.15 -39.64
C SER F 174 14.83 -17.83 -39.42
N LYS F 175 15.09 -16.68 -38.80
CA LYS F 175 16.42 -16.12 -38.66
C LYS F 175 16.77 -15.95 -37.18
N LEU F 176 18.04 -16.20 -36.87
CA LEU F 176 18.58 -16.03 -35.53
C LEU F 176 19.65 -14.95 -35.56
N TYR F 177 19.55 -13.99 -34.64
CA TYR F 177 20.44 -12.86 -34.54
C TYR F 177 21.11 -12.88 -33.18
N ILE F 178 22.43 -12.68 -33.15
CA ILE F 178 23.19 -12.56 -31.92
C ILE F 178 23.87 -11.20 -31.92
N ASN F 179 23.53 -10.37 -30.93
CA ASN F 179 24.05 -9.01 -30.81
C ASN F 179 23.75 -8.19 -32.06
N GLY F 180 22.59 -8.44 -32.67
CA GLY F 180 22.15 -7.69 -33.83
C GLY F 180 22.68 -8.16 -35.16
N ASN F 181 23.49 -9.23 -35.19
CA ASN F 181 24.07 -9.74 -36.42
C ASN F 181 23.41 -11.05 -36.80
N LEU F 182 22.97 -11.16 -38.05
CA LEU F 182 22.37 -12.39 -38.54
C LEU F 182 23.44 -13.47 -38.68
N ILE F 183 23.13 -14.66 -38.17
CA ILE F 183 24.10 -15.75 -38.15
C ILE F 183 23.56 -17.08 -38.67
N ASP F 184 22.26 -17.32 -38.66
CA ASP F 184 21.72 -18.60 -39.10
C ASP F 184 20.26 -18.43 -39.49
N GLN F 185 19.93 -18.83 -40.71
CA GLN F 185 18.56 -18.76 -41.21
C GLN F 185 18.20 -20.05 -41.91
N LYS F 186 17.02 -20.58 -41.58
CA LYS F 186 16.52 -21.79 -42.22
C LYS F 186 15.05 -21.61 -42.59
N SER F 187 14.65 -22.20 -43.71
CA SER F 187 13.29 -22.05 -44.18
C SER F 187 12.32 -22.82 -43.28
N ILE F 188 11.17 -22.21 -43.00
CA ILE F 188 10.13 -22.86 -42.23
C ILE F 188 8.86 -23.01 -43.06
N LEU F 189 9.00 -23.02 -44.39
CA LEU F 189 7.86 -23.21 -45.27
C LEU F 189 7.26 -24.60 -45.14
N ASN F 190 8.01 -25.53 -44.57
CA ASN F 190 7.56 -26.92 -44.41
C ASN F 190 6.85 -27.15 -43.09
N LEU F 191 6.50 -26.09 -42.36
CA LEU F 191 5.82 -26.21 -41.08
C LEU F 191 4.40 -25.71 -41.20
N GLY F 192 3.46 -26.41 -40.56
CA GLY F 192 2.06 -26.05 -40.65
C GLY F 192 1.57 -25.25 -39.46
N ASN F 193 0.56 -25.77 -38.76
CA ASN F 193 0.00 -25.07 -37.61
C ASN F 193 0.87 -25.28 -36.38
N ILE F 194 1.24 -24.18 -35.73
CA ILE F 194 2.06 -24.21 -34.51
C ILE F 194 1.23 -23.65 -33.37
N HIS F 195 0.96 -24.49 -32.37
CA HIS F 195 0.22 -24.09 -31.18
C HIS F 195 1.19 -24.18 -30.00
N VAL F 196 1.67 -23.03 -29.53
CA VAL F 196 2.65 -22.99 -28.45
C VAL F 196 1.98 -23.25 -27.11
N SER F 197 2.78 -23.46 -26.08
CA SER F 197 2.25 -23.74 -24.76
C SER F 197 1.61 -22.49 -24.15
N ASP F 198 0.65 -22.72 -23.25
CA ASP F 198 0.04 -21.62 -22.51
C ASP F 198 1.04 -20.98 -21.55
N ASN F 199 2.07 -21.69 -21.15
CA ASN F 199 3.07 -21.21 -20.21
C ASN F 199 4.42 -21.07 -20.90
N ILE F 200 5.18 -20.07 -20.46
CA ILE F 200 6.57 -19.89 -20.85
C ILE F 200 7.40 -20.10 -19.59
N LEU F 201 8.15 -21.20 -19.55
CA LEU F 201 8.86 -21.62 -18.36
C LEU F 201 10.35 -21.30 -18.50
N PHE F 202 10.85 -20.44 -17.61
CA PHE F 202 12.27 -20.14 -17.52
C PHE F 202 12.81 -21.00 -16.39
N LYS F 203 13.48 -22.09 -16.76
CA LYS F 203 13.97 -23.09 -15.83
C LYS F 203 15.04 -23.93 -16.53
N ILE F 204 16.10 -24.24 -15.81
CA ILE F 204 17.17 -25.09 -16.32
C ILE F 204 16.81 -26.54 -16.02
N VAL F 205 16.59 -27.33 -17.07
CA VAL F 205 16.20 -28.73 -16.93
C VAL F 205 17.20 -29.60 -17.68
N ASN F 206 17.44 -30.80 -17.13
CA ASN F 206 18.31 -31.80 -17.75
C ASN F 206 19.72 -31.27 -17.98
N CYS F 207 20.26 -30.57 -16.99
CA CYS F 207 21.62 -30.07 -17.05
C CYS F 207 22.55 -31.00 -16.30
N SER F 208 23.68 -31.34 -16.92
CA SER F 208 24.61 -32.31 -16.34
C SER F 208 25.30 -31.79 -15.09
N TYR F 209 25.36 -30.48 -14.91
CA TYR F 209 26.11 -29.87 -13.82
C TYR F 209 25.28 -28.80 -13.13
N THR F 210 25.74 -28.38 -11.96
CA THR F 210 25.09 -27.31 -11.22
C THR F 210 25.53 -25.96 -11.77
N ARG F 211 24.56 -25.11 -12.10
CA ARG F 211 24.86 -23.85 -12.76
C ARG F 211 23.68 -22.90 -12.57
N TYR F 212 23.87 -21.66 -13.02
CA TYR F 212 22.79 -20.68 -13.09
C TYR F 212 22.85 -19.97 -14.42
N ILE F 213 21.73 -19.37 -14.79
CA ILE F 213 21.57 -18.70 -16.08
C ILE F 213 20.86 -17.37 -15.85
N GLY F 214 21.35 -16.31 -16.49
CA GLY F 214 20.75 -14.99 -16.39
C GLY F 214 19.90 -14.68 -17.62
N ILE F 215 18.74 -14.07 -17.37
CA ILE F 215 17.80 -13.71 -18.42
C ILE F 215 17.31 -12.30 -18.17
N ARG F 216 17.18 -11.52 -19.24
CA ARG F 216 16.60 -10.18 -19.10
C ARG F 216 15.90 -9.76 -20.39
N TYR F 217 14.92 -8.87 -20.22
CA TYR F 217 14.28 -8.15 -21.32
C TYR F 217 13.63 -9.10 -22.32
N PHE F 218 12.87 -10.07 -21.80
CA PHE F 218 12.17 -11.00 -22.67
C PHE F 218 10.97 -10.31 -23.30
N ASN F 219 10.92 -10.32 -24.64
CA ASN F 219 9.87 -9.68 -25.40
C ASN F 219 9.39 -10.62 -26.49
N ILE F 220 8.08 -10.60 -26.74
CA ILE F 220 7.45 -11.33 -27.83
C ILE F 220 6.70 -10.33 -28.69
N PHE F 221 6.96 -10.38 -30.00
CA PHE F 221 6.37 -9.50 -31.00
C PHE F 221 5.56 -10.34 -31.99
N ASP F 222 4.49 -9.75 -32.51
CA ASP F 222 3.59 -10.43 -33.44
C ASP F 222 3.93 -10.13 -34.90
N LYS F 223 5.20 -9.88 -35.21
CA LYS F 223 5.63 -9.66 -36.57
C LYS F 223 7.10 -10.05 -36.68
N GLU F 224 7.58 -10.15 -37.92
CA GLU F 224 8.99 -10.40 -38.17
C GLU F 224 9.78 -9.10 -38.00
N LEU F 225 10.70 -9.10 -37.05
CA LEU F 225 11.44 -7.88 -36.74
C LEU F 225 12.41 -7.53 -37.85
N ASP F 226 12.51 -6.24 -38.14
CA ASP F 226 13.48 -5.76 -39.10
C ASP F 226 14.88 -5.76 -38.50
N GLU F 227 15.88 -5.75 -39.39
CA GLU F 227 17.27 -5.72 -38.94
C GLU F 227 17.57 -4.43 -38.18
N THR F 228 17.09 -3.29 -38.69
CA THR F 228 17.27 -2.03 -37.98
C THR F 228 16.49 -1.99 -36.68
N GLU F 229 15.32 -2.63 -36.64
CA GLU F 229 14.58 -2.73 -35.39
C GLU F 229 15.35 -3.55 -34.36
N ILE F 230 15.96 -4.65 -34.80
CA ILE F 230 16.77 -5.45 -33.90
C ILE F 230 17.97 -4.65 -33.41
N GLN F 231 18.53 -3.81 -34.28
CA GLN F 231 19.67 -2.98 -33.85
C GLN F 231 19.24 -1.92 -32.83
N THR F 232 18.07 -1.31 -33.03
CA THR F 232 17.57 -0.35 -32.06
C THR F 232 17.29 -1.04 -30.72
N LEU F 233 16.74 -2.24 -30.75
CA LEU F 233 16.53 -3.00 -29.52
C LEU F 233 17.86 -3.32 -28.84
N TYR F 234 18.87 -3.66 -29.63
CA TYR F 234 20.18 -4.01 -29.10
C TYR F 234 20.88 -2.79 -28.49
N SER F 235 20.61 -1.60 -29.03
CA SER F 235 21.29 -0.40 -28.56
C SER F 235 20.55 0.33 -27.44
N ASN F 236 19.23 0.16 -27.34
CA ASN F 236 18.43 0.94 -26.41
C ASN F 236 17.84 0.16 -25.24
N GLU F 237 17.83 -1.18 -25.30
CA GLU F 237 17.27 -1.93 -24.18
C GLU F 237 18.09 -1.77 -22.91
N PRO F 238 19.43 -1.87 -22.95
CA PRO F 238 20.21 -1.37 -21.81
C PRO F 238 20.23 0.15 -21.83
N ASN F 239 20.36 0.73 -20.64
CA ASN F 239 20.35 2.19 -20.53
C ASN F 239 21.59 2.76 -21.22
N THR F 240 21.37 3.54 -22.27
CA THR F 240 22.48 4.14 -23.02
C THR F 240 23.17 5.25 -22.24
N ASN F 241 22.58 5.72 -21.14
CA ASN F 241 23.20 6.76 -20.33
C ASN F 241 24.18 6.19 -19.32
N ILE F 242 23.98 4.95 -18.88
CA ILE F 242 24.81 4.32 -17.88
C ILE F 242 25.95 3.56 -18.56
N LEU F 243 27.13 3.62 -17.96
CA LEU F 243 28.27 2.89 -18.49
C LEU F 243 28.15 1.41 -18.14
N LYS F 244 28.79 0.57 -18.96
CA LYS F 244 28.77 -0.87 -18.78
C LYS F 244 30.14 -1.36 -18.36
N ASP F 245 30.16 -2.49 -17.64
CA ASP F 245 31.41 -3.11 -17.24
C ASP F 245 31.83 -4.14 -18.28
N PHE F 246 32.71 -5.07 -17.92
CA PHE F 246 33.18 -6.08 -18.87
C PHE F 246 32.08 -7.08 -19.22
N TRP F 247 31.29 -7.50 -18.24
CA TRP F 247 30.27 -8.50 -18.46
C TRP F 247 29.00 -7.94 -19.07
N GLY F 248 28.85 -6.61 -19.13
CA GLY F 248 27.66 -5.99 -19.64
C GLY F 248 26.73 -5.44 -18.58
N ASN F 249 27.07 -5.60 -17.31
CA ASN F 249 26.30 -5.02 -16.22
C ASN F 249 26.63 -3.53 -16.08
N TYR F 250 25.94 -2.86 -15.16
CA TYR F 250 26.17 -1.44 -14.95
C TYR F 250 27.49 -1.19 -14.24
N LEU F 251 28.22 -0.17 -14.69
CA LEU F 251 29.44 0.24 -14.03
C LEU F 251 29.11 0.90 -12.69
N LEU F 252 29.84 0.51 -11.65
CA LEU F 252 29.50 0.89 -10.28
C LEU F 252 30.60 1.76 -9.67
N TYR F 253 30.18 2.67 -8.79
CA TYR F 253 31.10 3.43 -7.97
C TYR F 253 31.55 2.60 -6.77
N ASP F 254 32.77 2.90 -6.28
CA ASP F 254 33.34 2.23 -5.11
C ASP F 254 33.37 0.71 -5.29
N LYS F 255 33.78 0.27 -6.47
CA LYS F 255 33.86 -1.15 -6.80
C LYS F 255 35.20 -1.43 -7.45
N GLU F 256 35.91 -2.44 -6.94
CA GLU F 256 37.23 -2.76 -7.48
C GLU F 256 37.09 -3.37 -8.87
N TYR F 257 37.89 -2.87 -9.81
CA TYR F 257 37.87 -3.34 -11.19
C TYR F 257 39.30 -3.51 -11.70
N TYR F 258 39.52 -4.61 -12.41
CA TYR F 258 40.71 -4.73 -13.25
C TYR F 258 40.48 -3.99 -14.56
N LEU F 259 41.57 -3.62 -15.21
CA LEU F 259 41.51 -2.82 -16.43
C LEU F 259 41.81 -3.69 -17.65
N LEU F 260 41.14 -3.37 -18.76
CA LEU F 260 41.41 -4.05 -20.03
C LEU F 260 41.36 -3.02 -21.14
N ASN F 261 42.47 -2.83 -21.85
CA ASN F 261 42.49 -1.96 -23.01
C ASN F 261 42.06 -2.73 -24.23
N VAL F 262 41.04 -2.22 -24.93
CA VAL F 262 40.46 -2.97 -26.04
C VAL F 262 41.38 -3.01 -27.25
N LEU F 263 42.35 -2.09 -27.33
CA LEU F 263 43.30 -2.12 -28.44
C LEU F 263 44.43 -3.10 -28.20
N LYS F 264 44.84 -3.27 -26.94
CA LYS F 264 45.84 -4.27 -26.53
C LYS F 264 45.17 -5.21 -25.55
N PRO F 265 44.35 -6.15 -26.03
CA PRO F 265 43.63 -7.04 -25.11
C PRO F 265 44.51 -8.11 -24.51
N ASN F 266 45.68 -8.38 -25.07
CA ASN F 266 46.60 -9.38 -24.54
C ASN F 266 47.55 -8.83 -23.50
N ASN F 267 47.38 -7.56 -23.11
CA ASN F 267 48.23 -6.92 -22.13
C ASN F 267 47.40 -6.48 -20.93
N PHE F 268 48.06 -6.37 -19.78
CA PHE F 268 47.44 -5.84 -18.58
C PHE F 268 48.35 -4.76 -17.98
N ILE F 269 47.79 -3.99 -17.06
CA ILE F 269 48.47 -2.84 -16.47
C ILE F 269 49.07 -3.24 -15.13
N ASP F 270 50.35 -2.94 -14.95
CA ASP F 270 51.05 -3.19 -13.70
C ASP F 270 51.62 -1.89 -13.15
N ARG F 271 52.02 -1.93 -11.89
CA ARG F 271 52.56 -0.75 -11.21
C ARG F 271 54.07 -0.77 -11.30
N ARG F 272 54.66 0.38 -11.64
CA ARG F 272 56.10 0.53 -11.74
C ARG F 272 56.66 1.15 -10.46
N LYS F 273 58.00 1.14 -10.37
CA LYS F 273 58.66 1.65 -9.17
C LYS F 273 58.62 3.17 -9.10
N ASP F 274 58.58 3.85 -10.25
CA ASP F 274 58.49 5.30 -10.30
C ASP F 274 57.05 5.80 -10.30
N SER F 275 56.12 5.03 -9.75
CA SER F 275 54.71 5.35 -9.57
C SER F 275 53.93 5.41 -10.88
N THR F 276 54.55 5.08 -12.01
CA THR F 276 53.86 5.04 -13.29
C THR F 276 53.24 3.66 -13.52
N LEU F 277 52.48 3.56 -14.62
CA LEU F 277 51.77 2.33 -14.97
C LEU F 277 52.28 1.82 -16.30
N SER F 278 52.64 0.54 -16.34
CA SER F 278 53.20 -0.09 -17.53
C SER F 278 52.15 -0.92 -18.25
N ILE F 279 52.38 -1.14 -19.55
CA ILE F 279 51.49 -1.94 -20.38
C ILE F 279 52.21 -3.06 -21.10
N ASN F 280 53.52 -3.20 -20.94
CA ASN F 280 54.28 -4.22 -21.66
C ASN F 280 54.19 -5.57 -20.97
N ASN F 281 53.11 -5.82 -20.25
CA ASN F 281 52.92 -7.06 -19.50
C ASN F 281 51.93 -7.94 -20.25
N ILE F 282 52.43 -9.05 -20.79
CA ILE F 282 51.60 -9.97 -21.57
C ILE F 282 50.78 -10.84 -20.64
N ARG F 283 49.50 -11.00 -20.96
CA ARG F 283 48.61 -11.80 -20.14
C ARG F 283 48.95 -13.28 -20.25
N SER F 284 48.93 -13.96 -19.11
CA SER F 284 49.08 -15.40 -19.10
C SER F 284 47.83 -16.06 -19.67
N THR F 285 47.99 -17.31 -20.11
CA THR F 285 46.91 -18.02 -20.80
C THR F 285 46.56 -19.30 -20.06
N ILE F 286 45.25 -19.57 -19.98
CA ILE F 286 44.71 -20.85 -19.55
C ILE F 286 44.09 -21.48 -20.79
N LEU F 287 44.76 -22.50 -21.33
CA LEU F 287 44.47 -23.00 -22.67
C LEU F 287 44.66 -21.86 -23.68
N LEU F 288 43.55 -21.35 -24.22
CA LEU F 288 43.60 -20.21 -25.13
C LEU F 288 42.94 -18.96 -24.56
N ALA F 289 42.49 -19.00 -23.31
CA ALA F 289 41.80 -17.87 -22.71
C ALA F 289 42.79 -17.01 -21.93
N ASN F 290 42.76 -15.71 -22.18
CA ASN F 290 43.59 -14.78 -21.42
C ASN F 290 43.12 -14.69 -19.98
N ARG F 291 44.08 -14.52 -19.07
CA ARG F 291 43.74 -14.32 -17.66
C ARG F 291 43.18 -12.93 -17.47
N LEU F 292 41.98 -12.84 -16.90
CA LEU F 292 41.30 -11.56 -16.72
C LEU F 292 41.65 -10.90 -15.39
N TYR F 293 41.89 -11.68 -14.34
CA TYR F 293 42.12 -11.14 -13.00
C TYR F 293 43.60 -10.86 -12.77
N SER F 294 44.22 -10.16 -13.73
CA SER F 294 45.63 -9.82 -13.68
C SER F 294 45.79 -8.30 -13.73
N GLY F 295 46.75 -7.80 -12.96
CA GLY F 295 47.11 -6.40 -13.01
C GLY F 295 46.58 -5.60 -11.84
N ILE F 296 46.68 -4.29 -11.99
CA ILE F 296 46.26 -3.37 -10.93
C ILE F 296 44.73 -3.33 -10.84
N LYS F 297 44.25 -2.87 -9.70
CA LYS F 297 42.82 -2.69 -9.47
C LYS F 297 42.54 -1.22 -9.21
N VAL F 298 41.38 -0.74 -9.68
CA VAL F 298 41.00 0.65 -9.56
C VAL F 298 39.58 0.74 -9.01
N LYS F 299 39.26 1.93 -8.49
CA LYS F 299 37.93 2.22 -7.98
C LYS F 299 37.52 3.62 -8.43
N ILE F 300 36.25 3.77 -8.79
CA ILE F 300 35.70 5.04 -9.25
C ILE F 300 34.94 5.67 -8.08
N GLN F 301 35.20 6.95 -7.84
CA GLN F 301 34.63 7.65 -6.69
C GLN F 301 34.00 8.96 -7.13
N ARG F 302 32.81 9.24 -6.63
CA ARG F 302 32.14 10.49 -6.99
C ARG F 302 32.87 11.68 -6.40
N VAL F 303 33.04 12.74 -7.19
CA VAL F 303 33.69 13.95 -6.70
C VAL F 303 32.76 14.70 -5.76
N ASN F 304 31.59 15.08 -6.24
CA ASN F 304 30.56 15.71 -5.43
C ASN F 304 29.49 14.66 -5.14
N ASN F 305 29.60 14.01 -4.00
CA ASN F 305 28.68 12.93 -3.64
C ASN F 305 27.29 13.49 -3.34
N SER F 306 27.11 14.06 -2.14
CA SER F 306 25.83 14.60 -1.70
C SER F 306 24.70 13.59 -1.87
N SER F 307 25.02 12.32 -1.65
CA SER F 307 24.08 11.20 -1.80
C SER F 307 23.24 11.34 -3.07
N THR F 308 23.92 11.28 -4.21
CA THR F 308 23.26 11.38 -5.51
C THR F 308 22.75 9.99 -5.92
N ASN F 309 21.60 9.63 -5.34
CA ASN F 309 20.87 8.42 -5.71
C ASN F 309 21.69 7.15 -5.61
N ASP F 310 21.95 6.52 -6.75
CA ASP F 310 22.54 5.19 -6.80
C ASP F 310 24.06 5.27 -7.02
N ASN F 311 24.69 4.12 -7.21
CA ASN F 311 26.11 4.01 -7.44
C ASN F 311 26.45 3.74 -8.90
N LEU F 312 25.56 4.09 -9.82
CA LEU F 312 25.75 3.81 -11.24
C LEU F 312 26.57 4.93 -11.88
N VAL F 313 27.56 4.55 -12.68
CA VAL F 313 28.41 5.50 -13.37
C VAL F 313 27.73 5.89 -14.69
N ARG F 314 27.38 7.16 -14.82
CA ARG F 314 26.70 7.67 -16.00
C ARG F 314 27.65 8.48 -16.87
N LYS F 315 27.19 8.77 -18.08
CA LYS F 315 27.98 9.60 -18.99
C LYS F 315 28.17 11.00 -18.44
N ASN F 316 29.29 11.62 -18.80
CA ASN F 316 29.59 13.02 -18.48
C ASN F 316 29.70 13.26 -16.98
N ASP F 317 30.03 12.22 -16.22
CA ASP F 317 30.16 12.31 -14.77
C ASP F 317 31.56 12.78 -14.38
N GLN F 318 31.63 13.54 -13.28
CA GLN F 318 32.88 14.03 -12.73
C GLN F 318 33.31 13.07 -11.62
N VAL F 319 34.38 12.31 -11.87
CA VAL F 319 34.78 11.22 -10.98
C VAL F 319 36.26 11.32 -10.67
N TYR F 320 36.69 10.55 -9.68
CA TYR F 320 38.08 10.28 -9.36
C TYR F 320 38.38 8.81 -9.58
N ILE F 321 39.55 8.53 -10.15
CA ILE F 321 40.02 7.17 -10.39
C ILE F 321 41.13 6.89 -9.38
N ASN F 322 40.88 5.96 -8.46
CA ASN F 322 41.84 5.60 -7.42
C ASN F 322 42.43 4.22 -7.70
N PHE F 323 43.71 4.06 -7.36
CA PHE F 323 44.39 2.79 -7.44
C PHE F 323 44.34 2.10 -6.08
N VAL F 324 44.05 0.79 -6.11
CA VAL F 324 43.86 0.00 -4.91
C VAL F 324 45.18 -0.70 -4.59
N ALA F 325 45.82 -0.28 -3.50
CA ALA F 325 47.00 -0.96 -3.00
C ALA F 325 46.61 -2.11 -2.07
N SER F 326 45.83 -1.80 -1.03
CA SER F 326 45.24 -2.80 -0.15
C SER F 326 43.73 -2.54 -0.07
N LYS F 327 43.04 -3.35 0.73
CA LYS F 327 41.61 -3.13 0.91
C LYS F 327 41.32 -1.79 1.58
N THR F 328 42.26 -1.31 2.40
CA THR F 328 42.07 -0.07 3.14
C THR F 328 42.82 1.11 2.54
N HIS F 329 43.91 0.87 1.82
CA HIS F 329 44.74 1.94 1.28
C HIS F 329 44.42 2.17 -0.18
N LEU F 330 44.01 3.40 -0.51
CA LEU F 330 43.69 3.80 -1.88
C LEU F 330 44.47 5.07 -2.20
N PHE F 331 44.99 5.16 -3.42
CA PHE F 331 45.79 6.31 -3.82
C PHE F 331 45.30 6.85 -5.15
N PRO F 332 44.99 8.14 -5.26
CA PRO F 332 44.42 8.66 -6.51
C PRO F 332 45.41 8.58 -7.66
N LEU F 333 44.85 8.40 -8.86
CA LEU F 333 45.61 8.42 -10.10
C LEU F 333 45.54 9.81 -10.71
N TYR F 334 46.67 10.33 -11.18
CA TYR F 334 46.72 11.66 -11.74
C TYR F 334 47.59 11.67 -12.99
N ALA F 335 47.49 12.76 -13.75
CA ALA F 335 48.30 12.95 -14.95
C ALA F 335 49.42 13.92 -14.62
N ASP F 336 50.65 13.45 -14.71
CA ASP F 336 51.81 14.29 -14.37
C ASP F 336 52.01 15.31 -15.48
N THR F 337 51.57 16.53 -15.24
CA THR F 337 51.75 17.63 -16.19
C THR F 337 53.08 18.34 -16.01
N ALA F 338 53.95 17.85 -15.13
CA ALA F 338 55.25 18.46 -14.88
C ALA F 338 56.30 17.85 -15.81
N THR F 339 56.01 17.95 -17.10
CA THR F 339 56.90 17.43 -18.13
C THR F 339 56.70 18.22 -19.41
N THR F 340 57.74 18.21 -20.24
CA THR F 340 57.71 18.92 -21.51
C THR F 340 57.01 18.12 -22.61
N ASN F 341 56.74 16.85 -22.39
CA ASN F 341 56.07 16.03 -23.39
C ASN F 341 54.64 16.51 -23.59
N LYS F 342 54.09 16.18 -24.77
CA LYS F 342 52.70 16.50 -25.05
C LYS F 342 51.77 15.57 -24.28
N GLU F 343 52.09 14.28 -24.25
CA GLU F 343 51.34 13.30 -23.49
C GLU F 343 51.80 13.28 -22.03
N LYS F 344 50.84 13.20 -21.12
CA LYS F 344 51.12 13.22 -19.69
C LYS F 344 51.00 11.81 -19.13
N THR F 345 52.09 11.31 -18.55
CA THR F 345 52.08 9.96 -17.99
C THR F 345 51.20 9.91 -16.74
N ILE F 346 50.50 8.79 -16.57
CA ILE F 346 49.63 8.59 -15.43
C ILE F 346 50.45 8.05 -14.27
N LYS F 347 50.38 8.72 -13.13
CA LYS F 347 51.12 8.36 -11.94
C LYS F 347 50.17 8.13 -10.77
N ILE F 348 50.71 7.46 -9.75
CA ILE F 348 49.98 7.17 -8.52
C ILE F 348 50.45 8.14 -7.46
N SER F 349 49.50 8.83 -6.83
CA SER F 349 49.83 9.82 -5.81
C SER F 349 49.92 9.10 -4.47
N SER F 350 51.14 8.83 -4.02
CA SER F 350 51.33 8.21 -2.71
C SER F 350 50.91 9.14 -1.59
N SER F 351 50.90 10.45 -1.84
CA SER F 351 50.45 11.41 -0.85
C SER F 351 48.94 11.47 -0.75
N GLY F 352 48.24 11.06 -1.81
CA GLY F 352 46.80 11.18 -1.89
C GLY F 352 46.32 12.41 -2.63
N ASN F 353 47.22 13.26 -3.10
CA ASN F 353 46.84 14.51 -3.73
C ASN F 353 46.24 14.25 -5.11
N ARG F 354 45.05 14.80 -5.36
CA ARG F 354 44.42 14.72 -6.66
C ARG F 354 45.05 15.66 -7.67
N PHE F 355 45.96 16.54 -7.22
CA PHE F 355 46.67 17.49 -8.06
C PHE F 355 45.72 18.40 -8.84
N ASN F 356 44.57 18.72 -8.23
CA ASN F 356 43.60 19.66 -8.80
C ASN F 356 43.10 19.18 -10.15
N GLN F 357 42.83 17.87 -10.25
CA GLN F 357 42.38 17.26 -11.48
C GLN F 357 41.13 16.43 -11.22
N VAL F 358 40.36 16.21 -12.29
CA VAL F 358 39.18 15.35 -12.25
C VAL F 358 39.19 14.46 -13.48
N VAL F 359 38.30 13.47 -13.48
CA VAL F 359 38.16 12.53 -14.57
C VAL F 359 36.69 12.51 -14.99
N VAL F 360 36.46 12.65 -16.30
CA VAL F 360 35.12 12.61 -16.87
C VAL F 360 34.91 11.24 -17.52
N MET F 361 33.86 10.55 -17.12
CA MET F 361 33.54 9.25 -17.70
C MET F 361 32.70 9.42 -18.95
N ASN F 362 32.95 8.55 -19.94
CA ASN F 362 32.12 8.52 -21.13
C ASN F 362 32.18 7.11 -21.71
N SER F 363 31.39 6.87 -22.75
CA SER F 363 31.37 5.53 -23.31
C SER F 363 30.90 5.56 -24.76
N VAL F 364 31.42 4.62 -25.53
CA VAL F 364 30.89 4.25 -26.84
C VAL F 364 30.48 2.79 -26.73
N GLY F 365 29.17 2.54 -26.70
CA GLY F 365 28.69 1.19 -26.54
C GLY F 365 29.11 0.63 -25.20
N ASN F 366 29.84 -0.49 -25.23
CA ASN F 366 30.37 -1.10 -24.02
C ASN F 366 31.75 -0.58 -23.63
N ASN F 367 32.40 0.20 -24.49
CA ASN F 367 33.74 0.68 -24.21
C ASN F 367 33.68 2.01 -23.46
N CYS F 368 34.58 2.18 -22.50
CA CYS F 368 34.60 3.34 -21.64
C CYS F 368 35.84 4.21 -21.88
N THR F 369 35.66 5.51 -21.74
CA THR F 369 36.74 6.48 -21.85
C THR F 369 36.79 7.35 -20.60
N MET F 370 38.01 7.76 -20.26
CA MET F 370 38.28 8.52 -19.04
C MET F 370 39.07 9.76 -19.43
N ASN F 371 38.43 10.93 -19.39
CA ASN F 371 39.06 12.18 -19.77
C ASN F 371 39.62 12.86 -18.53
N PHE F 372 40.94 12.85 -18.39
CA PHE F 372 41.60 13.63 -17.35
C PHE F 372 41.53 15.11 -17.72
N LYS F 373 41.06 15.92 -16.78
CA LYS F 373 40.85 17.35 -16.99
C LYS F 373 41.34 18.11 -15.78
N ASN F 374 41.81 19.33 -16.02
CA ASN F 374 42.16 20.23 -14.93
C ASN F 374 40.88 20.82 -14.32
N ASN F 375 40.98 21.22 -13.05
CA ASN F 375 39.81 21.75 -12.36
C ASN F 375 39.37 23.10 -12.91
N ASN F 376 40.25 23.83 -13.60
CA ASN F 376 39.87 25.10 -14.20
C ASN F 376 39.10 24.92 -15.50
N GLY F 377 38.84 23.68 -15.92
CA GLY F 377 38.13 23.41 -17.14
C GLY F 377 39.01 23.03 -18.32
N ASN F 378 40.32 23.11 -18.16
CA ASN F 378 41.23 22.79 -19.26
C ASN F 378 41.39 21.28 -19.40
N ASN F 379 41.56 20.84 -20.65
CA ASN F 379 41.68 19.43 -20.96
C ASN F 379 43.12 18.95 -20.80
N ILE F 380 43.28 17.78 -20.20
CA ILE F 380 44.56 17.10 -20.14
C ILE F 380 44.64 15.96 -21.15
N GLY F 381 43.58 15.16 -21.24
CA GLY F 381 43.50 14.20 -22.33
C GLY F 381 42.78 12.93 -21.91
N LEU F 382 42.40 12.15 -22.91
CA LEU F 382 41.83 10.83 -22.68
C LEU F 382 42.90 9.86 -22.21
N LEU F 383 42.48 8.86 -21.45
CA LEU F 383 43.38 7.83 -20.95
C LEU F 383 43.71 6.84 -22.07
N GLY F 384 44.97 6.77 -22.44
CA GLY F 384 45.43 5.82 -23.43
C GLY F 384 46.82 5.36 -23.04
N PHE F 385 47.61 4.97 -24.05
CA PHE F 385 48.96 4.50 -23.79
C PHE F 385 49.88 4.95 -24.91
N LYS F 386 51.16 5.11 -24.56
CA LYS F 386 52.20 5.40 -25.53
C LYS F 386 53.39 4.50 -25.22
N ALA F 387 53.79 3.71 -26.21
CA ALA F 387 54.92 2.79 -26.09
C ALA F 387 54.73 1.84 -24.90
N ASP F 388 55.34 2.17 -23.77
CA ASP F 388 55.32 1.31 -22.60
C ASP F 388 54.45 1.83 -21.47
N THR F 389 53.97 3.07 -21.55
CA THR F 389 53.40 3.73 -20.39
C THR F 389 51.98 4.20 -20.66
N VAL F 390 51.09 3.97 -19.69
CA VAL F 390 49.75 4.54 -19.73
C VAL F 390 49.84 6.05 -19.53
N VAL F 391 49.27 6.80 -20.46
CA VAL F 391 49.36 8.25 -20.48
C VAL F 391 47.97 8.85 -20.64
N ALA F 392 47.91 10.18 -20.52
CA ALA F 392 46.73 10.96 -20.87
C ALA F 392 47.10 11.86 -22.05
N SER F 393 46.34 11.75 -23.13
CA SER F 393 46.70 12.44 -24.37
C SER F 393 45.45 13.05 -25.01
N THR F 394 45.62 14.24 -25.58
CA THR F 394 44.53 14.92 -26.26
C THR F 394 44.38 14.50 -27.72
N TRP F 395 45.33 13.72 -28.25
CA TRP F 395 45.25 13.28 -29.64
C TRP F 395 43.95 12.53 -29.91
N TYR F 396 43.53 11.72 -28.93
CA TYR F 396 42.31 10.92 -29.09
C TYR F 396 41.09 11.80 -29.33
N TYR F 397 41.18 13.09 -29.04
CA TYR F 397 40.05 13.98 -29.28
C TYR F 397 39.70 14.04 -30.76
N THR F 398 40.71 14.04 -31.63
CA THR F 398 40.45 14.21 -33.06
C THR F 398 40.59 12.91 -33.84
N HIS F 399 40.81 11.80 -33.16
CA HIS F 399 40.96 10.50 -33.80
C HIS F 399 40.22 9.44 -32.99
N MET F 400 38.97 9.75 -32.62
CA MET F 400 38.14 8.80 -31.90
C MET F 400 37.72 7.63 -32.78
N ARG F 401 37.83 7.76 -34.10
CA ARG F 401 37.46 6.70 -35.02
C ARG F 401 38.37 6.77 -36.24
N ASP F 402 38.27 5.73 -37.08
CA ASP F 402 38.90 5.71 -38.40
C ASP F 402 40.42 5.84 -38.32
N HIS F 403 41.02 5.27 -37.28
CA HIS F 403 42.47 5.20 -37.17
C HIS F 403 42.84 3.92 -36.45
N THR F 404 43.97 3.34 -36.84
CA THR F 404 44.40 2.08 -36.26
C THR F 404 44.67 2.19 -34.76
N ASN F 405 44.91 3.41 -34.27
CA ASN F 405 45.18 3.65 -32.86
C ASN F 405 44.00 4.27 -32.12
N SER F 406 42.82 4.29 -32.74
CA SER F 406 41.68 4.98 -32.14
C SER F 406 41.19 4.28 -30.88
N ASN F 407 41.24 2.95 -30.86
CA ASN F 407 40.71 2.20 -29.72
C ASN F 407 41.64 2.20 -28.51
N GLY F 408 42.77 2.91 -28.58
CA GLY F 408 43.67 2.97 -27.44
C GLY F 408 43.10 3.67 -26.23
N CYS F 409 42.07 4.49 -26.41
CA CYS F 409 41.43 5.21 -25.33
C CYS F 409 40.21 4.51 -24.76
N PHE F 410 39.87 3.33 -25.28
CA PHE F 410 38.70 2.58 -24.83
C PHE F 410 39.12 1.54 -23.79
N TRP F 411 38.40 1.49 -22.68
CA TRP F 411 38.73 0.60 -21.57
C TRP F 411 37.50 -0.17 -21.12
N ASN F 412 37.74 -1.38 -20.63
CA ASN F 412 36.72 -2.23 -20.02
C ASN F 412 37.11 -2.52 -18.58
N PHE F 413 36.11 -2.54 -17.70
CA PHE F 413 36.30 -2.76 -16.27
C PHE F 413 35.85 -4.17 -15.92
N ILE F 414 36.79 -5.00 -15.50
CA ILE F 414 36.52 -6.41 -15.22
C ILE F 414 36.33 -6.57 -13.71
N SER F 415 35.16 -7.06 -13.32
CA SER F 415 34.87 -7.33 -11.91
C SER F 415 35.07 -8.81 -11.64
N GLU F 416 35.76 -9.13 -10.55
CA GLU F 416 36.02 -10.52 -10.18
C GLU F 416 34.75 -11.13 -9.62
N GLU F 417 34.18 -12.10 -10.36
CA GLU F 417 32.91 -12.69 -10.03
C GLU F 417 33.04 -14.21 -10.00
N HIS F 418 31.98 -14.87 -9.50
CA HIS F 418 31.99 -16.32 -9.39
C HIS F 418 31.82 -17.00 -10.74
N GLY F 419 31.18 -16.32 -11.70
CA GLY F 419 30.94 -16.93 -13.01
C GLY F 419 32.19 -17.16 -13.83
N TRP F 420 33.28 -16.48 -13.51
CA TRP F 420 34.56 -16.63 -14.19
C TRP F 420 35.60 -16.99 -13.14
N GLN F 421 36.06 -18.24 -13.17
CA GLN F 421 37.01 -18.76 -12.19
C GLN F 421 38.38 -18.95 -12.82
N GLU F 422 39.41 -18.43 -12.15
CA GLU F 422 40.79 -18.59 -12.58
C GLU F 422 41.62 -18.97 -11.35
N LYS F 423 42.45 -20.00 -11.50
CA LYS F 423 43.31 -20.44 -10.42
C LYS F 423 44.71 -20.76 -10.91
N GLN G 4 -43.76 37.63 13.43
CA GLN G 4 -43.57 38.68 12.43
C GLN G 4 -43.15 38.09 11.09
N LEU G 5 -44.13 37.77 10.25
CA LEU G 5 -43.89 37.18 8.93
C LEU G 5 -44.82 37.89 7.95
N VAL G 6 -44.26 38.60 6.97
CA VAL G 6 -45.10 39.31 6.01
C VAL G 6 -44.66 38.96 4.59
N GLU G 7 -45.62 38.62 3.73
CA GLU G 7 -45.33 38.29 2.34
C GLU G 7 -45.90 39.35 1.42
N THR G 8 -45.26 39.51 0.26
CA THR G 8 -45.71 40.45 -0.75
C THR G 8 -45.17 40.03 -2.11
N GLY G 9 -45.84 40.51 -3.16
CA GLY G 9 -45.41 40.27 -4.52
C GLY G 9 -46.36 39.44 -5.37
N GLY G 10 -47.51 39.02 -4.84
CA GLY G 10 -48.44 38.22 -5.60
C GLY G 10 -49.42 39.05 -6.40
N GLY G 11 -49.96 38.43 -7.45
CA GLY G 11 -50.92 39.12 -8.29
C GLY G 11 -51.40 38.24 -9.41
N LEU G 12 -52.00 38.87 -10.43
CA LEU G 12 -52.55 38.15 -11.57
C LEU G 12 -51.53 38.10 -12.70
N VAL G 13 -51.31 36.90 -13.24
CA VAL G 13 -50.42 36.69 -14.38
C VAL G 13 -51.06 35.70 -15.34
N LYS G 14 -50.63 35.77 -16.60
CA LYS G 14 -51.06 34.82 -17.61
C LYS G 14 -50.17 33.59 -17.61
N PRO G 15 -50.67 32.45 -18.11
CA PRO G 15 -49.84 31.25 -18.19
C PRO G 15 -48.52 31.50 -18.91
N GLY G 16 -47.41 31.33 -18.21
CA GLY G 16 -46.09 31.63 -18.74
C GLY G 16 -45.45 32.86 -18.14
N GLY G 17 -46.17 33.63 -17.32
CA GLY G 17 -45.63 34.85 -16.74
C GLY G 17 -44.61 34.59 -15.65
N SER G 18 -44.33 35.61 -14.83
CA SER G 18 -43.32 35.50 -13.80
C SER G 18 -43.73 36.34 -12.60
N LEU G 19 -43.26 35.93 -11.42
CA LEU G 19 -43.51 36.65 -10.18
C LEU G 19 -42.31 36.48 -9.26
N ARG G 20 -42.20 37.40 -8.31
CA ARG G 20 -41.14 37.35 -7.29
C ARG G 20 -41.78 37.59 -5.93
N LEU G 21 -42.02 36.51 -5.19
CA LEU G 21 -42.56 36.63 -3.84
C LEU G 21 -41.44 36.92 -2.85
N SER G 22 -41.71 37.84 -1.92
CA SER G 22 -40.75 38.16 -0.87
C SER G 22 -41.44 38.04 0.48
N CYS G 23 -40.63 37.75 1.50
CA CYS G 23 -41.12 37.45 2.85
C CYS G 23 -40.18 38.10 3.85
N VAL G 24 -40.66 39.15 4.50
CA VAL G 24 -39.90 39.90 5.48
C VAL G 24 -40.11 39.29 6.85
N VAL G 25 -39.00 39.17 7.58
CA VAL G 25 -38.91 38.48 8.86
C VAL G 25 -38.35 39.47 9.88
N SER G 26 -38.96 39.52 11.06
CA SER G 26 -38.46 40.35 12.16
C SER G 26 -38.44 39.54 13.44
N GLY G 27 -37.30 39.54 14.13
CA GLY G 27 -37.16 38.88 15.42
C GLY G 27 -36.20 37.71 15.43
N PHE G 28 -35.93 37.11 14.27
CA PHE G 28 -34.99 35.99 14.21
C PHE G 28 -34.28 36.01 12.86
N THR G 29 -33.12 35.37 12.84
CA THR G 29 -32.33 35.21 11.62
C THR G 29 -32.51 33.80 11.07
N PHE G 30 -32.17 33.65 9.78
CA PHE G 30 -32.32 32.36 9.11
C PHE G 30 -31.25 31.36 9.50
N ASP G 31 -30.33 31.72 10.40
CA ASP G 31 -29.32 30.77 10.84
C ASP G 31 -29.90 29.73 11.79
N ASP G 32 -30.93 30.09 12.55
CA ASP G 32 -31.55 29.19 13.50
C ASP G 32 -32.89 28.64 13.02
N TYR G 33 -33.32 29.00 11.82
CA TYR G 33 -34.61 28.55 11.30
C TYR G 33 -34.50 28.24 9.81
N ARG G 34 -35.20 27.19 9.39
CA ARG G 34 -35.30 26.80 7.99
C ARG G 34 -36.57 27.41 7.40
N MET G 35 -36.45 28.04 6.23
CA MET G 35 -37.60 28.73 5.66
C MET G 35 -38.28 27.88 4.59
N ALA G 36 -39.56 28.15 4.38
CA ALA G 36 -40.34 27.34 3.46
C ALA G 36 -41.48 28.14 2.85
N TRP G 37 -41.91 27.69 1.67
CA TRP G 37 -43.07 28.22 0.98
C TRP G 37 -44.09 27.10 0.81
N VAL G 38 -45.34 27.38 1.20
CA VAL G 38 -46.43 26.42 1.14
C VAL G 38 -47.62 27.07 0.41
N ARG G 39 -48.28 26.32 -0.46
CA ARG G 39 -49.34 26.88 -1.27
C ARG G 39 -50.72 26.38 -0.85
N GLN G 40 -51.73 27.19 -1.16
CA GLN G 40 -53.13 26.90 -0.88
C GLN G 40 -53.92 27.24 -2.13
N ALA G 41 -54.22 26.22 -2.93
CA ALA G 41 -55.11 26.27 -4.08
C ALA G 41 -56.55 26.13 -3.61
N PRO G 42 -57.51 26.70 -4.35
CA PRO G 42 -58.92 26.62 -3.90
C PRO G 42 -59.38 25.20 -3.62
N GLY G 43 -58.99 24.25 -4.45
CA GLY G 43 -59.38 22.86 -4.26
C GLY G 43 -58.26 21.95 -3.81
N LYS G 44 -57.33 22.44 -3.01
CA LYS G 44 -56.22 21.60 -2.59
C LYS G 44 -55.96 21.77 -1.11
N GLU G 45 -55.22 20.81 -0.55
CA GLU G 45 -54.86 20.80 0.85
C GLU G 45 -53.58 21.59 1.04
N LEU G 46 -53.13 21.70 2.28
CA LEU G 46 -51.91 22.46 2.50
C LEU G 46 -50.81 21.69 1.79
N GLU G 47 -50.13 22.36 0.87
CA GLU G 47 -49.14 21.71 0.03
C GLU G 47 -47.82 22.47 0.11
N TRP G 48 -46.79 21.79 0.61
CA TRP G 48 -45.49 22.42 0.74
C TRP G 48 -44.87 22.58 -0.64
N VAL G 49 -44.33 23.77 -0.90
CA VAL G 49 -43.79 24.08 -2.22
C VAL G 49 -42.28 23.95 -2.18
N SER G 50 -41.63 24.69 -1.29
CA SER G 50 -40.17 24.73 -1.30
C SER G 50 -39.65 24.95 0.12
N SER G 51 -38.35 24.70 0.29
CA SER G 51 -37.69 24.89 1.58
C SER G 51 -36.23 25.21 1.34
N ILE G 52 -35.67 26.02 2.24
CA ILE G 52 -34.28 26.44 2.14
C ILE G 52 -33.66 26.45 3.53
N ASP G 53 -32.41 26.00 3.60
CA ASP G 53 -31.55 26.10 4.77
C ASP G 53 -30.48 27.15 4.48
N SER G 54 -30.25 28.04 5.43
CA SER G 54 -29.26 29.11 5.23
C SER G 54 -27.87 28.73 5.70
N TRP G 55 -27.75 27.83 6.68
CA TRP G 55 -26.44 27.39 7.13
C TRP G 55 -25.76 26.58 6.04
N SER G 56 -26.48 25.63 5.45
CA SER G 56 -26.04 24.88 4.28
C SER G 56 -27.04 25.15 3.17
N ILE G 57 -26.54 25.59 2.01
CA ILE G 57 -27.39 26.18 0.97
C ILE G 57 -28.21 25.09 0.27
N ASN G 58 -28.31 23.91 0.88
CA ASN G 58 -29.17 22.86 0.37
C ASN G 58 -30.62 23.33 0.31
N THR G 59 -31.21 23.25 -0.87
CA THR G 59 -32.60 23.60 -1.08
C THR G 59 -33.42 22.35 -1.37
N TYR G 60 -34.73 22.45 -1.15
CA TYR G 60 -35.63 21.32 -1.32
C TYR G 60 -36.87 21.79 -2.08
N TYR G 61 -37.26 21.04 -3.10
CA TYR G 61 -38.39 21.38 -3.95
C TYR G 61 -39.31 20.18 -4.10
N GLU G 62 -40.54 20.46 -4.51
CA GLU G 62 -41.51 19.43 -4.82
C GLU G 62 -41.42 19.06 -6.29
N ASP G 63 -41.82 17.83 -6.62
CA ASP G 63 -41.60 17.29 -7.95
C ASP G 63 -42.35 18.09 -9.02
N SER G 64 -43.63 18.38 -8.78
CA SER G 64 -44.44 19.06 -9.78
C SER G 64 -44.12 20.54 -9.94
N VAL G 65 -43.18 21.10 -9.19
CA VAL G 65 -42.88 22.53 -9.27
C VAL G 65 -41.41 22.83 -9.50
N LYS G 66 -40.51 21.89 -9.22
CA LYS G 66 -39.08 22.13 -9.32
C LYS G 66 -38.68 22.47 -10.75
N GLY G 67 -37.65 23.30 -10.88
CA GLY G 67 -37.17 23.75 -12.17
C GLY G 67 -37.74 25.10 -12.56
N ARG G 68 -39.02 25.32 -12.24
CA ARG G 68 -39.68 26.59 -12.53
C ARG G 68 -39.59 27.57 -11.37
N PHE G 69 -39.46 27.07 -10.15
CA PHE G 69 -39.41 27.90 -8.95
C PHE G 69 -37.99 27.88 -8.38
N THR G 70 -37.59 29.00 -7.80
CA THR G 70 -36.26 29.13 -7.19
C THR G 70 -36.37 29.84 -5.86
N ILE G 71 -35.98 29.17 -4.79
CA ILE G 71 -36.03 29.75 -3.45
C ILE G 71 -34.68 30.38 -3.13
N SER G 72 -34.71 31.50 -2.40
CA SER G 72 -33.51 32.29 -2.19
C SER G 72 -33.55 32.96 -0.82
N THR G 73 -32.39 33.43 -0.39
CA THR G 73 -32.19 34.02 0.93
C THR G 73 -31.18 35.15 0.81
N ASP G 74 -31.47 36.28 1.47
CA ASP G 74 -30.58 37.42 1.38
C ASP G 74 -29.37 37.24 2.29
N ASN G 75 -28.32 38.01 1.99
CA ASN G 75 -27.07 37.90 2.74
C ASN G 75 -27.26 38.27 4.20
N ALA G 76 -28.20 39.17 4.50
CA ALA G 76 -28.48 39.55 5.88
C ALA G 76 -29.37 38.54 6.59
N LYS G 77 -30.01 37.62 5.84
CA LYS G 77 -30.80 36.52 6.39
C LYS G 77 -32.13 36.99 6.96
N ASN G 78 -32.59 38.19 6.60
CA ASN G 78 -33.88 38.65 7.07
C ASN G 78 -35.01 38.53 6.05
N THR G 79 -34.71 38.39 4.77
CA THR G 79 -35.74 38.31 3.74
C THR G 79 -35.63 37.00 2.95
N LEU G 80 -36.75 36.31 2.79
CA LEU G 80 -36.83 35.10 1.98
C LEU G 80 -37.46 35.43 0.63
N TYR G 81 -36.92 34.85 -0.45
CA TYR G 81 -37.41 35.11 -1.78
C TYR G 81 -37.84 33.82 -2.47
N LEU G 82 -38.82 33.94 -3.36
CA LEU G 82 -39.26 32.84 -4.23
C LEU G 82 -39.50 33.42 -5.62
N GLN G 83 -38.57 33.15 -6.54
CA GLN G 83 -38.69 33.56 -7.92
C GLN G 83 -39.46 32.47 -8.68
N MET G 84 -40.68 32.79 -9.10
CA MET G 84 -41.54 31.88 -9.83
C MET G 84 -41.57 32.27 -11.30
N SER G 85 -41.27 31.31 -12.18
CA SER G 85 -41.26 31.58 -13.60
C SER G 85 -41.99 30.45 -14.33
N SER G 86 -42.47 30.77 -15.53
CA SER G 86 -43.22 29.82 -16.36
C SER G 86 -44.41 29.25 -15.58
N LEU G 87 -45.23 30.15 -15.05
CA LEU G 87 -46.32 29.75 -14.16
C LEU G 87 -47.41 29.03 -14.93
N LYS G 88 -47.91 27.95 -14.34
CA LYS G 88 -49.01 27.17 -14.86
C LYS G 88 -50.30 27.50 -14.11
N PRO G 89 -51.46 27.23 -14.70
CA PRO G 89 -52.73 27.51 -14.00
C PRO G 89 -52.90 26.70 -12.72
N GLU G 90 -52.12 25.63 -12.54
CA GLU G 90 -52.18 24.89 -11.28
C GLU G 90 -51.54 25.64 -10.13
N ASP G 91 -50.74 26.67 -10.42
CA ASP G 91 -50.06 27.46 -9.40
C ASP G 91 -50.93 28.56 -8.82
N THR G 92 -52.17 28.71 -9.29
CA THR G 92 -53.08 29.73 -8.76
C THR G 92 -53.41 29.39 -7.32
N ALA G 93 -52.79 30.10 -6.38
CA ALA G 93 -52.94 29.76 -4.98
C ALA G 93 -52.46 30.94 -4.12
N VAL G 94 -52.77 30.86 -2.84
CA VAL G 94 -52.17 31.75 -1.86
C VAL G 94 -50.94 31.07 -1.27
N TYR G 95 -49.82 31.77 -1.30
CA TYR G 95 -48.53 31.24 -0.86
C TYR G 95 -48.20 31.82 0.52
N TYR G 96 -47.85 30.93 1.44
CA TYR G 96 -47.57 31.27 2.82
C TYR G 96 -46.11 31.01 3.11
N CYS G 97 -45.52 31.94 3.86
CA CYS G 97 -44.18 31.82 4.38
C CYS G 97 -44.20 31.01 5.67
N ALA G 98 -43.22 30.13 5.84
CA ALA G 98 -43.17 29.27 7.01
C ALA G 98 -41.74 29.18 7.53
N ALA G 99 -41.63 28.99 8.85
CA ALA G 99 -40.34 28.91 9.52
C ALA G 99 -40.35 27.70 10.45
N GLU G 100 -39.37 26.82 10.29
CA GLU G 100 -39.23 25.62 11.10
C GLU G 100 -37.97 25.69 11.93
N ASP G 101 -38.08 25.31 13.21
CA ASP G 101 -36.89 25.18 14.04
C ASP G 101 -36.00 24.08 13.47
N ARG G 102 -34.74 24.43 13.17
CA ARG G 102 -33.84 23.47 12.54
C ARG G 102 -33.49 22.31 13.46
N LEU G 103 -33.57 22.50 14.78
CA LEU G 103 -33.19 21.46 15.73
C LEU G 103 -34.24 20.37 15.86
N GLY G 104 -35.43 20.55 15.29
CA GLY G 104 -36.46 19.53 15.32
C GLY G 104 -36.20 18.43 14.31
N VAL G 105 -37.17 17.52 14.22
CA VAL G 105 -37.10 16.41 13.28
C VAL G 105 -37.20 16.98 11.87
N PRO G 106 -36.21 16.74 11.00
CA PRO G 106 -36.18 17.44 9.71
C PRO G 106 -37.03 16.78 8.63
N THR G 107 -38.01 15.96 9.02
CA THR G 107 -38.90 15.37 8.04
C THR G 107 -39.80 16.43 7.43
N ILE G 108 -40.17 16.22 6.16
CA ILE G 108 -41.04 17.13 5.43
C ILE G 108 -42.30 16.35 5.02
N ASN G 109 -43.46 16.89 5.38
CA ASN G 109 -44.74 16.30 5.02
C ASN G 109 -45.32 17.08 3.84
N ALA G 110 -45.82 16.35 2.84
CA ALA G 110 -46.40 17.00 1.67
C ALA G 110 -47.69 17.71 2.01
N HIS G 111 -48.42 17.23 3.02
CA HIS G 111 -49.67 17.82 3.49
C HIS G 111 -49.49 18.19 4.97
N PRO G 112 -48.81 19.30 5.25
CA PRO G 112 -48.50 19.64 6.64
C PRO G 112 -49.67 20.31 7.35
N SER G 113 -49.69 20.15 8.66
CA SER G 113 -50.64 20.85 9.52
C SER G 113 -49.99 22.13 10.05
N LYS G 114 -50.67 22.80 10.98
CA LYS G 114 -50.15 24.06 11.51
C LYS G 114 -48.99 23.86 12.47
N TYR G 115 -48.85 22.67 13.05
CA TYR G 115 -47.79 22.39 14.00
C TYR G 115 -46.48 21.95 13.35
N ASP G 116 -46.43 21.89 12.02
CA ASP G 116 -45.21 21.49 11.34
C ASP G 116 -44.23 22.64 11.15
N TYR G 117 -44.63 23.87 11.46
CA TYR G 117 -43.74 25.02 11.39
C TYR G 117 -44.01 25.94 12.58
N ASN G 118 -42.98 26.69 12.96
CA ASN G 118 -43.11 27.56 14.13
C ASN G 118 -43.99 28.76 13.83
N TYR G 119 -43.67 29.52 12.78
CA TYR G 119 -44.40 30.74 12.44
C TYR G 119 -44.92 30.65 11.02
N TRP G 120 -46.18 31.01 10.84
CA TRP G 120 -46.81 31.13 9.53
C TRP G 120 -47.04 32.59 9.18
N GLY G 121 -47.04 32.89 7.89
CA GLY G 121 -47.26 34.23 7.41
C GLY G 121 -48.73 34.54 7.22
N GLN G 122 -48.99 35.65 6.54
CA GLN G 122 -50.35 36.06 6.22
C GLN G 122 -50.83 35.53 4.88
N GLY G 123 -49.92 35.16 3.99
CA GLY G 123 -50.29 34.61 2.69
C GLY G 123 -50.49 35.66 1.62
N THR G 124 -49.91 35.45 0.44
CA THR G 124 -50.08 36.34 -0.70
C THR G 124 -50.73 35.59 -1.86
N GLN G 125 -51.66 36.25 -2.54
CA GLN G 125 -52.45 35.62 -3.59
C GLN G 125 -51.74 35.71 -4.94
N VAL G 126 -51.61 34.58 -5.62
CA VAL G 126 -51.08 34.50 -6.97
C VAL G 126 -52.14 33.86 -7.84
N THR G 127 -52.48 34.52 -8.95
CA THR G 127 -53.56 34.08 -9.82
C THR G 127 -53.04 33.92 -11.24
N VAL G 128 -53.25 32.73 -11.81
CA VAL G 128 -52.87 32.43 -13.18
C VAL G 128 -54.17 32.20 -13.95
N SER G 129 -54.51 33.14 -14.82
CA SER G 129 -55.76 33.08 -15.57
C SER G 129 -55.51 33.50 -17.01
N SER G 130 -56.40 33.06 -17.89
CA SER G 130 -56.31 33.38 -19.31
C SER G 130 -57.01 34.70 -19.62
N LEU H 5 -37.37 -11.92 -51.88
CA LEU H 5 -36.35 -12.23 -52.88
C LEU H 5 -36.90 -13.16 -53.95
N VAL H 6 -36.91 -12.67 -55.20
CA VAL H 6 -37.45 -13.41 -56.33
C VAL H 6 -36.41 -13.45 -57.44
N GLU H 7 -36.25 -14.63 -58.03
CA GLU H 7 -35.31 -14.91 -59.10
C GLU H 7 -36.07 -15.14 -60.40
N THR H 8 -35.41 -14.88 -61.52
CA THR H 8 -36.01 -15.07 -62.83
C THR H 8 -34.89 -15.28 -63.85
N GLY H 9 -35.22 -15.97 -64.95
CA GLY H 9 -34.28 -16.15 -66.04
C GLY H 9 -33.84 -17.58 -66.29
N GLY H 10 -34.33 -18.54 -65.53
CA GLY H 10 -33.93 -19.92 -65.71
C GLY H 10 -34.78 -20.65 -66.74
N GLY H 11 -34.21 -21.68 -67.34
CA GLY H 11 -34.92 -22.47 -68.31
C GLY H 11 -34.05 -23.56 -68.88
N LEU H 12 -34.49 -24.10 -70.02
CA LEU H 12 -33.79 -25.18 -70.68
C LEU H 12 -32.89 -24.61 -71.78
N VAL H 13 -31.63 -25.07 -71.80
CA VAL H 13 -30.67 -24.68 -72.82
C VAL H 13 -29.87 -25.93 -73.21
N LYS H 14 -29.32 -25.89 -74.41
CA LYS H 14 -28.47 -26.96 -74.89
C LYS H 14 -27.03 -26.74 -74.45
N PRO H 15 -26.22 -27.81 -74.39
CA PRO H 15 -24.80 -27.64 -74.01
C PRO H 15 -24.08 -26.60 -74.85
N GLY H 16 -23.62 -25.54 -74.20
CA GLY H 16 -22.99 -24.42 -74.87
C GLY H 16 -23.84 -23.17 -74.91
N GLY H 17 -25.09 -23.23 -74.48
CA GLY H 17 -25.99 -22.09 -74.52
C GLY H 17 -25.67 -21.00 -73.51
N SER H 18 -26.64 -20.13 -73.26
CA SER H 18 -26.43 -19.00 -72.37
C SER H 18 -27.73 -18.69 -71.63
N LEU H 19 -27.58 -18.10 -70.45
CA LEU H 19 -28.70 -17.67 -69.62
C LEU H 19 -28.28 -16.44 -68.85
N ARG H 20 -29.29 -15.67 -68.41
CA ARG H 20 -29.05 -14.48 -67.59
C ARG H 20 -30.02 -14.50 -66.42
N LEU H 21 -29.53 -14.93 -65.25
CA LEU H 21 -30.36 -14.93 -64.05
C LEU H 21 -30.39 -13.54 -63.43
N SER H 22 -31.58 -13.14 -62.98
CA SER H 22 -31.76 -11.88 -62.29
C SER H 22 -32.46 -12.14 -60.97
N CYS H 23 -32.20 -11.26 -60.00
CA CYS H 23 -32.68 -11.41 -58.63
C CYS H 23 -33.08 -10.03 -58.14
N VAL H 24 -34.38 -9.80 -57.98
CA VAL H 24 -34.85 -8.48 -57.56
C VAL H 24 -34.96 -8.46 -56.05
N VAL H 25 -34.52 -7.36 -55.44
CA VAL H 25 -34.40 -7.22 -54.00
C VAL H 25 -35.24 -6.03 -53.56
N SER H 26 -36.02 -6.21 -52.50
CA SER H 26 -36.82 -5.15 -51.91
C SER H 26 -36.64 -5.16 -50.41
N GLY H 27 -36.31 -3.99 -49.84
CA GLY H 27 -36.19 -3.82 -48.40
C GLY H 27 -34.79 -3.49 -47.93
N PHE H 28 -33.77 -3.80 -48.71
CA PHE H 28 -32.39 -3.48 -48.33
C PHE H 28 -31.57 -3.23 -49.58
N THR H 29 -30.48 -2.49 -49.40
CA THR H 29 -29.54 -2.21 -50.47
C THR H 29 -28.32 -3.11 -50.35
N PHE H 30 -27.60 -3.24 -51.46
CA PHE H 30 -26.42 -4.10 -51.52
C PHE H 30 -25.20 -3.50 -50.84
N ASP H 31 -25.32 -2.29 -50.27
CA ASP H 31 -24.20 -1.70 -49.55
C ASP H 31 -24.00 -2.37 -48.20
N ASP H 32 -25.06 -2.88 -47.59
CA ASP H 32 -25.00 -3.53 -46.29
C ASP H 32 -25.05 -5.05 -46.37
N TYR H 33 -25.11 -5.61 -47.57
CA TYR H 33 -25.23 -7.05 -47.74
C TYR H 33 -24.38 -7.51 -48.91
N ARG H 34 -23.77 -8.69 -48.74
CA ARG H 34 -23.03 -9.36 -49.80
C ARG H 34 -23.96 -10.36 -50.47
N MET H 35 -24.00 -10.34 -51.80
CA MET H 35 -24.94 -11.19 -52.52
C MET H 35 -24.26 -12.45 -53.02
N ALA H 36 -25.06 -13.50 -53.22
CA ALA H 36 -24.49 -14.79 -53.60
C ALA H 36 -25.51 -15.60 -54.39
N TRP H 37 -24.98 -16.52 -55.20
CA TRP H 37 -25.75 -17.51 -55.92
C TRP H 37 -25.31 -18.89 -55.45
N VAL H 38 -26.29 -19.73 -55.08
CA VAL H 38 -26.04 -21.08 -54.57
C VAL H 38 -26.88 -22.07 -55.36
N ARG H 39 -26.29 -23.20 -55.73
CA ARG H 39 -26.99 -24.18 -56.56
C ARG H 39 -27.35 -25.42 -55.76
N GLN H 40 -28.40 -26.11 -56.21
CA GLN H 40 -28.92 -27.31 -55.56
C GLN H 40 -29.25 -28.33 -56.63
N ALA H 41 -28.44 -29.39 -56.72
CA ALA H 41 -28.70 -30.54 -57.57
C ALA H 41 -29.74 -31.46 -56.91
N PRO H 42 -30.57 -32.16 -57.71
CA PRO H 42 -31.64 -32.98 -57.10
C PRO H 42 -31.15 -34.01 -56.10
N GLY H 43 -30.06 -34.71 -56.38
CA GLY H 43 -29.55 -35.71 -55.43
C GLY H 43 -28.28 -35.29 -54.73
N LYS H 44 -28.10 -33.99 -54.52
CA LYS H 44 -26.90 -33.46 -53.89
C LYS H 44 -27.30 -32.36 -52.92
N GLU H 45 -26.34 -31.91 -52.12
CA GLU H 45 -26.57 -30.84 -51.16
C GLU H 45 -26.25 -29.48 -51.79
N LEU H 46 -26.48 -28.42 -51.01
CA LEU H 46 -26.30 -27.06 -51.51
C LEU H 46 -24.84 -26.77 -51.79
N GLU H 47 -24.57 -26.19 -52.97
CA GLU H 47 -23.23 -25.87 -53.41
C GLU H 47 -23.18 -24.39 -53.78
N TRP H 48 -22.29 -23.64 -53.11
CA TRP H 48 -22.18 -22.22 -53.36
C TRP H 48 -21.55 -21.97 -54.73
N VAL H 49 -22.14 -21.06 -55.50
CA VAL H 49 -21.68 -20.80 -56.86
C VAL H 49 -20.85 -19.53 -56.90
N SER H 50 -21.42 -18.40 -56.49
CA SER H 50 -20.74 -17.12 -56.66
C SER H 50 -21.13 -16.15 -55.56
N SER H 51 -20.34 -15.08 -55.44
CA SER H 51 -20.58 -14.05 -54.44
C SER H 51 -20.01 -12.72 -54.93
N ILE H 52 -20.66 -11.63 -54.54
CA ILE H 52 -20.27 -10.28 -54.93
C ILE H 52 -20.44 -9.34 -53.74
N ASP H 53 -19.49 -8.42 -53.59
CA ASP H 53 -19.56 -7.29 -52.67
C ASP H 53 -19.76 -6.02 -53.49
N SER H 54 -20.69 -5.17 -53.05
CA SER H 54 -20.97 -3.95 -53.80
C SER H 54 -20.11 -2.77 -53.36
N TRP H 55 -19.68 -2.75 -52.11
CA TRP H 55 -18.81 -1.67 -51.64
C TRP H 55 -17.44 -1.77 -52.31
N SER H 56 -16.86 -2.96 -52.33
CA SER H 56 -15.64 -3.25 -53.08
C SER H 56 -15.96 -4.32 -54.10
N ILE H 57 -15.67 -4.04 -55.38
CA ILE H 57 -16.18 -4.84 -56.50
C ILE H 57 -15.45 -6.18 -56.59
N ASN H 58 -14.73 -6.55 -55.53
CA ASN H 58 -14.13 -7.88 -55.47
C ASN H 58 -15.21 -8.95 -55.52
N THR H 59 -15.11 -9.84 -56.51
CA THR H 59 -16.05 -10.93 -56.69
C THR H 59 -15.37 -12.27 -56.38
N TYR H 60 -16.20 -13.28 -56.11
CA TYR H 60 -15.71 -14.60 -55.74
C TYR H 60 -16.48 -15.65 -56.52
N TYR H 61 -15.74 -16.61 -57.09
CA TYR H 61 -16.31 -17.66 -57.91
C TYR H 61 -15.76 -19.01 -57.48
N GLU H 62 -16.49 -20.06 -57.85
CA GLU H 62 -16.05 -21.43 -57.60
C GLU H 62 -15.26 -21.96 -58.80
N ASP H 63 -14.41 -22.95 -58.52
CA ASP H 63 -13.47 -23.43 -59.54
C ASP H 63 -14.22 -24.02 -60.73
N SER H 64 -15.23 -24.84 -60.48
CA SER H 64 -15.99 -25.47 -61.54
C SER H 64 -16.90 -24.48 -62.27
N VAL H 65 -16.88 -23.21 -61.86
CA VAL H 65 -17.78 -22.20 -62.41
C VAL H 65 -17.04 -20.98 -62.97
N LYS H 66 -15.81 -20.71 -62.52
CA LYS H 66 -15.10 -19.52 -62.95
C LYS H 66 -14.83 -19.55 -64.46
N GLY H 67 -14.87 -18.38 -65.07
CA GLY H 67 -14.64 -18.22 -66.50
C GLY H 67 -15.91 -18.26 -67.33
N ARG H 68 -16.85 -19.13 -66.96
CA ARG H 68 -18.11 -19.25 -67.68
C ARG H 68 -19.22 -18.38 -67.09
N PHE H 69 -19.17 -18.10 -65.79
CA PHE H 69 -20.19 -17.34 -65.10
C PHE H 69 -19.64 -15.98 -64.70
N THR H 70 -20.51 -14.97 -64.71
CA THR H 70 -20.13 -13.62 -64.31
C THR H 70 -21.22 -13.02 -63.43
N ILE H 71 -20.87 -12.67 -62.20
CA ILE H 71 -21.82 -12.08 -61.28
C ILE H 71 -21.74 -10.57 -61.38
N SER H 72 -22.88 -9.89 -61.26
CA SER H 72 -22.94 -8.46 -61.51
C SER H 72 -24.00 -7.83 -60.62
N THR H 73 -23.91 -6.50 -60.50
CA THR H 73 -24.81 -5.75 -59.63
C THR H 73 -25.10 -4.40 -60.26
N ASP H 74 -26.38 -4.02 -60.29
CA ASP H 74 -26.77 -2.73 -60.84
C ASP H 74 -26.59 -1.61 -59.82
N ASN H 75 -26.90 -1.89 -58.55
CA ASN H 75 -26.86 -0.94 -57.44
C ASN H 75 -27.83 0.23 -57.65
N ALA H 76 -28.01 0.66 -58.90
CA ALA H 76 -29.00 1.69 -59.19
C ALA H 76 -30.40 1.12 -59.36
N LYS H 77 -30.52 -0.20 -59.55
CA LYS H 77 -31.81 -0.87 -59.62
C LYS H 77 -31.93 -2.00 -58.61
N ASN H 78 -30.99 -2.09 -57.66
CA ASN H 78 -31.06 -3.05 -56.54
C ASN H 78 -31.27 -4.49 -57.02
N THR H 79 -30.80 -4.81 -58.23
CA THR H 79 -31.00 -6.12 -58.82
C THR H 79 -29.65 -6.79 -59.06
N LEU H 80 -29.57 -8.07 -58.68
CA LEU H 80 -28.37 -8.87 -58.85
C LEU H 80 -28.47 -9.73 -60.10
N TYR H 81 -27.37 -9.83 -60.84
CA TYR H 81 -27.34 -10.59 -62.09
C TYR H 81 -26.29 -11.69 -62.03
N LEU H 82 -26.55 -12.77 -62.77
CA LEU H 82 -25.59 -13.84 -62.99
C LEU H 82 -25.69 -14.24 -64.46
N GLN H 83 -24.71 -13.83 -65.26
CA GLN H 83 -24.64 -14.17 -66.67
C GLN H 83 -23.91 -15.51 -66.78
N MET H 84 -24.64 -16.54 -67.20
CA MET H 84 -24.10 -17.88 -67.35
C MET H 84 -23.89 -18.15 -68.83
N SER H 85 -22.68 -18.55 -69.20
CA SER H 85 -22.34 -18.84 -70.58
C SER H 85 -21.56 -20.14 -70.66
N SER H 86 -21.61 -20.78 -71.83
CA SER H 86 -20.95 -22.07 -72.08
C SER H 86 -21.39 -23.10 -71.04
N LEU H 87 -22.70 -23.27 -70.94
CA LEU H 87 -23.27 -24.11 -69.88
C LEU H 87 -22.97 -25.58 -70.13
N LYS H 88 -22.60 -26.28 -69.07
CA LYS H 88 -22.35 -27.71 -69.06
C LYS H 88 -23.53 -28.45 -68.43
N PRO H 89 -23.69 -29.74 -68.71
CA PRO H 89 -24.80 -30.48 -68.09
C PRO H 89 -24.71 -30.58 -66.58
N GLU H 90 -23.55 -30.30 -65.99
CA GLU H 90 -23.44 -30.30 -64.53
C GLU H 90 -24.13 -29.10 -63.88
N ASP H 91 -24.46 -28.07 -64.66
CA ASP H 91 -25.10 -26.87 -64.13
C ASP H 91 -26.61 -27.01 -63.99
N THR H 92 -27.18 -28.16 -64.38
CA THR H 92 -28.62 -28.40 -64.26
C THR H 92 -28.98 -28.49 -62.78
N ALA H 93 -29.57 -27.43 -62.24
CA ALA H 93 -29.85 -27.36 -60.82
C ALA H 93 -30.85 -26.24 -60.55
N VAL H 94 -31.32 -26.17 -59.31
CA VAL H 94 -32.10 -25.01 -58.86
C VAL H 94 -31.13 -24.00 -58.28
N TYR H 95 -31.20 -22.76 -58.76
CA TYR H 95 -30.30 -21.69 -58.36
C TYR H 95 -31.03 -20.72 -57.44
N TYR H 96 -30.42 -20.43 -56.29
CA TYR H 96 -31.01 -19.59 -55.27
C TYR H 96 -30.18 -18.33 -55.06
N CYS H 97 -30.90 -17.22 -54.89
CA CYS H 97 -30.32 -15.95 -54.51
C CYS H 97 -30.16 -15.89 -53.00
N ALA H 98 -29.03 -15.36 -52.54
CA ALA H 98 -28.75 -15.32 -51.11
C ALA H 98 -28.12 -13.99 -50.74
N ALA H 99 -28.37 -13.54 -49.51
CA ALA H 99 -27.86 -12.28 -48.99
C ALA H 99 -27.27 -12.51 -47.61
N GLU H 100 -26.01 -12.11 -47.42
CA GLU H 100 -25.30 -12.24 -46.17
C GLU H 100 -25.00 -10.87 -45.59
N ASP H 101 -25.20 -10.74 -44.27
CA ASP H 101 -24.79 -9.52 -43.59
C ASP H 101 -23.28 -9.35 -43.73
N ARG H 102 -22.85 -8.20 -44.27
CA ARG H 102 -21.43 -7.99 -44.51
C ARG H 102 -20.64 -7.90 -43.22
N LEU H 103 -21.28 -7.50 -42.13
CA LEU H 103 -20.59 -7.32 -40.86
C LEU H 103 -20.29 -8.65 -40.16
N GLY H 104 -20.83 -9.76 -40.65
CA GLY H 104 -20.55 -11.06 -40.08
C GLY H 104 -19.19 -11.57 -40.49
N VAL H 105 -18.91 -12.80 -40.07
CA VAL H 105 -17.65 -13.47 -40.41
C VAL H 105 -17.64 -13.73 -41.92
N PRO H 106 -16.65 -13.22 -42.65
CA PRO H 106 -16.71 -13.28 -44.12
C PRO H 106 -16.26 -14.61 -44.71
N THR H 107 -16.26 -15.67 -43.92
CA THR H 107 -15.93 -16.99 -44.45
C THR H 107 -17.01 -17.47 -45.40
N ILE H 108 -16.59 -18.26 -46.39
CA ILE H 108 -17.49 -18.85 -47.37
C ILE H 108 -17.38 -20.37 -47.28
N ASN H 109 -18.52 -21.03 -47.09
CA ASN H 109 -18.59 -22.48 -47.02
C ASN H 109 -19.06 -23.04 -48.36
N ALA H 110 -18.38 -24.08 -48.83
CA ALA H 110 -18.74 -24.68 -50.11
C ALA H 110 -20.07 -25.43 -50.02
N HIS H 111 -20.41 -25.95 -48.84
CA HIS H 111 -21.68 -26.65 -48.61
C HIS H 111 -22.41 -25.91 -47.48
N PRO H 112 -23.06 -24.79 -47.80
CA PRO H 112 -23.67 -23.97 -46.76
C PRO H 112 -25.02 -24.51 -46.30
N SER H 113 -25.35 -24.21 -45.05
CA SER H 113 -26.66 -24.50 -44.50
C SER H 113 -27.56 -23.26 -44.65
N LYS H 114 -28.74 -23.30 -44.04
CA LYS H 114 -29.66 -22.18 -44.16
C LYS H 114 -29.23 -20.98 -43.31
N TYR H 115 -28.41 -21.20 -42.29
CA TYR H 115 -27.95 -20.14 -41.42
C TYR H 115 -26.72 -19.41 -41.93
N ASP H 116 -26.21 -19.79 -43.10
CA ASP H 116 -25.04 -19.12 -43.66
C ASP H 116 -25.39 -17.84 -44.42
N TYR H 117 -26.67 -17.58 -44.63
CA TYR H 117 -27.11 -16.35 -45.29
C TYR H 117 -28.37 -15.83 -44.61
N ASN H 118 -28.58 -14.52 -44.68
CA ASN H 118 -29.71 -13.90 -44.02
C ASN H 118 -31.02 -14.23 -44.73
N TYR H 119 -31.10 -13.96 -46.03
CA TYR H 119 -32.32 -14.17 -46.80
C TYR H 119 -32.02 -15.09 -47.98
N TRP H 120 -32.88 -16.07 -48.19
CA TRP H 120 -32.83 -16.93 -49.36
C TRP H 120 -33.99 -16.60 -50.30
N GLY H 121 -33.78 -16.84 -51.59
CA GLY H 121 -34.79 -16.61 -52.59
C GLY H 121 -35.72 -17.80 -52.76
N GLN H 122 -36.49 -17.76 -53.83
CA GLN H 122 -37.40 -18.86 -54.16
C GLN H 122 -36.75 -19.91 -55.06
N GLY H 123 -35.71 -19.55 -55.79
CA GLY H 123 -35.02 -20.50 -56.64
C GLY H 123 -35.60 -20.60 -58.03
N THR H 124 -34.72 -20.57 -59.04
CA THR H 124 -35.12 -20.73 -60.43
C THR H 124 -34.42 -21.96 -61.01
N GLN H 125 -35.14 -22.73 -61.82
CA GLN H 125 -34.63 -23.99 -62.34
C GLN H 125 -33.87 -23.75 -63.65
N VAL H 126 -32.67 -24.29 -63.74
CA VAL H 126 -31.88 -24.25 -64.96
C VAL H 126 -31.58 -25.69 -65.37
N THR H 127 -31.91 -26.02 -66.61
CA THR H 127 -31.79 -27.38 -67.13
C THR H 127 -30.94 -27.39 -68.39
N VAL H 128 -29.90 -28.20 -68.38
CA VAL H 128 -29.01 -28.38 -69.53
C VAL H 128 -29.19 -29.80 -70.03
N SER H 129 -29.83 -29.95 -71.19
CA SER H 129 -30.11 -31.26 -71.74
C SER H 129 -29.85 -31.24 -73.24
N SER H 130 -29.62 -32.43 -73.80
CA SER H 130 -29.36 -32.59 -75.22
C SER H 130 -30.67 -32.74 -76.00
N SER I 20 4.60 11.67 -8.83
CA SER I 20 5.44 12.84 -9.06
C SER I 20 4.67 14.14 -8.87
N SER I 21 3.91 14.53 -9.88
CA SER I 21 3.15 15.77 -9.85
C SER I 21 1.90 15.68 -8.99
N SER I 22 1.55 14.50 -8.49
CA SER I 22 0.36 14.37 -7.68
C SER I 22 0.53 15.10 -6.35
N VAL I 23 -0.48 15.88 -5.97
CA VAL I 23 -0.54 16.46 -4.64
C VAL I 23 -1.80 16.04 -3.88
N LEU I 24 -2.73 15.36 -4.54
CA LEU I 24 -3.87 14.82 -3.80
C LEU I 24 -4.38 13.57 -4.53
N ASN I 25 -4.43 12.44 -3.81
CA ASN I 25 -4.91 11.18 -4.36
C ASN I 25 -5.87 10.54 -3.37
N MET I 26 -7.15 10.56 -3.70
CA MET I 26 -8.21 10.03 -2.83
C MET I 26 -8.37 8.53 -3.10
N ARG I 27 -8.00 7.70 -2.12
CA ARG I 27 -8.10 6.25 -2.26
C ARG I 27 -8.74 5.64 -1.02
N TYR I 28 -9.31 4.46 -1.18
CA TYR I 28 -9.99 3.75 -0.10
C TYR I 28 -9.01 2.96 0.75
N LYS I 29 -9.19 3.03 2.07
CA LYS I 29 -8.41 2.24 3.01
C LYS I 29 -9.19 2.15 4.32
N ASN I 30 -9.29 0.92 4.84
CA ASN I 30 -9.82 0.64 6.18
C ASN I 30 -11.09 1.43 6.48
N ASP I 31 -12.11 1.19 5.67
CA ASP I 31 -13.47 1.70 5.83
C ASP I 31 -13.56 3.22 5.69
N LYS I 32 -12.52 3.88 5.18
CA LYS I 32 -12.57 5.33 4.97
C LYS I 32 -11.80 5.69 3.72
N TYR I 33 -11.78 6.99 3.41
CA TYR I 33 -11.02 7.52 2.28
C TYR I 33 -9.85 8.33 2.81
N VAL I 34 -8.67 8.13 2.22
CA VAL I 34 -7.44 8.75 2.66
C VAL I 34 -6.71 9.33 1.47
N ASP I 35 -5.71 10.17 1.76
CA ASP I 35 -4.86 10.79 0.75
C ASP I 35 -3.56 9.99 0.65
N THR I 36 -3.29 9.44 -0.53
CA THR I 36 -2.11 8.63 -0.76
C THR I 36 -1.03 9.37 -1.55
N SER I 37 -1.12 10.70 -1.65
CA SER I 37 -0.13 11.47 -2.38
C SER I 37 1.12 11.74 -1.55
N GLY I 38 1.01 11.66 -0.22
CA GLY I 38 2.12 11.95 0.67
C GLY I 38 2.00 13.26 1.41
N TYR I 39 1.09 14.14 1.01
CA TYR I 39 0.89 15.41 1.67
C TYR I 39 -0.05 15.32 2.86
N ASP I 40 -0.71 14.18 3.05
CA ASP I 40 -1.55 13.90 4.22
C ASP I 40 -2.67 14.93 4.36
N SER I 41 -3.57 14.89 3.38
CA SER I 41 -4.83 15.63 3.45
C SER I 41 -5.88 14.72 4.07
N ASN I 42 -6.82 15.33 4.80
CA ASN I 42 -7.77 14.57 5.61
C ASN I 42 -9.12 14.50 4.90
N ILE I 43 -9.59 13.28 4.64
CA ILE I 43 -10.86 13.07 3.96
C ILE I 43 -11.87 12.53 4.97
N ASN I 44 -13.08 13.09 4.94
CA ASN I 44 -14.12 12.75 5.90
C ASN I 44 -15.43 12.50 5.16
N ILE I 45 -16.24 11.59 5.70
CA ILE I 45 -17.54 11.23 5.17
C ILE I 45 -18.62 11.73 6.13
N ASN I 46 -19.60 12.46 5.60
CA ASN I 46 -20.69 12.99 6.41
C ASN I 46 -22.00 12.46 5.86
N GLY I 47 -22.69 11.63 6.65
CA GLY I 47 -23.97 11.09 6.26
C GLY I 47 -23.89 9.72 5.64
N ASP I 48 -24.78 9.44 4.68
CA ASP I 48 -24.87 8.14 4.03
C ASP I 48 -24.22 8.24 2.65
N VAL I 49 -22.97 7.80 2.56
CA VAL I 49 -22.24 7.76 1.30
C VAL I 49 -22.10 6.29 0.88
N TYR I 50 -22.71 5.95 -0.25
CA TYR I 50 -22.66 4.58 -0.74
C TYR I 50 -21.25 4.23 -1.19
N LYS I 51 -20.82 3.02 -0.86
CA LYS I 51 -19.52 2.49 -1.30
C LYS I 51 -19.76 1.25 -2.12
N TYR I 52 -19.23 1.23 -3.34
CA TYR I 52 -19.39 0.08 -4.20
C TYR I 52 -18.65 -1.12 -3.61
N PRO I 53 -19.32 -2.26 -3.38
CA PRO I 53 -18.63 -3.39 -2.75
C PRO I 53 -17.55 -4.00 -3.62
N THR I 54 -17.70 -3.93 -4.95
CA THR I 54 -16.70 -4.50 -5.85
C THR I 54 -15.52 -3.59 -6.06
N ASN I 55 -15.68 -2.28 -5.80
CA ASN I 55 -14.58 -1.32 -5.93
C ASN I 55 -14.89 -0.18 -4.98
N LYS I 56 -14.32 -0.23 -3.77
CA LYS I 56 -14.65 0.76 -2.76
C LYS I 56 -14.03 2.12 -3.02
N ASN I 57 -13.18 2.26 -4.04
CA ASN I 57 -12.63 3.57 -4.38
C ASN I 57 -13.67 4.49 -5.00
N GLN I 58 -14.72 3.93 -5.59
CA GLN I 58 -15.81 4.72 -6.15
C GLN I 58 -16.97 4.79 -5.17
N PHE I 59 -17.52 5.99 -5.00
CA PHE I 59 -18.57 6.22 -4.02
C PHE I 59 -19.72 6.98 -4.65
N GLY I 60 -20.88 6.88 -4.03
CA GLY I 60 -22.07 7.56 -4.48
C GLY I 60 -22.59 8.51 -3.43
N ILE I 61 -23.02 9.70 -3.86
CA ILE I 61 -23.57 10.71 -2.97
C ILE I 61 -24.99 11.02 -3.40
N TYR I 62 -25.86 11.23 -2.43
CA TYR I 62 -27.28 11.52 -2.64
C TYR I 62 -27.58 12.98 -2.32
N ASN I 63 -28.81 13.39 -2.62
CA ASN I 63 -29.26 14.73 -2.29
C ASN I 63 -30.58 14.76 -1.53
N ASP I 64 -31.25 13.63 -1.34
CA ASP I 64 -32.46 13.58 -0.53
C ASP I 64 -32.16 13.38 0.94
N LYS I 65 -30.90 13.14 1.30
CA LYS I 65 -30.47 12.98 2.68
C LYS I 65 -29.09 13.61 2.82
N LEU I 66 -28.56 13.61 4.04
CA LEU I 66 -27.21 14.10 4.28
C LEU I 66 -26.21 13.12 3.68
N SER I 67 -25.48 13.56 2.66
CA SER I 67 -24.53 12.69 1.98
C SER I 67 -23.47 13.59 1.33
N GLU I 68 -22.28 13.64 1.94
CA GLU I 68 -21.22 14.48 1.41
C GLU I 68 -19.86 13.89 1.81
N VAL I 69 -18.85 14.24 1.02
CA VAL I 69 -17.47 13.85 1.29
C VAL I 69 -16.60 15.10 1.25
N ASN I 70 -15.97 15.42 2.38
CA ASN I 70 -15.22 16.66 2.51
C ASN I 70 -13.73 16.35 2.62
N ILE I 71 -12.94 16.94 1.74
CA ILE I 71 -11.48 16.81 1.76
C ILE I 71 -10.92 18.11 2.32
N SER I 72 -10.35 18.05 3.52
CA SER I 72 -9.58 19.15 4.08
C SER I 72 -8.16 19.04 3.54
N GLN I 73 -7.80 19.96 2.64
CA GLN I 73 -6.52 19.93 1.97
C GLN I 73 -5.40 20.30 2.93
N ASN I 74 -4.19 19.91 2.56
CA ASN I 74 -3.00 20.37 3.27
C ASN I 74 -2.72 21.81 2.88
N ASP I 75 -2.18 22.57 3.84
CA ASP I 75 -1.88 23.97 3.57
C ASP I 75 -0.86 24.15 2.46
N TYR I 76 -0.08 23.10 2.18
CA TYR I 76 0.88 23.16 1.08
C TYR I 76 0.17 23.23 -0.28
N ILE I 77 -0.89 22.45 -0.45
CA ILE I 77 -1.50 22.29 -1.77
C ILE I 77 -2.66 23.24 -2.02
N ILE I 78 -3.07 24.02 -1.02
CA ILE I 78 -4.12 25.02 -1.22
C ILE I 78 -3.62 26.04 -2.24
N TYR I 79 -4.24 26.04 -3.42
CA TYR I 79 -3.78 26.88 -4.52
C TYR I 79 -3.97 28.36 -4.20
N ASP I 80 -2.88 29.13 -4.25
CA ASP I 80 -2.94 30.56 -3.99
C ASP I 80 -1.88 31.28 -4.83
N ASN I 81 -1.84 30.97 -6.13
CA ASN I 81 -0.85 31.54 -7.03
C ASN I 81 -1.56 32.19 -8.22
N LYS I 82 -0.75 32.85 -9.06
CA LYS I 82 -1.21 33.43 -10.31
C LYS I 82 -0.57 32.81 -11.54
N TYR I 83 0.51 32.06 -11.39
CA TYR I 83 1.25 31.51 -12.51
C TYR I 83 1.41 29.99 -12.48
N LYS I 84 1.09 29.34 -11.37
CA LYS I 84 1.32 27.91 -11.24
C LYS I 84 0.25 27.13 -11.99
N ASN I 85 0.68 26.26 -12.90
CA ASN I 85 -0.25 25.39 -13.63
C ASN I 85 -0.74 24.27 -12.73
N PHE I 86 -1.91 23.73 -13.05
CA PHE I 86 -2.44 22.65 -12.22
C PHE I 86 -3.49 21.86 -12.98
N SER I 87 -3.72 20.62 -12.51
CA SER I 87 -4.67 19.74 -13.18
C SER I 87 -5.51 18.99 -12.16
N ILE I 88 -6.72 18.64 -12.58
CA ILE I 88 -7.70 17.93 -11.76
C ILE I 88 -8.23 16.75 -12.57
N SER I 89 -8.29 15.57 -11.94
CA SER I 89 -8.72 14.37 -12.62
C SER I 89 -9.71 13.61 -11.75
N PHE I 90 -10.72 13.01 -12.37
CA PHE I 90 -11.66 12.16 -11.64
C PHE I 90 -12.52 11.41 -12.65
N TRP I 91 -13.38 10.52 -12.15
CA TRP I 91 -14.41 9.89 -12.94
C TRP I 91 -15.77 10.15 -12.29
N VAL I 92 -16.77 10.43 -13.13
CA VAL I 92 -18.11 10.76 -12.66
C VAL I 92 -19.11 9.85 -13.34
N ARG I 93 -20.15 9.47 -12.59
CA ARG I 93 -21.22 8.62 -13.10
C ARG I 93 -22.54 9.31 -12.83
N ILE I 94 -23.25 9.66 -13.90
CA ILE I 94 -24.46 10.47 -13.84
C ILE I 94 -25.60 9.67 -14.46
N PRO I 95 -26.45 9.06 -13.65
CA PRO I 95 -27.58 8.29 -14.20
C PRO I 95 -28.70 9.20 -14.68
N ASN I 96 -29.38 8.73 -15.72
CA ASN I 96 -30.53 9.42 -16.31
C ASN I 96 -31.74 8.49 -16.22
N TYR I 97 -32.22 8.27 -15.00
CA TYR I 97 -33.25 7.27 -14.66
C TYR I 97 -34.36 7.17 -15.70
N ASP I 98 -35.16 8.22 -15.84
CA ASP I 98 -36.29 8.21 -16.76
C ASP I 98 -35.96 8.79 -18.12
N ASN I 99 -34.86 9.53 -18.24
CA ASN I 99 -34.58 10.39 -19.39
C ASN I 99 -35.66 11.45 -19.58
N LYS I 100 -36.47 11.67 -18.55
CA LYS I 100 -37.51 12.69 -18.50
C LYS I 100 -37.47 13.49 -17.21
N ILE I 101 -37.21 12.83 -16.07
CA ILE I 101 -37.09 13.55 -14.81
C ILE I 101 -35.83 14.43 -14.81
N VAL I 102 -34.81 14.04 -15.58
CA VAL I 102 -33.58 14.82 -15.66
C VAL I 102 -33.63 15.89 -16.74
N ASN I 103 -34.75 16.01 -17.44
CA ASN I 103 -34.88 16.98 -18.53
C ASN I 103 -35.30 18.34 -17.94
N VAL I 104 -34.37 18.93 -17.20
CA VAL I 104 -34.58 20.22 -16.54
C VAL I 104 -33.33 21.05 -16.74
N ASN I 105 -33.49 22.24 -17.31
CA ASN I 105 -32.37 23.17 -17.50
C ASN I 105 -32.08 23.85 -16.17
N ASN I 106 -31.18 23.25 -15.40
CA ASN I 106 -30.82 23.78 -14.09
C ASN I 106 -29.43 23.28 -13.73
N GLU I 107 -28.49 24.20 -13.59
CA GLU I 107 -27.12 23.83 -13.23
C GLU I 107 -27.01 23.57 -11.73
N TYR I 108 -26.50 22.39 -11.37
CA TYR I 108 -26.32 22.02 -9.98
C TYR I 108 -24.89 21.55 -9.76
N THR I 109 -24.31 21.93 -8.63
CA THR I 109 -22.91 21.70 -8.32
C THR I 109 -22.73 20.35 -7.61
N ILE I 110 -21.70 19.62 -8.01
CA ILE I 110 -21.35 18.36 -7.37
C ILE I 110 -20.01 18.45 -6.63
N ILE I 111 -19.05 19.19 -7.16
CA ILE I 111 -17.75 19.38 -6.51
C ILE I 111 -17.50 20.88 -6.38
N ASN I 112 -17.17 21.32 -5.17
CA ASN I 112 -17.08 22.75 -4.86
C ASN I 112 -15.79 23.04 -4.11
N CYS I 113 -14.76 23.51 -4.82
CA CYS I 113 -13.58 24.04 -4.13
C CYS I 113 -13.54 25.54 -4.36
N MET I 114 -14.56 26.24 -3.86
CA MET I 114 -14.65 27.69 -3.99
C MET I 114 -14.84 28.30 -2.61
N ARG I 115 -14.36 29.53 -2.45
CA ARG I 115 -14.39 30.21 -1.16
C ARG I 115 -15.74 30.88 -0.95
N ASP I 116 -15.82 31.71 0.08
CA ASP I 116 -17.05 32.45 0.35
C ASP I 116 -17.33 33.46 -0.74
N ASN I 117 -16.28 34.16 -1.22
CA ASN I 117 -16.41 35.07 -2.34
C ASN I 117 -16.46 34.35 -3.69
N ASN I 118 -16.72 33.04 -3.68
CA ASN I 118 -16.83 32.24 -4.88
C ASN I 118 -15.58 32.33 -5.76
N SER I 119 -14.42 32.28 -5.10
CA SER I 119 -13.14 32.20 -5.79
C SER I 119 -12.59 30.78 -5.67
N GLY I 120 -12.09 30.24 -6.78
CA GLY I 120 -11.63 28.87 -6.80
C GLY I 120 -12.11 28.12 -8.02
N TRP I 121 -12.56 26.88 -7.84
CA TRP I 121 -13.05 26.08 -8.96
C TRP I 121 -14.27 25.26 -8.53
N LYS I 122 -15.02 24.84 -9.55
CA LYS I 122 -16.30 24.20 -9.31
C LYS I 122 -16.63 23.26 -10.46
N VAL I 123 -17.09 22.06 -10.13
CA VAL I 123 -17.58 21.08 -11.09
C VAL I 123 -19.08 20.93 -10.85
N SER I 124 -19.87 21.28 -11.85
CA SER I 124 -21.33 21.25 -11.75
C SER I 124 -21.89 20.43 -12.91
N LEU I 125 -23.18 20.14 -12.83
CA LEU I 125 -23.85 19.32 -13.84
C LEU I 125 -25.15 19.98 -14.28
N ASN I 126 -25.50 19.76 -15.54
CA ASN I 126 -26.78 20.12 -16.11
C ASN I 126 -27.32 18.91 -16.86
N HIS I 127 -28.48 19.07 -17.49
CA HIS I 127 -29.09 17.96 -18.22
C HIS I 127 -28.15 17.47 -19.30
N ASN I 128 -27.55 16.30 -19.09
CA ASN I 128 -26.57 15.72 -19.99
C ASN I 128 -25.39 16.66 -20.23
N GLU I 129 -24.95 17.33 -19.17
CA GLU I 129 -23.90 18.33 -19.31
C GLU I 129 -22.99 18.34 -18.08
N ILE I 130 -21.69 18.49 -18.32
CA ILE I 130 -20.69 18.62 -17.27
C ILE I 130 -20.01 19.97 -17.44
N ILE I 131 -20.00 20.77 -16.37
CA ILE I 131 -19.52 22.15 -16.42
C ILE I 131 -18.35 22.30 -15.46
N TRP I 132 -17.26 22.90 -15.95
CA TRP I 132 -16.10 23.28 -15.16
C TRP I 132 -16.05 24.80 -15.09
N THR I 133 -15.83 25.33 -13.89
CA THR I 133 -15.82 26.77 -13.66
C THR I 133 -14.60 27.15 -12.84
N LEU I 134 -13.91 28.20 -13.26
CA LEU I 134 -12.72 28.70 -12.59
C LEU I 134 -12.83 30.20 -12.41
N GLN I 135 -12.61 30.66 -11.17
CA GLN I 135 -12.78 32.06 -10.83
C GLN I 135 -11.65 32.53 -9.95
N ASP I 136 -11.18 33.75 -10.19
CA ASP I 136 -10.10 34.33 -9.41
C ASP I 136 -10.65 35.16 -8.26
N ASN I 137 -9.74 35.81 -7.52
CA ASN I 137 -10.16 36.60 -6.36
C ASN I 137 -10.93 37.85 -6.77
N ALA I 138 -10.66 38.39 -7.97
CA ALA I 138 -11.35 39.60 -8.40
C ALA I 138 -12.79 39.31 -8.81
N GLY I 139 -13.03 38.14 -9.39
CA GLY I 139 -14.35 37.78 -9.89
C GLY I 139 -14.39 37.40 -11.36
N ILE I 140 -13.28 37.51 -12.09
CA ILE I 140 -13.24 37.09 -13.49
C ILE I 140 -13.31 35.57 -13.56
N ASN I 141 -14.28 35.06 -14.31
CA ASN I 141 -14.54 33.63 -14.38
C ASN I 141 -14.35 33.11 -15.79
N GLN I 142 -14.21 31.79 -15.89
CA GLN I 142 -14.12 31.09 -17.16
C GLN I 142 -14.74 29.71 -17.01
N LYS I 143 -15.49 29.30 -18.03
CA LYS I 143 -16.25 28.05 -17.99
C LYS I 143 -15.93 27.19 -19.20
N LEU I 144 -15.81 25.89 -18.95
CA LEU I 144 -15.73 24.87 -19.97
C LEU I 144 -16.90 23.91 -19.80
N ALA I 145 -17.32 23.28 -20.89
CA ALA I 145 -18.53 22.48 -20.83
C ALA I 145 -18.40 21.26 -21.74
N PHE I 146 -19.18 20.23 -21.41
CA PHE I 146 -19.30 19.04 -22.24
C PHE I 146 -20.76 18.60 -22.21
N ASN I 147 -21.44 18.70 -23.35
CA ASN I 147 -22.82 18.25 -23.50
C ASN I 147 -22.83 17.01 -24.38
N TYR I 148 -23.05 15.85 -23.77
CA TYR I 148 -23.08 14.60 -24.53
C TYR I 148 -24.46 14.27 -25.10
N GLY I 149 -25.50 15.00 -24.70
CA GLY I 149 -26.80 14.85 -25.31
C GLY I 149 -27.49 13.54 -24.97
N ASN I 150 -28.70 13.39 -25.50
CA ASN I 150 -29.48 12.18 -25.28
C ASN I 150 -28.90 11.02 -26.07
N ALA I 151 -29.33 9.82 -25.73
CA ALA I 151 -28.82 8.62 -26.36
C ALA I 151 -29.41 8.48 -27.77
N ASN I 152 -28.52 8.35 -28.76
CA ASN I 152 -28.91 8.07 -30.14
C ASN I 152 -28.41 6.66 -30.47
N GLY I 153 -29.22 5.66 -30.12
CA GLY I 153 -28.78 4.28 -30.21
C GLY I 153 -28.22 3.81 -28.89
N ILE I 154 -26.89 3.76 -28.79
CA ILE I 154 -26.20 3.42 -27.55
C ILE I 154 -25.37 4.62 -27.14
N SER I 155 -25.57 5.08 -25.90
CA SER I 155 -24.83 6.23 -25.38
C SER I 155 -23.60 5.74 -24.62
N ASP I 156 -22.46 6.37 -24.92
CA ASP I 156 -21.21 6.05 -24.25
C ASP I 156 -21.02 6.83 -22.96
N TYR I 157 -22.00 7.63 -22.54
CA TYR I 157 -21.80 8.55 -21.42
C TYR I 157 -22.88 8.43 -20.36
N ILE I 158 -24.13 8.16 -20.76
CA ILE I 158 -25.23 8.15 -19.82
C ILE I 158 -25.13 6.93 -18.91
N ASN I 159 -25.17 7.17 -17.60
CA ASN I 159 -25.06 6.14 -16.57
C ASN I 159 -23.77 5.34 -16.66
N LYS I 160 -22.77 5.87 -17.34
CA LYS I 160 -21.45 5.24 -17.42
C LYS I 160 -20.42 6.10 -16.70
N TRP I 161 -19.30 5.47 -16.35
CA TRP I 161 -18.17 6.19 -15.79
C TRP I 161 -17.50 7.02 -16.88
N ILE I 162 -17.45 8.34 -16.67
CA ILE I 162 -16.85 9.27 -17.61
C ILE I 162 -15.60 9.85 -16.96
N PHE I 163 -14.47 9.74 -17.65
CA PHE I 163 -13.21 10.28 -17.18
C PHE I 163 -13.16 11.77 -17.49
N VAL I 164 -13.02 12.60 -16.46
CA VAL I 164 -12.94 14.05 -16.59
C VAL I 164 -11.55 14.48 -16.18
N THR I 165 -10.90 15.26 -17.04
CA THR I 165 -9.58 15.83 -16.77
C THR I 165 -9.62 17.31 -17.12
N ILE I 166 -9.04 18.15 -16.27
CA ILE I 166 -8.97 19.58 -16.51
C ILE I 166 -7.52 20.02 -16.30
N THR I 167 -6.90 20.55 -17.34
CA THR I 167 -5.56 21.11 -17.24
C THR I 167 -5.65 22.63 -17.31
N ASN I 168 -4.79 23.31 -16.53
CA ASN I 168 -4.80 24.76 -16.45
C ASN I 168 -3.38 25.28 -16.57
N ASP I 169 -3.10 25.92 -17.71
CA ASP I 169 -1.87 26.67 -17.94
C ASP I 169 -2.21 28.15 -17.74
N ARG I 170 -1.66 28.74 -16.68
CA ARG I 170 -2.00 30.13 -16.34
C ARG I 170 -1.53 31.10 -17.40
N LEU I 171 -0.44 30.78 -18.10
CA LEU I 171 0.08 31.58 -19.20
C LEU I 171 -0.48 31.16 -20.54
N GLY I 172 -1.57 30.38 -20.55
CA GLY I 172 -2.15 29.88 -21.78
C GLY I 172 -3.61 29.52 -21.64
N ASP I 173 -3.99 28.35 -22.15
CA ASP I 173 -5.38 27.92 -22.15
C ASP I 173 -5.64 26.92 -21.04
N SER I 174 -6.90 26.87 -20.58
CA SER I 174 -7.41 25.81 -19.74
C SER I 174 -8.21 24.86 -20.64
N LYS I 175 -7.89 23.58 -20.53
CA LYS I 175 -8.40 22.54 -21.42
C LYS I 175 -9.18 21.50 -20.62
N LEU I 176 -10.26 21.01 -21.22
CA LEU I 176 -11.10 19.97 -20.64
C LEU I 176 -11.04 18.73 -21.52
N TYR I 177 -10.80 17.58 -20.89
CA TYR I 177 -10.66 16.29 -21.58
C TYR I 177 -11.71 15.34 -21.04
N ILE I 178 -12.39 14.65 -21.96
CA ILE I 178 -13.37 13.63 -21.62
C ILE I 178 -12.90 12.32 -22.25
N ASN I 179 -12.63 11.32 -21.40
CA ASN I 179 -12.13 10.02 -21.83
C ASN I 179 -10.84 10.16 -22.62
N GLY I 180 -10.00 11.14 -22.24
CA GLY I 180 -8.71 11.34 -22.85
C GLY I 180 -8.71 12.17 -24.12
N ASN I 181 -9.86 12.66 -24.57
CA ASN I 181 -9.96 13.45 -25.79
C ASN I 181 -10.25 14.91 -25.43
N LEU I 182 -9.47 15.81 -26.01
CA LEU I 182 -9.68 17.24 -25.79
C LEU I 182 -10.97 17.68 -26.48
N ILE I 183 -11.79 18.45 -25.77
CA ILE I 183 -13.10 18.83 -26.27
C ILE I 183 -13.39 20.33 -26.14
N ASP I 184 -12.75 21.05 -25.22
CA ASP I 184 -13.05 22.46 -25.03
C ASP I 184 -11.86 23.12 -24.35
N GLN I 185 -11.35 24.19 -24.96
CA GLN I 185 -10.22 24.93 -24.42
C GLN I 185 -10.53 26.41 -24.48
N LYS I 186 -10.30 27.13 -23.39
CA LYS I 186 -10.49 28.57 -23.36
C LYS I 186 -9.32 29.23 -22.65
N SER I 187 -8.93 30.42 -23.12
CA SER I 187 -7.80 31.11 -22.53
C SER I 187 -8.14 31.62 -21.14
N ILE I 188 -7.19 31.50 -20.22
CA ILE I 188 -7.32 32.02 -18.86
C ILE I 188 -6.26 33.08 -18.56
N LEU I 189 -5.73 33.72 -19.61
CA LEU I 189 -4.75 34.77 -19.42
C LEU I 189 -5.33 36.00 -18.73
N ASN I 190 -6.66 36.14 -18.73
CA ASN I 190 -7.33 37.28 -18.13
C ASN I 190 -7.68 37.06 -16.67
N LEU I 191 -7.14 36.02 -16.04
CA LEU I 191 -7.40 35.71 -14.64
C LEU I 191 -6.15 35.97 -13.82
N GLY I 192 -6.33 36.55 -12.63
CA GLY I 192 -5.21 36.89 -11.79
C GLY I 192 -4.94 35.87 -10.70
N ASN I 193 -4.98 36.31 -9.44
CA ASN I 193 -4.71 35.42 -8.32
C ASN I 193 -5.95 34.59 -8.00
N ILE I 194 -5.76 33.28 -7.91
CA ILE I 194 -6.84 32.35 -7.60
C ILE I 194 -6.51 31.68 -6.27
N HIS I 195 -7.36 31.91 -5.27
CA HIS I 195 -7.22 31.29 -3.95
C HIS I 195 -8.42 30.36 -3.75
N VAL I 196 -8.17 29.06 -3.88
CA VAL I 196 -9.24 28.06 -3.78
C VAL I 196 -9.61 27.85 -2.32
N SER I 197 -10.72 27.16 -2.08
CA SER I 197 -11.17 26.90 -0.72
C SER I 197 -10.27 25.89 -0.05
N ASP I 198 -10.21 25.96 1.30
CA ASP I 198 -9.47 24.96 2.05
C ASP I 198 -10.13 23.59 1.97
N ASN I 199 -11.43 23.53 1.68
CA ASN I 199 -12.17 22.28 1.62
C ASN I 199 -12.62 21.99 0.20
N ILE I 200 -12.64 20.71 -0.14
CA ILE I 200 -13.21 20.21 -1.40
C ILE I 200 -14.43 19.38 -1.03
N LEU I 201 -15.61 19.87 -1.38
CA LEU I 201 -16.86 19.26 -0.97
C LEU I 201 -17.48 18.50 -2.13
N PHE I 202 -17.65 17.19 -1.96
CA PHE I 202 -18.35 16.33 -2.91
C PHE I 202 -19.77 16.21 -2.37
N LYS I 203 -20.70 16.95 -2.97
CA LYS I 203 -22.07 17.04 -2.50
C LYS I 203 -22.93 17.62 -3.61
N ILE I 204 -24.12 17.06 -3.78
CA ILE I 204 -25.08 17.55 -4.76
C ILE I 204 -25.92 18.66 -4.12
N VAL I 205 -25.79 19.87 -4.63
CA VAL I 205 -26.51 21.03 -4.10
C VAL I 205 -27.30 21.68 -5.23
N ASN I 206 -28.47 22.21 -4.87
CA ASN I 206 -29.34 22.95 -5.79
C ASN I 206 -29.72 22.12 -7.01
N CYS I 207 -30.08 20.86 -6.78
CA CYS I 207 -30.55 19.98 -7.85
C CYS I 207 -32.07 19.94 -7.83
N SER I 208 -32.67 20.07 -9.01
CA SER I 208 -34.12 20.15 -9.11
C SER I 208 -34.83 18.85 -8.73
N TYR I 209 -34.13 17.72 -8.78
CA TYR I 209 -34.75 16.42 -8.55
C TYR I 209 -33.90 15.59 -7.60
N THR I 210 -34.49 14.51 -7.10
CA THR I 210 -33.78 13.57 -6.24
C THR I 210 -32.95 12.63 -7.10
N ARG I 211 -31.67 12.51 -6.78
CA ARG I 211 -30.74 11.74 -7.60
C ARG I 211 -29.52 11.39 -6.77
N TYR I 212 -28.65 10.59 -7.37
CA TYR I 212 -27.33 10.30 -6.80
C TYR I 212 -26.28 10.42 -7.90
N ILE I 213 -25.03 10.60 -7.47
CA ILE I 213 -23.91 10.82 -8.38
C ILE I 213 -22.73 9.99 -7.90
N GLY I 214 -22.05 9.34 -8.84
CA GLY I 214 -20.88 8.52 -8.53
C GLY I 214 -19.60 9.26 -8.84
N ILE I 215 -18.61 9.13 -7.95
CA ILE I 215 -17.31 9.78 -8.10
C ILE I 215 -16.23 8.77 -7.76
N ARG I 216 -15.14 8.78 -8.52
CA ARG I 216 -14.01 7.92 -8.19
C ARG I 216 -12.70 8.53 -8.66
N TYR I 217 -11.62 8.15 -7.97
CA TYR I 217 -10.24 8.40 -8.39
C TYR I 217 -9.95 9.89 -8.55
N PHE I 218 -10.32 10.66 -7.54
CA PHE I 218 -10.08 12.10 -7.57
C PHE I 218 -8.61 12.38 -7.31
N ASN I 219 -7.97 13.11 -8.22
CA ASN I 219 -6.56 13.44 -8.16
C ASN I 219 -6.34 14.91 -8.47
N ILE I 220 -5.40 15.52 -7.75
CA ILE I 220 -4.97 16.89 -8.00
C ILE I 220 -3.47 16.86 -8.25
N PHE I 221 -3.05 17.47 -9.37
CA PHE I 221 -1.66 17.55 -9.79
C PHE I 221 -1.25 19.02 -9.86
N ASP I 222 0.03 19.28 -9.57
CA ASP I 222 0.57 20.64 -9.55
C ASP I 222 1.24 21.04 -10.86
N LYS I 223 0.77 20.50 -11.99
CA LYS I 223 1.29 20.89 -13.29
C LYS I 223 0.22 20.65 -14.35
N GLU I 224 0.44 21.19 -15.54
CA GLU I 224 -0.46 20.98 -16.65
C GLU I 224 -0.18 19.60 -17.26
N LEU I 225 -1.18 18.72 -17.22
CA LEU I 225 -0.97 17.35 -17.66
C LEU I 225 -0.81 17.25 -19.17
N ASP I 226 0.13 16.41 -19.60
CA ASP I 226 0.31 16.12 -21.02
C ASP I 226 -0.82 15.23 -21.52
N GLU I 227 -1.02 15.25 -22.85
CA GLU I 227 -2.05 14.42 -23.45
C GLU I 227 -1.77 12.94 -23.24
N THR I 228 -0.50 12.53 -23.40
CA THR I 228 -0.14 11.14 -23.15
C THR I 228 -0.28 10.77 -21.68
N GLU I 229 -0.03 11.72 -20.78
CA GLU I 229 -0.26 11.47 -19.36
C GLU I 229 -1.73 11.24 -19.07
N ILE I 230 -2.60 12.06 -19.70
CA ILE I 230 -4.03 11.86 -19.54
C ILE I 230 -4.45 10.52 -20.11
N GLN I 231 -3.82 10.09 -21.20
CA GLN I 231 -4.16 8.79 -21.79
C GLN I 231 -3.73 7.65 -20.87
N THR I 232 -2.55 7.74 -20.27
CA THR I 232 -2.12 6.72 -19.32
C THR I 232 -3.04 6.67 -18.10
N LEU I 233 -3.45 7.84 -17.61
CA LEU I 233 -4.41 7.87 -16.51
C LEU I 233 -5.74 7.24 -16.90
N TYR I 234 -6.18 7.49 -18.13
CA TYR I 234 -7.44 6.94 -18.61
C TYR I 234 -7.37 5.43 -18.78
N SER I 235 -6.18 4.91 -19.11
CA SER I 235 -6.03 3.48 -19.38
C SER I 235 -5.66 2.66 -18.16
N ASN I 236 -5.03 3.25 -17.15
CA ASN I 236 -4.52 2.48 -16.02
C ASN I 236 -5.23 2.73 -14.69
N GLU I 237 -6.05 3.77 -14.57
CA GLU I 237 -6.72 4.01 -13.29
C GLU I 237 -7.71 2.90 -12.95
N PRO I 238 -8.58 2.44 -13.84
CA PRO I 238 -9.28 1.18 -13.58
C PRO I 238 -8.32 0.01 -13.78
N ASN I 239 -8.57 -1.07 -13.05
CA ASN I 239 -7.70 -2.24 -13.14
C ASN I 239 -7.81 -2.84 -14.54
N THR I 240 -6.70 -2.79 -15.28
CA THR I 240 -6.68 -3.32 -16.64
C THR I 240 -6.75 -4.83 -16.70
N ASN I 241 -6.57 -5.52 -15.57
CA ASN I 241 -6.63 -6.97 -15.54
C ASN I 241 -8.06 -7.48 -15.42
N ILE I 242 -8.94 -6.70 -14.82
CA ILE I 242 -10.32 -7.09 -14.59
C ILE I 242 -11.18 -6.62 -15.76
N LEU I 243 -12.14 -7.45 -16.16
CA LEU I 243 -13.05 -7.09 -17.23
C LEU I 243 -14.09 -6.08 -16.75
N LYS I 244 -14.61 -5.30 -17.68
CA LYS I 244 -15.60 -4.27 -17.38
C LYS I 244 -16.96 -4.66 -17.92
N ASP I 245 -18.01 -4.15 -17.28
CA ASP I 245 -19.37 -4.38 -17.74
C ASP I 245 -19.78 -3.23 -18.69
N PHE I 246 -21.07 -3.06 -18.91
CA PHE I 246 -21.54 -2.00 -19.82
C PHE I 246 -21.33 -0.62 -19.22
N TRP I 247 -21.58 -0.48 -17.92
CA TRP I 247 -21.48 0.81 -17.25
C TRP I 247 -20.05 1.18 -16.88
N GLY I 248 -19.10 0.26 -16.98
CA GLY I 248 -17.74 0.51 -16.58
C GLY I 248 -17.34 -0.08 -15.25
N ASN I 249 -18.25 -0.74 -14.55
CA ASN I 249 -17.93 -1.41 -13.31
C ASN I 249 -17.26 -2.75 -13.60
N TYR I 250 -16.85 -3.45 -12.54
CA TYR I 250 -16.19 -4.73 -12.71
C TYR I 250 -17.19 -5.81 -13.11
N LEU I 251 -16.79 -6.65 -14.07
CA LEU I 251 -17.61 -7.77 -14.47
C LEU I 251 -17.64 -8.84 -13.37
N LEU I 252 -18.83 -9.35 -13.09
CA LEU I 252 -19.05 -10.21 -11.93
C LEU I 252 -19.44 -11.62 -12.36
N TYR I 253 -19.01 -12.59 -11.55
CA TYR I 253 -19.48 -13.96 -11.68
C TYR I 253 -20.85 -14.12 -11.02
N ASP I 254 -21.63 -15.07 -11.53
CA ASP I 254 -22.95 -15.37 -10.98
C ASP I 254 -23.84 -14.14 -10.96
N LYS I 255 -23.82 -13.38 -12.06
CA LYS I 255 -24.59 -12.16 -12.19
C LYS I 255 -25.27 -12.16 -13.55
N GLU I 256 -26.58 -11.91 -13.56
CA GLU I 256 -27.34 -11.92 -14.80
C GLU I 256 -26.97 -10.72 -15.66
N TYR I 257 -26.71 -10.96 -16.94
CA TYR I 257 -26.32 -9.92 -17.87
C TYR I 257 -27.04 -10.09 -19.20
N TYR I 258 -27.52 -8.98 -19.75
CA TYR I 258 -27.90 -8.94 -21.16
C TYR I 258 -26.66 -8.76 -22.02
N LEU I 259 -26.76 -9.17 -23.28
CA LEU I 259 -25.64 -9.12 -24.21
C LEU I 259 -25.83 -7.97 -25.20
N LEU I 260 -24.73 -7.33 -25.57
CA LEU I 260 -24.76 -6.27 -26.58
C LEU I 260 -23.54 -6.41 -27.49
N ASN I 261 -23.78 -6.63 -28.78
CA ASN I 261 -22.69 -6.69 -29.75
C ASN I 261 -22.36 -5.28 -30.22
N VAL I 262 -21.08 -4.90 -30.10
CA VAL I 262 -20.67 -3.53 -30.40
C VAL I 262 -20.68 -3.25 -31.90
N LEU I 263 -20.66 -4.29 -32.74
CA LEU I 263 -20.73 -4.07 -34.18
C LEU I 263 -22.17 -3.89 -34.66
N LYS I 264 -23.13 -4.55 -34.01
CA LYS I 264 -24.55 -4.38 -34.28
C LYS I 264 -25.21 -3.90 -32.98
N PRO I 265 -25.06 -2.62 -32.65
CA PRO I 265 -25.62 -2.13 -31.37
C PRO I 265 -27.13 -1.99 -31.39
N ASN I 266 -27.74 -1.99 -32.56
CA ASN I 266 -29.19 -1.89 -32.68
C ASN I 266 -29.87 -3.25 -32.65
N ASN I 267 -29.12 -4.32 -32.43
CA ASN I 267 -29.66 -5.68 -32.40
C ASN I 267 -29.43 -6.30 -31.02
N PHE I 268 -30.30 -7.27 -30.68
CA PHE I 268 -30.15 -8.05 -29.46
C PHE I 268 -30.28 -9.53 -29.81
N ILE I 269 -29.89 -10.37 -28.85
CA ILE I 269 -29.82 -11.82 -29.05
C ILE I 269 -31.08 -12.45 -28.49
N ASP I 270 -31.74 -13.29 -29.28
CA ASP I 270 -32.91 -14.03 -28.85
C ASP I 270 -32.68 -15.53 -29.00
N ARG I 271 -33.53 -16.30 -28.33
CA ARG I 271 -33.44 -17.76 -28.32
C ARG I 271 -34.38 -18.36 -29.35
N ARG I 272 -33.89 -19.34 -30.09
CA ARG I 272 -34.68 -20.05 -31.08
C ARG I 272 -35.20 -21.37 -30.49
N LYS I 273 -36.09 -22.02 -31.25
CA LYS I 273 -36.70 -23.26 -30.78
C LYS I 273 -35.72 -24.43 -30.87
N ASP I 274 -34.78 -24.38 -31.81
CA ASP I 274 -33.76 -25.41 -31.96
C ASP I 274 -32.51 -25.12 -31.13
N SER I 275 -32.64 -24.37 -30.04
CA SER I 275 -31.59 -24.06 -29.08
C SER I 275 -30.51 -23.13 -29.62
N THR I 276 -30.67 -22.61 -30.84
CA THR I 276 -29.69 -21.68 -31.38
C THR I 276 -30.02 -20.25 -30.95
N LEU I 277 -29.11 -19.33 -31.25
CA LEU I 277 -29.23 -17.93 -30.87
C LEU I 277 -29.26 -17.07 -32.11
N SER I 278 -30.27 -16.20 -32.20
CA SER I 278 -30.46 -15.34 -33.35
C SER I 278 -29.98 -13.92 -33.05
N ILE I 279 -29.66 -13.19 -34.12
CA ILE I 279 -29.21 -11.80 -34.02
C ILE I 279 -30.02 -10.86 -34.88
N ASN I 280 -31.01 -11.36 -35.62
CA ASN I 280 -31.81 -10.53 -36.52
C ASN I 280 -32.92 -9.82 -35.76
N ASN I 281 -32.71 -9.55 -34.48
CA ASN I 281 -33.71 -8.93 -33.61
C ASN I 281 -33.35 -7.46 -33.41
N ILE I 282 -34.16 -6.57 -33.99
CA ILE I 282 -33.90 -5.13 -33.90
C ILE I 282 -34.39 -4.62 -32.55
N ARG I 283 -33.55 -3.81 -31.89
CA ARG I 283 -33.92 -3.25 -30.61
C ARG I 283 -34.99 -2.17 -30.77
N SER I 284 -35.99 -2.21 -29.89
CA SER I 284 -36.98 -1.16 -29.84
C SER I 284 -36.37 0.13 -29.30
N THR I 285 -37.02 1.25 -29.59
CA THR I 285 -36.50 2.56 -29.24
C THR I 285 -37.45 3.31 -28.32
N ILE I 286 -36.88 3.98 -27.33
CA ILE I 286 -37.59 4.94 -26.49
C ILE I 286 -37.03 6.30 -26.85
N LEU I 287 -37.84 7.11 -27.55
CA LEU I 287 -37.35 8.29 -28.26
C LEU I 287 -36.32 7.86 -29.28
N LEU I 288 -35.05 8.18 -29.04
CA LEU I 288 -33.95 7.74 -29.89
C LEU I 288 -33.02 6.76 -29.21
N ALA I 289 -33.33 6.35 -27.98
CA ALA I 289 -32.45 5.46 -27.22
C ALA I 289 -32.88 4.01 -27.42
N ASN I 290 -31.90 3.15 -27.73
CA ASN I 290 -32.18 1.73 -27.86
C ASN I 290 -32.52 1.13 -26.50
N ARG I 291 -33.44 0.16 -26.51
CA ARG I 291 -33.78 -0.55 -25.28
C ARG I 291 -32.63 -1.48 -24.91
N LEU I 292 -32.14 -1.33 -23.68
CA LEU I 292 -30.98 -2.12 -23.24
C LEU I 292 -31.38 -3.44 -22.61
N TYR I 293 -32.53 -3.51 -21.93
CA TYR I 293 -32.94 -4.72 -21.22
C TYR I 293 -33.76 -5.63 -22.12
N SER I 294 -33.24 -5.90 -23.32
CA SER I 294 -33.90 -6.75 -24.29
C SER I 294 -33.01 -7.94 -24.63
N GLY I 295 -33.63 -9.10 -24.81
CA GLY I 295 -32.92 -10.29 -25.25
C GLY I 295 -32.66 -11.28 -24.14
N ILE I 296 -31.80 -12.25 -24.47
CA ILE I 296 -31.48 -13.31 -23.53
C ILE I 296 -30.60 -12.79 -22.41
N LYS I 297 -30.57 -13.53 -21.31
CA LYS I 297 -29.74 -13.22 -20.16
C LYS I 297 -28.76 -14.37 -19.92
N VAL I 298 -27.54 -14.01 -19.52
CA VAL I 298 -26.48 -14.99 -19.31
C VAL I 298 -25.84 -14.77 -17.95
N LYS I 299 -25.13 -15.81 -17.49
CA LYS I 299 -24.38 -15.77 -16.24
C LYS I 299 -23.03 -16.44 -16.46
N ILE I 300 -22.00 -15.85 -15.85
CA ILE I 300 -20.63 -16.36 -15.96
C ILE I 300 -20.30 -17.13 -14.69
N GLN I 301 -19.73 -18.32 -14.85
CA GLN I 301 -19.47 -19.21 -13.72
C GLN I 301 -18.02 -19.69 -13.77
N ARG I 302 -17.35 -19.66 -12.62
CA ARG I 302 -15.96 -20.12 -12.58
C ARG I 302 -15.87 -21.62 -12.79
N VAL I 303 -14.92 -22.04 -13.63
CA VAL I 303 -14.70 -23.46 -13.85
C VAL I 303 -14.00 -24.08 -12.64
N ASN I 304 -12.84 -23.56 -12.28
CA ASN I 304 -12.11 -24.00 -11.09
C ASN I 304 -12.33 -22.93 -10.03
N ASN I 305 -13.37 -23.10 -9.23
CA ASN I 305 -13.70 -22.15 -8.18
C ASN I 305 -12.69 -22.24 -7.05
N SER I 306 -12.86 -23.23 -6.18
CA SER I 306 -12.01 -23.44 -5.01
C SER I 306 -11.87 -22.17 -4.18
N SER I 307 -12.97 -21.42 -4.10
CA SER I 307 -13.04 -20.13 -3.40
C SER I 307 -11.83 -19.27 -3.75
N THR I 308 -11.73 -18.91 -5.03
CA THR I 308 -10.65 -18.07 -5.53
C THR I 308 -11.03 -16.60 -5.29
N ASN I 309 -10.85 -16.17 -4.04
CA ASN I 309 -11.01 -14.78 -3.64
C ASN I 309 -12.37 -14.21 -3.97
N ASP I 310 -12.40 -13.27 -4.89
CA ASP I 310 -13.56 -12.45 -5.20
C ASP I 310 -14.33 -13.00 -6.41
N ASN I 311 -15.36 -12.25 -6.82
CA ASN I 311 -16.19 -12.64 -7.96
C ASN I 311 -15.90 -11.83 -9.22
N LEU I 312 -14.72 -11.22 -9.32
CA LEU I 312 -14.40 -10.40 -10.48
C LEU I 312 -13.84 -11.26 -11.61
N VAL I 313 -14.33 -11.02 -12.82
CA VAL I 313 -13.88 -11.73 -14.01
C VAL I 313 -12.63 -11.05 -14.54
N ARG I 314 -11.52 -11.78 -14.55
CA ARG I 314 -10.24 -11.25 -14.98
C ARG I 314 -9.89 -11.79 -16.36
N LYS I 315 -8.86 -11.21 -16.95
CA LYS I 315 -8.38 -11.68 -18.24
C LYS I 315 -7.86 -13.11 -18.11
N ASN I 316 -7.99 -13.86 -19.21
CA ASN I 316 -7.45 -15.21 -19.31
C ASN I 316 -8.08 -16.18 -18.31
N ASP I 317 -9.31 -15.90 -17.88
CA ASP I 317 -10.01 -16.76 -16.93
C ASP I 317 -10.75 -17.88 -17.65
N GLN I 318 -10.83 -19.03 -16.99
CA GLN I 318 -11.53 -20.20 -17.50
C GLN I 318 -12.93 -20.21 -16.90
N VAL I 319 -13.94 -19.97 -17.74
CA VAL I 319 -15.31 -19.78 -17.28
C VAL I 319 -16.27 -20.62 -18.11
N TYR I 320 -17.50 -20.72 -17.60
CA TYR I 320 -18.65 -21.26 -18.31
C TYR I 320 -19.67 -20.14 -18.50
N ILE I 321 -20.28 -20.11 -19.68
CA ILE I 321 -21.31 -19.13 -20.01
C ILE I 321 -22.64 -19.88 -20.02
N ASN I 322 -23.51 -19.54 -19.07
CA ASN I 322 -24.81 -20.19 -18.94
C ASN I 322 -25.92 -19.23 -19.38
N PHE I 323 -26.95 -19.80 -20.00
CA PHE I 323 -28.15 -19.07 -20.39
C PHE I 323 -29.21 -19.22 -19.30
N VAL I 324 -29.86 -18.11 -18.99
CA VAL I 324 -30.85 -18.05 -17.92
C VAL I 324 -32.23 -18.25 -18.53
N ALA I 325 -32.84 -19.41 -18.24
CA ALA I 325 -34.21 -19.67 -18.67
C ALA I 325 -35.21 -19.14 -17.64
N SER I 326 -35.07 -19.55 -16.38
CA SER I 326 -35.85 -19.03 -15.28
C SER I 326 -34.90 -18.56 -14.18
N LYS I 327 -35.48 -18.09 -13.08
CA LYS I 327 -34.66 -17.66 -11.95
C LYS I 327 -33.85 -18.81 -11.37
N THR I 328 -34.36 -20.03 -11.46
CA THR I 328 -33.71 -21.20 -10.89
C THR I 328 -33.02 -22.09 -11.93
N HIS I 329 -33.47 -22.06 -13.18
CA HIS I 329 -32.97 -22.98 -14.21
C HIS I 329 -31.93 -22.28 -15.08
N LEU I 330 -30.74 -22.87 -15.16
CA LEU I 330 -29.65 -22.38 -15.99
C LEU I 330 -29.17 -23.50 -16.90
N PHE I 331 -28.85 -23.15 -18.15
CA PHE I 331 -28.44 -24.16 -19.13
C PHE I 331 -27.15 -23.73 -19.82
N PRO I 332 -26.14 -24.59 -19.87
CA PRO I 332 -24.85 -24.15 -20.45
C PRO I 332 -24.95 -23.85 -21.92
N LEU I 333 -24.17 -22.87 -22.36
CA LEU I 333 -24.02 -22.52 -23.77
C LEU I 333 -22.79 -23.22 -24.33
N TYR I 334 -22.91 -23.81 -25.51
CA TYR I 334 -21.81 -24.55 -26.10
C TYR I 334 -21.74 -24.27 -27.60
N ALA I 335 -20.62 -24.66 -28.20
CA ALA I 335 -20.42 -24.52 -29.63
C ALA I 335 -20.63 -25.89 -30.28
N ASP I 336 -21.64 -25.99 -31.14
CA ASP I 336 -21.97 -27.25 -31.79
C ASP I 336 -20.92 -27.56 -32.84
N THR I 337 -20.00 -28.46 -32.52
CA THR I 337 -18.96 -28.88 -33.45
C THR I 337 -19.41 -30.01 -34.35
N ALA I 338 -20.69 -30.40 -34.27
CA ALA I 338 -21.22 -31.48 -35.11
C ALA I 338 -21.77 -30.92 -36.41
N THR I 339 -20.92 -30.20 -37.13
CA THR I 339 -21.28 -29.61 -38.41
C THR I 339 -20.03 -29.46 -39.26
N THR I 340 -20.24 -29.42 -40.58
CA THR I 340 -19.15 -29.30 -41.53
C THR I 340 -18.68 -27.86 -41.70
N ASN I 341 -19.44 -26.88 -41.23
CA ASN I 341 -19.05 -25.49 -41.36
C ASN I 341 -17.80 -25.20 -40.52
N LYS I 342 -17.08 -24.14 -40.93
CA LYS I 342 -15.92 -23.71 -40.17
C LYS I 342 -16.33 -23.00 -38.89
N GLU I 343 -17.34 -22.13 -38.97
CA GLU I 343 -17.86 -21.45 -37.79
C GLU I 343 -18.84 -22.34 -37.04
N LYS I 344 -18.75 -22.32 -35.72
CA LYS I 344 -19.53 -23.21 -34.87
C LYS I 344 -20.69 -22.43 -34.25
N THR I 345 -21.91 -22.87 -34.52
CA THR I 345 -23.09 -22.20 -33.98
C THR I 345 -23.20 -22.42 -32.47
N ILE I 346 -23.66 -21.39 -31.77
CA ILE I 346 -23.84 -21.45 -30.33
C ILE I 346 -25.22 -22.04 -30.03
N LYS I 347 -25.25 -23.11 -29.24
CA LYS I 347 -26.47 -23.79 -28.87
C LYS I 347 -26.62 -23.85 -27.35
N ILE I 348 -27.84 -24.12 -26.92
CA ILE I 348 -28.19 -24.25 -25.51
C ILE I 348 -28.32 -25.73 -25.18
N SER I 349 -27.59 -26.20 -24.17
CA SER I 349 -27.63 -27.59 -23.76
C SER I 349 -28.75 -27.76 -22.73
N SER I 350 -29.90 -28.27 -23.17
CA SER I 350 -31.02 -28.49 -22.26
C SER I 350 -30.74 -29.59 -21.24
N SER I 351 -29.82 -30.51 -21.54
CA SER I 351 -29.48 -31.58 -20.62
C SER I 351 -28.56 -31.13 -19.50
N GLY I 352 -27.81 -30.04 -19.70
CA GLY I 352 -26.80 -29.61 -18.77
C GLY I 352 -25.40 -30.03 -19.14
N ASN I 353 -25.23 -30.74 -20.26
CA ASN I 353 -23.91 -31.18 -20.68
C ASN I 353 -23.09 -30.01 -21.22
N ARG I 354 -21.89 -29.82 -20.68
CA ARG I 354 -21.00 -28.79 -21.17
C ARG I 354 -20.32 -29.16 -22.48
N PHE I 355 -20.47 -30.41 -22.94
CA PHE I 355 -19.88 -30.88 -24.18
C PHE I 355 -18.36 -30.75 -24.19
N ASN I 356 -17.74 -30.84 -23.02
CA ASN I 356 -16.28 -30.82 -22.87
C ASN I 356 -15.68 -29.53 -23.43
N GLN I 357 -16.33 -28.41 -23.14
CA GLN I 357 -15.89 -27.11 -23.63
C GLN I 357 -15.76 -26.13 -22.47
N VAL I 358 -14.94 -25.11 -22.68
CA VAL I 358 -14.77 -24.02 -21.72
C VAL I 358 -14.75 -22.71 -22.51
N VAL I 359 -14.84 -21.61 -21.78
CA VAL I 359 -14.79 -20.27 -22.36
C VAL I 359 -13.71 -19.48 -21.65
N VAL I 360 -12.84 -18.83 -22.42
CA VAL I 360 -11.78 -17.98 -21.89
C VAL I 360 -12.19 -16.53 -22.08
N MET I 361 -12.19 -15.77 -21.00
CA MET I 361 -12.54 -14.36 -21.06
C MET I 361 -11.32 -13.52 -21.40
N ASN I 362 -11.53 -12.46 -22.18
CA ASN I 362 -10.48 -11.49 -22.46
C ASN I 362 -11.15 -10.15 -22.74
N SER I 363 -10.33 -9.11 -22.92
CA SER I 363 -10.90 -7.80 -23.15
C SER I 363 -9.92 -6.90 -23.87
N VAL I 364 -10.48 -5.99 -24.66
CA VAL I 364 -9.78 -4.84 -25.21
C VAL I 364 -10.49 -3.61 -24.68
N GLY I 365 -9.86 -2.90 -23.74
CA GLY I 365 -10.50 -1.75 -23.14
C GLY I 365 -11.74 -2.16 -22.39
N ASN I 366 -12.88 -1.60 -22.76
CA ASN I 366 -14.15 -1.94 -22.16
C ASN I 366 -14.86 -3.09 -22.87
N ASN I 367 -14.38 -3.51 -24.03
CA ASN I 367 -15.03 -4.56 -24.79
C ASN I 367 -14.50 -5.92 -24.38
N CYS I 368 -15.40 -6.91 -24.32
CA CYS I 368 -15.06 -8.24 -23.86
C CYS I 368 -15.16 -9.25 -24.99
N THR I 369 -14.29 -10.26 -24.94
CA THR I 369 -14.28 -11.36 -25.88
C THR I 369 -14.35 -12.68 -25.13
N MET I 370 -14.99 -13.66 -25.78
CA MET I 370 -15.25 -14.97 -25.19
C MET I 370 -14.74 -16.02 -26.17
N ASN I 371 -13.63 -16.68 -25.82
CA ASN I 371 -13.03 -17.69 -26.69
C ASN I 371 -13.54 -19.06 -26.25
N PHE I 372 -14.42 -19.65 -27.06
CA PHE I 372 -14.83 -21.02 -26.84
C PHE I 372 -13.67 -21.95 -27.23
N LYS I 373 -13.33 -22.86 -26.32
CA LYS I 373 -12.19 -23.76 -26.49
C LYS I 373 -12.58 -25.16 -26.03
N ASN I 374 -11.99 -26.16 -26.67
CA ASN I 374 -12.15 -27.53 -26.22
C ASN I 374 -11.27 -27.79 -25.00
N ASN I 375 -11.66 -28.80 -24.23
CA ASN I 375 -10.92 -29.12 -23.01
C ASN I 375 -9.52 -29.64 -23.29
N ASN I 376 -9.26 -30.15 -24.50
CA ASN I 376 -7.95 -30.63 -24.86
C ASN I 376 -6.98 -29.51 -25.21
N GLY I 377 -7.41 -28.25 -25.15
CA GLY I 377 -6.57 -27.12 -25.48
C GLY I 377 -6.77 -26.57 -26.87
N ASN I 378 -7.57 -27.24 -27.70
CA ASN I 378 -7.79 -26.80 -29.06
C ASN I 378 -8.79 -25.65 -29.10
N ASN I 379 -8.59 -24.74 -30.05
CA ASN I 379 -9.43 -23.56 -30.17
C ASN I 379 -10.68 -23.87 -30.97
N ILE I 380 -11.82 -23.38 -30.50
CA ILE I 380 -13.06 -23.42 -31.26
C ILE I 380 -13.37 -22.07 -31.90
N GLY I 381 -13.17 -20.99 -31.16
CA GLY I 381 -13.22 -19.67 -31.78
C GLY I 381 -13.80 -18.63 -30.85
N LEU I 382 -13.57 -17.37 -31.23
CA LEU I 382 -14.18 -16.25 -30.53
C LEU I 382 -15.68 -16.19 -30.81
N LEU I 383 -16.41 -15.63 -29.85
CA LEU I 383 -17.85 -15.45 -30.00
C LEU I 383 -18.14 -14.28 -30.92
N GLY I 384 -18.78 -14.54 -32.04
CA GLY I 384 -19.20 -13.51 -32.97
C GLY I 384 -20.51 -13.92 -33.57
N PHE I 385 -20.79 -13.44 -34.79
CA PHE I 385 -22.02 -13.75 -35.46
C PHE I 385 -21.78 -13.91 -36.95
N LYS I 386 -22.62 -14.71 -37.60
CA LYS I 386 -22.62 -14.86 -39.04
C LYS I 386 -24.06 -14.80 -39.54
N ALA I 387 -24.34 -13.84 -40.42
CA ALA I 387 -25.67 -13.67 -41.00
C ALA I 387 -26.73 -13.51 -39.91
N ASP I 388 -27.42 -14.60 -39.58
CA ASP I 388 -28.52 -14.57 -38.63
C ASP I 388 -28.20 -15.20 -37.28
N THR I 389 -27.07 -15.88 -37.15
CA THR I 389 -26.84 -16.75 -36.01
C THR I 389 -25.56 -16.39 -35.29
N VAL I 390 -25.62 -16.35 -33.95
CA VAL I 390 -24.44 -16.19 -33.13
C VAL I 390 -23.60 -17.45 -33.23
N VAL I 391 -22.33 -17.31 -33.60
CA VAL I 391 -21.45 -18.43 -33.85
C VAL I 391 -20.14 -18.23 -33.09
N ALA I 392 -19.30 -19.26 -33.11
CA ALA I 392 -17.92 -19.19 -32.64
C ALA I 392 -17.02 -19.44 -33.83
N SER I 393 -16.10 -18.51 -34.08
CA SER I 393 -15.27 -18.55 -35.28
C SER I 393 -13.84 -18.18 -34.94
N THR I 394 -12.89 -18.87 -35.58
CA THR I 394 -11.48 -18.59 -35.37
C THR I 394 -10.96 -17.47 -36.27
N TRP I 395 -11.77 -17.00 -37.21
CA TRP I 395 -11.35 -15.93 -38.11
C TRP I 395 -10.95 -14.69 -37.33
N TYR I 396 -11.67 -14.40 -36.24
CA TYR I 396 -11.38 -13.22 -35.43
C TYR I 396 -9.97 -13.25 -34.88
N TYR I 397 -9.32 -14.41 -34.87
CA TYR I 397 -7.95 -14.50 -34.38
C TYR I 397 -7.01 -13.64 -35.23
N THR I 398 -7.23 -13.60 -36.54
CA THR I 398 -6.31 -12.91 -37.43
C THR I 398 -6.85 -11.57 -37.94
N HIS I 399 -8.02 -11.15 -37.50
CA HIS I 399 -8.61 -9.90 -37.95
C HIS I 399 -9.25 -9.16 -36.78
N MET I 400 -8.47 -9.03 -35.69
CA MET I 400 -8.94 -8.25 -34.54
C MET I 400 -9.03 -6.76 -34.86
N ARG I 401 -8.38 -6.32 -35.93
CA ARG I 401 -8.40 -4.91 -36.31
C ARG I 401 -8.32 -4.81 -37.82
N ASP I 402 -8.50 -3.58 -38.32
CA ASP I 402 -8.31 -3.25 -39.73
C ASP I 402 -9.28 -4.01 -40.63
N HIS I 403 -10.48 -4.27 -40.11
CA HIS I 403 -11.55 -4.88 -40.90
C HIS I 403 -12.87 -4.36 -40.38
N THR I 404 -13.83 -4.17 -41.30
CA THR I 404 -15.13 -3.66 -40.91
C THR I 404 -15.87 -4.63 -39.99
N ASN I 405 -15.50 -5.89 -39.99
CA ASN I 405 -16.15 -6.92 -39.19
C ASN I 405 -15.34 -7.32 -37.95
N SER I 406 -14.31 -6.53 -37.60
CA SER I 406 -13.43 -6.91 -36.51
C SER I 406 -14.14 -6.85 -35.17
N ASN I 407 -15.03 -5.88 -34.99
CA ASN I 407 -15.70 -5.68 -33.71
C ASN I 407 -16.85 -6.65 -33.48
N GLY I 408 -17.07 -7.61 -34.39
CA GLY I 408 -18.11 -8.59 -34.19
C GLY I 408 -17.86 -9.53 -33.02
N CYS I 409 -16.60 -9.62 -32.57
CA CYS I 409 -16.22 -10.48 -31.46
C CYS I 409 -16.22 -9.74 -30.13
N PHE I 410 -16.54 -8.45 -30.11
CA PHE I 410 -16.54 -7.66 -28.90
C PHE I 410 -17.96 -7.58 -28.34
N TRP I 411 -18.10 -7.83 -27.04
CA TRP I 411 -19.41 -7.88 -26.40
C TRP I 411 -19.40 -7.03 -25.14
N ASN I 412 -20.56 -6.47 -24.83
CA ASN I 412 -20.78 -5.73 -23.59
C ASN I 412 -21.87 -6.41 -22.79
N PHE I 413 -21.68 -6.42 -21.46
CA PHE I 413 -22.58 -7.07 -20.52
C PHE I 413 -23.39 -5.99 -19.81
N ILE I 414 -24.70 -5.96 -20.07
CA ILE I 414 -25.58 -4.94 -19.51
C ILE I 414 -26.27 -5.51 -18.28
N SER I 415 -26.06 -4.88 -17.14
CA SER I 415 -26.72 -5.27 -15.89
C SER I 415 -27.92 -4.37 -15.64
N GLU I 416 -29.05 -4.97 -15.29
CA GLU I 416 -30.27 -4.23 -15.03
C GLU I 416 -30.14 -3.51 -13.69
N GLU I 417 -30.07 -2.18 -13.73
CA GLU I 417 -29.81 -1.36 -12.55
C GLU I 417 -30.88 -0.28 -12.44
N HIS I 418 -30.88 0.38 -11.28
CA HIS I 418 -31.87 1.42 -11.00
C HIS I 418 -31.57 2.70 -11.78
N GLY I 419 -30.31 2.95 -12.10
CA GLY I 419 -29.95 4.19 -12.78
C GLY I 419 -30.47 4.31 -14.20
N TRP I 420 -30.82 3.20 -14.83
CA TRP I 420 -31.37 3.18 -16.18
C TRP I 420 -32.71 2.46 -16.13
N GLN I 421 -33.79 3.22 -16.26
CA GLN I 421 -35.14 2.66 -16.20
C GLN I 421 -35.81 2.75 -17.57
N GLU I 422 -36.32 1.62 -18.04
CA GLU I 422 -37.10 1.61 -19.28
C GLU I 422 -38.34 0.73 -19.14
N LYS J 19 -9.33 -3.19 39.63
CA LYS J 19 -9.57 -4.16 40.71
C LYS J 19 -8.26 -4.73 41.23
N SER J 20 -7.36 -5.07 40.30
CA SER J 20 -6.06 -5.60 40.71
C SER J 20 -5.24 -4.55 41.46
N SER J 21 -5.24 -3.32 40.96
CA SER J 21 -4.50 -2.25 41.62
C SER J 21 -5.24 -1.68 42.84
N SER J 22 -6.46 -2.12 43.09
CA SER J 22 -7.22 -1.59 44.21
C SER J 22 -6.60 -2.01 45.52
N VAL J 23 -6.44 -1.05 46.42
CA VAL J 23 -6.07 -1.34 47.80
C VAL J 23 -7.07 -0.79 48.79
N LEU J 24 -8.05 -0.01 48.36
CA LEU J 24 -9.13 0.39 49.26
C LEU J 24 -10.39 0.64 48.45
N ASN J 25 -11.47 -0.06 48.79
CA ASN J 25 -12.76 0.09 48.11
C ASN J 25 -13.86 0.20 49.15
N MET J 26 -14.41 1.39 49.31
CA MET J 26 -15.47 1.65 50.29
C MET J 26 -16.82 1.29 49.66
N ARG J 27 -17.45 0.22 50.16
CA ARG J 27 -18.74 -0.23 49.65
C ARG J 27 -19.69 -0.50 50.80
N TYR J 28 -20.98 -0.44 50.50
CA TYR J 28 -22.01 -0.62 51.51
C TYR J 28 -22.31 -2.09 51.74
N LYS J 29 -22.47 -2.46 53.01
CA LYS J 29 -22.86 -3.81 53.37
C LYS J 29 -23.44 -3.78 54.79
N ASN J 30 -24.60 -4.40 54.96
CA ASN J 30 -25.22 -4.65 56.26
C ASN J 30 -25.16 -3.42 57.17
N ASP J 31 -25.78 -2.34 56.71
CA ASP J 31 -25.98 -1.10 57.47
C ASP J 31 -24.67 -0.38 57.78
N LYS J 32 -23.56 -0.76 57.16
CA LYS J 32 -22.29 -0.08 57.40
C LYS J 32 -21.50 -0.04 56.10
N TYR J 33 -20.32 0.58 56.18
CA TYR J 33 -19.40 0.66 55.05
C TYR J 33 -18.18 -0.20 55.35
N VAL J 34 -17.76 -1.00 54.35
CA VAL J 34 -16.67 -1.94 54.50
C VAL J 34 -15.70 -1.80 53.33
N ASP J 35 -14.54 -2.42 53.49
CA ASP J 35 -13.51 -2.44 52.46
C ASP J 35 -13.58 -3.78 51.72
N THR J 36 -13.85 -3.73 50.42
CA THR J 36 -13.98 -4.91 49.60
C THR J 36 -12.75 -5.16 48.73
N SER J 37 -11.63 -4.51 49.03
CA SER J 37 -10.41 -4.70 48.25
C SER J 37 -9.65 -5.96 48.65
N GLY J 38 -9.89 -6.47 49.85
CA GLY J 38 -9.19 -7.64 50.35
C GLY J 38 -8.16 -7.35 51.42
N TYR J 39 -7.78 -6.09 51.61
CA TYR J 39 -6.81 -5.71 52.63
C TYR J 39 -7.44 -5.47 54.00
N ASP J 40 -8.77 -5.44 54.07
CA ASP J 40 -9.54 -5.37 55.33
C ASP J 40 -9.18 -4.11 56.13
N SER J 41 -9.52 -2.96 55.55
CA SER J 41 -9.50 -1.70 56.25
C SER J 41 -10.87 -1.45 56.88
N ASN J 42 -10.88 -0.78 58.03
CA ASN J 42 -12.10 -0.68 58.84
C ASN J 42 -12.68 0.73 58.74
N ILE J 43 -13.93 0.81 58.30
CA ILE J 43 -14.61 2.09 58.09
C ILE J 43 -15.66 2.26 59.18
N ASN J 44 -15.71 3.47 59.75
CA ASN J 44 -16.60 3.78 60.86
C ASN J 44 -17.33 5.09 60.61
N ILE J 45 -18.55 5.17 61.12
CA ILE J 45 -19.42 6.33 60.99
C ILE J 45 -19.53 7.00 62.35
N ASN J 46 -19.30 8.32 62.39
CA ASN J 46 -19.38 9.10 63.62
C ASN J 46 -20.46 10.16 63.44
N GLY J 47 -21.55 10.03 64.20
CA GLY J 47 -22.62 11.00 64.15
C GLY J 47 -23.74 10.62 63.20
N ASP J 48 -24.34 11.62 62.56
CA ASP J 48 -25.48 11.42 61.66
C ASP J 48 -24.98 11.54 60.23
N VAL J 49 -24.75 10.40 59.58
CA VAL J 49 -24.32 10.35 58.18
C VAL J 49 -25.51 9.86 57.36
N TYR J 50 -25.98 10.71 56.44
CA TYR J 50 -27.12 10.36 55.61
C TYR J 50 -26.75 9.26 54.64
N LYS J 51 -27.67 8.32 54.45
CA LYS J 51 -27.52 7.23 53.49
C LYS J 51 -28.66 7.30 52.48
N TYR J 52 -28.30 7.38 51.21
CA TYR J 52 -29.31 7.44 50.16
C TYR J 52 -30.07 6.11 50.10
N PRO J 53 -31.40 6.12 50.20
CA PRO J 53 -32.13 4.85 50.22
C PRO J 53 -32.07 4.09 48.91
N THR J 54 -31.93 4.78 47.77
CA THR J 54 -31.89 4.11 46.48
C THR J 54 -30.50 3.57 46.15
N ASN J 55 -29.45 4.11 46.78
CA ASN J 55 -28.08 3.65 46.57
C ASN J 55 -27.32 3.95 47.85
N LYS J 56 -27.20 2.95 48.72
CA LYS J 56 -26.60 3.17 50.02
C LYS J 56 -25.08 3.31 49.96
N ASN J 57 -24.47 3.13 48.79
CA ASN J 57 -23.03 3.34 48.66
C ASN J 57 -22.66 4.82 48.70
N GLN J 58 -23.59 5.71 48.37
CA GLN J 58 -23.35 7.14 48.45
C GLN J 58 -23.91 7.69 49.76
N PHE J 59 -23.13 8.55 50.41
CA PHE J 59 -23.50 9.07 51.72
C PHE J 59 -23.34 10.59 51.73
N GLY J 60 -24.02 11.22 52.68
CA GLY J 60 -23.96 12.67 52.85
C GLY J 60 -23.43 13.02 54.24
N ILE J 61 -22.56 14.02 54.29
CA ILE J 61 -21.98 14.50 55.53
C ILE J 61 -22.35 15.96 55.71
N TYR J 62 -22.66 16.35 56.96
CA TYR J 62 -23.05 17.70 57.32
C TYR J 62 -21.94 18.37 58.12
N ASN J 63 -22.14 19.66 58.38
CA ASN J 63 -21.21 20.43 59.22
C ASN J 63 -21.86 21.18 60.36
N ASP J 64 -23.19 21.19 60.45
CA ASP J 64 -23.88 21.80 61.58
C ASP J 64 -24.04 20.85 62.76
N LYS J 65 -23.68 19.57 62.58
CA LYS J 65 -23.75 18.57 63.62
C LYS J 65 -22.57 17.63 63.46
N LEU J 66 -22.46 16.66 64.37
CA LEU J 66 -21.44 15.63 64.28
C LEU J 66 -21.75 14.71 63.11
N SER J 67 -20.91 14.74 62.08
CA SER J 67 -21.14 13.92 60.89
C SER J 67 -19.79 13.71 60.20
N GLU J 68 -19.23 12.51 60.35
CA GLU J 68 -17.94 12.21 59.75
C GLU J 68 -17.84 10.72 59.46
N VAL J 69 -16.96 10.38 58.53
CA VAL J 69 -16.69 8.99 58.17
C VAL J 69 -15.19 8.76 58.24
N ASN J 70 -14.75 7.88 59.13
CA ASN J 70 -13.32 7.66 59.36
C ASN J 70 -12.94 6.28 58.85
N ILE J 71 -11.95 6.23 57.96
CA ILE J 71 -11.42 4.98 57.44
C ILE J 71 -10.07 4.73 58.10
N SER J 72 -10.00 3.70 58.93
CA SER J 72 -8.74 3.22 59.48
C SER J 72 -8.13 2.26 58.46
N GLN J 73 -7.08 2.72 57.79
CA GLN J 73 -6.44 1.95 56.74
C GLN J 73 -5.65 0.77 57.32
N ASN J 74 -5.40 -0.20 56.46
CA ASN J 74 -4.50 -1.29 56.81
C ASN J 74 -3.05 -0.80 56.71
N ASP J 75 -2.20 -1.35 57.59
CA ASP J 75 -0.80 -0.94 57.61
C ASP J 75 -0.08 -1.21 56.30
N TYR J 76 -0.60 -2.12 55.48
CA TYR J 76 -0.01 -2.38 54.17
C TYR J 76 -0.13 -1.17 53.26
N ILE J 77 -1.30 -0.53 53.24
CA ILE J 77 -1.59 0.49 52.23
C ILE J 77 -1.30 1.91 52.69
N ILE J 78 -0.90 2.11 53.94
CA ILE J 78 -0.52 3.43 54.41
C ILE J 78 0.70 3.89 53.62
N TYR J 79 0.51 4.92 52.79
CA TYR J 79 1.55 5.34 51.86
C TYR J 79 2.74 5.90 52.63
N ASP J 80 3.91 5.33 52.40
CA ASP J 80 5.14 5.77 53.05
C ASP J 80 6.31 5.55 52.12
N ASN J 81 6.18 5.97 50.86
CA ASN J 81 7.23 5.79 49.86
C ASN J 81 7.56 7.14 49.23
N LYS J 82 8.59 7.12 48.37
CA LYS J 82 8.99 8.27 47.59
C LYS J 82 8.87 8.05 46.09
N TYR J 83 8.71 6.81 45.63
CA TYR J 83 8.71 6.50 44.21
C TYR J 83 7.46 5.75 43.75
N LYS J 84 6.63 5.26 44.65
CA LYS J 84 5.48 4.46 44.28
C LYS J 84 4.36 5.35 43.78
N ASN J 85 3.87 5.09 42.56
CA ASN J 85 2.75 5.82 42.01
C ASN J 85 1.45 5.39 42.68
N PHE J 86 0.45 6.26 42.67
CA PHE J 86 -0.81 5.91 43.31
C PHE J 86 -1.93 6.79 42.80
N SER J 87 -3.17 6.29 42.94
CA SER J 87 -4.33 7.00 42.45
C SER J 87 -5.46 6.96 43.47
N ILE J 88 -6.30 7.99 43.42
CA ILE J 88 -7.46 8.14 44.30
C ILE J 88 -8.67 8.46 43.45
N SER J 89 -9.78 7.79 43.69
CA SER J 89 -11.00 7.97 42.90
C SER J 89 -12.21 8.09 43.81
N PHE J 90 -13.15 8.95 43.43
CA PHE J 90 -14.42 9.05 44.15
C PHE J 90 -15.38 9.89 43.32
N TRP J 91 -16.62 10.02 43.81
CA TRP J 91 -17.59 10.95 43.27
C TRP J 91 -18.08 11.87 44.37
N VAL J 92 -18.22 13.15 44.05
CA VAL J 92 -18.60 14.17 45.01
C VAL J 92 -19.80 14.95 44.49
N ARG J 93 -20.69 15.33 45.40
CA ARG J 93 -21.88 16.12 45.08
C ARG J 93 -21.89 17.33 45.99
N ILE J 94 -21.80 18.51 45.38
CA ILE J 94 -21.66 19.77 46.07
C ILE J 94 -22.83 20.68 45.70
N PRO J 95 -23.85 20.77 46.54
CA PRO J 95 -24.98 21.63 46.24
C PRO J 95 -24.67 23.10 46.45
N ASN J 96 -25.28 23.94 45.62
CA ASN J 96 -25.16 25.38 45.69
C ASN J 96 -26.55 25.97 45.89
N TYR J 97 -27.11 25.72 47.08
CA TYR J 97 -28.50 26.03 47.44
C TYR J 97 -28.97 27.35 46.87
N ASP J 98 -28.39 28.44 47.35
CA ASP J 98 -28.81 29.78 46.93
C ASP J 98 -27.98 30.32 45.77
N ASN J 99 -26.81 29.73 45.52
CA ASN J 99 -25.78 30.28 44.64
C ASN J 99 -25.32 31.66 45.12
N LYS J 100 -25.62 31.99 46.37
CA LYS J 100 -25.20 33.21 47.04
C LYS J 100 -24.63 32.95 48.42
N ILE J 101 -25.22 32.03 49.19
CA ILE J 101 -24.66 31.66 50.49
C ILE J 101 -23.33 30.96 50.31
N VAL J 102 -23.13 30.29 49.16
CA VAL J 102 -21.88 29.62 48.87
C VAL J 102 -20.87 30.55 48.19
N ASN J 103 -21.23 31.81 47.97
CA ASN J 103 -20.36 32.77 47.30
C ASN J 103 -19.40 33.41 48.31
N VAL J 104 -18.50 32.57 48.83
CA VAL J 104 -17.52 32.99 49.83
C VAL J 104 -16.17 32.39 49.44
N ASN J 105 -15.16 33.25 49.28
CA ASN J 105 -13.82 32.80 48.96
C ASN J 105 -13.16 32.29 50.24
N ASN J 106 -13.31 30.99 50.49
CA ASN J 106 -12.73 30.38 51.68
C ASN J 106 -12.60 28.88 51.42
N GLU J 107 -11.37 28.38 51.45
CA GLU J 107 -11.11 26.97 51.21
C GLU J 107 -11.45 26.14 52.45
N TYR J 108 -12.28 25.13 52.28
CA TYR J 108 -12.66 24.23 53.35
C TYR J 108 -12.42 22.78 52.93
N THR J 109 -11.91 21.98 53.86
CA THR J 109 -11.50 20.62 53.58
C THR J 109 -12.65 19.64 53.78
N ILE J 110 -12.78 18.69 52.86
CA ILE J 110 -13.78 17.64 52.96
C ILE J 110 -13.14 16.28 53.20
N ILE J 111 -11.98 16.02 52.60
CA ILE J 111 -11.26 14.76 52.81
C ILE J 111 -9.85 15.09 53.26
N ASN J 112 -9.41 14.48 54.36
CA ASN J 112 -8.15 14.82 55.00
C ASN J 112 -7.37 13.55 55.32
N CYS J 113 -6.42 13.18 54.47
CA CYS J 113 -5.48 12.13 54.83
C CYS J 113 -4.11 12.76 55.02
N MET J 114 -4.00 13.64 56.01
CA MET J 114 -2.76 14.33 56.32
C MET J 114 -2.41 14.10 57.79
N ARG J 115 -1.11 14.11 58.08
CA ARG J 115 -0.64 13.82 59.43
C ARG J 115 -0.69 15.08 60.28
N ASP J 116 -0.07 15.02 61.46
CA ASP J 116 -0.03 16.19 62.34
C ASP J 116 0.81 17.31 61.72
N ASN J 117 1.93 16.95 61.09
CA ASN J 117 2.76 17.91 60.37
C ASN J 117 2.21 18.25 59.00
N ASN J 118 0.92 17.95 58.75
CA ASN J 118 0.27 18.24 57.47
C ASN J 118 1.02 17.61 56.30
N SER J 119 1.46 16.38 56.49
CA SER J 119 2.06 15.59 55.42
C SER J 119 1.05 14.54 54.95
N GLY J 120 0.90 14.41 53.64
CA GLY J 120 -0.10 13.52 53.09
C GLY J 120 -0.87 14.17 51.95
N TRP J 121 -2.19 13.99 51.92
CA TRP J 121 -3.01 14.56 50.87
C TRP J 121 -4.33 15.06 51.43
N LYS J 122 -4.96 15.95 50.67
CA LYS J 122 -6.17 16.63 51.13
C LYS J 122 -7.01 17.03 49.92
N VAL J 123 -8.31 16.77 50.03
CA VAL J 123 -9.30 17.19 49.05
C VAL J 123 -10.18 18.24 49.71
N SER J 124 -10.16 19.46 49.16
CA SER J 124 -10.89 20.58 49.72
C SER J 124 -11.76 21.22 48.63
N LEU J 125 -12.62 22.14 49.05
CA LEU J 125 -13.54 22.80 48.14
C LEU J 125 -13.48 24.31 48.35
N ASN J 126 -13.69 25.03 47.26
CA ASN J 126 -13.84 26.49 47.25
C ASN J 126 -15.07 26.81 46.41
N HIS J 127 -15.35 28.10 46.24
CA HIS J 127 -16.53 28.54 45.49
C HIS J 127 -16.50 27.99 44.07
N ASN J 128 -17.35 26.97 43.83
CA ASN J 128 -17.39 26.28 42.54
C ASN J 128 -16.01 25.76 42.14
N GLU J 129 -15.28 25.22 43.12
CA GLU J 129 -13.91 24.79 42.91
C GLU J 129 -13.60 23.55 43.72
N ILE J 130 -12.86 22.63 43.13
CA ILE J 130 -12.37 21.42 43.79
C ILE J 130 -10.85 21.46 43.78
N ILE J 131 -10.23 21.34 44.97
CA ILE J 131 -8.80 21.50 45.14
C ILE J 131 -8.22 20.20 45.67
N TRP J 132 -7.14 19.75 45.03
CA TRP J 132 -6.35 18.60 45.47
C TRP J 132 -4.99 19.10 45.93
N THR J 133 -4.54 18.64 47.10
CA THR J 133 -3.27 19.08 47.67
C THR J 133 -2.47 17.88 48.11
N LEU J 134 -1.19 17.87 47.77
CA LEU J 134 -0.28 16.78 48.12
C LEU J 134 1.00 17.38 48.70
N GLN J 135 1.39 16.91 49.89
CA GLN J 135 2.54 17.48 50.58
C GLN J 135 3.36 16.36 51.19
N ASP J 136 4.68 16.51 51.15
CA ASP J 136 5.60 15.50 51.67
C ASP J 136 5.96 15.80 53.13
N ASN J 137 6.86 14.97 53.68
CA ASN J 137 7.26 15.13 55.08
C ASN J 137 8.08 16.39 55.30
N ALA J 138 8.80 16.84 54.27
CA ALA J 138 9.62 18.05 54.42
C ALA J 138 8.75 19.31 54.46
N GLY J 139 7.66 19.32 53.71
CA GLY J 139 6.79 20.48 53.61
C GLY J 139 6.57 21.00 52.20
N ILE J 140 7.23 20.42 51.19
CA ILE J 140 7.00 20.84 49.82
C ILE J 140 5.62 20.35 49.37
N ASN J 141 4.79 21.27 48.89
CA ASN J 141 3.42 20.97 48.53
C ASN J 141 3.17 21.20 47.05
N GLN J 142 2.07 20.65 46.56
CA GLN J 142 1.64 20.82 45.19
C GLN J 142 0.12 20.80 45.14
N LYS J 143 -0.45 21.67 44.30
CA LYS J 143 -1.89 21.89 44.24
C LYS J 143 -2.40 21.69 42.82
N LEU J 144 -3.54 21.03 42.70
CA LEU J 144 -4.31 20.95 41.48
C LEU J 144 -5.70 21.51 41.76
N ALA J 145 -6.36 22.04 40.73
CA ALA J 145 -7.62 22.73 40.93
C ALA J 145 -8.55 22.49 39.74
N PHE J 146 -9.85 22.61 40.02
CA PHE J 146 -10.88 22.56 38.98
C PHE J 146 -11.94 23.60 39.34
N ASN J 147 -12.08 24.61 38.49
CA ASN J 147 -13.10 25.65 38.65
C ASN J 147 -14.14 25.46 37.55
N TYR J 148 -15.32 24.97 37.93
CA TYR J 148 -16.40 24.79 36.97
C TYR J 148 -17.29 26.02 36.83
N GLY J 149 -17.12 27.01 37.70
CA GLY J 149 -17.79 28.29 37.55
C GLY J 149 -19.29 28.22 37.79
N ASN J 150 -19.92 29.38 37.70
CA ASN J 150 -21.35 29.49 37.87
C ASN J 150 -22.07 28.90 36.65
N ALA J 151 -23.37 28.66 36.83
CA ALA J 151 -24.16 28.05 35.76
C ALA J 151 -24.42 29.05 34.66
N ASN J 152 -24.04 28.68 33.43
CA ASN J 152 -24.34 29.46 32.23
C ASN J 152 -25.31 28.63 31.39
N GLY J 153 -26.60 28.75 31.70
CA GLY J 153 -27.60 27.90 31.09
C GLY J 153 -27.87 26.68 31.97
N ILE J 154 -27.30 25.54 31.60
CA ILE J 154 -27.38 24.32 32.39
C ILE J 154 -25.98 23.94 32.82
N SER J 155 -25.79 23.75 34.13
CA SER J 155 -24.49 23.38 34.67
C SER J 155 -24.42 21.87 34.82
N ASP J 156 -23.34 21.28 34.33
CA ASP J 156 -23.11 19.85 34.43
C ASP J 156 -22.43 19.43 35.72
N TYR J 157 -22.20 20.36 36.65
CA TYR J 157 -21.39 20.05 37.82
C TYR J 157 -22.09 20.43 39.13
N ILE J 158 -22.87 21.51 39.11
CA ILE J 158 -23.48 22.01 40.34
C ILE J 158 -24.59 21.06 40.77
N ASN J 159 -24.53 20.62 42.03
CA ASN J 159 -25.49 19.68 42.63
C ASN J 159 -25.57 18.36 41.88
N LYS J 160 -24.57 18.05 41.06
CA LYS J 160 -24.50 16.77 40.37
C LYS J 160 -23.34 15.95 40.89
N TRP J 161 -23.40 14.64 40.66
CA TRP J 161 -22.29 13.77 40.98
C TRP J 161 -21.15 14.01 40.01
N ILE J 162 -19.99 14.40 40.54
CA ILE J 162 -18.80 14.69 39.74
C ILE J 162 -17.77 13.61 40.05
N PHE J 163 -17.27 12.97 39.01
CA PHE J 163 -16.23 11.95 39.15
C PHE J 163 -14.89 12.64 39.28
N VAL J 164 -14.21 12.43 40.42
CA VAL J 164 -12.90 13.01 40.68
C VAL J 164 -11.90 11.88 40.73
N THR J 165 -10.82 12.02 39.95
CA THR J 165 -9.73 11.05 39.93
C THR J 165 -8.42 11.82 40.02
N ILE J 166 -7.49 11.32 40.82
CA ILE J 166 -6.17 11.93 40.96
C ILE J 166 -5.14 10.84 40.78
N THR J 167 -4.29 10.98 39.76
CA THR J 167 -3.19 10.06 39.53
C THR J 167 -1.88 10.75 39.91
N ASN J 168 -0.96 9.98 40.48
CA ASN J 168 0.31 10.53 40.97
C ASN J 168 1.43 9.61 40.50
N ASP J 169 2.22 10.11 39.54
CA ASP J 169 3.47 9.49 39.10
C ASP J 169 4.60 10.23 39.78
N ARG J 170 5.30 9.56 40.69
CA ARG J 170 6.34 10.22 41.47
C ARG J 170 7.51 10.64 40.60
N LEU J 171 7.80 9.90 39.54
CA LEU J 171 8.83 10.26 38.59
C LEU J 171 8.29 11.09 37.42
N GLY J 172 7.10 11.66 37.57
CA GLY J 172 6.49 12.41 36.50
C GLY J 172 5.48 13.43 36.98
N ASP J 173 4.31 13.46 36.36
CA ASP J 173 3.29 14.46 36.66
C ASP J 173 2.20 13.88 37.56
N SER J 174 1.59 14.76 38.34
CA SER J 174 0.35 14.48 39.04
C SER J 174 -0.78 15.10 38.24
N LYS J 175 -1.79 14.28 37.95
CA LYS J 175 -2.87 14.62 37.04
C LYS J 175 -4.21 14.55 37.75
N LEU J 176 -5.10 15.48 37.41
CA LEU J 176 -6.45 15.53 37.95
C LEU J 176 -7.45 15.33 36.82
N TYR J 177 -8.40 14.43 37.02
CA TYR J 177 -9.41 14.07 36.03
C TYR J 177 -10.79 14.35 36.61
N ILE J 178 -11.63 15.02 35.82
CA ILE J 178 -13.02 15.27 36.17
C ILE J 178 -13.88 14.64 35.08
N ASN J 179 -14.71 13.67 35.48
CA ASN J 179 -15.58 12.95 34.55
C ASN J 179 -14.78 12.29 33.42
N GLY J 180 -13.57 11.84 33.75
CA GLY J 180 -12.73 11.14 32.80
C GLY J 180 -11.89 12.00 31.89
N ASN J 181 -11.97 13.33 32.00
CA ASN J 181 -11.22 14.24 31.15
C ASN J 181 -10.09 14.89 31.95
N LEU J 182 -8.89 14.86 31.40
CA LEU J 182 -7.74 15.49 32.06
C LEU J 182 -7.89 17.00 32.01
N ILE J 183 -7.65 17.66 33.14
CA ILE J 183 -7.87 19.10 33.25
C ILE J 183 -6.69 19.84 33.87
N ASP J 184 -5.83 19.21 34.66
CA ASP J 184 -4.72 19.92 35.30
C ASP J 184 -3.64 18.91 35.68
N GLN J 185 -2.43 19.16 35.21
CA GLN J 185 -1.29 18.29 35.50
C GLN J 185 -0.09 19.15 35.88
N LYS J 186 0.56 18.80 36.99
CA LYS J 186 1.77 19.49 37.40
C LYS J 186 2.79 18.47 37.88
N SER J 187 4.07 18.76 37.63
CA SER J 187 5.13 17.84 38.01
C SER J 187 5.28 17.81 39.52
N ILE J 188 5.52 16.62 40.06
CA ILE J 188 5.76 16.41 41.48
C ILE J 188 7.17 15.88 41.72
N LEU J 189 8.08 16.13 40.79
CA LEU J 189 9.46 15.68 40.92
C LEU J 189 10.18 16.35 42.08
N ASN J 190 9.66 17.46 42.59
CA ASN J 190 10.27 18.19 43.69
C ASN J 190 9.77 17.72 45.06
N LEU J 191 9.08 16.60 45.12
CA LEU J 191 8.55 16.06 46.37
C LEU J 191 9.30 14.79 46.75
N GLY J 192 9.60 14.66 48.04
CA GLY J 192 10.35 13.51 48.54
C GLY J 192 9.50 12.43 49.14
N ASN J 193 9.76 12.11 50.41
CA ASN J 193 9.02 11.06 51.11
C ASN J 193 7.68 11.59 51.59
N ILE J 194 6.61 10.88 51.26
CA ILE J 194 5.26 11.23 51.67
C ILE J 194 4.72 10.13 52.56
N HIS J 195 4.45 10.46 53.82
CA HIS J 195 3.87 9.52 54.78
C HIS J 195 2.47 10.03 55.12
N VAL J 196 1.46 9.39 54.56
CA VAL J 196 0.08 9.83 54.75
C VAL J 196 -0.40 9.41 56.12
N SER J 197 -1.55 9.95 56.54
CA SER J 197 -2.11 9.62 57.83
C SER J 197 -2.65 8.20 57.85
N ASP J 198 -2.67 7.60 59.04
CA ASP J 198 -3.28 6.28 59.19
C ASP J 198 -4.79 6.31 58.97
N ASN J 199 -5.41 7.48 59.14
CA ASN J 199 -6.85 7.63 59.00
C ASN J 199 -7.19 8.49 57.80
N ILE J 200 -8.32 8.18 57.17
CA ILE J 200 -8.90 8.99 56.11
C ILE J 200 -10.20 9.55 56.64
N LEU J 201 -10.25 10.87 56.84
CA LEU J 201 -11.38 11.52 57.48
C LEU J 201 -12.23 12.25 56.45
N PHE J 202 -13.49 11.83 56.32
CA PHE J 202 -14.49 12.49 55.50
C PHE J 202 -15.31 13.37 56.44
N LYS J 203 -15.04 14.67 56.42
CA LYS J 203 -15.68 15.62 57.31
C LYS J 203 -15.47 17.03 56.76
N ILE J 204 -16.51 17.84 56.84
CA ILE J 204 -16.44 19.23 56.40
C ILE J 204 -15.94 20.08 57.57
N VAL J 205 -14.76 20.68 57.40
CA VAL J 205 -14.15 21.50 58.44
C VAL J 205 -13.87 22.88 57.88
N ASN J 206 -14.00 23.89 58.75
CA ASN J 206 -13.69 25.28 58.42
C ASN J 206 -14.51 25.78 57.23
N CYS J 207 -15.81 25.47 57.22
CA CYS J 207 -16.72 25.95 56.20
C CYS J 207 -17.48 27.16 56.72
N SER J 208 -17.56 28.21 55.90
CA SER J 208 -18.17 29.46 56.33
C SER J 208 -19.67 29.34 56.56
N TYR J 209 -20.33 28.36 55.95
CA TYR J 209 -21.78 28.23 56.02
C TYR J 209 -22.16 26.80 56.32
N THR J 210 -23.43 26.61 56.69
CA THR J 210 -23.96 25.28 56.93
C THR J 210 -24.33 24.61 55.61
N ARG J 211 -23.83 23.40 55.41
CA ARG J 211 -23.99 22.71 54.13
C ARG J 211 -23.80 21.22 54.34
N TYR J 212 -24.04 20.46 53.28
CA TYR J 212 -23.74 19.03 53.25
C TYR J 212 -23.05 18.69 51.94
N ILE J 213 -22.37 17.55 51.95
CA ILE J 213 -21.57 17.10 50.81
C ILE J 213 -21.81 15.61 50.63
N GLY J 214 -22.00 15.19 49.38
CA GLY J 214 -22.19 13.78 49.06
C GLY J 214 -20.91 13.16 48.53
N ILE J 215 -20.63 11.94 48.98
CA ILE J 215 -19.44 11.20 48.59
C ILE J 215 -19.84 9.77 48.27
N ARG J 216 -19.26 9.20 47.21
CA ARG J 216 -19.50 7.80 46.90
C ARG J 216 -18.31 7.18 46.20
N TYR J 217 -18.19 5.85 46.37
CA TYR J 217 -17.28 5.01 45.59
C TYR J 217 -15.82 5.44 45.76
N PHE J 218 -15.41 5.61 47.03
CA PHE J 218 -14.04 5.97 47.32
C PHE J 218 -13.13 4.78 47.11
N ASN J 219 -12.12 4.94 46.26
CA ASN J 219 -11.18 3.89 45.93
C ASN J 219 -9.76 4.43 45.96
N ILE J 220 -8.84 3.61 46.45
CA ILE J 220 -7.41 3.89 46.46
C ILE J 220 -6.70 2.77 45.72
N PHE J 221 -5.88 3.16 44.73
CA PHE J 221 -5.11 2.26 43.89
C PHE J 221 -3.63 2.53 44.07
N ASP J 222 -2.82 1.48 43.97
CA ASP J 222 -1.37 1.57 44.16
C ASP J 222 -0.60 1.75 42.85
N LYS J 223 -1.20 2.41 41.86
CA LYS J 223 -0.53 2.70 40.60
C LYS J 223 -1.15 3.94 39.98
N GLU J 224 -0.47 4.48 38.96
CA GLU J 224 -1.01 5.59 38.21
C GLU J 224 -2.02 5.07 37.20
N LEU J 225 -3.27 5.51 37.33
CA LEU J 225 -4.34 4.97 36.49
C LEU J 225 -4.20 5.46 35.05
N ASP J 226 -4.47 4.55 34.11
CA ASP J 226 -4.51 4.91 32.70
C ASP J 226 -5.77 5.70 32.39
N GLU J 227 -5.74 6.43 31.28
CA GLU J 227 -6.90 7.22 30.87
C GLU J 227 -8.08 6.32 30.56
N THR J 228 -7.83 5.20 29.86
CA THR J 228 -8.91 4.26 29.58
C THR J 228 -9.42 3.60 30.85
N GLU J 229 -8.53 3.36 31.83
CA GLU J 229 -8.98 2.83 33.11
C GLU J 229 -9.89 3.82 33.84
N ILE J 230 -9.53 5.11 33.79
CA ILE J 230 -10.37 6.13 34.39
C ILE J 230 -11.71 6.20 33.68
N GLN J 231 -11.71 6.00 32.35
CA GLN J 231 -12.97 6.03 31.61
C GLN J 231 -13.85 4.84 31.96
N THR J 232 -13.26 3.65 32.11
CA THR J 232 -14.04 2.48 32.53
C THR J 232 -14.60 2.69 33.93
N LEU J 233 -13.81 3.28 34.83
CA LEU J 233 -14.33 3.60 36.16
C LEU J 233 -15.47 4.61 36.09
N TYR J 234 -15.34 5.60 35.22
CA TYR J 234 -16.36 6.64 35.09
C TYR J 234 -17.65 6.07 34.50
N SER J 235 -17.56 5.07 33.64
CA SER J 235 -18.74 4.53 32.97
C SER J 235 -19.39 3.37 33.71
N ASN J 236 -18.64 2.62 34.52
CA ASN J 236 -19.16 1.40 35.11
C ASN J 236 -19.38 1.47 36.61
N GLU J 237 -18.83 2.47 37.31
CA GLU J 237 -19.04 2.52 38.75
C GLU J 237 -20.51 2.75 39.09
N PRO J 238 -21.22 3.67 38.46
CA PRO J 238 -22.68 3.63 38.55
C PRO J 238 -23.22 2.50 37.70
N ASN J 239 -24.36 1.96 38.13
CA ASN J 239 -24.96 0.83 37.43
C ASN J 239 -25.39 1.26 36.03
N THR J 240 -24.78 0.68 35.01
CA THR J 240 -25.10 1.02 33.63
C THR J 240 -26.47 0.51 33.19
N ASN J 241 -27.10 -0.38 33.97
CA ASN J 241 -28.41 -0.89 33.62
C ASN J 241 -29.52 0.03 34.09
N ILE J 242 -29.28 0.79 35.15
CA ILE J 242 -30.28 1.68 35.74
C ILE J 242 -30.17 3.06 35.10
N LEU J 243 -31.32 3.69 34.87
CA LEU J 243 -31.33 5.03 34.29
C LEU J 243 -30.97 6.07 35.36
N LYS J 244 -30.46 7.20 34.90
CA LYS J 244 -30.05 8.29 35.77
C LYS J 244 -30.99 9.48 35.63
N ASP J 245 -31.10 10.26 36.70
CA ASP J 245 -31.90 11.47 36.69
C ASP J 245 -31.01 12.66 36.32
N PHE J 246 -31.46 13.88 36.63
CA PHE J 246 -30.67 15.06 36.27
C PHE J 246 -29.41 15.17 37.13
N TRP J 247 -29.53 14.86 38.41
CA TRP J 247 -28.40 14.99 39.34
C TRP J 247 -27.43 13.82 39.28
N GLY J 248 -27.77 12.74 38.60
CA GLY J 248 -26.93 11.56 38.55
C GLY J 248 -27.36 10.41 39.43
N ASN J 249 -28.43 10.59 40.20
CA ASN J 249 -28.98 9.51 41.01
C ASN J 249 -29.81 8.58 40.14
N TYR J 250 -30.32 7.52 40.74
CA TYR J 250 -31.12 6.55 40.01
C TYR J 250 -32.49 7.12 39.69
N LEU J 251 -32.96 6.88 38.46
CA LEU J 251 -34.30 7.28 38.08
C LEU J 251 -35.33 6.42 38.80
N LEU J 252 -36.36 7.05 39.34
CA LEU J 252 -37.28 6.39 40.25
C LEU J 252 -38.68 6.31 39.66
N TYR J 253 -39.38 5.23 39.99
CA TYR J 253 -40.80 5.11 39.70
C TYR J 253 -41.61 5.87 40.74
N ASP J 254 -42.79 6.33 40.32
CA ASP J 254 -43.72 7.04 41.21
C ASP J 254 -43.06 8.27 41.82
N LYS J 255 -42.33 9.02 41.00
CA LYS J 255 -41.62 10.22 41.44
C LYS J 255 -41.85 11.33 40.44
N GLU J 256 -42.24 12.50 40.93
CA GLU J 256 -42.51 13.64 40.06
C GLU J 256 -41.19 14.19 39.51
N TYR J 257 -41.17 14.43 38.19
CA TYR J 257 -39.98 14.94 37.53
C TYR J 257 -40.35 16.04 36.54
N TYR J 258 -39.55 17.10 36.51
CA TYR J 258 -39.56 18.03 35.39
C TYR J 258 -38.75 17.45 34.24
N LEU J 259 -39.05 17.92 33.03
CA LEU J 259 -38.43 17.42 31.82
C LEU J 259 -37.42 18.44 31.29
N LEU J 260 -36.34 17.94 30.72
CA LEU J 260 -35.34 18.80 30.09
C LEU J 260 -34.85 18.16 28.80
N ASN J 261 -35.05 18.84 27.68
CA ASN J 261 -34.53 18.40 26.39
C ASN J 261 -33.10 18.90 26.25
N VAL J 262 -32.17 17.97 26.01
CA VAL J 262 -30.76 18.31 25.99
C VAL J 262 -30.37 19.09 24.73
N LEU J 263 -31.17 19.04 23.68
CA LEU J 263 -30.85 19.81 22.48
C LEU J 263 -31.29 21.26 22.59
N LYS J 264 -32.40 21.52 23.29
CA LYS J 264 -32.86 22.87 23.59
C LYS J 264 -32.92 23.02 25.10
N PRO J 265 -31.77 23.21 25.76
CA PRO J 265 -31.77 23.28 27.23
C PRO J 265 -32.37 24.56 27.79
N ASN J 266 -32.51 25.60 26.97
CA ASN J 266 -33.09 26.86 27.41
C ASN J 266 -34.60 26.90 27.28
N ASN J 267 -35.23 25.77 26.91
CA ASN J 267 -36.67 25.68 26.76
C ASN J 267 -37.21 24.64 27.73
N PHE J 268 -38.49 24.81 28.08
CA PHE J 268 -39.21 23.86 28.92
C PHE J 268 -40.54 23.51 28.27
N ILE J 269 -41.17 22.46 28.78
CA ILE J 269 -42.39 21.89 28.21
C ILE J 269 -43.60 22.44 28.97
N ASP J 270 -44.57 22.97 28.24
CA ASP J 270 -45.80 23.46 28.83
C ASP J 270 -47.00 22.72 28.22
N ARG J 271 -48.14 22.83 28.91
CA ARG J 271 -49.36 22.17 28.51
C ARG J 271 -50.26 23.13 27.73
N ARG J 272 -50.82 22.65 26.63
CA ARG J 272 -51.74 23.43 25.82
C ARG J 272 -53.19 23.05 26.15
N LYS J 273 -54.12 23.84 25.61
CA LYS J 273 -55.53 23.61 25.88
C LYS J 273 -56.07 22.41 25.11
N ASP J 274 -55.50 22.09 23.96
CA ASP J 274 -55.91 20.93 23.17
C ASP J 274 -55.13 19.67 23.52
N SER J 275 -54.64 19.58 24.77
CA SER J 275 -53.95 18.42 25.32
C SER J 275 -52.58 18.18 24.72
N THR J 276 -52.08 19.06 23.86
CA THR J 276 -50.75 18.90 23.31
C THR J 276 -49.70 19.54 24.21
N LEU J 277 -48.43 19.30 23.88
CA LEU J 277 -47.30 19.79 24.66
C LEU J 277 -46.44 20.70 23.79
N SER J 278 -46.15 21.90 24.31
CA SER J 278 -45.38 22.90 23.58
C SER J 278 -43.94 22.96 24.08
N ILE J 279 -43.06 23.47 23.21
CA ILE J 279 -41.65 23.64 23.53
C ILE J 279 -41.16 25.06 23.30
N ASN J 280 -42.02 25.97 22.83
CA ASN J 280 -41.61 27.34 22.53
C ASN J 280 -41.60 28.21 23.77
N ASN J 281 -41.36 27.61 24.93
CA ASN J 281 -41.37 28.32 26.20
C ASN J 281 -39.93 28.51 26.66
N ILE J 282 -39.46 29.75 26.63
CA ILE J 282 -38.08 30.06 27.01
C ILE J 282 -37.98 30.08 28.54
N ARG J 283 -36.94 29.43 29.06
CA ARG J 283 -36.73 29.40 30.51
C ARG J 283 -36.27 30.77 31.01
N SER J 284 -36.86 31.21 32.12
CA SER J 284 -36.38 32.40 32.78
C SER J 284 -35.03 32.14 33.43
N THR J 285 -34.28 33.21 33.69
CA THR J 285 -32.92 33.09 34.21
C THR J 285 -32.79 33.77 35.56
N ILE J 286 -32.04 33.15 36.45
CA ILE J 286 -31.61 33.74 37.72
C ILE J 286 -30.11 33.96 37.59
N LEU J 287 -29.72 35.22 37.46
CA LEU J 287 -28.38 35.60 37.01
C LEU J 287 -28.14 35.01 35.63
N LEU J 288 -27.28 34.00 35.53
CA LEU J 288 -27.03 33.32 34.27
C LEU J 288 -27.52 31.87 34.29
N ALA J 289 -28.17 31.44 35.36
CA ALA J 289 -28.61 30.05 35.48
C ALA J 289 -30.07 29.94 35.04
N ASN J 290 -30.34 28.96 34.18
CA ASN J 290 -31.70 28.70 33.76
C ASN J 290 -32.52 28.13 34.91
N ARG J 291 -33.80 28.49 34.94
CA ARG J 291 -34.70 27.95 35.95
C ARG J 291 -35.01 26.49 35.63
N LEU J 292 -34.76 25.61 36.59
CA LEU J 292 -34.94 24.18 36.38
C LEU J 292 -36.35 23.71 36.72
N TYR J 293 -36.99 24.32 37.70
CA TYR J 293 -38.31 23.89 38.16
C TYR J 293 -39.43 24.59 37.39
N SER J 294 -39.33 24.59 36.07
CA SER J 294 -40.32 25.23 35.20
C SER J 294 -40.92 24.19 34.26
N GLY J 295 -42.22 24.31 34.03
CA GLY J 295 -42.90 23.48 33.07
C GLY J 295 -43.70 22.36 33.72
N ILE J 296 -44.14 21.44 32.86
CA ILE J 296 -44.97 20.34 33.33
C ILE J 296 -44.12 19.34 34.12
N LYS J 297 -44.80 18.54 34.93
CA LYS J 297 -44.17 17.46 35.69
C LYS J 297 -44.78 16.13 35.29
N VAL J 298 -43.96 15.09 35.26
CA VAL J 298 -44.38 13.77 34.83
C VAL J 298 -43.97 12.74 35.87
N LYS J 299 -44.60 11.57 35.79
CA LYS J 299 -44.32 10.44 36.66
C LYS J 299 -44.28 9.16 35.84
N ILE J 300 -43.34 8.28 36.19
CA ILE J 300 -43.15 7.00 35.50
C ILE J 300 -43.78 5.90 36.33
N GLN J 301 -44.55 5.04 35.68
CA GLN J 301 -45.32 3.99 36.35
C GLN J 301 -45.06 2.65 35.68
N ARG J 302 -44.84 1.62 36.48
CA ARG J 302 -44.60 0.29 35.93
C ARG J 302 -45.86 -0.26 35.27
N VAL J 303 -45.70 -0.83 34.08
CA VAL J 303 -46.84 -1.45 33.39
C VAL J 303 -47.19 -2.78 34.05
N ASN J 304 -46.23 -3.69 34.12
CA ASN J 304 -46.40 -4.97 34.81
C ASN J 304 -45.67 -4.85 36.15
N ASN J 305 -46.42 -4.45 37.18
CA ASN J 305 -45.83 -4.26 38.50
C ASN J 305 -45.51 -5.60 39.14
N SER J 306 -46.52 -6.27 39.71
CA SER J 306 -46.34 -7.55 40.39
C SER J 306 -45.23 -7.49 41.44
N SER J 307 -45.12 -6.34 42.09
CA SER J 307 -44.08 -6.06 43.08
C SER J 307 -42.71 -6.55 42.62
N THR J 308 -42.22 -5.94 41.54
CA THR J 308 -40.93 -6.27 40.97
C THR J 308 -39.85 -5.48 41.72
N ASN J 309 -39.51 -6.00 42.90
CA ASN J 309 -38.41 -5.50 43.70
C ASN J 309 -38.55 -4.02 44.04
N ASP J 310 -37.66 -3.22 43.50
CA ASP J 310 -37.47 -1.81 43.82
C ASP J 310 -38.18 -0.89 42.83
N ASN J 311 -37.94 0.43 42.97
CA ASN J 311 -38.52 1.45 42.11
C ASN J 311 -37.54 2.06 41.11
N LEU J 312 -36.45 1.38 40.78
CA LEU J 312 -35.46 1.94 39.86
C LEU J 312 -35.83 1.63 38.43
N VAL J 313 -35.72 2.62 37.56
CA VAL J 313 -36.03 2.47 36.15
C VAL J 313 -34.80 1.90 35.43
N ARG J 314 -34.94 0.72 34.87
CA ARG J 314 -33.85 0.03 34.18
C ARG J 314 -34.05 0.10 32.68
N LYS J 315 -33.01 -0.28 31.95
CA LYS J 315 -33.08 -0.31 30.49
C LYS J 315 -34.12 -1.33 30.03
N ASN J 316 -34.73 -1.05 28.88
CA ASN J 316 -35.67 -1.96 28.22
C ASN J 316 -36.90 -2.24 29.08
N ASP J 317 -37.25 -1.31 29.97
CA ASP J 317 -38.41 -1.46 30.82
C ASP J 317 -39.67 -0.97 30.13
N GLN J 318 -40.80 -1.63 30.43
CA GLN J 318 -42.10 -1.28 29.89
C GLN J 318 -42.82 -0.40 30.91
N VAL J 319 -42.99 0.88 30.58
CA VAL J 319 -43.50 1.86 31.54
C VAL J 319 -44.62 2.67 30.91
N TYR J 320 -45.33 3.40 31.76
CA TYR J 320 -46.30 4.42 31.38
C TYR J 320 -45.78 5.78 31.85
N ILE J 321 -45.94 6.80 31.01
CA ILE J 321 -45.55 8.16 31.32
C ILE J 321 -46.84 8.94 31.58
N ASN J 322 -47.04 9.37 32.83
CA ASN J 322 -48.24 10.10 33.21
C ASN J 322 -47.90 11.56 33.47
N PHE J 323 -48.82 12.44 33.12
CA PHE J 323 -48.71 13.87 33.38
C PHE J 323 -49.43 14.20 34.68
N VAL J 324 -48.78 15.03 35.49
CA VAL J 324 -49.28 15.40 36.81
C VAL J 324 -50.02 16.72 36.67
N ALA J 325 -51.35 16.68 36.81
CA ALA J 325 -52.17 17.88 36.82
C ALA J 325 -52.27 18.46 38.23
N SER J 326 -52.71 17.65 39.19
CA SER J 326 -52.73 18.01 40.60
C SER J 326 -51.97 16.94 41.39
N LYS J 327 -51.94 17.11 42.71
CA LYS J 327 -51.27 16.12 43.56
C LYS J 327 -51.96 14.76 43.48
N THR J 328 -53.27 14.73 43.25
CA THR J 328 -54.02 13.49 43.21
C THR J 328 -54.39 13.04 41.80
N HIS J 329 -54.49 13.96 40.85
CA HIS J 329 -54.97 13.66 39.50
C HIS J 329 -53.80 13.47 38.55
N LEU J 330 -53.74 12.32 37.89
CA LEU J 330 -52.72 11.98 36.92
C LEU J 330 -53.39 11.52 35.63
N PHE J 331 -52.84 11.93 34.49
CA PHE J 331 -53.45 11.60 33.20
C PHE J 331 -52.39 11.02 32.27
N PRO J 332 -52.63 9.86 31.66
CA PRO J 332 -51.59 9.24 30.83
C PRO J 332 -51.24 10.07 29.60
N LEU J 333 -49.97 10.00 29.22
CA LEU J 333 -49.48 10.62 28.00
C LEU J 333 -49.46 9.59 26.87
N TYR J 334 -49.93 10.00 25.69
CA TYR J 334 -50.01 9.08 24.56
C TYR J 334 -49.59 9.80 23.29
N ALA J 335 -49.36 9.01 22.25
CA ALA J 335 -49.01 9.52 20.93
C ALA J 335 -50.24 9.46 20.03
N ASP J 336 -50.72 10.62 19.57
CA ASP J 336 -51.92 10.67 18.74
C ASP J 336 -51.59 10.15 17.35
N THR J 337 -51.96 8.90 17.08
CA THR J 337 -51.77 8.28 15.78
C THR J 337 -52.91 8.58 14.81
N ALA J 338 -53.88 9.40 15.21
CA ALA J 338 -55.02 9.73 14.36
C ALA J 338 -54.72 10.98 13.53
N THR J 339 -53.63 10.89 12.76
CA THR J 339 -53.21 11.98 11.90
C THR J 339 -52.43 11.42 10.73
N THR J 340 -52.40 12.20 9.64
CA THR J 340 -51.68 11.81 8.43
C THR J 340 -50.19 12.09 8.50
N ASN J 341 -49.74 12.87 9.48
CA ASN J 341 -48.32 13.17 9.62
C ASN J 341 -47.55 11.92 10.00
N LYS J 342 -46.25 11.93 9.68
CA LYS J 342 -45.39 10.81 10.07
C LYS J 342 -45.07 10.85 11.55
N GLU J 343 -44.78 12.04 12.09
CA GLU J 343 -44.54 12.19 13.52
C GLU J 343 -45.86 12.36 14.25
N LYS J 344 -45.99 11.70 15.40
CA LYS J 344 -47.22 11.69 16.17
C LYS J 344 -47.08 12.63 17.35
N THR J 345 -47.96 13.62 17.44
CA THR J 345 -47.92 14.58 18.53
C THR J 345 -48.31 13.92 19.84
N ILE J 346 -47.67 14.35 20.92
CA ILE J 346 -47.93 13.80 22.25
C ILE J 346 -49.11 14.55 22.86
N LYS J 347 -50.13 13.80 23.28
CA LYS J 347 -51.33 14.36 23.87
C LYS J 347 -51.57 13.78 25.25
N ILE J 348 -52.42 14.47 26.01
CA ILE J 348 -52.81 14.09 27.36
C ILE J 348 -54.20 13.47 27.32
N SER J 349 -54.33 12.27 27.88
CA SER J 349 -55.61 11.56 27.91
C SER J 349 -56.37 11.97 29.17
N SER J 350 -57.33 12.88 29.02
CA SER J 350 -58.13 13.31 30.15
C SER J 350 -59.07 12.21 30.64
N SER J 351 -59.42 11.25 29.78
CA SER J 351 -60.30 10.16 30.17
C SER J 351 -59.59 9.08 30.97
N GLY J 352 -58.28 8.97 30.86
CA GLY J 352 -57.53 7.89 31.47
C GLY J 352 -57.21 6.74 30.54
N ASN J 353 -57.62 6.81 29.29
CA ASN J 353 -57.34 5.75 28.33
C ASN J 353 -55.88 5.80 27.90
N ARG J 354 -55.20 4.66 28.00
CA ARG J 354 -53.81 4.56 27.56
C ARG J 354 -53.68 4.48 26.04
N PHE J 355 -54.80 4.36 25.32
CA PHE J 355 -54.81 4.28 23.85
C PHE J 355 -53.99 3.10 23.34
N ASN J 356 -53.91 2.02 24.12
CA ASN J 356 -53.27 0.78 23.72
C ASN J 356 -51.80 0.99 23.37
N GLN J 357 -51.11 1.80 24.16
CA GLN J 357 -49.71 2.13 23.94
C GLN J 357 -48.89 1.89 25.21
N VAL J 358 -47.59 1.70 25.02
CA VAL J 358 -46.63 1.58 26.11
C VAL J 358 -45.40 2.41 25.76
N VAL J 359 -44.53 2.60 26.75
CA VAL J 359 -43.30 3.36 26.59
C VAL J 359 -42.14 2.51 27.08
N VAL J 360 -41.09 2.43 26.26
CA VAL J 360 -39.88 1.69 26.60
C VAL J 360 -38.80 2.69 26.99
N MET J 361 -38.22 2.51 28.17
CA MET J 361 -37.15 3.37 28.65
C MET J 361 -35.80 2.85 28.15
N ASN J 362 -34.90 3.79 27.84
CA ASN J 362 -33.53 3.44 27.52
C ASN J 362 -32.64 4.63 27.86
N SER J 363 -31.33 4.45 27.70
CA SER J 363 -30.43 5.54 28.07
C SER J 363 -29.12 5.43 27.31
N VAL J 364 -28.54 6.58 27.05
CA VAL J 364 -27.16 6.72 26.62
C VAL J 364 -26.47 7.56 27.68
N GLY J 365 -25.64 6.93 28.50
CA GLY J 365 -24.98 7.64 29.58
C GLY J 365 -26.00 8.17 30.56
N ASN J 366 -26.01 9.49 30.75
CA ASN J 366 -26.97 10.14 31.62
C ASN J 366 -28.24 10.56 30.91
N ASN J 367 -28.28 10.47 29.59
CA ASN J 367 -29.45 10.91 28.82
C ASN J 367 -30.43 9.74 28.67
N CYS J 368 -31.72 10.04 28.76
CA CYS J 368 -32.75 9.02 28.70
C CYS J 368 -33.58 9.19 27.43
N THR J 369 -34.04 8.06 26.90
CA THR J 369 -34.91 8.02 25.73
C THR J 369 -36.17 7.25 26.06
N MET J 370 -37.27 7.66 25.44
CA MET J 370 -38.60 7.12 25.70
C MET J 370 -39.20 6.72 24.35
N ASN J 371 -39.27 5.42 24.09
CA ASN J 371 -39.79 4.90 22.83
C ASN J 371 -41.26 4.57 23.02
N PHE J 372 -42.13 5.40 22.44
CA PHE J 372 -43.55 5.09 22.40
C PHE J 372 -43.79 3.97 21.40
N LYS J 373 -44.49 2.93 21.82
CA LYS J 373 -44.73 1.75 21.00
C LYS J 373 -46.17 1.30 21.18
N ASN J 374 -46.73 0.73 20.13
CA ASN J 374 -48.05 0.11 20.25
C ASN J 374 -47.93 -1.24 20.94
N ASN J 375 -49.04 -1.69 21.53
CA ASN J 375 -49.04 -2.94 22.28
C ASN J 375 -48.83 -4.15 21.38
N ASN J 376 -49.08 -4.03 20.09
CA ASN J 376 -48.87 -5.12 19.15
C ASN J 376 -47.40 -5.31 18.76
N GLY J 377 -46.49 -4.50 19.31
CA GLY J 377 -45.08 -4.60 19.00
C GLY J 377 -44.59 -3.61 17.97
N ASN J 378 -45.48 -2.85 17.34
CA ASN J 378 -45.08 -1.88 16.34
C ASN J 378 -44.56 -0.61 17.00
N ASN J 379 -43.59 0.02 16.34
CA ASN J 379 -42.97 1.23 16.86
C ASN J 379 -43.77 2.46 16.48
N ILE J 380 -43.92 3.37 17.44
CA ILE J 380 -44.48 4.69 17.16
C ILE J 380 -43.40 5.75 17.08
N GLY J 381 -42.42 5.71 17.98
CA GLY J 381 -41.24 6.55 17.80
C GLY J 381 -40.68 7.01 19.12
N LEU J 382 -39.44 7.50 19.06
CA LEU J 382 -38.80 8.11 20.21
C LEU J 382 -39.43 9.47 20.50
N LEU J 383 -39.36 9.86 21.77
CA LEU J 383 -39.90 11.15 22.21
C LEU J 383 -38.95 12.27 21.80
N GLY J 384 -39.41 13.17 20.96
CA GLY J 384 -38.65 14.33 20.55
C GLY J 384 -39.59 15.50 20.36
N PHE J 385 -39.21 16.41 19.47
CA PHE J 385 -40.03 17.59 19.22
C PHE J 385 -40.00 17.94 17.74
N LYS J 386 -41.08 18.56 17.28
CA LYS J 386 -41.21 19.05 15.91
C LYS J 386 -41.75 20.46 15.98
N ALA J 387 -40.97 21.42 15.45
CA ALA J 387 -41.35 22.82 15.44
C ALA J 387 -41.69 23.31 16.85
N ASP J 388 -42.98 23.34 17.18
CA ASP J 388 -43.47 23.85 18.46
C ASP J 388 -43.95 22.78 19.42
N THR J 389 -44.09 21.53 18.99
CA THR J 389 -44.86 20.53 19.71
C THR J 389 -44.02 19.29 20.02
N VAL J 390 -44.16 18.78 21.24
CA VAL J 390 -43.55 17.50 21.60
C VAL J 390 -44.21 16.39 20.81
N VAL J 391 -43.41 15.60 20.09
CA VAL J 391 -43.92 14.57 19.20
C VAL J 391 -43.20 13.26 19.49
N ALA J 392 -43.69 12.20 18.85
CA ALA J 392 -43.02 10.91 18.79
C ALA J 392 -42.67 10.61 17.34
N SER J 393 -41.40 10.34 17.07
CA SER J 393 -40.93 10.19 15.71
C SER J 393 -39.95 9.02 15.62
N THR J 394 -40.04 8.27 14.53
CA THR J 394 -39.14 7.14 14.30
C THR J 394 -37.84 7.54 13.64
N TRP J 395 -37.72 8.79 13.18
CA TRP J 395 -36.51 9.25 12.54
C TRP J 395 -35.29 9.09 13.44
N TYR J 396 -35.49 9.33 14.75
CA TYR J 396 -34.39 9.23 15.70
C TYR J 396 -33.78 7.82 15.73
N TYR J 397 -34.51 6.83 15.20
CA TYR J 397 -33.97 5.47 15.16
C TYR J 397 -32.71 5.41 14.30
N THR J 398 -32.68 6.14 13.19
CA THR J 398 -31.58 6.04 12.25
C THR J 398 -30.62 7.22 12.31
N HIS J 399 -30.83 8.15 13.24
CA HIS J 399 -29.98 9.33 13.36
C HIS J 399 -29.71 9.60 14.84
N MET J 400 -29.30 8.57 15.58
CA MET J 400 -28.94 8.74 16.97
C MET J 400 -27.68 9.55 17.15
N ARG J 401 -26.87 9.69 16.10
CA ARG J 401 -25.63 10.45 16.17
C ARG J 401 -25.35 11.05 14.79
N ASP J 402 -24.32 11.91 14.76
CA ASP J 402 -23.78 12.47 13.52
C ASP J 402 -24.80 13.33 12.78
N HIS J 403 -25.68 14.01 13.53
CA HIS J 403 -26.58 14.99 12.96
C HIS J 403 -26.87 16.03 14.02
N THR J 404 -27.06 17.28 13.57
CA THR J 404 -27.31 18.37 14.52
C THR J 404 -28.58 18.18 15.33
N ASN J 405 -29.52 17.37 14.86
CA ASN J 405 -30.78 17.15 15.55
C ASN J 405 -30.85 15.80 16.26
N SER J 406 -29.71 15.13 16.44
CA SER J 406 -29.72 13.80 17.03
C SER J 406 -30.13 13.83 18.50
N ASN J 407 -29.73 14.87 19.23
CA ASN J 407 -29.99 14.95 20.66
C ASN J 407 -31.41 15.36 21.01
N GLY J 408 -32.29 15.52 20.02
CA GLY J 408 -33.67 15.88 20.30
C GLY J 408 -34.46 14.82 21.02
N CYS J 409 -34.00 13.56 20.96
CA CYS J 409 -34.69 12.46 21.63
C CYS J 409 -34.14 12.15 23.01
N PHE J 410 -33.15 12.90 23.48
CA PHE J 410 -32.54 12.67 24.79
C PHE J 410 -33.19 13.59 25.81
N TRP J 411 -33.57 13.03 26.95
CA TRP J 411 -34.28 13.77 27.99
C TRP J 411 -33.63 13.56 29.34
N ASN J 412 -33.72 14.57 30.18
CA ASN J 412 -33.27 14.52 31.57
C ASN J 412 -34.44 14.78 32.50
N PHE J 413 -34.47 14.04 33.62
CA PHE J 413 -35.54 14.12 34.61
C PHE J 413 -35.01 14.88 35.82
N ILE J 414 -35.57 16.06 36.06
CA ILE J 414 -35.12 16.95 37.13
C ILE J 414 -36.05 16.77 38.33
N SER J 415 -35.48 16.38 39.47
CA SER J 415 -36.24 16.24 40.71
C SER J 415 -36.05 17.49 41.55
N GLU J 416 -37.16 18.02 42.07
CA GLU J 416 -37.11 19.23 42.90
C GLU J 416 -36.55 18.85 44.27
N GLU J 417 -35.35 19.34 44.58
CA GLU J 417 -34.64 18.94 45.78
C GLU J 417 -34.19 20.18 46.56
N HIS J 418 -33.73 19.94 47.79
CA HIS J 418 -33.31 21.03 48.67
C HIS J 418 -31.98 21.61 48.24
N GLY J 419 -31.13 20.82 47.58
CA GLY J 419 -29.81 21.29 47.19
C GLY J 419 -29.82 22.36 46.12
N TRP J 420 -30.92 22.47 45.37
CA TRP J 420 -31.07 23.46 44.32
C TRP J 420 -32.32 24.28 44.61
N GLN J 421 -32.13 25.53 45.05
CA GLN J 421 -33.22 26.42 45.39
C GLN J 421 -33.29 27.56 44.39
N GLU J 422 -34.48 27.78 43.84
CA GLU J 422 -34.69 28.94 42.96
C GLU J 422 -36.01 29.61 43.27
#